data_9EV0
#
_entry.id   9EV0
#
_cell.length_a   1.00
_cell.length_b   1.00
_cell.length_c   1.00
_cell.angle_alpha   90.00
_cell.angle_beta   90.00
_cell.angle_gamma   90.00
#
_symmetry.space_group_name_H-M   'P 1'
#
loop_
_entity.id
_entity.type
_entity.pdbx_description
1 polymer 'DUF4352 domain-containing protein'
2 branched alpha-D-mannopyranose-(1-6)-2-acetamido-2-deoxy-beta-D-glucopyranose-(1-4)-2-acetamido-2-deoxy-beta-D-glucopyranose
#
_entity_poly.entity_id   1
_entity_poly.type   'polypeptide(L)'
_entity_poly.pdbx_seq_one_letter_code
;LSGAIVALILVIAGVIIAIAVVLFAFGLIPGISNQGSIQVLGSGTITNSTASGSSRTIYNITITVKNTGTTSISVTSINI
NGQPFNINGTAPSIPAGRTQPITFEVTPASGKPNFSPGASYTATIYFSNGQGAPATLIYQG
;
_entity_poly.pdbx_strand_id   G,A,D,J,M,P,S,V,Y,b,H,B,E,K,N,Q,T,W,Z,c,I,C,F,L,O,R,U,X,a,d
#
# COMPACT_ATOMS: atom_id res chain seq x y z
N LEU A 1 17.41 -50.13 71.88
CA LEU A 1 15.95 -50.08 71.62
C LEU A 1 15.57 -48.74 70.96
N SER A 2 16.04 -47.61 71.52
CA SER A 2 15.68 -46.22 71.19
C SER A 2 15.60 -45.91 69.69
N GLY A 3 16.64 -46.32 68.92
CA GLY A 3 16.80 -45.99 67.51
C GLY A 3 15.63 -46.39 66.61
N ALA A 4 15.08 -47.59 66.85
CA ALA A 4 13.97 -48.13 66.07
C ALA A 4 12.68 -47.35 66.35
N ILE A 5 12.39 -47.07 67.63
CA ILE A 5 11.25 -46.27 68.08
C ILE A 5 11.29 -44.87 67.46
N VAL A 6 12.46 -44.22 67.44
CA VAL A 6 12.66 -42.92 66.80
C VAL A 6 12.42 -42.99 65.29
N ALA A 7 12.97 -44.00 64.61
CA ALA A 7 12.80 -44.17 63.18
C ALA A 7 11.32 -44.34 62.79
N LEU A 8 10.54 -45.07 63.60
CA LEU A 8 9.11 -45.25 63.38
C LEU A 8 8.34 -43.92 63.42
N ILE A 9 8.62 -43.06 64.41
CA ILE A 9 8.02 -41.73 64.53
C ILE A 9 8.33 -40.87 63.29
N LEU A 10 9.59 -40.87 62.87
CA LEU A 10 10.04 -40.06 61.73
C LEU A 10 9.53 -40.59 60.39
N VAL A 11 9.31 -41.90 60.25
CA VAL A 11 8.68 -42.48 59.05
C VAL A 11 7.24 -41.98 58.90
N ILE A 12 6.44 -42.09 59.97
CA ILE A 12 5.04 -41.72 59.93
C ILE A 12 4.88 -40.21 59.74
N ALA A 13 5.70 -39.40 60.44
CA ALA A 13 5.73 -37.96 60.24
C ALA A 13 6.12 -37.60 58.80
N GLY A 14 7.07 -38.33 58.21
CA GLY A 14 7.49 -38.13 56.83
C GLY A 14 6.33 -38.31 55.85
N VAL A 15 5.56 -39.39 55.97
CA VAL A 15 4.36 -39.62 55.16
C VAL A 15 3.38 -38.45 55.30
N ILE A 16 3.11 -38.02 56.53
CA ILE A 16 2.14 -36.96 56.79
C ILE A 16 2.59 -35.63 56.18
N ILE A 17 3.84 -35.19 56.38
CA ILE A 17 4.31 -33.93 55.81
C ILE A 17 4.39 -34.02 54.28
N ALA A 18 4.86 -35.13 53.71
CA ALA A 18 4.93 -35.29 52.27
C ALA A 18 3.55 -35.20 51.61
N ILE A 19 2.54 -35.88 52.15
CA ILE A 19 1.18 -35.80 51.65
C ILE A 19 0.64 -34.37 51.78
N ALA A 20 0.87 -33.69 52.92
CA ALA A 20 0.43 -32.32 53.12
C ALA A 20 1.03 -31.35 52.10
N VAL A 21 2.29 -31.53 51.72
CA VAL A 21 2.97 -30.72 50.71
C VAL A 21 2.44 -31.01 49.31
N VAL A 22 2.13 -32.26 48.98
CA VAL A 22 1.51 -32.61 47.71
C VAL A 22 0.12 -31.98 47.58
N LEU A 23 -0.70 -32.08 48.63
CA LEU A 23 -2.01 -31.45 48.67
C LEU A 23 -1.94 -29.93 48.55
N PHE A 24 -0.93 -29.29 49.17
CA PHE A 24 -0.70 -27.86 49.02
C PHE A 24 -0.38 -27.49 47.56
N ALA A 25 0.45 -28.28 46.87
CA ALA A 25 0.74 -28.04 45.45
C ALA A 25 -0.54 -28.09 44.58
N PHE A 26 -1.42 -29.07 44.79
CA PHE A 26 -2.75 -29.06 44.15
C PHE A 26 -3.63 -27.89 44.62
N GLY A 27 -3.53 -27.48 45.88
CA GLY A 27 -4.33 -26.41 46.47
C GLY A 27 -3.95 -25.00 46.03
N LEU A 28 -2.73 -24.78 45.52
CA LEU A 28 -2.29 -23.50 44.97
C LEU A 28 -3.05 -23.12 43.70
N ILE A 29 -3.42 -24.10 42.89
CA ILE A 29 -3.74 -23.93 41.48
C ILE A 29 -4.84 -22.88 41.24
N PRO A 30 -5.98 -22.86 41.96
CA PRO A 30 -7.00 -21.83 41.79
C PRO A 30 -6.52 -20.38 41.91
N GLY A 31 -5.52 -20.10 42.74
CA GLY A 31 -4.97 -18.75 42.89
C GLY A 31 -4.28 -18.21 41.64
N ILE A 32 -3.74 -19.10 40.79
CA ILE A 32 -3.00 -18.72 39.59
C ILE A 32 -3.89 -18.02 38.57
N SER A 33 -5.16 -18.43 38.46
CA SER A 33 -6.13 -17.91 37.50
C SER A 33 -6.29 -16.39 37.58
N ASN A 34 -6.32 -15.84 38.80
CA ASN A 34 -6.68 -14.45 39.05
C ASN A 34 -5.66 -13.46 38.50
N GLN A 35 -4.42 -13.90 38.28
CA GLN A 35 -3.35 -13.13 37.66
C GLN A 35 -3.70 -12.59 36.26
N GLY A 36 -4.77 -13.09 35.64
CA GLY A 36 -5.18 -12.70 34.28
C GLY A 36 -6.48 -11.92 34.20
N SER A 37 -7.06 -11.48 35.32
CA SER A 37 -8.42 -10.95 35.39
C SER A 37 -8.63 -9.66 34.58
N ILE A 38 -7.65 -8.77 34.56
CA ILE A 38 -7.78 -7.44 33.97
C ILE A 38 -7.27 -7.44 32.53
N GLN A 39 -7.90 -6.62 31.67
CA GLN A 39 -7.25 -6.15 30.46
C GLN A 39 -7.66 -4.71 30.15
N VAL A 40 -6.75 -3.96 29.51
CA VAL A 40 -6.90 -2.54 29.23
C VAL A 40 -7.27 -2.38 27.76
N LEU A 41 -8.34 -1.64 27.49
CA LEU A 41 -8.92 -1.53 26.15
C LEU A 41 -8.70 -0.14 25.54
N GLY A 42 -8.10 -0.10 24.34
CA GLY A 42 -7.89 1.14 23.60
C GLY A 42 -6.82 2.05 24.21
N SER A 43 -6.63 3.21 23.57
CA SER A 43 -5.82 4.29 24.14
C SER A 43 -6.55 4.95 25.31
N GLY A 44 -5.82 5.21 26.39
CA GLY A 44 -6.28 6.14 27.42
C GLY A 44 -5.86 7.57 27.12
N THR A 45 -6.20 8.49 28.04
CA THR A 45 -5.81 9.89 27.96
C THR A 45 -5.08 10.29 29.24
N ILE A 46 -4.09 11.19 29.13
CA ILE A 46 -3.51 11.91 30.26
C ILE A 46 -3.92 13.37 30.11
N THR A 47 -4.33 14.04 31.20
CA THR A 47 -4.66 15.46 31.18
C THR A 47 -4.00 16.15 32.38
N ASN A 48 -3.38 17.33 32.17
CA ASN A 48 -2.83 18.14 33.27
C ASN A 48 -4.01 18.62 34.12
N SER A 49 -4.07 18.24 35.41
CA SER A 49 -5.27 18.52 36.23
C SER A 49 -5.01 19.50 37.37
N THR A 50 -3.74 19.81 37.67
CA THR A 50 -3.37 20.69 38.78
C THR A 50 -3.88 22.13 38.60
N ALA A 51 -4.19 22.78 39.73
CA ALA A 51 -4.55 24.20 39.76
C ALA A 51 -3.35 25.10 39.46
N SER A 52 -3.63 26.30 38.90
CA SER A 52 -2.61 27.29 38.53
C SER A 52 -1.67 27.65 39.69
N GLY A 53 -0.36 27.61 39.45
CA GLY A 53 0.65 27.96 40.44
C GLY A 53 0.85 26.97 41.59
N SER A 54 0.14 25.82 41.59
CA SER A 54 0.26 24.80 42.62
C SER A 54 1.65 24.16 42.60
N SER A 55 2.15 23.74 43.78
CA SER A 55 3.48 23.17 43.97
C SER A 55 3.64 21.80 43.29
N ARG A 56 2.54 21.02 43.21
CA ARG A 56 2.55 19.66 42.66
C ARG A 56 1.88 19.59 41.28
N THR A 57 2.60 19.03 40.30
CA THR A 57 2.02 18.59 39.04
C THR A 57 1.22 17.31 39.27
N ILE A 58 -0.06 17.31 38.85
CA ILE A 58 -0.99 16.20 39.03
C ILE A 58 -1.71 15.99 37.71
N TYR A 59 -1.64 14.76 37.20
CA TYR A 59 -2.24 14.45 35.90
C TYR A 59 -3.48 13.60 36.11
N ASN A 60 -4.23 13.36 35.03
CA ASN A 60 -5.47 12.62 35.16
C ASN A 60 -5.48 11.48 34.13
N ILE A 61 -5.44 10.22 34.59
CA ILE A 61 -5.34 9.09 33.67
C ILE A 61 -6.70 8.44 33.47
N THR A 62 -7.28 8.56 32.26
CA THR A 62 -8.53 7.87 31.97
C THR A 62 -8.26 6.72 31.00
N ILE A 63 -8.64 5.48 31.36
CA ILE A 63 -8.46 4.28 30.54
C ILE A 63 -9.71 3.42 30.62
N THR A 64 -10.09 2.72 29.54
CA THR A 64 -11.07 1.65 29.70
C THR A 64 -10.38 0.42 30.26
N VAL A 65 -10.92 -0.12 31.35
CA VAL A 65 -10.47 -1.36 31.94
C VAL A 65 -11.61 -2.36 31.88
N LYS A 66 -11.29 -3.64 31.62
CA LYS A 66 -12.24 -4.74 31.65
C LYS A 66 -11.81 -5.71 32.76
N ASN A 67 -12.72 -6.03 33.68
CA ASN A 67 -12.46 -7.01 34.72
C ASN A 67 -13.23 -8.29 34.42
N THR A 68 -12.51 -9.35 34.02
CA THR A 68 -13.10 -10.67 33.76
C THR A 68 -13.18 -11.55 35.01
N GLY A 69 -12.60 -11.08 36.12
CA GLY A 69 -12.54 -11.84 37.38
C GLY A 69 -13.82 -11.74 38.19
N THR A 70 -13.82 -12.44 39.34
CA THR A 70 -14.98 -12.62 40.20
C THR A 70 -15.00 -11.68 41.41
N THR A 71 -14.02 -10.76 41.48
CA THR A 71 -13.82 -9.82 42.59
C THR A 71 -13.46 -8.43 42.04
N SER A 72 -13.77 -7.37 42.80
CA SER A 72 -13.34 -6.01 42.46
C SER A 72 -11.82 -5.90 42.53
N ILE A 73 -11.22 -5.17 41.58
CA ILE A 73 -9.77 -5.00 41.46
C ILE A 73 -9.47 -3.51 41.36
N SER A 74 -8.34 -3.04 41.91
CA SER A 74 -7.99 -1.63 41.93
C SER A 74 -6.63 -1.35 41.28
N VAL A 75 -6.44 -0.13 40.75
CA VAL A 75 -5.15 0.28 40.21
C VAL A 75 -4.19 0.57 41.37
N THR A 76 -2.99 -0.04 41.37
CA THR A 76 -2.03 0.10 42.46
C THR A 76 -0.83 0.98 42.09
N SER A 77 -0.41 0.98 40.82
CA SER A 77 0.67 1.83 40.33
C SER A 77 0.58 2.00 38.82
N ILE A 78 1.25 3.03 38.28
CA ILE A 78 1.43 3.18 36.85
C ILE A 78 2.87 3.61 36.55
N ASN A 79 3.42 3.06 35.48
CA ASN A 79 4.72 3.45 34.97
C ASN A 79 4.52 4.03 33.56
N ILE A 80 4.86 5.30 33.33
CA ILE A 80 4.59 5.96 32.06
C ILE A 80 5.92 6.35 31.42
N ASN A 81 6.18 5.93 30.18
CA ASN A 81 7.40 6.31 29.46
C ASN A 81 8.68 5.84 30.17
N GLY A 82 8.57 4.91 31.14
CA GLY A 82 9.68 4.46 31.97
C GLY A 82 9.76 5.13 33.35
N GLN A 83 8.98 6.19 33.61
CA GLN A 83 8.93 6.86 34.91
C GLN A 83 7.92 6.18 35.82
N PRO A 84 8.25 5.85 37.09
CA PRO A 84 7.23 5.52 38.08
C PRO A 84 6.43 6.75 38.51
N PHE A 85 5.11 6.57 38.64
CA PHE A 85 4.20 7.58 39.17
C PHE A 85 3.56 7.10 40.46
N ASN A 86 3.35 8.03 41.39
CA ASN A 86 2.57 7.80 42.59
C ASN A 86 1.09 8.05 42.27
N ILE A 87 0.17 7.29 42.89
CA ILE A 87 -1.26 7.47 42.66
C ILE A 87 -1.83 8.31 43.79
N ASN A 88 -2.55 9.35 43.40
CA ASN A 88 -2.98 10.30 44.42
C ASN A 88 -4.39 9.94 44.90
N GLY A 89 -4.70 10.28 46.17
CA GLY A 89 -5.97 9.95 46.79
C GLY A 89 -6.25 8.44 46.84
N THR A 90 -7.54 8.07 46.83
CA THR A 90 -7.92 6.66 46.79
C THR A 90 -7.69 6.09 45.38
N ALA A 91 -7.15 4.85 45.32
CA ALA A 91 -7.10 4.09 44.10
C ALA A 91 -8.51 3.86 43.55
N PRO A 92 -8.73 3.91 42.22
CA PRO A 92 -10.01 3.52 41.63
C PRO A 92 -10.09 2.00 41.62
N SER A 93 -11.33 1.49 41.65
CA SER A 93 -11.58 0.07 41.49
C SER A 93 -12.60 -0.19 40.37
N ILE A 94 -12.45 -1.33 39.71
CA ILE A 94 -13.39 -1.80 38.70
C ILE A 94 -14.11 -3.03 39.23
N PRO A 95 -15.47 -3.05 39.26
CA PRO A 95 -16.22 -4.18 39.81
C PRO A 95 -16.00 -5.48 39.04
N ALA A 96 -16.28 -6.60 39.71
CA ALA A 96 -16.25 -7.92 39.09
C ALA A 96 -17.11 -7.97 37.82
N GLY A 97 -16.56 -8.54 36.74
CA GLY A 97 -17.32 -8.79 35.52
C GLY A 97 -17.62 -7.57 34.63
N ARG A 98 -17.30 -6.34 35.07
CA ARG A 98 -17.67 -5.12 34.34
C ARG A 98 -16.54 -4.57 33.45
N THR A 99 -16.92 -3.78 32.45
CA THR A 99 -16.00 -2.98 31.63
C THR A 99 -16.33 -1.51 31.81
N GLN A 100 -15.36 -0.69 32.23
CA GLN A 100 -15.61 0.72 32.54
C GLN A 100 -14.42 1.59 32.14
N PRO A 101 -14.67 2.83 31.64
CA PRO A 101 -13.70 3.92 31.77
C PRO A 101 -13.44 4.21 33.25
N ILE A 102 -12.17 4.08 33.63
CA ILE A 102 -11.64 4.26 34.98
C ILE A 102 -10.80 5.54 34.95
N THR A 103 -10.94 6.41 35.98
CA THR A 103 -10.17 7.65 36.05
C THR A 103 -9.47 7.77 37.41
N PHE A 104 -8.20 8.21 37.39
CA PHE A 104 -7.43 8.41 38.60
C PHE A 104 -6.39 9.53 38.44
N GLU A 105 -6.03 10.16 39.57
CA GLU A 105 -4.99 11.19 39.60
C GLU A 105 -3.63 10.57 39.90
N VAL A 106 -2.58 11.02 39.20
CA VAL A 106 -1.22 10.58 39.44
C VAL A 106 -0.28 11.78 39.53
N THR A 107 0.84 11.59 40.23
CA THR A 107 1.91 12.57 40.33
C THR A 107 3.25 11.87 40.15
N PRO A 108 4.24 12.44 39.45
CA PRO A 108 5.48 11.74 39.14
C PRO A 108 6.35 11.52 40.38
N ALA A 109 6.98 10.34 40.47
CA ALA A 109 7.83 9.99 41.61
C ALA A 109 9.33 10.19 41.33
N SER A 110 9.72 10.09 40.05
CA SER A 110 11.09 10.31 39.59
C SER A 110 11.13 11.52 38.65
N GLY A 111 11.90 12.55 39.01
CA GLY A 111 11.99 13.78 38.22
C GLY A 111 10.63 14.41 37.92
N LYS A 112 10.47 14.98 36.72
CA LYS A 112 9.20 15.46 36.20
C LYS A 112 9.05 15.03 34.73
N PRO A 113 7.84 14.64 34.28
CA PRO A 113 7.60 14.35 32.87
C PRO A 113 7.45 15.68 32.12
N ASN A 114 7.69 15.63 30.81
CA ASN A 114 7.52 16.77 29.93
C ASN A 114 6.57 16.34 28.81
N PHE A 115 5.32 16.03 29.17
CA PHE A 115 4.36 15.56 28.20
C PHE A 115 4.07 16.62 27.13
N SER A 116 3.92 16.18 25.88
CA SER A 116 3.72 17.03 24.71
C SER A 116 2.30 16.84 24.18
N PRO A 117 1.49 17.90 23.96
CA PRO A 117 0.11 17.75 23.48
C PRO A 117 -0.03 16.88 22.24
N GLY A 118 -0.92 15.89 22.33
CA GLY A 118 -1.19 14.91 21.28
C GLY A 118 -0.15 13.80 21.17
N ALA A 119 0.93 13.83 21.96
CA ALA A 119 1.94 12.78 21.95
C ALA A 119 1.42 11.52 22.65
N SER A 120 1.95 10.37 22.22
CA SER A 120 1.51 9.05 22.63
C SER A 120 2.58 8.39 23.51
N TYR A 121 2.19 7.96 24.71
CA TYR A 121 3.10 7.41 25.71
C TYR A 121 2.70 5.97 26.03
N THR A 122 3.64 5.02 25.94
CA THR A 122 3.34 3.68 26.45
C THR A 122 3.46 3.69 27.97
N ALA A 123 2.38 3.28 28.63
CA ALA A 123 2.37 3.05 30.06
C ALA A 123 2.32 1.55 30.35
N THR A 124 2.59 1.17 31.60
CA THR A 124 2.11 -0.10 32.13
C THR A 124 1.34 0.20 33.40
N ILE A 125 0.09 -0.28 33.45
CA ILE A 125 -0.78 -0.12 34.60
C ILE A 125 -0.64 -1.39 35.45
N TYR A 126 -0.56 -1.25 36.77
CA TYR A 126 -0.48 -2.39 37.68
C TYR A 126 -1.70 -2.45 38.59
N PHE A 127 -2.24 -3.66 38.76
CA PHE A 127 -3.53 -3.87 39.41
C PHE A 127 -3.40 -4.75 40.67
N SER A 128 -4.37 -4.62 41.58
CA SER A 128 -4.34 -5.24 42.91
C SER A 128 -4.34 -6.77 42.90
N ASN A 129 -4.69 -7.39 41.77
CA ASN A 129 -4.57 -8.83 41.54
C ASN A 129 -3.13 -9.25 41.20
N GLY A 130 -2.16 -8.34 41.27
CA GLY A 130 -0.75 -8.63 41.00
C GLY A 130 -0.40 -8.67 39.51
N GLN A 131 -1.20 -8.02 38.67
CA GLN A 131 -1.09 -8.06 37.22
C GLN A 131 -0.63 -6.70 36.67
N GLY A 132 0.30 -6.73 35.70
CA GLY A 132 0.59 -5.58 34.85
C GLY A 132 -0.12 -5.68 33.50
N ALA A 133 -0.50 -4.53 32.93
CA ALA A 133 -1.10 -4.47 31.59
C ALA A 133 -0.47 -3.33 30.81
N PRO A 134 0.06 -3.55 29.58
CA PRO A 134 0.54 -2.47 28.72
C PRO A 134 -0.61 -1.58 28.27
N ALA A 135 -0.37 -0.28 28.17
CA ALA A 135 -1.39 0.68 27.73
C ALA A 135 -0.73 1.76 26.88
N THR A 136 -1.51 2.38 25.98
CA THR A 136 -1.10 3.61 25.32
C THR A 136 -1.91 4.76 25.90
N LEU A 137 -1.26 5.86 26.25
CA LEU A 137 -1.94 7.05 26.76
C LEU A 137 -1.61 8.24 25.87
N ILE A 138 -2.62 9.03 25.49
CA ILE A 138 -2.41 10.21 24.67
C ILE A 138 -2.53 11.45 25.57
N TYR A 139 -1.50 12.29 25.62
CA TYR A 139 -1.55 13.49 26.46
C TYR A 139 -2.39 14.58 25.81
N GLN A 140 -3.46 15.05 26.48
CA GLN A 140 -4.42 15.98 25.92
C GLN A 140 -4.05 17.46 26.10
N GLY A 141 -3.07 17.76 26.97
CA GLY A 141 -2.84 19.12 27.46
C GLY A 141 -3.46 19.32 28.83
N LEU B 1 28.58 -61.57 98.83
CA LEU B 1 28.10 -60.19 99.17
C LEU B 1 28.46 -59.22 98.03
N SER B 2 29.72 -59.24 97.57
CA SER B 2 30.34 -58.28 96.63
C SER B 2 29.48 -57.91 95.41
N GLY B 3 28.89 -58.92 94.74
CA GLY B 3 28.17 -58.76 93.47
C GLY B 3 27.00 -57.77 93.53
N ALA B 4 26.23 -57.81 94.64
CA ALA B 4 25.07 -56.94 94.84
C ALA B 4 25.51 -55.48 95.04
N ILE B 5 26.53 -55.26 95.87
CA ILE B 5 27.13 -53.96 96.13
C ILE B 5 27.64 -53.32 94.84
N VAL B 6 28.34 -54.10 93.99
CA VAL B 6 28.81 -53.65 92.68
C VAL B 6 27.65 -53.29 91.75
N ALA B 7 26.61 -54.13 91.69
CA ALA B 7 25.44 -53.89 90.85
C ALA B 7 24.73 -52.58 91.22
N LEU B 8 24.63 -52.28 92.53
CA LEU B 8 24.03 -51.05 93.02
C LEU B 8 24.79 -49.80 92.53
N ILE B 9 26.13 -49.81 92.59
CA ILE B 9 26.97 -48.71 92.10
C ILE B 9 26.75 -48.49 90.61
N LEU B 10 26.74 -49.57 89.82
CA LEU B 10 26.60 -49.50 88.38
C LEU B 10 25.17 -49.11 87.93
N VAL B 11 24.14 -49.45 88.71
CA VAL B 11 22.77 -48.99 88.47
C VAL B 11 22.68 -47.48 88.60
N ILE B 12 23.17 -46.92 89.70
CA ILE B 12 23.08 -45.50 89.98
C ILE B 12 23.94 -44.70 89.00
N ALA B 13 25.15 -45.17 88.69
CA ALA B 13 25.99 -44.56 87.67
C ALA B 13 25.32 -44.60 86.29
N GLY B 14 24.61 -45.70 85.97
CA GLY B 14 23.87 -45.83 84.72
C GLY B 14 22.80 -44.74 84.57
N VAL B 15 21.99 -44.53 85.60
CA VAL B 15 21.00 -43.45 85.62
C VAL B 15 21.66 -42.10 85.37
N ILE B 16 22.76 -41.80 86.09
CA ILE B 16 23.44 -40.52 85.99
C ILE B 16 24.00 -40.28 84.59
N ILE B 17 24.72 -41.25 83.99
CA ILE B 17 25.29 -41.08 82.65
C ILE B 17 24.17 -41.01 81.60
N ALA B 18 23.12 -41.83 81.70
CA ALA B 18 22.01 -41.79 80.75
C ALA B 18 21.30 -40.44 80.75
N ILE B 19 20.99 -39.89 81.92
CA ILE B 19 20.39 -38.56 82.03
C ILE B 19 21.32 -37.49 81.46
N ALA B 20 22.63 -37.54 81.77
CA ALA B 20 23.61 -36.59 81.24
C ALA B 20 23.68 -36.60 79.71
N VAL B 21 23.58 -37.77 79.09
CA VAL B 21 23.56 -37.94 77.63
C VAL B 21 22.26 -37.41 77.01
N VAL B 22 21.12 -37.61 77.66
CA VAL B 22 19.86 -37.05 77.21
C VAL B 22 19.87 -35.52 77.27
N LEU B 23 20.37 -34.95 78.36
CA LEU B 23 20.52 -33.51 78.51
C LEU B 23 21.48 -32.92 77.47
N PHE B 24 22.57 -33.63 77.15
CA PHE B 24 23.47 -33.22 76.09
C PHE B 24 22.79 -33.18 74.72
N ALA B 25 21.94 -34.17 74.39
CA ALA B 25 21.18 -34.16 73.15
C ALA B 25 20.25 -32.94 73.05
N PHE B 26 19.53 -32.58 74.12
CA PHE B 26 18.80 -31.32 74.16
C PHE B 26 19.71 -30.08 74.11
N GLY B 27 20.89 -30.15 74.71
CA GLY B 27 21.85 -29.05 74.78
C GLY B 27 22.58 -28.74 73.48
N LEU B 28 22.65 -29.69 72.52
CA LEU B 28 23.22 -29.47 71.20
C LEU B 28 22.42 -28.49 70.36
N ILE B 29 21.10 -28.47 70.53
CA ILE B 29 20.16 -27.95 69.55
C ILE B 29 20.45 -26.50 69.15
N PRO B 30 20.72 -25.54 70.08
CA PRO B 30 21.07 -24.17 69.72
C PRO B 30 22.22 -24.00 68.75
N GLY B 31 23.22 -24.89 68.79
CA GLY B 31 24.36 -24.83 67.87
C GLY B 31 24.01 -25.08 66.40
N ILE B 32 22.94 -25.83 66.14
CA ILE B 32 22.52 -26.21 64.79
C ILE B 32 22.07 -24.98 63.98
N SER B 33 21.43 -24.00 64.63
CA SER B 33 20.88 -22.80 64.01
C SER B 33 21.94 -22.03 63.20
N ASN B 34 23.16 -21.90 63.74
CA ASN B 34 24.19 -21.03 63.21
C ASN B 34 24.70 -21.46 61.84
N GLN B 35 24.52 -22.74 61.48
CA GLN B 35 24.86 -23.32 60.18
C GLN B 35 24.16 -22.60 59.01
N GLY B 36 23.14 -21.78 59.27
CA GLY B 36 22.37 -21.09 58.24
C GLY B 36 22.54 -19.57 58.19
N SER B 37 23.49 -19.00 58.94
CA SER B 37 23.59 -17.56 59.17
C SER B 37 23.84 -16.73 57.90
N ILE B 38 24.65 -17.25 56.97
CA ILE B 38 25.10 -16.50 55.81
C ILE B 38 24.21 -16.79 54.60
N GLN B 39 24.02 -15.76 53.74
CA GLN B 39 23.64 -16.01 52.37
C GLN B 39 24.29 -15.00 51.43
N VAL B 40 24.55 -15.44 50.19
CA VAL B 40 25.29 -14.66 49.19
C VAL B 40 24.28 -14.09 48.19
N LEU B 41 24.35 -12.78 47.95
CA LEU B 41 23.34 -12.07 47.17
C LEU B 41 23.91 -11.61 45.82
N GLY B 42 23.23 -11.99 44.73
CA GLY B 42 23.59 -11.58 43.37
C GLY B 42 24.87 -12.22 42.85
N SER B 43 25.26 -11.82 41.62
CA SER B 43 26.56 -12.18 41.08
C SER B 43 27.66 -11.37 41.76
N GLY B 44 28.77 -12.04 42.10
CA GLY B 44 30.01 -11.36 42.43
C GLY B 44 30.87 -11.10 41.19
N THR B 45 32.05 -10.51 41.42
CA THR B 45 33.02 -10.27 40.36
C THR B 45 34.37 -10.90 40.74
N ILE B 46 35.12 -11.39 39.75
CA ILE B 46 36.53 -11.74 39.90
C ILE B 46 37.32 -10.75 39.06
N THR B 47 38.44 -10.23 39.56
CA THR B 47 39.31 -9.33 38.82
C THR B 47 40.77 -9.78 38.99
N ASN B 48 41.56 -9.81 37.90
CA ASN B 48 43.01 -10.09 37.97
C ASN B 48 43.66 -8.93 38.73
N SER B 49 44.29 -9.17 39.89
CA SER B 49 44.79 -8.09 40.73
C SER B 49 46.32 -8.03 40.85
N THR B 50 47.01 -9.08 40.38
CA THR B 50 48.46 -9.17 40.50
C THR B 50 49.20 -8.09 39.70
N ALA B 51 50.38 -7.66 40.20
CA ALA B 51 51.26 -6.74 39.50
C ALA B 51 51.94 -7.41 38.30
N SER B 52 52.29 -6.59 37.29
CA SER B 52 52.92 -7.04 36.04
C SER B 52 54.19 -7.87 36.30
N GLY B 53 54.29 -9.04 35.65
CA GLY B 53 55.45 -9.93 35.75
C GLY B 53 55.63 -10.64 37.09
N SER B 54 54.70 -10.49 38.05
CA SER B 54 54.76 -11.16 39.35
C SER B 54 54.63 -12.68 39.20
N SER B 55 55.29 -13.43 40.09
CA SER B 55 55.34 -14.89 40.07
C SER B 55 53.96 -15.53 40.37
N ARG B 56 53.13 -14.87 41.19
CA ARG B 56 51.84 -15.37 41.63
C ARG B 56 50.67 -14.64 40.96
N THR B 57 49.77 -15.41 40.33
CA THR B 57 48.45 -14.93 39.94
C THR B 57 47.56 -14.78 41.18
N ILE B 58 46.98 -13.58 41.35
CA ILE B 58 46.15 -13.23 42.50
C ILE B 58 44.91 -12.52 41.98
N TYR B 59 43.75 -13.04 42.34
CA TYR B 59 42.50 -12.48 41.83
C TYR B 59 41.79 -11.75 42.96
N ASN B 60 40.69 -11.06 42.63
CA ASN B 60 40.00 -10.26 43.64
C ASN B 60 38.52 -10.60 43.60
N ILE B 61 37.99 -11.22 44.68
CA ILE B 61 36.61 -11.69 44.67
C ILE B 61 35.72 -10.72 45.44
N THR B 62 34.83 -10.00 44.74
CA THR B 62 33.87 -9.14 45.42
C THR B 62 32.47 -9.75 45.32
N ILE B 63 31.81 -9.97 46.47
CA ILE B 63 30.46 -10.54 46.55
C ILE B 63 29.64 -9.79 47.60
N THR B 64 28.33 -9.61 47.41
CA THR B 64 27.51 -9.20 48.54
C THR B 64 27.22 -10.41 49.41
N VAL B 65 27.51 -10.27 50.72
CA VAL B 65 27.18 -11.29 51.71
C VAL B 65 26.20 -10.67 52.71
N LYS B 66 25.25 -11.45 53.17
CA LYS B 66 24.30 -11.07 54.22
C LYS B 66 24.52 -12.00 55.42
N ASN B 67 24.74 -11.43 56.60
CA ASN B 67 24.88 -12.19 57.83
C ASN B 67 23.61 -12.00 58.67
N THR B 68 22.79 -13.05 58.78
CA THR B 68 21.58 -13.04 59.61
C THR B 68 21.85 -13.49 61.05
N GLY B 69 23.08 -13.95 61.33
CA GLY B 69 23.47 -14.46 62.64
C GLY B 69 23.81 -13.36 63.65
N THR B 70 24.15 -13.80 64.87
CA THR B 70 24.36 -12.92 66.02
C THR B 70 25.84 -12.66 66.30
N THR B 71 26.74 -13.16 65.43
CA THR B 71 28.19 -13.06 65.56
C THR B 71 28.82 -12.74 64.21
N SER B 72 30.01 -12.11 64.21
CA SER B 72 30.78 -11.89 62.98
C SER B 72 31.26 -13.22 62.40
N ILE B 73 31.21 -13.34 61.07
CA ILE B 73 31.56 -14.55 60.34
C ILE B 73 32.56 -14.18 59.25
N SER B 74 33.53 -15.06 58.94
CA SER B 74 34.58 -14.78 57.96
C SER B 74 34.61 -15.82 56.82
N VAL B 75 35.11 -15.42 55.65
CA VAL B 75 35.30 -16.33 54.53
C VAL B 75 36.53 -17.22 54.80
N THR B 76 36.38 -18.54 54.74
CA THR B 76 37.45 -19.49 55.05
C THR B 76 38.06 -20.15 53.81
N SER B 77 37.26 -20.38 52.76
CA SER B 77 37.73 -20.93 51.50
C SER B 77 36.77 -20.61 50.37
N ILE B 78 37.24 -20.71 49.11
CA ILE B 78 36.38 -20.64 47.95
C ILE B 78 36.78 -21.71 46.94
N ASN B 79 35.77 -22.32 46.31
CA ASN B 79 35.97 -23.27 45.24
C ASN B 79 35.33 -22.67 43.97
N ILE B 80 36.11 -22.42 42.91
CA ILE B 80 35.59 -21.75 41.72
C ILE B 80 35.71 -22.71 40.53
N ASN B 81 34.61 -22.98 39.83
CA ASN B 81 34.64 -23.82 38.63
C ASN B 81 35.11 -25.26 38.94
N GLY B 82 35.14 -25.66 40.22
CA GLY B 82 35.68 -26.95 40.65
C GLY B 82 37.11 -26.89 41.19
N GLN B 83 37.84 -25.78 41.02
CA GLN B 83 39.18 -25.61 41.54
C GLN B 83 39.13 -25.09 42.98
N PRO B 84 39.88 -25.67 43.94
CA PRO B 84 40.12 -25.01 45.23
C PRO B 84 41.08 -23.82 45.08
N PHE B 85 40.75 -22.73 45.77
CA PHE B 85 41.60 -21.55 45.87
C PHE B 85 42.04 -21.33 47.32
N ASN B 86 43.27 -20.86 47.48
CA ASN B 86 43.78 -20.39 48.76
C ASN B 86 43.39 -18.91 48.94
N ILE B 87 43.10 -18.47 50.18
CA ILE B 87 42.76 -17.09 50.44
C ILE B 87 43.98 -16.35 50.93
N ASN B 88 44.25 -15.22 50.30
CA ASN B 88 45.49 -14.57 50.61
C ASN B 88 45.29 -13.50 51.69
N GLY B 89 46.34 -13.23 52.49
CA GLY B 89 46.26 -12.29 53.60
C GLY B 89 45.22 -12.69 54.65
N THR B 90 44.67 -11.69 55.36
CA THR B 90 43.60 -11.92 56.32
C THR B 90 42.28 -12.21 55.60
N ALA B 91 41.53 -13.21 56.11
CA ALA B 91 40.16 -13.43 55.68
C ALA B 91 39.30 -12.19 55.97
N PRO B 92 38.35 -11.82 55.08
CA PRO B 92 37.40 -10.76 55.39
C PRO B 92 36.33 -11.32 56.34
N SER B 93 35.73 -10.44 57.11
CA SER B 93 34.60 -10.79 57.97
C SER B 93 33.42 -9.85 57.72
N ILE B 94 32.21 -10.39 57.88
CA ILE B 94 30.98 -9.63 57.81
C ILE B 94 30.35 -9.55 59.20
N PRO B 95 30.07 -8.34 59.75
CA PRO B 95 29.52 -8.21 61.09
C PRO B 95 28.15 -8.86 61.25
N ALA B 96 27.80 -9.17 62.51
CA ALA B 96 26.48 -9.68 62.88
C ALA B 96 25.36 -8.78 62.33
N GLY B 97 24.34 -9.38 61.72
CA GLY B 97 23.13 -8.66 61.29
C GLY B 97 23.28 -7.77 60.04
N ARG B 98 24.48 -7.59 59.47
CA ARG B 98 24.71 -6.66 58.36
C ARG B 98 24.72 -7.34 57.00
N THR B 99 24.45 -6.55 55.94
CA THR B 99 24.63 -6.95 54.55
C THR B 99 25.67 -6.05 53.90
N GLN B 100 26.74 -6.62 53.33
CA GLN B 100 27.85 -5.85 52.79
C GLN B 100 28.44 -6.50 51.55
N PRO B 101 28.86 -5.70 50.54
CA PRO B 101 29.90 -6.12 49.61
C PRO B 101 31.19 -6.41 50.37
N ILE B 102 31.65 -7.65 50.24
CA ILE B 102 32.85 -8.21 50.88
C ILE B 102 33.89 -8.43 49.77
N THR B 103 35.15 -8.06 50.02
CA THR B 103 36.22 -8.22 49.03
C THR B 103 37.41 -8.97 49.64
N PHE B 104 37.99 -9.92 48.90
CA PHE B 104 39.15 -10.68 49.33
C PHE B 104 40.02 -11.12 48.15
N GLU B 105 41.32 -11.30 48.42
CA GLU B 105 42.26 -11.81 47.43
C GLU B 105 42.36 -13.34 47.52
N VAL B 106 42.42 -14.00 46.35
CA VAL B 106 42.60 -15.44 46.28
C VAL B 106 43.68 -15.80 45.26
N THR B 107 44.29 -16.97 45.45
CA THR B 107 45.27 -17.52 44.53
C THR B 107 44.96 -19.00 44.32
N PRO B 108 45.09 -19.57 43.10
CA PRO B 108 44.67 -20.95 42.86
C PRO B 108 45.59 -21.96 43.53
N ALA B 109 45.01 -23.03 44.07
CA ALA B 109 45.76 -24.08 44.76
C ALA B 109 46.03 -25.31 43.89
N SER B 110 45.16 -25.56 42.90
CA SER B 110 45.28 -26.65 41.94
C SER B 110 45.44 -26.06 40.54
N GLY B 111 46.58 -26.36 39.87
CA GLY B 111 46.87 -25.84 38.54
C GLY B 111 46.78 -24.30 38.46
N LYS B 112 46.28 -23.79 37.32
CA LYS B 112 45.94 -22.38 37.14
C LYS B 112 44.60 -22.25 36.43
N PRO B 113 43.75 -21.27 36.80
CA PRO B 113 42.51 -21.02 36.07
C PRO B 113 42.85 -20.23 34.80
N ASN B 114 41.95 -20.32 33.83
CA ASN B 114 42.05 -19.58 32.58
C ASN B 114 40.77 -18.79 32.41
N PHE B 115 40.54 -17.83 33.31
CA PHE B 115 39.31 -17.04 33.28
C PHE B 115 39.21 -16.22 32.00
N SER B 116 38.00 -16.12 31.44
CA SER B 116 37.71 -15.44 30.18
C SER B 116 36.89 -14.18 30.46
N PRO B 117 37.28 -12.98 29.96
CA PRO B 117 36.52 -11.75 30.23
C PRO B 117 35.02 -11.85 29.94
N GLY B 118 34.22 -11.46 30.95
CA GLY B 118 32.77 -11.53 30.89
C GLY B 118 32.17 -12.91 31.10
N ALA B 119 32.99 -13.96 31.23
CA ALA B 119 32.50 -15.31 31.49
C ALA B 119 32.03 -15.46 32.94
N SER B 120 31.08 -16.37 33.13
CA SER B 120 30.37 -16.58 34.38
C SER B 120 30.77 -17.92 35.00
N TYR B 121 31.25 -17.89 36.25
CA TYR B 121 31.79 -19.06 36.95
C TYR B 121 30.94 -19.35 38.19
N THR B 122 30.45 -20.57 38.35
CA THR B 122 29.84 -20.94 39.63
C THR B 122 30.94 -21.22 40.65
N ALA B 123 30.88 -20.49 41.76
CA ALA B 123 31.74 -20.74 42.91
C ALA B 123 30.91 -21.37 44.04
N THR B 124 31.59 -21.92 45.04
CA THR B 124 31.00 -22.08 46.37
C THR B 124 31.92 -21.40 47.37
N ILE B 125 31.35 -20.49 48.16
CA ILE B 125 32.08 -19.78 49.20
C ILE B 125 31.84 -20.53 50.51
N TYR B 126 32.88 -20.71 51.32
CA TYR B 126 32.76 -21.37 52.61
C TYR B 126 33.09 -20.41 53.75
N PHE B 127 32.28 -20.44 54.81
CA PHE B 127 32.29 -19.45 55.88
C PHE B 127 32.61 -20.07 57.24
N SER B 128 33.12 -19.26 58.17
CA SER B 128 33.64 -19.70 59.46
C SER B 128 32.60 -20.35 60.38
N ASN B 129 31.31 -20.16 60.09
CA ASN B 129 30.21 -20.85 60.77
C ASN B 129 30.00 -22.28 60.24
N GLY B 130 30.89 -22.78 59.37
CA GLY B 130 30.83 -24.13 58.82
C GLY B 130 29.83 -24.29 57.68
N GLN B 131 29.51 -23.20 56.99
CA GLN B 131 28.48 -23.15 55.96
C GLN B 131 29.10 -22.92 54.57
N GLY B 132 28.63 -23.66 53.56
CA GLY B 132 28.87 -23.34 52.16
C GLY B 132 27.69 -22.59 51.54
N ALA B 133 27.98 -21.69 50.60
CA ALA B 133 26.94 -20.98 49.84
C ALA B 133 27.31 -20.97 48.35
N PRO B 134 26.41 -21.39 47.44
CA PRO B 134 26.65 -21.27 46.00
C PRO B 134 26.67 -19.79 45.57
N ALA B 135 27.53 -19.46 44.62
CA ALA B 135 27.65 -18.10 44.11
C ALA B 135 27.93 -18.12 42.61
N THR B 136 27.54 -17.06 41.91
CA THR B 136 27.99 -16.84 40.54
C THR B 136 28.99 -15.69 40.56
N LEU B 137 30.13 -15.85 39.89
CA LEU B 137 31.13 -14.80 39.79
C LEU B 137 31.39 -14.49 38.32
N ILE B 138 31.43 -13.20 37.95
CA ILE B 138 31.70 -12.80 36.57
C ILE B 138 33.13 -12.27 36.50
N TYR B 139 33.99 -12.85 35.65
CA TYR B 139 35.36 -12.40 35.53
C TYR B 139 35.46 -11.10 34.72
N GLN B 140 36.00 -10.03 35.31
CA GLN B 140 36.02 -8.70 34.71
C GLN B 140 37.23 -8.44 33.81
N GLY B 141 38.27 -9.29 33.87
CA GLY B 141 39.58 -8.99 33.30
C GLY B 141 40.53 -8.50 34.39
N LEU C 1 21.98 -55.43 85.95
CA LEU C 1 20.75 -54.62 86.15
C LEU C 1 20.84 -53.33 85.30
N SER C 2 21.97 -52.61 85.38
CA SER C 2 22.22 -51.26 84.83
C SER C 2 21.73 -51.05 83.39
N GLY C 3 22.03 -51.99 82.48
CA GLY C 3 21.76 -51.88 81.05
C GLY C 3 20.29 -51.64 80.70
N ALA C 4 19.38 -52.33 81.39
CA ALA C 4 17.94 -52.21 81.16
C ALA C 4 17.41 -50.85 81.61
N ILE C 5 17.84 -50.38 82.78
CA ILE C 5 17.51 -49.07 83.34
C ILE C 5 17.97 -47.96 82.39
N VAL C 6 19.19 -48.04 81.85
CA VAL C 6 19.71 -47.11 80.87
C VAL C 6 18.90 -47.12 79.57
N ALA C 7 18.56 -48.31 79.05
CA ALA C 7 17.78 -48.44 77.83
C ALA C 7 16.40 -47.79 77.97
N LEU C 8 15.75 -47.93 79.13
CA LEU C 8 14.47 -47.31 79.42
C LEU C 8 14.53 -45.78 79.34
N ILE C 9 15.55 -45.17 79.93
CA ILE C 9 15.76 -43.72 79.88
C ILE C 9 15.93 -43.24 78.43
N LEU C 10 16.75 -43.94 77.65
CA LEU C 10 17.03 -43.57 76.27
C LEU C 10 15.85 -43.82 75.33
N VAL C 11 14.98 -44.80 75.60
CA VAL C 11 13.74 -45.02 74.86
C VAL C 11 12.81 -43.83 75.03
N ILE C 12 12.55 -43.42 76.28
CA ILE C 12 11.61 -42.34 76.57
C ILE C 12 12.15 -41.00 76.06
N ALA C 13 13.45 -40.74 76.24
CA ALA C 13 14.08 -39.56 75.67
C ALA C 13 14.00 -39.55 74.13
N GLY C 14 14.15 -40.71 73.49
CA GLY C 14 14.02 -40.85 72.05
C GLY C 14 12.65 -40.44 71.55
N VAL C 15 11.58 -40.92 72.18
CA VAL C 15 10.21 -40.50 71.86
C VAL C 15 10.06 -38.98 71.98
N ILE C 16 10.54 -38.39 73.08
CA ILE C 16 10.40 -36.96 73.34
C ILE C 16 11.14 -36.12 72.29
N ILE C 17 12.41 -36.43 71.99
CA ILE C 17 13.16 -35.67 70.99
C ILE C 17 12.57 -35.86 69.59
N ALA C 18 12.18 -37.08 69.21
CA ALA C 18 11.59 -37.35 67.90
C ALA C 18 10.29 -36.56 67.69
N ILE C 19 9.39 -36.55 68.68
CA ILE C 19 8.17 -35.76 68.61
C ILE C 19 8.48 -34.26 68.52
N ALA C 20 9.44 -33.76 69.32
CA ALA C 20 9.84 -32.36 69.29
C ALA C 20 10.37 -31.93 67.91
N VAL C 21 11.12 -32.80 67.23
CA VAL C 21 11.63 -32.55 65.89
C VAL C 21 10.53 -32.57 64.83
N VAL C 22 9.55 -33.47 64.96
CA VAL C 22 8.39 -33.50 64.07
C VAL C 22 7.56 -32.23 64.21
N LEU C 23 7.30 -31.79 65.45
CA LEU C 23 6.58 -30.56 65.72
C LEU C 23 7.33 -29.34 65.20
N PHE C 24 8.66 -29.31 65.29
CA PHE C 24 9.48 -28.26 64.71
C PHE C 24 9.32 -28.20 63.18
N ALA C 25 9.32 -29.34 62.49
CA ALA C 25 9.10 -29.38 61.04
C ALA C 25 7.74 -28.79 60.65
N PHE C 26 6.65 -29.10 61.37
CA PHE C 26 5.38 -28.42 61.18
C PHE C 26 5.42 -26.93 61.57
N GLY C 27 6.20 -26.57 62.59
CA GLY C 27 6.33 -25.21 63.10
C GLY C 27 7.13 -24.26 62.21
N LEU C 28 7.99 -24.77 61.32
CA LEU C 28 8.73 -23.96 60.34
C LEU C 28 7.82 -23.31 59.30
N ILE C 29 6.72 -23.98 58.95
CA ILE C 29 6.01 -23.73 57.70
C ILE C 29 5.56 -22.28 57.53
N PRO C 30 4.97 -21.59 58.54
CA PRO C 30 4.60 -20.19 58.42
C PRO C 30 5.70 -19.23 58.01
N GLY C 31 6.96 -19.50 58.39
CA GLY C 31 8.09 -18.66 58.01
C GLY C 31 8.40 -18.65 56.52
N ILE C 32 8.06 -19.73 55.80
CA ILE C 32 8.35 -19.90 54.38
C ILE C 32 7.58 -18.87 53.53
N SER C 33 6.34 -18.54 53.93
CA SER C 33 5.45 -17.62 53.21
C SER C 33 6.10 -16.26 52.93
N ASN C 34 6.81 -15.72 53.92
CA ASN C 34 7.30 -14.35 53.90
C ASN C 34 8.36 -14.10 52.82
N GLN C 35 9.03 -15.16 52.35
CA GLN C 35 10.00 -15.14 51.26
C GLN C 35 9.43 -14.58 49.94
N GLY C 36 8.10 -14.45 49.82
CA GLY C 36 7.44 -13.98 48.61
C GLY C 36 6.75 -12.61 48.72
N SER C 37 6.96 -11.86 49.82
CA SER C 37 6.18 -10.68 50.15
C SER C 37 6.31 -9.53 49.14
N ILE C 38 7.51 -9.32 48.58
CA ILE C 38 7.81 -8.18 47.74
C ILE C 38 7.64 -8.53 46.26
N GLN C 39 7.20 -7.55 45.46
CA GLN C 39 7.44 -7.58 44.03
C GLN C 39 7.70 -6.17 43.49
N VAL C 40 8.52 -6.08 42.43
CA VAL C 40 8.97 -4.83 41.87
C VAL C 40 8.19 -4.57 40.58
N LEU C 41 7.59 -3.38 40.46
CA LEU C 41 6.66 -3.06 39.38
C LEU C 41 7.26 -2.05 38.40
N GLY C 42 7.28 -2.40 37.11
CA GLY C 42 7.75 -1.54 36.04
C GLY C 42 9.26 -1.32 36.03
N SER C 43 9.72 -0.48 35.09
CA SER C 43 11.09 0.00 35.08
C SER C 43 11.30 1.02 36.20
N GLY C 44 12.43 0.91 36.91
CA GLY C 44 12.92 1.99 37.74
C GLY C 44 13.82 2.95 36.97
N THR C 45 14.35 3.95 37.68
CA THR C 45 15.31 4.90 37.12
C THR C 45 16.58 4.92 37.96
N ILE C 46 17.73 5.13 37.32
CA ILE C 46 18.99 5.48 38.00
C ILE C 46 19.33 6.91 37.60
N THR C 47 19.76 7.75 38.55
CA THR C 47 20.17 9.13 38.27
C THR C 47 21.50 9.41 38.98
N ASN C 48 22.46 10.05 38.30
CA ASN C 48 23.72 10.49 38.92
C ASN C 48 23.36 11.59 39.94
N SER C 49 23.65 11.37 41.24
CA SER C 49 23.17 12.31 42.28
C SER C 49 24.29 13.06 43.00
N THR C 50 25.55 12.64 42.79
CA THR C 50 26.71 13.24 43.47
C THR C 50 26.93 14.71 43.09
N ALA C 51 27.46 15.49 44.04
CA ALA C 51 27.86 16.87 43.81
C ALA C 51 29.12 16.96 42.93
N SER C 52 29.26 18.08 42.20
CA SER C 52 30.38 18.32 41.29
C SER C 52 31.75 18.19 41.97
N GLY C 53 32.66 17.42 41.36
CA GLY C 53 34.02 17.23 41.86
C GLY C 53 34.14 16.36 43.13
N SER C 54 33.04 15.79 43.63
CA SER C 54 33.05 14.92 44.81
C SER C 54 33.83 13.62 44.54
N SER C 55 34.48 13.09 45.58
CA SER C 55 35.31 11.88 45.49
C SER C 55 34.51 10.61 45.17
N ARG C 56 33.24 10.55 45.64
CA ARG C 56 32.37 9.38 45.49
C ARG C 56 31.27 9.61 44.45
N THR C 57 31.18 8.69 43.49
CA THR C 57 30.01 8.56 42.62
C THR C 57 28.86 7.94 43.40
N ILE C 58 27.70 8.61 43.40
CA ILE C 58 26.51 8.20 44.15
C ILE C 58 25.31 8.33 43.21
N TYR C 59 24.57 7.24 43.04
CA TYR C 59 23.45 7.23 42.12
C TYR C 59 22.15 7.21 42.91
N ASN C 60 21.02 7.36 42.21
CA ASN C 60 19.74 7.42 42.89
C ASN C 60 18.78 6.42 42.26
N ILE C 61 18.38 5.37 43.00
CA ILE C 61 17.55 4.32 42.41
C ILE C 61 16.10 4.50 42.82
N THR C 62 15.23 4.85 41.86
CA THR C 62 13.80 4.92 42.14
C THR C 62 13.07 3.77 41.47
N ILE C 63 12.33 2.96 42.24
CA ILE C 63 11.57 1.80 41.75
C ILE C 63 10.20 1.78 42.42
N THR C 64 9.13 1.33 41.73
CA THR C 64 7.92 0.99 42.46
C THR C 64 8.09 -0.40 43.09
N VAL C 65 7.83 -0.49 44.39
CA VAL C 65 7.83 -1.75 45.12
C VAL C 65 6.43 -1.96 45.68
N LYS C 66 5.97 -3.22 45.68
CA LYS C 66 4.70 -3.62 46.27
C LYS C 66 5.01 -4.60 47.40
N ASN C 67 4.51 -4.32 48.61
CA ASN C 67 4.66 -5.22 49.74
C ASN C 67 3.32 -5.89 50.02
N THR C 68 3.20 -7.19 49.73
CA THR C 68 2.01 -7.98 50.01
C THR C 68 2.03 -8.61 51.41
N GLY C 69 3.15 -8.48 52.13
CA GLY C 69 3.33 -9.06 53.45
C GLY C 69 2.68 -8.24 54.58
N THR C 70 2.82 -8.76 55.80
CA THR C 70 2.15 -8.23 56.99
C THR C 70 3.08 -7.37 57.85
N THR C 71 4.31 -7.12 57.39
CA THR C 71 5.35 -6.37 58.09
C THR C 71 6.08 -5.44 57.13
N SER C 72 6.67 -4.34 57.64
CA SER C 72 7.51 -3.47 56.84
C SER C 72 8.79 -4.20 56.41
N ILE C 73 9.23 -3.97 55.17
CA ILE C 73 10.39 -4.62 54.58
C ILE C 73 11.31 -3.54 53.99
N SER C 74 12.64 -3.73 54.04
CA SER C 74 13.60 -2.74 53.58
C SER C 74 14.55 -3.28 52.50
N VAL C 75 15.07 -2.40 51.65
CA VAL C 75 16.06 -2.79 50.65
C VAL C 75 17.41 -3.00 51.34
N THR C 76 18.05 -4.17 51.14
CA THR C 76 19.30 -4.51 51.80
C THR C 76 20.51 -4.45 50.87
N SER C 77 20.34 -4.75 49.58
CA SER C 77 21.39 -4.65 48.58
C SER C 77 20.81 -4.55 47.18
N ILE C 78 21.62 -4.08 46.22
CA ILE C 78 21.26 -4.14 44.81
C ILE C 78 22.47 -4.58 43.99
N ASN C 79 22.22 -5.40 42.97
CA ASN C 79 23.22 -5.81 42.02
C ASN C 79 22.79 -5.29 40.64
N ILE C 80 23.58 -4.43 39.99
CA ILE C 80 23.17 -3.81 38.72
C ILE C 80 24.15 -4.25 37.64
N ASN C 81 23.65 -4.81 36.54
CA ASN C 81 24.51 -5.20 35.41
C ASN C 81 25.57 -6.24 35.79
N GLY C 82 25.41 -6.91 36.96
CA GLY C 82 26.40 -7.83 37.50
C GLY C 82 27.33 -7.24 38.56
N GLN C 83 27.33 -5.91 38.76
CA GLN C 83 28.13 -5.25 39.79
C GLN C 83 27.37 -5.22 41.11
N PRO C 84 27.97 -5.60 42.27
CA PRO C 84 27.41 -5.27 43.56
C PRO C 84 27.54 -3.78 43.88
N PHE C 85 26.48 -3.21 44.45
CA PHE C 85 26.47 -1.83 44.93
C PHE C 85 26.25 -1.81 46.46
N ASN C 86 26.90 -0.87 47.12
CA ASN C 86 26.65 -0.56 48.52
C ASN C 86 25.49 0.43 48.61
N ILE C 87 24.65 0.34 49.65
CA ILE C 87 23.53 1.25 49.83
C ILE C 87 23.93 2.34 50.83
N ASN C 88 23.73 3.58 50.42
CA ASN C 88 24.24 4.64 51.22
C ASN C 88 23.17 5.15 52.19
N GLY C 89 23.59 5.68 53.36
CA GLY C 89 22.68 6.14 54.41
C GLY C 89 21.76 5.02 54.92
N THR C 90 20.57 5.40 55.41
CA THR C 90 19.57 4.44 55.85
C THR C 90 18.92 3.74 54.64
N ALA C 91 18.73 2.43 54.75
CA ALA C 91 17.91 1.69 53.80
C ALA C 91 16.48 2.23 53.79
N PRO C 92 15.81 2.31 52.62
CA PRO C 92 14.39 2.65 52.59
C PRO C 92 13.57 1.43 52.99
N SER C 93 12.38 1.67 53.53
CA SER C 93 11.43 0.61 53.84
C SER C 93 10.07 0.89 53.19
N ILE C 94 9.37 -0.19 52.82
CA ILE C 94 8.03 -0.13 52.31
C ILE C 94 7.06 -0.73 53.33
N PRO C 95 6.01 0.00 53.78
CA PRO C 95 5.09 -0.51 54.81
C PRO C 95 4.34 -1.76 54.37
N ALA C 96 3.85 -2.51 55.37
CA ALA C 96 2.99 -3.67 55.14
C ALA C 96 1.80 -3.31 54.25
N GLY C 97 1.51 -4.16 53.25
CA GLY C 97 0.32 -4.02 52.41
C GLY C 97 0.32 -2.88 51.37
N ARG C 98 1.33 -2.00 51.35
CA ARG C 98 1.34 -0.82 50.48
C ARG C 98 2.14 -1.02 49.19
N THR C 99 1.82 -0.21 48.17
CA THR C 99 2.61 -0.10 46.94
C THR C 99 3.13 1.33 46.82
N GLN C 100 4.45 1.51 46.68
CA GLN C 100 5.06 2.84 46.68
C GLN C 100 6.25 2.90 45.74
N PRO C 101 6.45 4.03 45.02
CA PRO C 101 7.78 4.43 44.56
C PRO C 101 8.71 4.62 45.76
N ILE C 102 9.79 3.83 45.76
CA ILE C 102 10.83 3.78 46.78
C ILE C 102 12.09 4.39 46.17
N THR C 103 12.81 5.24 46.92
CA THR C 103 14.03 5.88 46.44
C THR C 103 15.18 5.67 47.44
N PHE C 104 16.37 5.34 46.92
CA PHE C 104 17.57 5.16 47.74
C PHE C 104 18.84 5.52 46.99
N GLU C 105 19.87 5.93 47.74
CA GLU C 105 21.19 6.22 47.18
C GLU C 105 22.07 4.97 47.22
N VAL C 106 22.83 4.75 46.14
CA VAL C 106 23.78 3.65 46.06
C VAL C 106 25.13 4.14 45.55
N THR C 107 26.19 3.40 45.88
CA THR C 107 27.54 3.67 45.40
C THR C 107 28.18 2.33 45.02
N PRO C 108 28.96 2.24 43.91
CA PRO C 108 29.45 0.95 43.45
C PRO C 108 30.52 0.37 44.37
N ALA C 109 30.48 -0.96 44.58
CA ALA C 109 31.44 -1.65 45.45
C ALA C 109 32.59 -2.32 44.68
N SER C 110 32.34 -2.69 43.42
CA SER C 110 33.34 -3.28 42.53
C SER C 110 33.58 -2.35 41.34
N GLY C 111 34.83 -1.88 41.16
CA GLY C 111 35.17 -0.94 40.08
C GLY C 111 34.28 0.31 40.07
N LYS C 112 33.96 0.80 38.86
CA LYS C 112 32.98 1.86 38.64
C LYS C 112 32.08 1.52 37.46
N PRO C 113 30.77 1.81 37.52
CA PRO C 113 29.88 1.63 36.38
C PRO C 113 30.12 2.77 35.38
N ASN C 114 29.75 2.52 34.13
CA ASN C 114 29.82 3.52 33.07
C ASN C 114 28.43 3.60 32.45
N PHE C 115 27.45 4.06 33.24
CA PHE C 115 26.08 4.13 32.76
C PHE C 115 25.94 5.11 31.59
N SER C 116 25.11 4.75 30.61
CA SER C 116 24.90 5.50 29.38
C SER C 116 23.50 6.09 29.38
N PRO C 117 23.28 7.41 29.13
CA PRO C 117 21.95 8.00 29.16
C PRO C 117 20.92 7.27 28.30
N GLY C 118 19.78 6.95 28.90
CA GLY C 118 18.69 6.21 28.27
C GLY C 118 18.92 4.70 28.15
N ALA C 119 20.10 4.20 28.53
CA ALA C 119 20.37 2.76 28.51
C ALA C 119 19.63 2.03 29.63
N SER C 120 19.34 0.75 29.38
CA SER C 120 18.52 -0.09 30.23
C SER C 120 19.38 -1.17 30.87
N TYR C 121 19.35 -1.25 32.20
CA TYR C 121 20.19 -2.15 32.99
C TYR C 121 19.31 -3.11 33.78
N THR C 122 19.55 -4.43 33.67
CA THR C 122 18.87 -5.36 34.57
C THR C 122 19.58 -5.33 35.92
N ALA C 123 18.80 -5.04 36.97
CA ALA C 123 19.25 -5.14 38.34
C ALA C 123 18.60 -6.36 39.01
N THR C 124 19.12 -6.75 40.17
CA THR C 124 18.35 -7.52 41.13
C THR C 124 18.38 -6.77 42.46
N ILE C 125 17.20 -6.49 43.00
CA ILE C 125 17.05 -5.82 44.29
C ILE C 125 16.89 -6.91 45.35
N TYR C 126 17.55 -6.76 46.50
CA TYR C 126 17.41 -7.72 47.60
C TYR C 126 16.80 -7.05 48.83
N PHE C 127 15.86 -7.75 49.46
CA PHE C 127 15.00 -7.19 50.51
C PHE C 127 15.18 -7.92 51.85
N SER C 128 14.84 -7.24 52.95
CA SER C 128 15.10 -7.69 54.31
C SER C 128 14.36 -8.97 54.70
N ASN C 129 13.33 -9.36 53.94
CA ASN C 129 12.65 -10.64 54.07
C ASN C 129 13.43 -11.81 53.42
N GLY C 130 14.66 -11.57 52.95
CA GLY C 130 15.51 -12.59 52.36
C GLY C 130 15.18 -12.91 50.90
N GLN C 131 14.54 -11.97 50.20
CA GLN C 131 14.03 -12.15 48.84
C GLN C 131 14.81 -11.30 47.84
N GLY C 132 15.16 -11.87 46.68
CA GLY C 132 15.60 -11.12 45.52
C GLY C 132 14.47 -10.90 44.53
N ALA C 133 14.48 -9.77 43.82
CA ALA C 133 13.52 -9.47 42.76
C ALA C 133 14.25 -8.89 41.55
N PRO C 134 14.06 -9.44 40.32
CA PRO C 134 14.62 -8.85 39.11
C PRO C 134 13.96 -7.50 38.81
N ALA C 135 14.75 -6.55 38.31
CA ALA C 135 14.24 -5.22 37.96
C ALA C 135 14.94 -4.72 36.70
N THR C 136 14.27 -3.82 35.96
CA THR C 136 14.92 -3.07 34.90
C THR C 136 15.07 -1.63 35.38
N LEU C 137 16.25 -1.03 35.21
CA LEU C 137 16.48 0.35 35.58
C LEU C 137 16.97 1.12 34.36
N ILE C 138 16.41 2.31 34.10
CA ILE C 138 16.82 3.14 32.98
C ILE C 138 17.68 4.29 33.52
N TYR C 139 18.92 4.44 33.04
CA TYR C 139 19.77 5.51 33.51
C TYR C 139 19.38 6.86 32.88
N GLN C 140 19.05 7.86 33.69
CA GLN C 140 18.51 9.14 33.23
C GLN C 140 19.59 10.17 32.91
N GLY C 141 20.84 9.96 33.32
CA GLY C 141 21.88 10.98 33.35
C GLY C 141 22.03 11.57 34.74
N LEU D 1 15.18 -44.18 57.54
CA LEU D 1 14.08 -44.78 56.72
C LEU D 1 13.26 -43.66 56.05
N SER D 2 12.84 -42.64 56.81
CA SER D 2 11.90 -41.57 56.44
C SER D 2 12.14 -40.95 55.06
N GLY D 3 13.40 -40.59 54.75
CA GLY D 3 13.78 -39.85 53.53
C GLY D 3 13.35 -40.54 52.22
N ALA D 4 13.51 -41.86 52.15
CA ALA D 4 13.17 -42.65 50.97
C ALA D 4 11.66 -42.69 50.75
N ILE D 5 10.89 -42.93 51.82
CA ILE D 5 9.43 -42.93 51.82
C ILE D 5 8.88 -41.58 51.34
N VAL D 6 9.44 -40.47 51.84
CA VAL D 6 9.08 -39.11 51.41
C VAL D 6 9.40 -38.89 49.92
N ALA D 7 10.59 -39.31 49.47
CA ALA D 7 10.99 -39.14 48.08
C ALA D 7 10.05 -39.90 47.12
N LEU D 8 9.58 -41.09 47.51
CA LEU D 8 8.64 -41.88 46.73
C LEU D 8 7.31 -41.14 46.54
N ILE D 9 6.76 -40.55 47.59
CA ILE D 9 5.52 -39.77 47.53
C ILE D 9 5.67 -38.58 46.58
N LEU D 10 6.78 -37.85 46.69
CA LEU D 10 7.04 -36.66 45.89
C LEU D 10 7.34 -37.00 44.42
N VAL D 11 7.94 -38.16 44.12
CA VAL D 11 8.13 -38.64 42.75
C VAL D 11 6.78 -38.88 42.07
N ILE D 12 5.89 -39.63 42.72
CA ILE D 12 4.60 -39.98 42.14
C ILE D 12 3.72 -38.75 41.99
N ALA D 13 3.70 -37.88 43.00
CA ALA D 13 2.99 -36.60 42.91
C ALA D 13 3.54 -35.72 41.77
N GLY D 14 4.86 -35.73 41.57
CA GLY D 14 5.50 -35.00 40.49
C GLY D 14 5.00 -35.44 39.11
N VAL D 15 4.95 -36.76 38.86
CA VAL D 15 4.40 -37.31 37.63
C VAL D 15 2.96 -36.84 37.43
N ILE D 16 2.11 -36.94 38.47
CA ILE D 16 0.70 -36.59 38.38
C ILE D 16 0.51 -35.11 38.07
N ILE D 17 1.19 -34.18 38.78
CA ILE D 17 1.04 -32.75 38.53
C ILE D 17 1.61 -32.39 37.15
N ALA D 18 2.77 -32.94 36.75
CA ALA D 18 3.35 -32.66 35.44
C ALA D 18 2.43 -33.08 34.29
N ILE D 19 1.86 -34.28 34.35
CA ILE D 19 0.90 -34.73 33.35
C ILE D 19 -0.35 -33.84 33.33
N ALA D 20 -0.88 -33.46 34.51
CA ALA D 20 -2.04 -32.58 34.61
C ALA D 20 -1.80 -31.21 33.96
N VAL D 21 -0.59 -30.65 34.11
CA VAL D 21 -0.18 -29.39 33.50
C VAL D 21 -0.02 -29.50 31.98
N VAL D 22 0.52 -30.61 31.49
CA VAL D 22 0.62 -30.87 30.06
C VAL D 22 -0.77 -30.99 29.42
N LEU D 23 -1.67 -31.74 30.05
CA LEU D 23 -3.05 -31.86 29.60
C LEU D 23 -3.79 -30.52 29.60
N PHE D 24 -3.54 -29.67 30.61
CA PHE D 24 -4.10 -28.33 30.64
C PHE D 24 -3.60 -27.48 29.46
N ALA D 25 -2.32 -27.55 29.11
CA ALA D 25 -1.79 -26.84 27.94
C ALA D 25 -2.49 -27.27 26.64
N PHE D 26 -2.71 -28.57 26.42
CA PHE D 26 -3.54 -29.02 25.31
C PHE D 26 -5.02 -28.61 25.44
N GLY D 27 -5.54 -28.54 26.66
CA GLY D 27 -6.93 -28.19 26.94
C GLY D 27 -7.28 -26.72 26.77
N LEU D 28 -6.29 -25.81 26.80
CA LEU D 28 -6.48 -24.38 26.55
C LEU D 28 -6.89 -24.09 25.11
N ILE D 29 -6.39 -24.89 24.15
CA ILE D 29 -6.30 -24.53 22.75
C ILE D 29 -7.65 -24.11 22.15
N PRO D 30 -8.78 -24.83 22.36
CA PRO D 30 -10.09 -24.42 21.86
C PRO D 30 -10.54 -23.02 22.22
N GLY D 31 -10.16 -22.52 23.41
CA GLY D 31 -10.52 -21.17 23.84
C GLY D 31 -9.90 -20.05 23.00
N ILE D 32 -8.73 -20.31 22.39
CA ILE D 32 -7.99 -19.31 21.62
C ILE D 32 -8.76 -18.89 20.37
N SER D 33 -9.49 -19.83 19.73
CA SER D 33 -10.24 -19.61 18.50
C SER D 33 -11.22 -18.43 18.59
N ASN D 34 -11.91 -18.32 19.73
CA ASN D 34 -13.04 -17.40 19.89
C ASN D 34 -12.61 -15.93 19.85
N GLN D 35 -11.34 -15.63 20.11
CA GLN D 35 -10.72 -14.30 20.03
C GLN D 35 -10.86 -13.66 18.63
N GLY D 36 -11.23 -14.43 17.60
CA GLY D 36 -11.35 -13.94 16.23
C GLY D 36 -12.77 -13.90 15.66
N SER D 37 -13.81 -14.12 16.49
CA SER D 37 -15.18 -14.35 16.03
C SER D 37 -15.79 -13.16 15.29
N ILE D 38 -15.51 -11.93 15.72
CA ILE D 38 -16.15 -10.73 15.20
C ILE D 38 -15.32 -10.10 14.09
N GLN D 39 -16.00 -9.50 13.09
CA GLN D 39 -15.38 -8.48 12.26
C GLN D 39 -16.39 -7.39 11.89
N VAL D 40 -15.88 -6.17 11.72
CA VAL D 40 -16.71 -4.98 11.49
C VAL D 40 -16.63 -4.62 10.01
N LEU D 41 -17.78 -4.45 9.36
CA LEU D 41 -17.87 -4.29 7.91
C LEU D 41 -18.28 -2.86 7.54
N GLY D 42 -17.48 -2.23 6.67
CA GLY D 42 -17.75 -0.90 6.15
C GLY D 42 -17.60 0.22 7.19
N SER D 43 -17.91 1.46 6.74
CA SER D 43 -18.03 2.59 7.65
C SER D 43 -19.32 2.49 8.46
N GLY D 44 -19.23 2.77 9.75
CA GLY D 44 -20.40 3.05 10.57
C GLY D 44 -20.77 4.54 10.55
N THR D 45 -21.82 4.89 11.29
CA THR D 45 -22.24 6.26 11.46
C THR D 45 -22.30 6.62 12.95
N ILE D 46 -22.00 7.89 13.28
CA ILE D 46 -22.28 8.47 14.59
C ILE D 46 -23.34 9.54 14.38
N THR D 47 -24.36 9.61 15.26
CA THR D 47 -25.40 10.63 15.18
C THR D 47 -25.63 11.21 16.58
N ASN D 48 -25.73 12.56 16.70
CA ASN D 48 -26.08 13.22 17.97
C ASN D 48 -27.52 12.81 18.30
N SER D 49 -27.76 12.13 19.44
CA SER D 49 -29.09 11.58 19.73
C SER D 49 -29.78 12.21 20.94
N THR D 50 -29.04 13.02 21.72
CA THR D 50 -29.58 13.64 22.94
C THR D 50 -30.71 14.63 22.66
N ALA D 51 -31.66 14.74 23.60
CA ALA D 51 -32.72 15.74 23.56
C ALA D 51 -32.19 17.15 23.81
N SER D 52 -32.89 18.16 23.27
CA SER D 52 -32.52 19.58 23.39
C SER D 52 -32.35 20.03 24.84
N GLY D 53 -31.23 20.69 25.14
CA GLY D 53 -30.93 21.22 26.47
C GLY D 53 -30.59 20.18 27.56
N SER D 54 -30.52 18.88 27.20
CA SER D 54 -30.18 17.82 28.14
C SER D 54 -28.73 17.95 28.63
N SER D 55 -28.49 17.54 29.89
CA SER D 55 -27.20 17.65 30.57
C SER D 55 -26.12 16.77 29.92
N ARG D 56 -26.52 15.61 29.37
CA ARG D 56 -25.61 14.62 28.79
C ARG D 56 -25.67 14.60 27.26
N THR D 57 -24.50 14.73 26.63
CA THR D 57 -24.31 14.42 25.22
C THR D 57 -24.31 12.90 25.02
N ILE D 58 -25.18 12.40 24.14
CA ILE D 58 -25.35 10.97 23.87
C ILE D 58 -25.39 10.78 22.36
N TYR D 59 -24.51 9.93 21.85
CA TYR D 59 -24.40 9.73 20.41
C TYR D 59 -24.97 8.36 20.06
N ASN D 60 -25.09 8.08 18.75
CA ASN D 60 -25.69 6.83 18.33
C ASN D 60 -24.77 6.14 17.33
N ILE D 61 -24.20 4.99 17.68
CA ILE D 61 -23.20 4.34 16.82
C ILE D 61 -23.85 3.19 16.06
N THR D 62 -24.00 3.32 14.73
CA THR D 62 -24.50 2.22 13.92
C THR D 62 -23.37 1.65 13.08
N ILE D 63 -23.09 0.33 13.19
CA ILE D 63 -22.04 -0.37 12.44
C ILE D 63 -22.58 -1.71 11.96
N THR D 64 -22.16 -2.20 10.78
CA THR D 64 -22.39 -3.60 10.48
C THR D 64 -21.35 -4.45 11.20
N VAL D 65 -21.81 -5.45 11.95
CA VAL D 65 -20.95 -6.41 12.61
C VAL D 65 -21.28 -7.79 12.04
N LYS D 66 -20.26 -8.63 11.87
CA LYS D 66 -20.40 -10.02 11.44
C LYS D 66 -19.88 -10.91 12.56
N ASN D 67 -20.69 -11.86 13.03
CA ASN D 67 -20.28 -12.82 14.03
C ASN D 67 -20.07 -14.19 13.37
N THR D 68 -18.82 -14.63 13.24
CA THR D 68 -18.48 -15.94 12.69
C THR D 68 -18.44 -17.03 13.76
N GLY D 69 -18.58 -16.67 15.03
CA GLY D 69 -18.51 -17.59 16.16
C GLY D 69 -19.81 -18.36 16.40
N THR D 70 -19.77 -19.23 17.41
CA THR D 70 -20.85 -20.17 17.72
C THR D 70 -21.75 -19.71 18.88
N THR D 71 -21.51 -18.49 19.38
CA THR D 71 -22.21 -17.89 20.53
C THR D 71 -22.52 -16.42 20.25
N SER D 72 -23.57 -15.88 20.88
CA SER D 72 -23.88 -14.45 20.82
C SER D 72 -22.77 -13.64 21.50
N ILE D 73 -22.41 -12.50 20.91
CA ILE D 73 -21.34 -11.62 21.39
C ILE D 73 -21.89 -10.20 21.49
N SER D 74 -21.44 -9.42 22.48
CA SER D 74 -21.95 -8.07 22.72
C SER D 74 -20.83 -7.00 22.68
N VAL D 75 -21.20 -5.76 22.34
CA VAL D 75 -20.26 -4.64 22.39
C VAL D 75 -20.02 -4.24 23.85
N THR D 76 -18.75 -4.18 24.29
CA THR D 76 -18.41 -3.88 25.68
C THR D 76 -17.84 -2.47 25.88
N SER D 77 -17.12 -1.94 24.87
CA SER D 77 -16.60 -0.58 24.91
C SER D 77 -16.29 -0.08 23.50
N ILE D 78 -16.17 1.24 23.34
CA ILE D 78 -15.68 1.84 22.11
C ILE D 78 -14.71 2.96 22.43
N ASN D 79 -13.64 3.06 21.65
CA ASN D 79 -12.68 4.14 21.72
C ASN D 79 -12.73 4.90 20.39
N ILE D 80 -13.09 6.19 20.38
CA ILE D 80 -13.27 6.94 19.14
C ILE D 80 -12.25 8.08 19.12
N ASN D 81 -11.43 8.17 18.06
CA ASN D 81 -10.47 9.27 17.91
C ASN D 81 -9.44 9.31 19.05
N GLY D 82 -9.31 8.22 19.84
CA GLY D 82 -8.45 8.18 21.02
C GLY D 82 -9.18 8.40 22.35
N GLN D 83 -10.45 8.85 22.34
CA GLN D 83 -11.25 9.04 23.54
C GLN D 83 -11.95 7.73 23.92
N PRO D 84 -11.91 7.30 25.21
CA PRO D 84 -12.82 6.26 25.69
C PRO D 84 -14.25 6.79 25.83
N PHE D 85 -15.21 5.97 25.42
CA PHE D 85 -16.63 6.25 25.59
C PHE D 85 -17.27 5.19 26.49
N ASN D 86 -18.22 5.62 27.31
CA ASN D 86 -19.08 4.73 28.07
C ASN D 86 -20.27 4.31 27.20
N ILE D 87 -20.76 3.07 27.35
CA ILE D 87 -21.90 2.59 26.59
C ILE D 87 -23.16 2.72 27.44
N ASN D 88 -24.17 3.36 26.85
CA ASN D 88 -25.32 3.66 27.67
C ASN D 88 -26.38 2.56 27.53
N GLY D 89 -27.19 2.36 28.58
CA GLY D 89 -28.20 1.30 28.62
C GLY D 89 -27.60 -0.09 28.47
N THR D 90 -28.40 -1.03 27.94
CA THR D 90 -27.92 -2.38 27.65
C THR D 90 -26.99 -2.39 26.44
N ALA D 91 -25.88 -3.14 26.53
CA ALA D 91 -25.05 -3.42 25.38
C ALA D 91 -25.85 -4.16 24.30
N PRO D 92 -25.63 -3.87 23.00
CA PRO D 92 -26.24 -4.66 21.93
C PRO D 92 -25.47 -5.98 21.79
N SER D 93 -26.16 -7.00 21.29
CA SER D 93 -25.54 -8.28 20.98
C SER D 93 -25.85 -8.68 19.53
N ILE D 94 -24.90 -9.38 18.92
CA ILE D 94 -25.06 -9.96 17.60
C ILE D 94 -25.12 -11.49 17.71
N PRO D 95 -26.18 -12.16 17.21
CA PRO D 95 -26.32 -13.61 17.34
C PRO D 95 -25.19 -14.39 16.66
N ALA D 96 -25.01 -15.64 17.10
CA ALA D 96 -24.07 -16.56 16.47
C ALA D 96 -24.32 -16.69 14.95
N GLY D 97 -23.25 -16.62 14.15
CA GLY D 97 -23.32 -16.87 12.72
C GLY D 97 -23.96 -15.76 11.86
N ARG D 98 -24.52 -14.69 12.46
CA ARG D 98 -25.24 -13.67 11.70
C ARG D 98 -24.40 -12.43 11.38
N THR D 99 -24.82 -11.68 10.35
CA THR D 99 -24.28 -10.36 10.01
C THR D 99 -25.41 -9.33 10.13
N GLN D 100 -25.23 -8.28 10.94
CA GLN D 100 -26.28 -7.32 11.21
C GLN D 100 -25.71 -5.91 11.38
N PRO D 101 -26.42 -4.87 10.89
CA PRO D 101 -26.32 -3.52 11.45
C PRO D 101 -26.72 -3.54 12.93
N ILE D 102 -25.77 -3.14 13.77
CA ILE D 102 -25.87 -3.08 15.23
C ILE D 102 -25.91 -1.60 15.62
N THR D 103 -26.80 -1.22 16.54
CA THR D 103 -26.92 0.17 16.99
C THR D 103 -26.84 0.26 18.52
N PHE D 104 -26.09 1.24 19.03
CA PHE D 104 -25.98 1.48 20.47
C PHE D 104 -25.73 2.94 20.80
N GLU D 105 -26.14 3.35 22.00
CA GLU D 105 -25.91 4.70 22.50
C GLU D 105 -24.59 4.75 23.29
N VAL D 106 -23.81 5.82 23.09
CA VAL D 106 -22.59 6.06 23.83
C VAL D 106 -22.54 7.49 24.36
N THR D 107 -21.77 7.69 25.43
CA THR D 107 -21.51 9.00 26.02
C THR D 107 -20.03 9.10 26.34
N PRO D 108 -19.35 10.25 26.13
CA PRO D 108 -17.91 10.34 26.30
C PRO D 108 -17.49 10.26 27.77
N ALA D 109 -16.39 9.54 28.04
CA ALA D 109 -15.89 9.37 29.41
C ALA D 109 -14.73 10.33 29.75
N SER D 110 -13.98 10.78 28.74
CA SER D 110 -12.89 11.73 28.88
C SER D 110 -13.23 13.01 28.11
N GLY D 111 -13.30 14.16 28.81
CA GLY D 111 -13.66 15.43 28.19
C GLY D 111 -14.99 15.37 27.41
N LYS D 112 -15.04 16.10 26.27
CA LYS D 112 -16.14 16.01 25.30
C LYS D 112 -15.57 15.97 23.89
N PRO D 113 -16.16 15.18 22.96
CA PRO D 113 -15.76 15.19 21.56
C PRO D 113 -16.37 16.43 20.90
N ASN D 114 -15.76 16.83 19.79
CA ASN D 114 -16.24 17.93 18.98
C ASN D 114 -16.40 17.42 17.55
N PHE D 115 -17.32 16.47 17.36
CA PHE D 115 -17.51 15.86 16.05
C PHE D 115 -17.99 16.89 15.03
N SER D 116 -17.48 16.78 13.79
CA SER D 116 -17.74 17.70 12.69
C SER D 116 -18.58 16.99 11.64
N PRO D 117 -19.73 17.54 11.16
CA PRO D 117 -20.58 16.88 10.17
C PRO D 117 -19.82 16.40 8.93
N GLY D 118 -20.00 15.13 8.59
CA GLY D 118 -19.35 14.46 7.47
C GLY D 118 -17.90 14.05 7.73
N ALA D 119 -17.32 14.41 8.88
CA ALA D 119 -15.95 14.00 9.22
C ALA D 119 -15.89 12.52 9.58
N SER D 120 -14.71 11.93 9.34
CA SER D 120 -14.46 10.51 9.47
C SER D 120 -13.54 10.24 10.66
N TYR D 121 -13.97 9.38 11.58
CA TYR D 121 -13.28 9.10 12.82
C TYR D 121 -12.89 7.61 12.88
N THR D 122 -11.61 7.30 13.11
CA THR D 122 -11.27 5.91 13.38
C THR D 122 -11.65 5.57 14.82
N ALA D 123 -12.47 4.53 14.98
CA ALA D 123 -12.79 3.96 16.27
C ALA D 123 -12.10 2.60 16.43
N THR D 124 -12.06 2.09 17.66
CA THR D 124 -11.90 0.66 17.88
C THR D 124 -13.07 0.20 18.75
N ILE D 125 -13.80 -0.81 18.27
CA ILE D 125 -14.91 -1.41 18.98
C ILE D 125 -14.36 -2.61 19.74
N TYR D 126 -14.78 -2.81 21.00
CA TYR D 126 -14.37 -3.95 21.79
C TYR D 126 -15.57 -4.83 22.13
N PHE D 127 -15.39 -6.16 22.01
CA PHE D 127 -16.47 -7.13 22.07
C PHE D 127 -16.28 -8.12 23.22
N SER D 128 -17.38 -8.73 23.68
CA SER D 128 -17.43 -9.57 24.87
C SER D 128 -16.59 -10.86 24.77
N ASN D 129 -16.18 -11.24 23.56
CA ASN D 129 -15.23 -12.33 23.33
C ASN D 129 -13.77 -11.90 23.56
N GLY D 130 -13.53 -10.68 24.07
CA GLY D 130 -12.20 -10.17 24.37
C GLY D 130 -11.44 -9.65 23.15
N GLN D 131 -12.17 -9.27 22.09
CA GLN D 131 -11.60 -8.86 20.81
C GLN D 131 -11.83 -7.37 20.55
N GLY D 132 -10.79 -6.68 20.05
CA GLY D 132 -10.93 -5.36 19.46
C GLY D 132 -11.01 -5.44 17.93
N ALA D 133 -11.76 -4.52 17.32
CA ALA D 133 -11.85 -4.40 15.86
C ALA D 133 -11.75 -2.93 15.46
N PRO D 134 -10.83 -2.55 14.53
CA PRO D 134 -10.79 -1.18 14.01
C PRO D 134 -12.04 -0.89 13.17
N ALA D 135 -12.53 0.35 13.25
CA ALA D 135 -13.70 0.77 12.50
C ALA D 135 -13.53 2.23 12.04
N THR D 136 -14.20 2.60 10.95
CA THR D 136 -14.34 3.99 10.57
C THR D 136 -15.78 4.41 10.84
N LEU D 137 -15.98 5.56 11.49
CA LEU D 137 -17.31 6.08 11.74
C LEU D 137 -17.45 7.48 11.13
N ILE D 138 -18.55 7.74 10.42
CA ILE D 138 -18.78 9.05 9.82
C ILE D 138 -19.83 9.79 10.66
N TYR D 139 -19.50 10.97 11.18
CA TYR D 139 -20.44 11.73 12.00
C TYR D 139 -21.51 12.41 11.12
N GLN D 140 -22.79 12.11 11.33
CA GLN D 140 -23.88 12.58 10.49
C GLN D 140 -24.45 13.94 10.88
N GLY D 141 -24.13 14.44 12.09
CA GLY D 141 -24.83 15.55 12.71
C GLY D 141 -25.86 15.05 13.72
N LEU E 1 14.64 -36.55 43.82
CA LEU E 1 14.35 -37.37 42.59
C LEU E 1 13.32 -36.65 41.72
N SER E 2 12.20 -36.20 42.32
CA SER E 2 10.99 -35.65 41.66
C SER E 2 11.26 -34.67 40.51
N GLY E 3 12.15 -33.68 40.74
CA GLY E 3 12.41 -32.57 39.83
C GLY E 3 12.85 -33.01 38.42
N ALA E 4 13.71 -34.02 38.34
CA ALA E 4 14.23 -34.54 37.08
C ALA E 4 13.13 -35.25 36.28
N ILE E 5 12.33 -36.09 36.95
CA ILE E 5 11.19 -36.79 36.38
C ILE E 5 10.17 -35.80 35.80
N VAL E 6 9.86 -34.73 36.53
CA VAL E 6 8.98 -33.65 36.07
C VAL E 6 9.56 -32.94 34.84
N ALA E 7 10.85 -32.59 34.87
CA ALA E 7 11.50 -31.90 33.76
C ALA E 7 11.46 -32.74 32.47
N LEU E 8 11.63 -34.06 32.58
CA LEU E 8 11.54 -34.98 31.45
C LEU E 8 10.16 -34.96 30.78
N ILE E 9 9.08 -35.00 31.58
CA ILE E 9 7.71 -34.91 31.09
C ILE E 9 7.47 -33.61 30.33
N LEU E 10 7.91 -32.48 30.91
CA LEU E 10 7.72 -31.16 30.34
C LEU E 10 8.58 -30.92 29.09
N VAL E 11 9.77 -31.53 28.99
CA VAL E 11 10.59 -31.48 27.78
C VAL E 11 9.87 -32.16 26.61
N ILE E 12 9.39 -33.38 26.81
CA ILE E 12 8.75 -34.15 25.75
C ILE E 12 7.42 -33.50 25.34
N ALA E 13 6.63 -33.03 26.31
CA ALA E 13 5.41 -32.28 26.02
C ALA E 13 5.71 -30.98 25.24
N GLY E 14 6.81 -30.31 25.56
CA GLY E 14 7.26 -29.11 24.87
C GLY E 14 7.51 -29.37 23.39
N VAL E 15 8.27 -30.43 23.07
CA VAL E 15 8.50 -30.85 21.68
C VAL E 15 7.17 -31.09 20.96
N ILE E 16 6.26 -31.84 21.58
CA ILE E 16 4.98 -32.20 20.97
C ILE E 16 4.12 -30.97 20.68
N ILE E 17 3.94 -30.06 21.66
CA ILE E 17 3.13 -28.86 21.44
C ILE E 17 3.80 -27.92 20.42
N ALA E 18 5.12 -27.73 20.48
CA ALA E 18 5.82 -26.88 19.53
C ALA E 18 5.68 -27.38 18.09
N ILE E 19 5.85 -28.68 17.85
CA ILE E 19 5.66 -29.26 16.53
C ILE E 19 4.20 -29.10 16.08
N ALA E 20 3.22 -29.34 16.95
CA ALA E 20 1.80 -29.19 16.63
C ALA E 20 1.45 -27.75 16.23
N VAL E 21 2.05 -26.74 16.87
CA VAL E 21 1.86 -25.34 16.54
C VAL E 21 2.52 -24.96 15.21
N VAL E 22 3.70 -25.51 14.90
CA VAL E 22 4.34 -25.31 13.62
C VAL E 22 3.51 -25.91 12.48
N LEU E 23 3.01 -27.14 12.66
CA LEU E 23 2.14 -27.78 11.69
C LEU E 23 0.83 -27.01 11.48
N PHE E 24 0.26 -26.44 12.55
CA PHE E 24 -0.91 -25.58 12.44
C PHE E 24 -0.63 -24.34 11.59
N ALA E 25 0.53 -23.68 11.77
CA ALA E 25 0.91 -22.54 10.96
C ALA E 25 1.00 -22.90 9.46
N PHE E 26 1.59 -24.04 9.09
CA PHE E 26 1.52 -24.54 7.72
C PHE E 26 0.10 -24.92 7.29
N GLY E 27 -0.72 -25.44 8.20
CA GLY E 27 -2.08 -25.88 7.94
C GLY E 27 -3.10 -24.77 7.72
N LEU E 28 -2.84 -23.54 8.19
CA LEU E 28 -3.67 -22.37 7.97
C LEU E 28 -3.72 -21.95 6.50
N ILE E 29 -2.61 -22.14 5.78
CA ILE E 29 -2.31 -21.42 4.55
C ILE E 29 -3.41 -21.57 3.49
N PRO E 30 -3.97 -22.77 3.20
CA PRO E 30 -5.06 -22.92 2.24
C PRO E 30 -6.29 -22.06 2.48
N GLY E 31 -6.63 -21.76 3.74
CA GLY E 31 -7.77 -20.92 4.07
C GLY E 31 -7.62 -19.46 3.61
N ILE E 32 -6.39 -18.96 3.50
CA ILE E 32 -6.11 -17.57 3.13
C ILE E 32 -6.56 -17.27 1.71
N SER E 33 -6.43 -18.23 0.78
CA SER E 33 -6.77 -18.10 -0.63
C SER E 33 -8.20 -17.60 -0.86
N ASN E 34 -9.16 -18.13 -0.08
CA ASN E 34 -10.57 -17.94 -0.34
C ASN E 34 -11.03 -16.50 -0.12
N GLN E 35 -10.27 -15.70 0.64
CA GLN E 35 -10.48 -14.28 0.88
C GLN E 35 -10.51 -13.44 -0.42
N GLY E 36 -10.07 -13.99 -1.56
CA GLY E 36 -10.02 -13.30 -2.83
C GLY E 36 -10.99 -13.80 -3.90
N SER E 37 -11.94 -14.68 -3.56
CA SER E 37 -12.75 -15.42 -4.53
C SER E 37 -13.65 -14.53 -5.40
N ILE E 38 -14.21 -13.47 -4.83
CA ILE E 38 -15.21 -12.64 -5.49
C ILE E 38 -14.56 -11.42 -6.14
N GLN E 39 -15.12 -10.99 -7.29
CA GLN E 39 -14.94 -9.62 -7.75
C GLN E 39 -16.21 -9.10 -8.41
N VAL E 40 -16.43 -7.78 -8.31
CA VAL E 40 -17.64 -7.12 -8.77
C VAL E 40 -17.32 -6.40 -10.08
N LEU E 41 -18.13 -6.65 -11.13
CA LEU E 41 -17.85 -6.19 -12.48
C LEU E 41 -18.82 -5.09 -12.91
N GLY E 42 -18.28 -3.94 -13.35
CA GLY E 42 -19.05 -2.83 -13.86
C GLY E 42 -19.86 -2.08 -12.79
N SER E 43 -20.63 -1.08 -13.25
CA SER E 43 -21.61 -0.42 -12.40
C SER E 43 -22.81 -1.34 -12.17
N GLY E 44 -23.29 -1.38 -10.93
CA GLY E 44 -24.61 -1.92 -10.63
C GLY E 44 -25.69 -0.85 -10.72
N THR E 45 -26.92 -1.24 -10.42
CA THR E 45 -28.07 -0.34 -10.36
C THR E 45 -28.75 -0.45 -8.99
N ILE E 46 -29.30 0.67 -8.49
CA ILE E 46 -30.23 0.68 -7.36
C ILE E 46 -31.58 1.12 -7.92
N THR E 47 -32.68 0.47 -7.51
CA THR E 47 -34.02 0.85 -7.93
C THR E 47 -34.95 0.87 -6.71
N ASN E 48 -35.79 1.92 -6.56
CA ASN E 48 -36.80 1.97 -5.49
C ASN E 48 -37.82 0.86 -5.78
N SER E 49 -37.98 -0.12 -4.87
CA SER E 49 -38.81 -1.30 -5.16
C SER E 49 -40.06 -1.40 -4.28
N THR E 50 -40.16 -0.58 -3.24
CA THR E 50 -41.28 -0.64 -2.29
C THR E 50 -42.62 -0.26 -2.94
N ALA E 51 -43.71 -0.87 -2.43
CA ALA E 51 -45.07 -0.54 -2.83
C ALA E 51 -45.50 0.84 -2.31
N SER E 52 -46.43 1.50 -3.03
CA SER E 52 -46.94 2.83 -2.70
C SER E 52 -47.49 2.91 -1.27
N GLY E 53 -47.07 3.93 -0.52
CA GLY E 53 -47.52 4.17 0.85
C GLY E 53 -47.02 3.18 1.92
N SER E 54 -46.15 2.23 1.55
CA SER E 54 -45.59 1.25 2.48
C SER E 54 -44.69 1.93 3.52
N SER E 55 -44.65 1.38 4.74
CA SER E 55 -43.90 1.92 5.87
C SER E 55 -42.38 1.86 5.67
N ARG E 56 -41.89 0.84 4.93
CA ARG E 56 -40.47 0.59 4.70
C ARG E 56 -40.04 0.94 3.28
N THR E 57 -39.00 1.78 3.16
CA THR E 57 -38.26 1.96 1.92
C THR E 57 -37.38 0.74 1.66
N ILE E 58 -37.52 0.14 0.48
CA ILE E 58 -36.81 -1.07 0.08
C ILE E 58 -36.27 -0.87 -1.33
N TYR E 59 -34.96 -1.02 -1.50
CA TYR E 59 -34.35 -0.78 -2.79
C TYR E 59 -33.94 -2.10 -3.41
N ASN E 60 -33.48 -2.06 -4.68
CA ASN E 60 -33.15 -3.29 -5.36
C ASN E 60 -31.75 -3.16 -5.97
N ILE E 61 -30.79 -3.95 -5.48
CA ILE E 61 -29.40 -3.80 -5.93
C ILE E 61 -29.05 -4.88 -6.94
N THR E 62 -28.83 -4.49 -8.20
CA THR E 62 -28.39 -5.45 -9.21
C THR E 62 -26.93 -5.17 -9.57
N ILE E 63 -26.04 -6.16 -9.43
CA ILE E 63 -24.61 -6.06 -9.74
C ILE E 63 -24.15 -7.32 -10.47
N THR E 64 -23.21 -7.22 -11.41
CA THR E 64 -22.54 -8.44 -11.87
C THR E 64 -21.48 -8.83 -10.85
N VAL E 65 -21.53 -10.08 -10.39
CA VAL E 65 -20.53 -10.66 -9.50
C VAL E 65 -19.87 -11.83 -10.23
N LYS E 66 -18.56 -11.99 -10.04
CA LYS E 66 -17.79 -13.11 -10.56
C LYS E 66 -17.24 -13.90 -9.38
N ASN E 67 -17.51 -15.20 -9.32
CA ASN E 67 -16.96 -16.07 -8.30
C ASN E 67 -15.87 -16.95 -8.90
N THR E 68 -14.60 -16.68 -8.55
CA THR E 68 -13.46 -17.48 -9.00
C THR E 68 -13.15 -18.65 -8.06
N GLY E 69 -13.85 -18.74 -6.92
CA GLY E 69 -13.64 -19.77 -5.92
C GLY E 69 -14.32 -21.10 -6.26
N THR E 70 -14.13 -22.08 -5.36
CA THR E 70 -14.55 -23.46 -5.55
C THR E 70 -15.85 -23.80 -4.81
N THR E 71 -16.49 -22.79 -4.19
CA THR E 71 -17.70 -22.92 -3.38
C THR E 71 -18.65 -21.77 -3.68
N SER E 72 -19.97 -21.98 -3.48
CA SER E 72 -20.96 -20.91 -3.58
C SER E 72 -20.73 -19.88 -2.47
N ILE E 73 -20.90 -18.58 -2.81
CA ILE E 73 -20.67 -17.47 -1.90
C ILE E 73 -21.91 -16.56 -1.93
N SER E 74 -22.28 -15.95 -0.81
CA SER E 74 -23.48 -15.12 -0.71
C SER E 74 -23.17 -13.68 -0.25
N VAL E 75 -24.03 -12.72 -0.63
CA VAL E 75 -23.90 -11.36 -0.15
C VAL E 75 -24.38 -11.27 1.30
N THR E 76 -23.55 -10.74 2.21
CA THR E 76 -23.87 -10.67 3.63
C THR E 76 -24.24 -9.27 4.12
N SER E 77 -23.68 -8.22 3.51
CA SER E 77 -24.00 -6.83 3.83
C SER E 77 -23.60 -5.91 2.69
N ILE E 78 -24.18 -4.69 2.66
CA ILE E 78 -23.74 -3.65 1.75
C ILE E 78 -23.68 -2.32 2.50
N ASN E 79 -22.66 -1.52 2.20
CA ASN E 79 -22.52 -0.18 2.71
C ASN E 79 -22.56 0.77 1.51
N ILE E 80 -23.54 1.70 1.43
CA ILE E 80 -23.71 2.56 0.27
C ILE E 80 -23.51 4.01 0.71
N ASN E 81 -22.61 4.75 0.06
CA ASN E 81 -22.41 6.17 0.36
C ASN E 81 -21.96 6.41 1.83
N GLY E 82 -21.52 5.35 2.53
CA GLY E 82 -21.18 5.42 3.95
C GLY E 82 -22.28 4.92 4.90
N GLN E 83 -23.50 4.68 4.41
CA GLN E 83 -24.60 4.16 5.21
C GLN E 83 -24.56 2.63 5.22
N PRO E 84 -24.68 1.96 6.39
CA PRO E 84 -24.98 0.52 6.41
C PRO E 84 -26.43 0.24 6.01
N PHE E 85 -26.62 -0.81 5.20
CA PHE E 85 -27.93 -1.30 4.82
C PHE E 85 -28.13 -2.73 5.33
N ASN E 86 -29.36 -3.03 5.74
CA ASN E 86 -29.78 -4.38 6.06
C ASN E 86 -30.22 -5.09 4.76
N ILE E 87 -29.98 -6.40 4.64
CA ILE E 87 -30.39 -7.16 3.46
C ILE E 87 -31.70 -7.87 3.75
N ASN E 88 -32.66 -7.67 2.86
CA ASN E 88 -33.97 -8.18 3.17
C ASN E 88 -34.17 -9.57 2.57
N GLY E 89 -35.02 -10.40 3.20
CA GLY E 89 -35.25 -11.77 2.78
C GLY E 89 -33.97 -12.62 2.79
N THR E 90 -33.93 -13.65 1.93
CA THR E 90 -32.73 -14.48 1.79
C THR E 90 -31.63 -13.72 1.03
N ALA E 91 -30.39 -13.85 1.52
CA ALA E 91 -29.22 -13.40 0.77
C ALA E 91 -29.13 -14.11 -0.57
N PRO E 92 -28.73 -13.44 -1.67
CA PRO E 92 -28.46 -14.12 -2.93
C PRO E 92 -27.09 -14.82 -2.83
N SER E 93 -26.93 -15.88 -3.61
CA SER E 93 -25.65 -16.57 -3.73
C SER E 93 -25.24 -16.69 -5.20
N ILE E 94 -23.93 -16.66 -5.44
CA ILE E 94 -23.35 -16.89 -6.74
C ILE E 94 -22.59 -18.22 -6.75
N PRO E 95 -22.91 -19.17 -7.66
CA PRO E 95 -22.27 -20.48 -7.67
C PRO E 95 -20.77 -20.42 -7.91
N ALA E 96 -20.07 -21.49 -7.50
CA ALA E 96 -18.65 -21.66 -7.76
C ALA E 96 -18.32 -21.49 -9.25
N GLY E 97 -17.27 -20.72 -9.57
CA GLY E 97 -16.77 -20.59 -10.93
C GLY E 97 -17.60 -19.74 -11.90
N ARG E 98 -18.80 -19.27 -11.52
CA ARG E 98 -19.70 -18.56 -12.43
C ARG E 98 -19.61 -17.04 -12.33
N THR E 99 -20.03 -16.34 -13.39
CA THR E 99 -20.22 -14.89 -13.41
C THR E 99 -21.69 -14.60 -13.70
N GLN E 100 -22.37 -13.84 -12.82
CA GLN E 100 -23.80 -13.61 -12.94
C GLN E 100 -24.16 -12.20 -12.48
N PRO E 101 -25.14 -11.54 -13.14
CA PRO E 101 -25.94 -10.51 -12.51
C PRO E 101 -26.71 -11.09 -11.33
N ILE E 102 -26.43 -10.52 -10.14
CA ILE E 102 -26.99 -10.89 -8.85
C ILE E 102 -27.94 -9.76 -8.42
N THR E 103 -29.12 -10.11 -7.90
CA THR E 103 -30.10 -9.12 -7.46
C THR E 103 -30.56 -9.40 -6.02
N PHE E 104 -30.66 -8.35 -5.20
CA PHE E 104 -31.12 -8.47 -3.82
C PHE E 104 -31.83 -7.20 -3.34
N GLU E 105 -32.74 -7.36 -2.37
CA GLU E 105 -33.42 -6.25 -1.75
C GLU E 105 -32.67 -5.78 -0.51
N VAL E 106 -32.58 -4.46 -0.32
CA VAL E 106 -31.96 -3.86 0.86
C VAL E 106 -32.85 -2.78 1.44
N THR E 107 -32.69 -2.51 2.75
CA THR E 107 -33.38 -1.44 3.44
C THR E 107 -32.36 -0.73 4.33
N PRO E 108 -32.39 0.62 4.47
CA PRO E 108 -31.36 1.33 5.21
C PRO E 108 -31.44 1.08 6.71
N ALA E 109 -30.27 0.95 7.36
CA ALA E 109 -30.19 0.70 8.80
C ALA E 109 -29.91 1.96 9.63
N SER E 110 -29.26 2.97 9.01
CA SER E 110 -28.95 4.25 9.62
C SER E 110 -29.68 5.35 8.85
N GLY E 111 -30.57 6.11 9.52
CA GLY E 111 -31.36 7.16 8.88
C GLY E 111 -32.13 6.68 7.65
N LYS E 112 -32.22 7.55 6.63
CA LYS E 112 -32.74 7.21 5.30
C LYS E 112 -31.85 7.80 4.22
N PRO E 113 -31.60 7.09 3.09
CA PRO E 113 -30.87 7.66 1.97
C PRO E 113 -31.82 8.58 1.19
N ASN E 114 -31.22 9.49 0.44
CA ASN E 114 -31.95 10.40 -0.44
C ASN E 114 -31.36 10.26 -1.83
N PHE E 115 -31.51 9.07 -2.42
CA PHE E 115 -30.93 8.80 -3.73
C PHE E 115 -31.56 9.70 -4.81
N SER E 116 -30.71 10.16 -5.74
CA SER E 116 -31.09 11.09 -6.80
C SER E 116 -31.05 10.36 -8.15
N PRO E 117 -32.10 10.40 -9.00
CA PRO E 117 -32.10 9.70 -10.28
C PRO E 117 -30.88 9.98 -11.14
N GLY E 118 -30.23 8.90 -11.61
CA GLY E 118 -29.03 8.94 -12.41
C GLY E 118 -27.74 9.23 -11.63
N ALA E 119 -27.83 9.51 -10.32
CA ALA E 119 -26.64 9.75 -9.50
C ALA E 119 -25.89 8.44 -9.21
N SER E 120 -24.58 8.57 -9.02
CA SER E 120 -23.64 7.47 -8.89
C SER E 120 -23.14 7.38 -7.44
N TYR E 121 -23.30 6.21 -6.81
CA TYR E 121 -22.98 5.98 -5.42
C TYR E 121 -21.88 4.92 -5.30
N THR E 122 -20.79 5.20 -4.59
CA THR E 122 -19.84 4.13 -4.28
C THR E 122 -20.40 3.29 -3.13
N ALA E 123 -20.53 2.00 -3.38
CA ALA E 123 -20.86 1.03 -2.35
C ALA E 123 -19.63 0.18 -2.01
N THR E 124 -19.70 -0.55 -0.90
CA THR E 124 -18.87 -1.74 -0.71
C THR E 124 -19.78 -2.90 -0.40
N ILE E 125 -19.66 -3.97 -1.18
CA ILE E 125 -20.44 -5.19 -1.00
C ILE E 125 -19.58 -6.14 -0.15
N TYR E 126 -20.18 -6.83 0.82
CA TYR E 126 -19.48 -7.79 1.65
C TYR E 126 -20.04 -9.20 1.44
N PHE E 127 -19.15 -10.19 1.32
CA PHE E 127 -19.50 -11.53 0.90
C PHE E 127 -19.16 -12.57 1.97
N SER E 128 -19.84 -13.73 1.93
CA SER E 128 -19.77 -14.77 2.96
C SER E 128 -18.38 -15.41 3.13
N ASN E 129 -17.49 -15.23 2.15
CA ASN E 129 -16.09 -15.62 2.24
C ASN E 129 -15.25 -14.62 3.06
N GLY E 130 -15.87 -13.61 3.69
CA GLY E 130 -15.19 -12.62 4.52
C GLY E 130 -14.51 -11.51 3.72
N GLN E 131 -14.97 -11.27 2.49
CA GLN E 131 -14.35 -10.34 1.56
C GLN E 131 -15.26 -9.12 1.33
N GLY E 132 -14.67 -7.92 1.30
CA GLY E 132 -15.31 -6.73 0.78
C GLY E 132 -14.88 -6.43 -0.65
N ALA E 133 -15.78 -5.86 -1.46
CA ALA E 133 -15.47 -5.43 -2.83
C ALA E 133 -16.05 -4.04 -3.07
N PRO E 134 -15.27 -3.04 -3.54
CA PRO E 134 -15.82 -1.75 -3.94
C PRO E 134 -16.70 -1.88 -5.18
N ALA E 135 -17.78 -1.10 -5.22
CA ALA E 135 -18.70 -1.12 -6.35
C ALA E 135 -19.22 0.30 -6.62
N THR E 136 -19.61 0.57 -7.87
CA THR E 136 -20.37 1.78 -8.18
C THR E 136 -21.80 1.36 -8.48
N LEU E 137 -22.78 2.06 -7.90
CA LEU E 137 -24.18 1.79 -8.16
C LEU E 137 -24.85 3.06 -8.70
N ILE E 138 -25.64 2.94 -9.77
CA ILE E 138 -26.36 4.08 -10.34
C ILE E 138 -27.83 3.99 -9.93
N TYR E 139 -28.38 5.00 -9.26
CA TYR E 139 -29.77 4.97 -8.84
C TYR E 139 -30.71 5.26 -10.02
N GLN E 140 -31.62 4.33 -10.35
CA GLN E 140 -32.47 4.42 -11.54
C GLN E 140 -33.77 5.18 -11.32
N GLY E 141 -34.16 5.45 -10.06
CA GLY E 141 -35.50 5.88 -9.70
C GLY E 141 -36.33 4.71 -9.20
N LEU F 1 14.16 -26.84 31.50
CA LEU F 1 14.75 -27.34 30.22
C LEU F 1 13.83 -27.01 29.05
N SER F 2 12.52 -27.32 29.17
CA SER F 2 11.49 -27.28 28.12
C SER F 2 11.51 -26.03 27.24
N GLY F 3 11.58 -24.83 27.86
CA GLY F 3 11.47 -23.54 27.19
C GLY F 3 12.48 -23.32 26.05
N ALA F 4 13.73 -23.73 26.27
CA ALA F 4 14.81 -23.58 25.29
C ALA F 4 14.58 -24.50 24.08
N ILE F 5 14.22 -25.76 24.33
CA ILE F 5 13.88 -26.75 23.31
C ILE F 5 12.73 -26.26 22.42
N VAL F 6 11.67 -25.70 23.03
CA VAL F 6 10.54 -25.11 22.31
C VAL F 6 10.97 -23.91 21.47
N ALA F 7 11.78 -23.01 22.03
CA ALA F 7 12.26 -21.83 21.31
C ALA F 7 13.07 -22.22 20.07
N LEU F 8 13.89 -23.26 20.16
CA LEU F 8 14.68 -23.78 19.04
C LEU F 8 13.79 -24.24 17.88
N ILE F 9 12.72 -25.00 18.17
CA ILE F 9 11.76 -25.47 17.17
C ILE F 9 11.10 -24.29 16.47
N LEU F 10 10.65 -23.30 17.24
CA LEU F 10 9.94 -22.13 16.71
C LEU F 10 10.87 -21.18 15.93
N VAL F 11 12.16 -21.10 16.28
CA VAL F 11 13.15 -20.35 15.49
C VAL F 11 13.31 -20.95 14.11
N ILE F 12 13.55 -22.26 14.03
CA ILE F 12 13.78 -22.93 12.76
C ILE F 12 12.52 -22.92 11.88
N ALA F 13 11.35 -23.17 12.48
CA ALA F 13 10.08 -23.05 11.77
C ALA F 13 9.84 -21.62 11.25
N GLY F 14 10.23 -20.61 12.03
CA GLY F 14 10.13 -19.21 11.63
C GLY F 14 10.93 -18.92 10.37
N VAL F 15 12.20 -19.35 10.32
CA VAL F 15 13.04 -19.22 9.12
C VAL F 15 12.35 -19.88 7.92
N ILE F 16 11.86 -21.12 8.07
CA ILE F 16 11.26 -21.86 6.98
C ILE F 16 9.99 -21.17 6.45
N ILE F 17 9.06 -20.76 7.32
CA ILE F 17 7.83 -20.09 6.87
C ILE F 17 8.16 -18.72 6.26
N ALA F 18 9.07 -17.94 6.85
CA ALA F 18 9.44 -16.64 6.31
C ALA F 18 10.04 -16.75 4.90
N ILE F 19 10.96 -17.69 4.68
CA ILE F 19 11.53 -17.91 3.36
C ILE F 19 10.44 -18.37 2.38
N ALA F 20 9.55 -19.27 2.78
CA ALA F 20 8.45 -19.74 1.93
C ALA F 20 7.52 -18.61 1.48
N VAL F 21 7.24 -17.64 2.37
CA VAL F 21 6.43 -16.47 2.08
C VAL F 21 7.14 -15.49 1.14
N VAL F 22 8.45 -15.30 1.30
CA VAL F 22 9.25 -14.48 0.39
C VAL F 22 9.28 -15.09 -1.01
N LEU F 23 9.49 -16.40 -1.11
CA LEU F 23 9.47 -17.11 -2.39
C LEU F 23 8.09 -17.04 -3.05
N PHE F 24 7.00 -17.12 -2.27
CA PHE F 24 5.66 -16.94 -2.79
C PHE F 24 5.45 -15.54 -3.38
N ALA F 25 5.94 -14.48 -2.73
CA ALA F 25 5.86 -13.13 -3.26
C ALA F 25 6.58 -13.00 -4.61
N PHE F 26 7.79 -13.56 -4.77
CA PHE F 26 8.42 -13.65 -6.08
C PHE F 26 7.66 -14.55 -7.07
N GLY F 27 7.02 -15.61 -6.59
CA GLY F 27 6.28 -16.58 -7.40
C GLY F 27 4.95 -16.07 -7.95
N LEU F 28 4.34 -15.05 -7.33
CA LEU F 28 3.11 -14.42 -7.81
C LEU F 28 3.30 -13.69 -9.15
N ILE F 29 4.49 -13.13 -9.37
CA ILE F 29 4.71 -12.07 -10.34
C ILE F 29 4.26 -12.45 -11.76
N PRO F 30 4.57 -13.63 -12.31
CA PRO F 30 4.10 -14.05 -13.64
C PRO F 30 2.59 -13.97 -13.86
N GLY F 31 1.78 -14.22 -12.82
CA GLY F 31 0.32 -14.16 -12.92
C GLY F 31 -0.22 -12.75 -13.20
N ILE F 32 0.51 -11.69 -12.79
CA ILE F 32 0.08 -10.31 -12.93
C ILE F 32 0.00 -9.90 -14.41
N SER F 33 0.91 -10.41 -15.25
CA SER F 33 1.01 -10.07 -16.68
C SER F 33 -0.31 -10.30 -17.42
N ASN F 34 -1.00 -11.40 -17.13
CA ASN F 34 -2.14 -11.86 -17.90
C ASN F 34 -3.35 -10.93 -17.82
N GLN F 35 -3.42 -10.10 -16.76
CA GLN F 35 -4.44 -9.07 -16.56
C GLN F 35 -4.53 -8.06 -17.71
N GLY F 36 -3.53 -8.01 -18.60
CA GLY F 36 -3.48 -7.06 -19.71
C GLY F 36 -3.63 -7.66 -21.11
N SER F 37 -3.99 -8.95 -21.22
CA SER F 37 -3.93 -9.70 -22.47
C SER F 37 -4.84 -9.16 -23.58
N ILE F 38 -6.05 -8.70 -23.22
CA ILE F 38 -7.07 -8.32 -24.18
C ILE F 38 -7.03 -6.82 -24.46
N GLN F 39 -7.35 -6.42 -25.70
CA GLN F 39 -7.81 -5.08 -25.96
C GLN F 39 -8.89 -5.07 -27.05
N VAL F 40 -9.80 -4.10 -26.97
CA VAL F 40 -10.97 -4.02 -27.85
C VAL F 40 -10.71 -2.92 -28.88
N LEU F 41 -10.88 -3.24 -30.17
CA LEU F 41 -10.50 -2.37 -31.26
C LEU F 41 -11.74 -1.80 -31.98
N GLY F 42 -11.80 -0.46 -32.10
CA GLY F 42 -12.86 0.23 -32.81
C GLY F 42 -14.23 0.18 -32.12
N SER F 43 -15.23 0.77 -32.78
CA SER F 43 -16.62 0.62 -32.37
C SER F 43 -17.12 -0.78 -32.68
N GLY F 44 -17.85 -1.38 -31.74
CA GLY F 44 -18.67 -2.55 -32.02
C GLY F 44 -20.08 -2.15 -32.48
N THR F 45 -20.92 -3.16 -32.72
CA THR F 45 -22.32 -2.96 -33.06
C THR F 45 -23.21 -3.74 -32.10
N ILE F 46 -24.40 -3.21 -31.80
CA ILE F 46 -25.48 -3.94 -31.14
C ILE F 46 -26.61 -4.08 -32.16
N THR F 47 -27.23 -5.26 -32.26
CA THR F 47 -28.36 -5.48 -33.17
C THR F 47 -29.46 -6.23 -32.41
N ASN F 48 -30.74 -5.80 -32.55
CA ASN F 48 -31.89 -6.52 -31.97
C ASN F 48 -31.98 -7.87 -32.70
N SER F 49 -31.85 -9.01 -31.99
CA SER F 49 -31.76 -10.31 -32.66
C SER F 49 -32.95 -11.24 -32.37
N THR F 50 -33.80 -10.87 -31.39
CA THR F 50 -34.93 -11.70 -30.99
C THR F 50 -35.98 -11.87 -32.09
N ALA F 51 -36.65 -13.04 -32.09
CA ALA F 51 -37.78 -13.30 -32.99
C ALA F 51 -39.02 -12.50 -32.60
N SER F 52 -39.88 -12.21 -33.59
CA SER F 52 -41.12 -11.44 -33.42
C SER F 52 -42.02 -12.01 -32.33
N GLY F 53 -42.47 -11.14 -31.41
CA GLY F 53 -43.38 -11.52 -30.33
C GLY F 53 -42.77 -12.39 -29.21
N SER F 54 -41.46 -12.67 -29.25
CA SER F 54 -40.78 -13.46 -28.22
C SER F 54 -40.77 -12.73 -26.88
N SER F 55 -40.81 -13.50 -25.78
CA SER F 55 -40.87 -12.98 -24.42
C SER F 55 -39.59 -12.24 -24.00
N ARG F 56 -38.42 -12.67 -24.53
CA ARG F 56 -37.11 -12.13 -24.19
C ARG F 56 -36.53 -11.25 -25.30
N THR F 57 -36.15 -10.02 -24.95
CA THR F 57 -35.29 -9.18 -25.78
C THR F 57 -33.86 -9.71 -25.73
N ILE F 58 -33.27 -9.97 -26.91
CA ILE F 58 -31.93 -10.53 -27.05
C ILE F 58 -31.20 -9.74 -28.12
N TYR F 59 -30.03 -9.19 -27.76
CA TYR F 59 -29.29 -8.34 -28.68
C TYR F 59 -28.06 -9.09 -29.16
N ASN F 60 -27.34 -8.51 -30.13
CA ASN F 60 -26.19 -9.19 -30.70
C ASN F 60 -25.00 -8.26 -30.69
N ILE F 61 -23.96 -8.58 -29.89
CA ILE F 61 -22.82 -7.66 -29.73
C ILE F 61 -21.65 -8.14 -30.59
N THR F 62 -21.31 -7.37 -31.64
CA THR F 62 -20.12 -7.69 -32.43
C THR F 62 -19.04 -6.66 -32.17
N ILE F 63 -17.84 -7.10 -31.75
CA ILE F 63 -16.69 -6.24 -31.45
C ILE F 63 -15.43 -6.88 -32.02
N THR F 64 -14.45 -6.09 -32.49
CA THR F 64 -13.12 -6.67 -32.70
C THR F 64 -12.40 -6.75 -31.37
N VAL F 65 -11.89 -7.95 -31.04
CA VAL F 65 -11.07 -8.17 -29.86
C VAL F 65 -9.69 -8.63 -30.33
N LYS F 66 -8.64 -8.19 -29.64
CA LYS F 66 -7.27 -8.63 -29.88
C LYS F 66 -6.77 -9.33 -28.61
N ASN F 67 -6.28 -10.57 -28.74
CA ASN F 67 -5.71 -11.29 -27.63
C ASN F 67 -4.18 -11.34 -27.80
N THR F 68 -3.44 -10.60 -26.97
CA THR F 68 -1.99 -10.60 -26.96
C THR F 68 -1.39 -11.68 -26.05
N GLY F 69 -2.24 -12.38 -25.30
CA GLY F 69 -1.82 -13.41 -24.34
C GLY F 69 -1.52 -14.75 -25.00
N THR F 70 -1.11 -15.71 -24.16
CA THR F 70 -0.62 -17.03 -24.59
C THR F 70 -1.68 -18.13 -24.45
N THR F 71 -2.92 -17.75 -24.07
CA THR F 71 -4.04 -18.67 -23.83
C THR F 71 -5.32 -18.08 -24.41
N SER F 72 -6.30 -18.95 -24.77
CA SER F 72 -7.62 -18.50 -25.19
C SER F 72 -8.35 -17.83 -24.03
N ILE F 73 -9.08 -16.74 -24.33
CA ILE F 73 -9.79 -15.93 -23.35
C ILE F 73 -11.24 -15.76 -23.82
N SER F 74 -12.21 -15.72 -22.91
CA SER F 74 -13.63 -15.63 -23.25
C SER F 74 -14.31 -14.41 -22.62
N VAL F 75 -15.39 -13.92 -23.25
CA VAL F 75 -16.19 -12.84 -22.70
C VAL F 75 -17.05 -13.39 -21.55
N THR F 76 -16.98 -12.77 -20.36
CA THR F 76 -17.69 -13.25 -19.17
C THR F 76 -18.90 -12.38 -18.81
N SER F 77 -18.84 -11.07 -19.07
CA SER F 77 -19.95 -10.16 -18.83
C SER F 77 -19.80 -8.88 -19.67
N ILE F 78 -20.90 -8.15 -19.87
CA ILE F 78 -20.85 -6.82 -20.45
C ILE F 78 -21.76 -5.88 -19.67
N ASN F 79 -21.31 -4.64 -19.49
CA ASN F 79 -22.09 -3.57 -18.89
C ASN F 79 -22.27 -2.49 -19.96
N ILE F 80 -23.52 -2.18 -20.36
CA ILE F 80 -23.77 -1.23 -21.45
C ILE F 80 -24.54 -0.05 -20.89
N ASN F 81 -24.04 1.18 -21.06
CA ASN F 81 -24.75 2.38 -20.63
C ASN F 81 -24.98 2.41 -19.10
N GLY F 82 -24.27 1.57 -18.34
CA GLY F 82 -24.47 1.42 -16.90
C GLY F 82 -25.35 0.22 -16.50
N GLN F 83 -26.03 -0.44 -17.45
CA GLN F 83 -26.85 -1.63 -17.18
C GLN F 83 -25.99 -2.89 -17.24
N PRO F 84 -26.06 -3.81 -16.26
CA PRO F 84 -25.51 -5.15 -16.45
C PRO F 84 -26.37 -5.98 -17.40
N PHE F 85 -25.70 -6.73 -18.27
CA PHE F 85 -26.33 -7.68 -19.19
C PHE F 85 -25.87 -9.11 -18.87
N ASN F 86 -26.79 -10.06 -19.01
CA ASN F 86 -26.48 -11.48 -18.97
C ASN F 86 -26.04 -11.94 -20.37
N ILE F 87 -25.10 -12.89 -20.46
CA ILE F 87 -24.64 -13.40 -21.74
C ILE F 87 -25.36 -14.71 -22.04
N ASN F 88 -25.94 -14.77 -23.23
CA ASN F 88 -26.79 -15.91 -23.50
C ASN F 88 -25.99 -17.01 -24.20
N GLY F 89 -26.39 -18.28 -24.01
CA GLY F 89 -25.70 -19.43 -24.57
C GLY F 89 -24.24 -19.53 -24.10
N THR F 90 -23.38 -20.15 -24.92
CA THR F 90 -21.95 -20.22 -24.62
C THR F 90 -21.28 -18.85 -24.83
N ALA F 91 -20.38 -18.49 -23.89
CA ALA F 91 -19.50 -17.35 -24.09
C ALA F 91 -18.62 -17.56 -25.32
N PRO F 92 -18.34 -16.51 -26.12
CA PRO F 92 -17.38 -16.62 -27.21
C PRO F 92 -15.96 -16.57 -26.61
N SER F 93 -15.01 -17.18 -27.33
CA SER F 93 -13.60 -17.10 -26.97
C SER F 93 -12.77 -16.62 -28.15
N ILE F 94 -11.68 -15.90 -27.84
CA ILE F 94 -10.70 -15.46 -28.81
C ILE F 94 -9.40 -16.22 -28.60
N PRO F 95 -8.84 -16.92 -29.61
CA PRO F 95 -7.62 -17.70 -29.45
C PRO F 95 -6.41 -16.87 -29.05
N ALA F 96 -5.41 -17.53 -28.46
CA ALA F 96 -4.12 -16.92 -28.13
C ALA F 96 -3.51 -16.23 -29.36
N GLY F 97 -3.02 -15.00 -29.19
CA GLY F 97 -2.27 -14.29 -30.23
C GLY F 97 -3.09 -13.72 -31.40
N ARG F 98 -4.40 -14.01 -31.51
CA ARG F 98 -5.21 -13.61 -32.66
C ARG F 98 -6.01 -12.32 -32.44
N THR F 99 -6.38 -11.66 -33.54
CA THR F 99 -7.32 -10.54 -33.56
C THR F 99 -8.54 -10.93 -34.39
N GLN F 100 -9.75 -10.86 -33.81
CA GLN F 100 -10.96 -11.32 -34.48
C GLN F 100 -12.15 -10.44 -34.13
N PRO F 101 -13.06 -10.18 -35.08
CA PRO F 101 -14.45 -9.88 -34.77
C PRO F 101 -15.09 -11.04 -34.02
N ILE F 102 -15.55 -10.74 -32.81
CA ILE F 102 -16.18 -11.66 -31.85
C ILE F 102 -17.66 -11.30 -31.78
N THR F 103 -18.57 -12.29 -31.81
CA THR F 103 -20.00 -12.05 -31.72
C THR F 103 -20.64 -12.88 -30.61
N PHE F 104 -21.55 -12.27 -29.83
CA PHE F 104 -22.26 -12.96 -28.77
C PHE F 104 -23.65 -12.35 -28.54
N GLU F 105 -24.56 -13.19 -28.03
CA GLU F 105 -25.91 -12.75 -27.67
C GLU F 105 -25.96 -12.32 -26.20
N VAL F 106 -26.67 -11.22 -25.92
CA VAL F 106 -26.87 -10.73 -24.57
C VAL F 106 -28.34 -10.40 -24.32
N THR F 107 -28.75 -10.45 -23.05
CA THR F 107 -30.09 -10.07 -22.63
C THR F 107 -29.96 -9.21 -21.37
N PRO F 108 -30.76 -8.14 -21.17
CA PRO F 108 -30.56 -7.23 -20.05
C PRO F 108 -30.95 -7.88 -18.72
N ALA F 109 -30.17 -7.60 -17.67
CA ALA F 109 -30.41 -8.15 -16.33
C ALA F 109 -31.14 -7.17 -15.39
N SER F 110 -30.98 -5.87 -15.63
CA SER F 110 -31.64 -4.80 -14.88
C SER F 110 -32.58 -4.03 -15.82
N GLY F 111 -33.88 -4.00 -15.52
CA GLY F 111 -34.88 -3.33 -16.35
C GLY F 111 -34.84 -3.79 -17.81
N LYS F 112 -35.07 -2.83 -18.74
CA LYS F 112 -34.89 -3.02 -20.18
C LYS F 112 -34.19 -1.81 -20.78
N PRO F 113 -33.26 -1.99 -21.75
CA PRO F 113 -32.65 -0.87 -22.46
C PRO F 113 -33.65 -0.36 -23.49
N ASN F 114 -33.46 0.90 -23.89
CA ASN F 114 -34.25 1.52 -24.93
C ASN F 114 -33.29 2.06 -25.98
N PHE F 115 -32.57 1.15 -26.65
CA PHE F 115 -31.58 1.54 -27.63
C PHE F 115 -32.22 2.28 -28.81
N SER F 116 -31.54 3.32 -29.31
CA SER F 116 -32.01 4.20 -30.37
C SER F 116 -31.17 3.96 -31.63
N PRO F 117 -31.76 3.70 -32.83
CA PRO F 117 -30.97 3.45 -34.04
C PRO F 117 -29.91 4.51 -34.33
N GLY F 118 -28.68 4.04 -34.55
CA GLY F 118 -27.50 4.87 -34.80
C GLY F 118 -26.91 5.53 -33.56
N ALA F 119 -27.53 5.37 -32.39
CA ALA F 119 -26.98 5.92 -31.14
C ALA F 119 -25.77 5.12 -30.66
N SER F 120 -24.88 5.81 -29.94
CA SER F 120 -23.59 5.30 -29.51
C SER F 120 -23.59 5.09 -27.99
N TYR F 121 -23.27 3.88 -27.55
CA TYR F 121 -23.32 3.48 -26.15
C TYR F 121 -21.92 3.08 -25.67
N THR F 122 -21.43 3.66 -24.57
CA THR F 122 -20.21 3.14 -23.97
C THR F 122 -20.53 1.88 -23.20
N ALA F 123 -19.86 0.79 -23.54
CA ALA F 123 -19.90 -0.45 -22.79
C ALA F 123 -18.58 -0.65 -22.03
N THR F 124 -18.58 -1.58 -21.08
CA THR F 124 -17.34 -2.22 -20.64
C THR F 124 -17.52 -3.72 -20.80
N ILE F 125 -16.60 -4.35 -21.52
CA ILE F 125 -16.59 -5.79 -21.73
C ILE F 125 -15.66 -6.39 -20.68
N TYR F 126 -16.06 -7.52 -20.06
CA TYR F 126 -15.23 -8.21 -19.08
C TYR F 126 -14.84 -9.60 -19.57
N PHE F 127 -13.58 -9.96 -19.38
CA PHE F 127 -12.98 -11.14 -19.98
C PHE F 127 -12.47 -12.12 -18.92
N SER F 128 -12.35 -13.40 -19.30
CA SER F 128 -12.04 -14.52 -18.39
C SER F 128 -10.67 -14.43 -17.72
N ASN F 129 -9.77 -13.58 -18.25
CA ASN F 129 -8.49 -13.26 -17.62
C ASN F 129 -8.63 -12.23 -16.48
N GLY F 130 -9.86 -11.86 -16.10
CA GLY F 130 -10.13 -10.93 -15.01
C GLY F 130 -9.96 -9.45 -15.41
N GLN F 131 -10.08 -9.15 -16.70
CA GLN F 131 -9.82 -7.83 -17.25
C GLN F 131 -11.12 -7.19 -17.76
N GLY F 132 -11.30 -5.89 -17.48
CA GLY F 132 -12.30 -5.08 -18.15
C GLY F 132 -11.69 -4.23 -19.27
N ALA F 133 -12.45 -3.99 -20.34
CA ALA F 133 -12.03 -3.12 -21.44
C ALA F 133 -13.16 -2.18 -21.82
N PRO F 134 -12.95 -0.84 -21.88
CA PRO F 134 -13.97 0.09 -22.38
C PRO F 134 -14.22 -0.13 -23.88
N ALA F 135 -15.46 0.02 -24.30
CA ALA F 135 -15.83 -0.15 -25.70
C ALA F 135 -16.91 0.86 -26.08
N THR F 136 -16.99 1.22 -27.36
CA THR F 136 -18.14 1.95 -27.88
C THR F 136 -18.93 0.99 -28.75
N LEU F 137 -20.26 0.95 -28.58
CA LEU F 137 -21.13 0.12 -29.40
C LEU F 137 -22.18 0.99 -30.08
N ILE F 138 -22.41 0.79 -31.38
CA ILE F 138 -23.41 1.55 -32.11
C ILE F 138 -24.63 0.65 -32.34
N TYR F 139 -25.81 1.06 -31.89
CA TYR F 139 -27.01 0.25 -32.06
C TYR F 139 -27.54 0.35 -33.50
N GLN F 140 -27.64 -0.78 -34.22
CA GLN F 140 -27.98 -0.80 -35.64
C GLN F 140 -29.50 -0.85 -35.91
N GLY F 141 -30.32 -1.15 -34.90
CA GLY F 141 -31.72 -1.52 -35.08
C GLY F 141 -31.88 -3.04 -35.03
N LEU G 1 12.30 -15.78 20.55
CA LEU G 1 13.43 -15.58 19.59
C LEU G 1 12.88 -15.44 18.16
N SER G 2 11.99 -16.36 17.73
CA SER G 2 11.50 -16.55 16.37
C SER G 2 11.08 -15.25 15.63
N GLY G 3 10.31 -14.38 16.30
CA GLY G 3 9.72 -13.18 15.72
C GLY G 3 10.73 -12.21 15.10
N ALA G 4 11.87 -12.01 15.77
CA ALA G 4 12.93 -11.11 15.31
C ALA G 4 13.61 -11.66 14.05
N ILE G 5 13.94 -12.96 14.07
CA ILE G 5 14.54 -13.68 12.94
C ILE G 5 13.64 -13.59 11.70
N VAL G 6 12.32 -13.81 11.86
CA VAL G 6 11.33 -13.67 10.80
C VAL G 6 11.27 -12.23 10.26
N ALA G 7 11.24 -11.23 11.14
CA ALA G 7 11.19 -9.83 10.75
C ALA G 7 12.41 -9.43 9.92
N LEU G 8 13.60 -9.93 10.27
CA LEU G 8 14.83 -9.69 9.52
C LEU G 8 14.75 -10.20 8.09
N ILE G 9 14.25 -11.44 7.88
CA ILE G 9 14.06 -12.03 6.56
C ILE G 9 13.11 -11.17 5.71
N LEU G 10 11.98 -10.76 6.30
CA LEU G 10 10.95 -9.99 5.60
C LEU G 10 11.39 -8.54 5.31
N VAL G 11 12.25 -7.94 6.14
CA VAL G 11 12.85 -6.64 5.87
C VAL G 11 13.73 -6.69 4.62
N ILE G 12 14.65 -7.65 4.57
CA ILE G 12 15.60 -7.77 3.47
C ILE G 12 14.87 -8.14 2.17
N ALA G 13 13.91 -9.07 2.23
CA ALA G 13 13.07 -9.39 1.09
C ALA G 13 12.27 -8.17 0.60
N GLY G 14 11.77 -7.34 1.52
CA GLY G 14 11.06 -6.12 1.20
C GLY G 14 11.91 -5.15 0.38
N VAL G 15 13.15 -4.89 0.81
CA VAL G 15 14.09 -4.07 0.05
C VAL G 15 14.29 -4.63 -1.36
N ILE G 16 14.53 -5.94 -1.48
CA ILE G 16 14.81 -6.58 -2.76
C ILE G 16 13.61 -6.47 -3.72
N ILE G 17 12.38 -6.80 -3.27
CA ILE G 17 11.20 -6.71 -4.13
C ILE G 17 10.88 -5.25 -4.48
N ALA G 18 10.99 -4.32 -3.53
CA ALA G 18 10.73 -2.91 -3.80
C ALA G 18 11.69 -2.33 -4.86
N ILE G 19 12.99 -2.62 -4.75
CA ILE G 19 13.96 -2.20 -5.75
C ILE G 19 13.67 -2.83 -7.10
N ALA G 20 13.33 -4.13 -7.15
CA ALA G 20 13.00 -4.83 -8.39
C ALA G 20 11.79 -4.21 -9.10
N VAL G 21 10.77 -3.77 -8.34
CA VAL G 21 9.59 -3.11 -8.86
C VAL G 21 9.90 -1.70 -9.38
N VAL G 22 10.77 -0.95 -8.70
CA VAL G 22 11.21 0.35 -9.18
C VAL G 22 11.99 0.23 -10.48
N LEU G 23 12.91 -0.72 -10.56
CA LEU G 23 13.67 -1.00 -11.78
C LEU G 23 12.76 -1.43 -12.93
N PHE G 24 11.72 -2.23 -12.67
CA PHE G 24 10.73 -2.59 -13.66
C PHE G 24 9.98 -1.37 -14.20
N ALA G 25 9.58 -0.42 -13.34
CA ALA G 25 8.95 0.82 -13.78
C ALA G 25 9.85 1.63 -14.72
N PHE G 26 11.15 1.77 -14.43
CA PHE G 26 12.10 2.35 -15.37
C PHE G 26 12.29 1.50 -16.64
N GLY G 27 12.23 0.17 -16.51
CA GLY G 27 12.43 -0.77 -17.60
C GLY G 27 11.27 -0.86 -18.60
N LEU G 28 10.05 -0.45 -18.22
CA LEU G 28 8.89 -0.39 -19.12
C LEU G 28 9.05 0.65 -20.22
N ILE G 29 9.75 1.75 -19.92
CA ILE G 29 9.63 3.00 -20.66
C ILE G 29 9.92 2.85 -22.17
N PRO G 30 10.98 2.15 -22.61
CA PRO G 30 11.23 1.93 -24.04
C PRO G 30 10.10 1.31 -24.84
N GLY G 31 9.28 0.44 -24.23
CA GLY G 31 8.14 -0.18 -24.90
C GLY G 31 7.03 0.81 -25.29
N ILE G 32 6.90 1.93 -24.56
CA ILE G 32 5.84 2.92 -24.78
C ILE G 32 6.00 3.61 -26.13
N SER G 33 7.25 3.84 -26.57
CA SER G 33 7.59 4.55 -27.82
C SER G 33 6.91 3.93 -29.05
N ASN G 34 6.89 2.59 -29.12
CA ASN G 34 6.48 1.86 -30.31
C ASN G 34 5.01 2.03 -30.65
N GLN G 35 4.17 2.42 -29.67
CA GLN G 35 2.75 2.72 -29.83
C GLN G 35 2.49 3.84 -30.86
N GLY G 36 3.51 4.59 -31.28
CA GLY G 36 3.36 5.70 -32.21
C GLY G 36 4.01 5.48 -33.59
N SER G 37 4.46 4.27 -33.91
CA SER G 37 5.31 4.01 -35.08
C SER G 37 4.63 4.30 -36.42
N ILE G 38 3.33 4.01 -36.54
CA ILE G 38 2.61 4.09 -37.82
C ILE G 38 1.91 5.44 -37.96
N GLN G 39 1.82 5.93 -39.20
CA GLN G 39 0.80 6.91 -39.55
C GLN G 39 0.31 6.69 -40.98
N VAL G 40 -0.97 7.02 -41.21
CA VAL G 40 -1.66 6.77 -42.47
C VAL G 40 -1.75 8.08 -43.25
N LEU G 41 -1.30 8.06 -44.51
CA LEU G 41 -1.15 9.27 -45.32
C LEU G 41 -2.20 9.33 -46.43
N GLY G 42 -2.95 10.44 -46.49
CA GLY G 42 -3.94 10.70 -47.53
C GLY G 42 -5.18 9.82 -47.44
N SER G 43 -6.08 10.00 -48.41
CA SER G 43 -7.21 9.10 -48.59
C SER G 43 -6.75 7.77 -49.16
N GLY G 44 -7.27 6.67 -48.62
CA GLY G 44 -7.19 5.37 -49.29
C GLY G 44 -8.37 5.14 -50.23
N THR G 45 -8.39 3.96 -50.85
CA THR G 45 -9.49 3.54 -51.71
C THR G 45 -10.05 2.20 -51.23
N ILE G 46 -11.37 2.00 -51.39
CA ILE G 46 -12.01 0.69 -51.26
C ILE G 46 -12.50 0.30 -52.65
N THR G 47 -12.31 -0.95 -53.07
CA THR G 47 -12.80 -1.45 -54.36
C THR G 47 -13.48 -2.81 -54.15
N ASN G 48 -14.66 -3.03 -54.75
CA ASN G 48 -15.33 -4.34 -54.74
C ASN G 48 -14.45 -5.32 -55.52
N SER G 49 -13.94 -6.39 -54.88
CA SER G 49 -12.97 -7.26 -55.53
C SER G 49 -13.47 -8.69 -55.79
N THR G 50 -14.63 -9.05 -55.21
CA THR G 50 -15.18 -10.40 -55.34
C THR G 50 -15.57 -10.75 -56.78
N ALA G 51 -15.46 -12.04 -57.12
CA ALA G 51 -15.91 -12.58 -58.40
C ALA G 51 -17.45 -12.62 -58.50
N SER G 52 -17.97 -12.52 -59.73
CA SER G 52 -19.40 -12.51 -60.02
C SER G 52 -20.13 -13.71 -59.42
N GLY G 53 -21.25 -13.46 -58.70
CA GLY G 53 -22.08 -14.50 -58.10
C GLY G 53 -21.47 -15.22 -56.88
N SER G 54 -20.28 -14.81 -56.42
CA SER G 54 -19.63 -15.41 -55.26
C SER G 54 -20.43 -15.15 -53.97
N SER G 55 -20.39 -16.09 -53.03
CA SER G 55 -21.12 -16.05 -51.77
C SER G 55 -20.65 -14.93 -50.83
N ARG G 56 -19.36 -14.58 -50.88
CA ARG G 56 -18.73 -13.59 -50.02
C ARG G 56 -18.41 -12.29 -50.76
N THR G 57 -18.90 -11.16 -50.20
CA THR G 57 -18.43 -9.83 -50.57
C THR G 57 -17.04 -9.59 -49.99
N ILE G 58 -16.08 -9.22 -50.84
CA ILE G 58 -14.69 -9.00 -50.47
C ILE G 58 -14.23 -7.70 -51.11
N TYR G 59 -13.72 -6.78 -50.29
CA TYR G 59 -13.32 -5.47 -50.79
C TYR G 59 -11.81 -5.37 -50.78
N ASN G 60 -11.27 -4.29 -51.35
CA ASN G 60 -9.83 -4.16 -51.45
C ASN G 60 -9.41 -2.79 -50.91
N ILE G 61 -8.68 -2.77 -49.79
CA ILE G 61 -8.33 -1.51 -49.14
C ILE G 61 -6.89 -1.10 -49.48
N THR G 62 -6.72 -0.03 -50.26
CA THR G 62 -5.39 0.48 -50.53
C THR G 62 -5.18 1.81 -49.80
N ILE G 63 -4.14 1.90 -48.96
CA ILE G 63 -3.80 3.09 -48.18
C ILE G 63 -2.29 3.32 -48.23
N THR G 64 -1.82 4.57 -48.22
CA THR G 64 -0.40 4.79 -47.93
C THR G 64 -0.20 4.72 -46.42
N VAL G 65 0.75 3.88 -45.99
CA VAL G 65 1.15 3.77 -44.59
C VAL G 65 2.62 4.17 -44.50
N LYS G 66 2.99 4.87 -43.43
CA LYS G 66 4.37 5.23 -43.12
C LYS G 66 4.76 4.55 -41.81
N ASN G 67 5.85 3.80 -41.81
CA ASN G 67 6.37 3.17 -40.60
C ASN G 67 7.62 3.91 -40.15
N THR G 68 7.54 4.66 -39.05
CA THR G 68 8.68 5.37 -38.46
C THR G 68 9.45 4.51 -37.45
N GLY G 69 8.94 3.32 -37.14
CA GLY G 69 9.55 2.41 -36.16
C GLY G 69 10.71 1.61 -36.72
N THR G 70 11.30 0.79 -35.84
CA THR G 70 12.53 0.03 -36.11
C THR G 70 12.26 -1.44 -36.47
N THR G 71 10.98 -1.82 -36.60
CA THR G 71 10.53 -3.19 -36.88
C THR G 71 9.39 -3.17 -37.89
N SER G 72 9.22 -4.25 -38.66
CA SER G 72 8.06 -4.43 -39.54
C SER G 72 6.77 -4.51 -38.74
N ILE G 73 5.70 -3.87 -39.23
CA ILE G 73 4.40 -3.80 -38.57
C ILE G 73 3.33 -4.24 -39.57
N SER G 74 2.27 -4.91 -39.12
CA SER G 74 1.22 -5.43 -40.00
C SER G 74 -0.18 -4.91 -39.62
N VAL G 75 -1.08 -4.85 -40.60
CA VAL G 75 -2.47 -4.47 -40.35
C VAL G 75 -3.20 -5.64 -39.66
N THR G 76 -3.84 -5.41 -38.51
CA THR G 76 -4.50 -6.46 -37.75
C THR G 76 -6.02 -6.43 -37.84
N SER G 77 -6.62 -5.23 -37.98
CA SER G 77 -8.05 -5.07 -38.16
C SER G 77 -8.37 -3.72 -38.79
N ILE G 78 -9.57 -3.57 -39.36
CA ILE G 78 -10.08 -2.29 -39.80
C ILE G 78 -11.55 -2.14 -39.39
N ASN G 79 -11.93 -0.94 -38.98
CA ASN G 79 -13.30 -0.58 -38.69
C ASN G 79 -13.72 0.51 -39.67
N ILE G 80 -14.73 0.28 -40.52
CA ILE G 80 -15.11 1.24 -41.55
C ILE G 80 -16.53 1.70 -41.27
N ASN G 81 -16.76 3.02 -41.17
CA ASN G 81 -18.11 3.57 -40.99
C ASN G 81 -18.77 3.08 -39.68
N GLY G 82 -17.99 2.52 -38.75
CA GLY G 82 -18.51 1.91 -37.53
C GLY G 82 -18.65 0.38 -37.57
N GLN G 83 -18.54 -0.24 -38.76
CA GLN G 83 -18.60 -1.70 -38.91
C GLN G 83 -17.21 -2.32 -38.69
N PRO G 84 -17.07 -3.39 -37.87
CA PRO G 84 -15.86 -4.20 -37.90
C PRO G 84 -15.79 -5.05 -39.17
N PHE G 85 -14.58 -5.13 -39.75
CA PHE G 85 -14.28 -5.99 -40.88
C PHE G 85 -13.24 -7.03 -40.49
N ASN G 86 -13.38 -8.24 -41.04
CA ASN G 86 -12.38 -9.28 -40.96
C ASN G 86 -11.37 -9.08 -42.09
N ILE G 87 -10.08 -9.41 -41.85
CA ILE G 87 -9.05 -9.28 -42.88
C ILE G 87 -8.81 -10.64 -43.51
N ASN G 88 -8.87 -10.66 -44.83
CA ASN G 88 -8.81 -11.95 -45.48
C ASN G 88 -7.37 -12.30 -45.88
N GLY G 89 -7.06 -13.61 -45.94
CA GLY G 89 -5.72 -14.08 -46.22
C GLY G 89 -4.67 -13.59 -45.23
N THR G 90 -3.41 -13.47 -45.67
CA THR G 90 -2.35 -12.92 -44.84
C THR G 90 -2.51 -11.41 -44.67
N ALA G 91 -2.29 -10.91 -43.45
CA ALA G 91 -2.16 -9.48 -43.20
C ALA G 91 -0.99 -8.91 -44.00
N PRO G 92 -1.11 -7.68 -44.56
CA PRO G 92 0.05 -7.02 -45.17
C PRO G 92 0.94 -6.45 -44.06
N SER G 93 2.22 -6.32 -44.37
CA SER G 93 3.17 -5.67 -43.47
C SER G 93 3.92 -4.55 -44.20
N ILE G 94 4.28 -3.51 -43.44
CA ILE G 94 5.10 -2.42 -43.92
C ILE G 94 6.48 -2.47 -43.23
N PRO G 95 7.59 -2.53 -43.99
CA PRO G 95 8.92 -2.63 -43.39
C PRO G 95 9.29 -1.45 -42.50
N ALA G 96 10.25 -1.68 -41.61
CA ALA G 96 10.82 -0.64 -40.76
C ALA G 96 11.30 0.57 -41.59
N GLY G 97 10.96 1.79 -41.17
CA GLY G 97 11.47 3.01 -41.77
C GLY G 97 10.88 3.39 -43.15
N ARG G 98 10.05 2.55 -43.78
CA ARG G 98 9.55 2.79 -45.14
C ARG G 98 8.16 3.43 -45.17
N THR G 99 7.84 4.10 -46.30
CA THR G 99 6.50 4.58 -46.62
C THR G 99 6.02 3.88 -47.88
N GLN G 100 4.85 3.21 -47.83
CA GLN G 100 4.37 2.41 -48.95
C GLN G 100 2.85 2.48 -49.06
N PRO G 101 2.29 2.51 -50.29
CA PRO G 101 0.94 2.01 -50.54
C PRO G 101 0.85 0.53 -50.17
N ILE G 102 -0.04 0.24 -49.22
CA ILE G 102 -0.32 -1.08 -48.67
C ILE G 102 -1.70 -1.50 -49.17
N THR G 103 -1.85 -2.77 -49.60
CA THR G 103 -3.13 -3.28 -50.09
C THR G 103 -3.51 -4.58 -49.37
N PHE G 104 -4.79 -4.71 -48.99
CA PHE G 104 -5.30 -5.91 -48.34
C PHE G 104 -6.77 -6.14 -48.64
N GLU G 105 -7.20 -7.41 -48.59
CA GLU G 105 -8.58 -7.79 -48.77
C GLU G 105 -9.31 -7.84 -47.41
N VAL G 106 -10.55 -7.33 -47.38
CA VAL G 106 -11.39 -7.39 -46.19
C VAL G 106 -12.78 -7.88 -46.55
N THR G 107 -13.47 -8.44 -45.54
CA THR G 107 -14.85 -8.89 -45.67
C THR G 107 -15.60 -8.45 -44.41
N PRO G 108 -16.87 -7.99 -44.50
CA PRO G 108 -17.57 -7.44 -43.33
C PRO G 108 -17.92 -8.51 -42.30
N ALA G 109 -17.78 -8.17 -41.01
CA ALA G 109 -18.07 -9.09 -39.92
C ALA G 109 -19.46 -8.88 -39.29
N SER G 110 -19.99 -7.65 -39.38
CA SER G 110 -21.31 -7.27 -38.89
C SER G 110 -22.17 -6.83 -40.08
N GLY G 111 -23.30 -7.53 -40.32
CA GLY G 111 -24.18 -7.23 -41.44
C GLY G 111 -23.45 -7.20 -42.79
N LYS G 112 -23.88 -6.27 -43.68
CA LYS G 112 -23.19 -5.96 -44.93
C LYS G 112 -23.12 -4.45 -45.13
N PRO G 113 -22.00 -3.90 -45.66
CA PRO G 113 -21.93 -2.48 -46.00
C PRO G 113 -22.67 -2.27 -47.32
N ASN G 114 -23.09 -1.02 -47.54
CA ASN G 114 -23.74 -0.61 -48.77
C ASN G 114 -22.95 0.59 -49.32
N PHE G 115 -21.69 0.34 -49.69
CA PHE G 115 -20.83 1.41 -50.17
C PHE G 115 -21.37 2.02 -51.46
N SER G 116 -21.26 3.35 -51.59
CA SER G 116 -21.77 4.14 -52.70
C SER G 116 -20.61 4.68 -53.53
N PRO G 117 -20.56 4.49 -54.87
CA PRO G 117 -19.45 4.98 -55.69
C PRO G 117 -19.10 6.45 -55.46
N GLY G 118 -17.82 6.71 -55.21
CA GLY G 118 -17.28 8.03 -54.92
C GLY G 118 -17.56 8.55 -53.50
N ALA G 119 -18.32 7.82 -52.68
CA ALA G 119 -18.56 8.21 -51.30
C ALA G 119 -17.33 8.00 -50.42
N SER G 120 -17.24 8.81 -49.37
CA SER G 120 -16.08 8.90 -48.49
C SER G 120 -16.44 8.33 -47.11
N TYR G 121 -15.65 7.35 -46.65
CA TYR G 121 -15.90 6.63 -45.40
C TYR G 121 -14.74 6.84 -44.44
N THR G 122 -15.01 7.28 -43.20
CA THR G 122 -13.96 7.27 -42.20
C THR G 122 -13.76 5.85 -41.68
N ALA G 123 -12.53 5.36 -41.79
CA ALA G 123 -12.11 4.11 -41.20
C ALA G 123 -11.21 4.37 -39.99
N THR G 124 -10.99 3.35 -39.17
CA THR G 124 -9.81 3.29 -38.31
C THR G 124 -9.08 2.00 -38.61
N ILE G 125 -7.79 2.10 -38.94
CA ILE G 125 -6.94 0.96 -39.21
C ILE G 125 -6.21 0.63 -37.92
N TYR G 126 -6.08 -0.66 -37.57
CA TYR G 126 -5.36 -1.09 -36.39
C TYR G 126 -4.15 -1.93 -36.76
N PHE G 127 -3.02 -1.68 -36.10
CA PHE G 127 -1.73 -2.22 -36.49
C PHE G 127 -1.12 -3.08 -35.36
N SER G 128 -0.21 -3.99 -35.74
CA SER G 128 0.35 -5.01 -34.85
C SER G 128 1.18 -4.45 -33.69
N ASN G 129 1.58 -3.18 -33.75
CA ASN G 129 2.20 -2.46 -32.65
C ASN G 129 1.19 -1.96 -31.61
N GLY G 130 -0.09 -2.35 -31.73
CA GLY G 130 -1.13 -1.97 -30.79
C GLY G 130 -1.70 -0.56 -31.00
N GLN G 131 -1.55 -0.02 -32.21
CA GLN G 131 -1.90 1.35 -32.54
C GLN G 131 -3.12 1.39 -33.49
N GLY G 132 -4.06 2.31 -33.23
CA GLY G 132 -5.08 2.69 -34.19
C GLY G 132 -4.71 3.99 -34.92
N ALA G 133 -5.11 4.11 -36.18
CA ALA G 133 -4.93 5.32 -36.97
C ALA G 133 -6.21 5.66 -37.72
N PRO G 134 -6.76 6.90 -37.62
CA PRO G 134 -7.91 7.31 -38.43
C PRO G 134 -7.52 7.41 -39.90
N ALA G 135 -8.44 7.04 -40.79
CA ALA G 135 -8.21 7.09 -42.23
C ALA G 135 -9.50 7.50 -42.95
N THR G 136 -9.37 8.11 -44.12
CA THR G 136 -10.50 8.30 -45.02
C THR G 136 -10.33 7.34 -46.19
N LEU G 137 -11.39 6.62 -46.57
CA LEU G 137 -11.37 5.73 -47.70
C LEU G 137 -12.46 6.12 -48.69
N ILE G 138 -12.13 6.19 -49.99
CA ILE G 138 -13.10 6.53 -51.02
C ILE G 138 -13.48 5.25 -51.76
N TYR G 139 -14.77 4.90 -51.80
CA TYR G 139 -15.21 3.70 -52.49
C TYR G 139 -15.23 3.91 -54.00
N GLN G 140 -14.48 3.10 -54.76
CA GLN G 140 -14.30 3.29 -56.20
C GLN G 140 -15.37 2.59 -57.05
N GLY G 141 -16.16 1.68 -56.48
CA GLY G 141 -16.98 0.74 -57.22
C GLY G 141 -16.31 -0.61 -57.33
N LEU H 1 8.15 -4.55 10.42
CA LEU H 1 9.21 -3.58 10.00
C LEU H 1 9.15 -3.36 8.49
N SER H 2 9.09 -4.45 7.69
CA SER H 2 9.21 -4.49 6.23
C SER H 2 8.42 -3.40 5.47
N GLY H 3 7.14 -3.22 5.83
CA GLY H 3 6.19 -2.34 5.13
C GLY H 3 6.65 -0.89 5.01
N ALA H 4 7.23 -0.35 6.09
CA ALA H 4 7.71 1.04 6.14
C ALA H 4 8.93 1.22 5.24
N ILE H 5 9.89 0.29 5.31
CA ILE H 5 11.09 0.27 4.47
C ILE H 5 10.71 0.23 2.98
N VAL H 6 9.74 -0.62 2.60
CA VAL H 6 9.22 -0.70 1.23
C VAL H 6 8.56 0.62 0.80
N ALA H 7 7.72 1.21 1.66
CA ALA H 7 7.04 2.47 1.36
C ALA H 7 8.04 3.60 1.10
N LEU H 8 9.14 3.66 1.87
CA LEU H 8 10.20 4.65 1.69
C LEU H 8 10.85 4.55 0.30
N ILE H 9 11.18 3.34 -0.15
CA ILE H 9 11.76 3.09 -1.48
C ILE H 9 10.81 3.57 -2.58
N LEU H 10 9.52 3.22 -2.47
CA LEU H 10 8.52 3.56 -3.46
C LEU H 10 8.17 5.06 -3.47
N VAL H 11 8.26 5.75 -2.33
CA VAL H 11 8.10 7.21 -2.26
C VAL H 11 9.20 7.91 -3.06
N ILE H 12 10.46 7.56 -2.81
CA ILE H 12 11.60 8.20 -3.45
C ILE H 12 11.63 7.89 -4.95
N ALA H 13 11.36 6.63 -5.33
CA ALA H 13 11.23 6.25 -6.73
C ALA H 13 10.09 7.01 -7.42
N GLY H 14 8.97 7.23 -6.72
CA GLY H 14 7.84 8.00 -7.23
C GLY H 14 8.23 9.44 -7.59
N VAL H 15 8.93 10.13 -6.69
CA VAL H 15 9.46 11.46 -6.95
C VAL H 15 10.35 11.46 -8.20
N ILE H 16 11.29 10.51 -8.30
CA ILE H 16 12.24 10.45 -9.40
C ILE H 16 11.53 10.21 -10.74
N ILE H 17 10.61 9.23 -10.84
CA ILE H 17 9.90 8.96 -12.09
C ILE H 17 8.97 10.13 -12.45
N ALA H 18 8.26 10.72 -11.48
CA ALA H 18 7.37 11.85 -11.75
C ALA H 18 8.14 13.05 -12.31
N ILE H 19 9.27 13.41 -11.70
CA ILE H 19 10.11 14.49 -12.21
C ILE H 19 10.64 14.17 -13.61
N ALA H 20 11.10 12.94 -13.86
CA ALA H 20 11.59 12.52 -15.16
C ALA H 20 10.52 12.64 -16.26
N VAL H 21 9.26 12.32 -15.94
CA VAL H 21 8.13 12.44 -16.86
C VAL H 21 7.76 13.91 -17.12
N VAL H 22 7.83 14.77 -16.12
CA VAL H 22 7.62 16.20 -16.29
C VAL H 22 8.70 16.82 -17.19
N LEU H 23 9.96 16.47 -16.95
CA LEU H 23 11.07 16.92 -17.79
C LEU H 23 10.94 16.43 -19.23
N PHE H 24 10.48 15.19 -19.43
CA PHE H 24 10.20 14.67 -20.76
C PHE H 24 9.13 15.49 -21.49
N ALA H 25 8.04 15.87 -20.80
CA ALA H 25 7.00 16.71 -21.39
C ALA H 25 7.56 18.07 -21.84
N PHE H 26 8.40 18.74 -21.05
CA PHE H 26 9.12 19.92 -21.51
C PHE H 26 10.12 19.63 -22.63
N GLY H 27 10.75 18.45 -22.62
CA GLY H 27 11.76 18.04 -23.60
C GLY H 27 11.20 17.67 -24.98
N LEU H 28 9.90 17.33 -25.10
CA LEU H 28 9.24 17.06 -26.37
C LEU H 28 9.13 18.30 -27.25
N ILE H 29 8.99 19.48 -26.64
CA ILE H 29 8.45 20.67 -27.29
C ILE H 29 9.21 21.06 -28.57
N PRO H 30 10.57 21.10 -28.59
CA PRO H 30 11.32 21.41 -29.81
C PRO H 30 11.01 20.55 -31.03
N GLY H 31 10.65 19.28 -30.84
CA GLY H 31 10.29 18.38 -31.94
C GLY H 31 9.01 18.78 -32.69
N ILE H 32 8.08 19.47 -32.01
CA ILE H 32 6.79 19.86 -32.57
C ILE H 32 6.96 20.87 -33.71
N SER H 33 7.93 21.78 -33.60
CA SER H 33 8.19 22.85 -34.57
C SER H 33 8.37 22.32 -36.00
N ASN H 34 9.09 21.20 -36.15
CA ASN H 34 9.55 20.71 -37.44
C ASN H 34 8.40 20.24 -38.33
N GLN H 35 7.25 19.90 -37.74
CA GLN H 35 6.01 19.52 -38.43
C GLN H 35 5.51 20.60 -39.42
N GLY H 36 6.03 21.83 -39.35
CA GLY H 36 5.61 22.94 -40.20
C GLY H 36 6.64 23.42 -41.22
N SER H 37 7.75 22.70 -41.41
CA SER H 37 8.91 23.19 -42.15
C SER H 37 8.63 23.47 -43.63
N ILE H 38 7.82 22.63 -44.28
CA ILE H 38 7.60 22.68 -45.72
C ILE H 38 6.36 23.51 -46.05
N GLN H 39 6.40 24.22 -47.19
CA GLN H 39 5.18 24.64 -47.87
C GLN H 39 5.34 24.58 -49.39
N VAL H 40 4.23 24.32 -50.09
CA VAL H 40 4.22 24.10 -51.53
C VAL H 40 3.68 25.36 -52.20
N LEU H 41 4.42 25.89 -53.19
CA LEU H 41 4.12 27.18 -53.79
C LEU H 41 3.61 27.03 -55.23
N GLY H 42 2.44 27.61 -55.51
CA GLY H 42 1.85 27.62 -56.84
C GLY H 42 1.32 26.27 -57.30
N SER H 43 0.81 26.24 -58.54
CA SER H 43 0.47 24.99 -59.20
C SER H 43 1.73 24.25 -59.62
N GLY H 44 1.76 22.94 -59.41
CA GLY H 44 2.71 22.05 -60.05
C GLY H 44 2.21 21.55 -61.40
N THR H 45 3.02 20.70 -62.04
CA THR H 45 2.65 20.05 -63.29
C THR H 45 2.79 18.54 -63.14
N ILE H 46 1.92 17.78 -63.83
CA ILE H 46 2.08 16.35 -64.05
C ILE H 46 2.34 16.14 -65.54
N THR H 47 3.30 15.29 -65.91
CA THR H 47 3.57 14.97 -67.31
C THR H 47 3.71 13.46 -67.47
N ASN H 48 3.09 12.86 -68.51
CA ASN H 48 3.26 11.44 -68.84
C ASN H 48 4.72 11.25 -69.26
N SER H 49 5.51 10.43 -68.54
CA SER H 49 6.95 10.33 -68.80
C SER H 49 7.40 8.96 -69.32
N THR H 50 6.51 7.95 -69.27
CA THR H 50 6.85 6.59 -69.68
C THR H 50 7.18 6.49 -71.18
N ALA H 51 8.08 5.54 -71.53
CA ALA H 51 8.40 5.21 -72.91
C ALA H 51 7.25 4.47 -73.60
N SER H 52 7.16 4.62 -74.94
CA SER H 52 6.12 4.02 -75.77
C SER H 52 6.02 2.50 -75.58
N GLY H 53 4.79 2.00 -75.35
CA GLY H 53 4.51 0.57 -75.19
C GLY H 53 5.01 -0.05 -73.87
N SER H 54 5.59 0.73 -72.95
CA SER H 54 6.06 0.24 -71.66
C SER H 54 4.90 -0.26 -70.79
N SER H 55 5.17 -1.28 -69.96
CA SER H 55 4.18 -1.92 -69.10
C SER H 55 3.65 -0.99 -67.99
N ARG H 56 4.50 -0.07 -67.51
CA ARG H 56 4.18 0.83 -66.39
C ARG H 56 3.95 2.27 -66.88
N THR H 57 2.80 2.84 -66.49
CA THR H 57 2.55 4.27 -66.57
C THR H 57 3.33 4.99 -65.47
N ILE H 58 4.14 5.99 -65.85
CA ILE H 58 5.01 6.73 -64.95
C ILE H 58 4.85 8.20 -65.28
N TYR H 59 4.49 9.00 -64.27
CA TYR H 59 4.25 10.42 -64.49
C TYR H 59 5.39 11.23 -63.88
N ASN H 60 5.38 12.54 -64.12
CA ASN H 60 6.48 13.37 -63.64
C ASN H 60 5.90 14.57 -62.89
N ILE H 61 6.12 14.65 -61.57
CA ILE H 61 5.51 15.71 -60.77
C ILE H 61 6.51 16.82 -60.48
N THR H 62 6.31 18.00 -61.07
CA THR H 62 7.16 19.15 -60.76
C THR H 62 6.38 20.16 -59.93
N ILE H 63 6.89 20.52 -58.74
CA ILE H 63 6.27 21.48 -57.82
C ILE H 63 7.35 22.41 -57.25
N THR H 64 7.04 23.69 -56.99
CA THR H 64 7.94 24.46 -56.14
C THR H 64 7.67 24.11 -54.68
N VAL H 65 8.75 23.75 -53.96
CA VAL H 65 8.68 23.49 -52.54
C VAL H 65 9.60 24.51 -51.85
N LYS H 66 9.18 24.99 -50.67
CA LYS H 66 9.97 25.87 -49.82
C LYS H 66 10.24 25.14 -48.50
N ASN H 67 11.51 25.03 -48.11
CA ASN H 67 11.88 24.44 -46.85
C ASN H 67 12.33 25.55 -45.89
N THR H 68 11.52 25.84 -44.87
CA THR H 68 11.85 26.83 -43.83
C THR H 68 12.61 26.22 -42.66
N GLY H 69 12.77 24.90 -42.64
CA GLY H 69 13.42 24.17 -41.56
C GLY H 69 14.95 24.19 -41.65
N THR H 70 15.58 23.56 -40.66
CA THR H 70 17.04 23.59 -40.47
C THR H 70 17.74 22.33 -40.99
N THR H 71 16.98 21.42 -41.63
CA THR H 71 17.45 20.14 -42.15
C THR H 71 16.86 19.87 -43.53
N SER H 72 17.54 19.06 -44.36
CA SER H 72 17.01 18.61 -45.64
C SER H 72 15.79 17.71 -45.42
N ILE H 73 14.76 17.86 -46.26
CA ILE H 73 13.50 17.12 -46.17
C ILE H 73 13.20 16.51 -47.54
N SER H 74 12.60 15.32 -47.58
CA SER H 74 12.33 14.60 -48.83
C SER H 74 10.83 14.28 -49.01
N VAL H 75 10.38 14.15 -50.26
CA VAL H 75 9.02 13.73 -50.56
C VAL H 75 8.89 12.22 -50.29
N THR H 76 7.90 11.81 -49.48
CA THR H 76 7.72 10.41 -49.09
C THR H 76 6.54 9.74 -49.78
N SER H 77 5.47 10.49 -50.09
CA SER H 77 4.31 9.99 -50.81
C SER H 77 3.52 11.14 -51.43
N ILE H 78 2.67 10.82 -52.42
CA ILE H 78 1.71 11.78 -52.95
C ILE H 78 0.36 11.09 -53.15
N ASN H 79 -0.71 11.81 -52.85
CA ASN H 79 -2.06 11.37 -53.11
C ASN H 79 -2.69 12.35 -54.11
N ILE H 80 -3.10 11.90 -55.30
CA ILE H 80 -3.60 12.78 -56.35
C ILE H 80 -5.05 12.42 -56.63
N ASN H 81 -5.97 13.39 -56.55
CA ASN H 81 -7.38 13.16 -56.88
C ASN H 81 -8.03 12.09 -55.98
N GLY H 82 -7.40 11.76 -54.84
CA GLY H 82 -7.85 10.68 -53.97
C GLY H 82 -7.12 9.34 -54.16
N GLN H 83 -6.33 9.17 -55.23
CA GLN H 83 -5.55 7.96 -55.48
C GLN H 83 -4.19 8.04 -54.77
N PRO H 84 -3.74 7.01 -54.02
CA PRO H 84 -2.35 6.92 -53.61
C PRO H 84 -1.45 6.57 -54.80
N PHE H 85 -0.28 7.23 -54.86
CA PHE H 85 0.76 6.95 -55.82
C PHE H 85 2.03 6.47 -55.12
N ASN H 86 2.73 5.53 -55.74
CA ASN H 86 4.06 5.12 -55.34
C ASN H 86 5.09 6.07 -55.96
N ILE H 87 6.20 6.35 -55.24
CA ILE H 87 7.25 7.21 -55.77
C ILE H 87 8.37 6.36 -56.34
N ASN H 88 8.73 6.66 -57.57
CA ASN H 88 9.67 5.77 -58.22
C ASN H 88 11.11 6.27 -58.03
N GLY H 89 12.08 5.34 -58.03
CA GLY H 89 13.49 5.66 -57.80
C GLY H 89 13.73 6.31 -56.43
N THR H 90 14.78 7.13 -56.33
CA THR H 90 15.07 7.88 -55.12
C THR H 90 14.08 9.04 -54.95
N ALA H 91 13.60 9.23 -53.70
CA ALA H 91 12.84 10.42 -53.35
C ALA H 91 13.70 11.68 -53.57
N PRO H 92 13.12 12.80 -54.06
CA PRO H 92 13.84 14.06 -54.12
C PRO H 92 13.90 14.67 -52.73
N SER H 93 14.93 15.48 -52.50
CA SER H 93 15.04 16.25 -51.26
C SER H 93 15.25 17.73 -51.55
N ILE H 94 14.73 18.57 -50.66
CA ILE H 94 14.93 20.02 -50.70
C ILE H 94 15.82 20.44 -49.54
N PRO H 95 16.96 21.14 -49.79
CA PRO H 95 17.88 21.53 -48.72
C PRO H 95 17.25 22.46 -47.69
N ALA H 96 17.86 22.50 -46.50
CA ALA H 96 17.48 23.42 -45.43
C ALA H 96 17.46 24.88 -45.95
N GLY H 97 16.39 25.62 -45.62
CA GLY H 97 16.32 27.05 -45.90
C GLY H 97 16.07 27.45 -47.37
N ARG H 98 16.07 26.51 -48.33
CA ARG H 98 15.96 26.83 -49.75
C ARG H 98 14.54 26.71 -50.30
N THR H 99 14.28 27.41 -51.42
CA THR H 99 13.06 27.26 -52.22
C THR H 99 13.45 26.77 -53.61
N GLN H 100 12.88 25.64 -54.07
CA GLN H 100 13.28 25.03 -55.33
C GLN H 100 12.08 24.38 -56.03
N PRO H 101 12.01 24.46 -57.38
CA PRO H 101 11.29 23.46 -58.16
C PRO H 101 11.91 22.09 -57.95
N ILE H 102 11.08 21.16 -57.45
CA ILE H 102 11.41 19.77 -57.12
C ILE H 102 10.71 18.89 -58.16
N THR H 103 11.41 17.87 -58.69
CA THR H 103 10.84 16.96 -59.67
C THR H 103 11.02 15.50 -59.24
N PHE H 104 9.97 14.68 -59.40
CA PHE H 104 10.02 13.26 -59.08
C PHE H 104 9.09 12.44 -59.96
N GLU H 105 9.43 11.16 -60.16
CA GLU H 105 8.60 10.22 -60.90
C GLU H 105 7.65 9.49 -59.95
N VAL H 106 6.40 9.31 -60.37
CA VAL H 106 5.41 8.55 -59.62
C VAL H 106 4.69 7.55 -60.52
N THR H 107 4.15 6.49 -59.92
CA THR H 107 3.35 5.49 -60.60
C THR H 107 2.14 5.18 -59.73
N PRO H 108 0.92 4.98 -60.27
CA PRO H 108 -0.28 4.80 -59.46
C PRO H 108 -0.29 3.47 -58.72
N ALA H 109 -0.76 3.48 -57.47
CA ALA H 109 -0.81 2.28 -56.63
C ALA H 109 -2.21 1.63 -56.59
N SER H 110 -3.26 2.43 -56.81
CA SER H 110 -4.65 1.99 -56.87
C SER H 110 -5.20 2.25 -58.27
N GLY H 111 -5.64 1.20 -58.98
CA GLY H 111 -6.16 1.32 -60.34
C GLY H 111 -5.19 2.04 -61.29
N LYS H 112 -5.75 2.85 -62.22
CA LYS H 112 -4.99 3.76 -63.07
C LYS H 112 -5.71 5.11 -63.13
N PRO H 113 -4.96 6.25 -63.15
CA PRO H 113 -5.57 7.57 -63.35
C PRO H 113 -5.86 7.74 -64.83
N ASN H 114 -6.80 8.63 -65.13
CA ASN H 114 -7.15 8.99 -66.49
C ASN H 114 -7.02 10.51 -66.61
N PHE H 115 -5.79 11.00 -66.47
CA PHE H 115 -5.54 12.44 -66.50
C PHE H 115 -5.91 13.03 -67.87
N SER H 116 -6.50 14.23 -67.85
CA SER H 116 -7.00 14.93 -69.03
C SER H 116 -6.12 16.16 -69.30
N PRO H 117 -5.57 16.38 -70.52
CA PRO H 117 -4.71 17.53 -70.80
C PRO H 117 -5.31 18.87 -70.37
N GLY H 118 -4.53 19.63 -69.61
CA GLY H 118 -4.91 20.93 -69.06
C GLY H 118 -5.84 20.86 -67.83
N ALA H 119 -6.28 19.67 -67.42
CA ALA H 119 -7.11 19.52 -66.24
C ALA H 119 -6.29 19.70 -64.96
N SER H 120 -6.98 20.16 -63.91
CA SER H 120 -6.40 20.55 -62.64
C SER H 120 -6.78 19.55 -61.56
N TYR H 121 -5.79 18.98 -60.88
CA TYR H 121 -5.96 17.93 -59.88
C TYR H 121 -5.47 18.41 -58.52
N THR H 122 -6.29 18.32 -57.47
CA THR H 122 -5.77 18.56 -56.13
C THR H 122 -5.00 17.33 -55.66
N ALA H 123 -3.74 17.55 -55.30
CA ALA H 123 -2.91 16.53 -54.67
C ALA H 123 -2.72 16.87 -53.19
N THR H 124 -2.23 15.91 -52.41
CA THR H 124 -1.55 16.21 -51.16
C THR H 124 -0.19 15.54 -51.21
N ILE H 125 0.87 16.34 -51.01
CA ILE H 125 2.23 15.86 -50.98
C ILE H 125 2.60 15.58 -49.52
N TYR H 126 3.28 14.48 -49.23
CA TYR H 126 3.72 14.15 -47.88
C TYR H 126 5.24 14.12 -47.80
N PHE H 127 5.79 14.71 -46.73
CA PHE H 127 7.21 14.97 -46.59
C PHE H 127 7.81 14.25 -45.38
N SER H 128 9.13 14.02 -45.42
CA SER H 128 9.86 13.21 -44.44
C SER H 128 9.84 13.76 -43.01
N ASN H 129 9.48 15.04 -42.84
CA ASN H 129 9.25 15.66 -41.54
C ASN H 129 7.87 15.32 -40.96
N GLY H 130 7.11 14.42 -41.60
CA GLY H 130 5.80 13.98 -41.13
C GLY H 130 4.66 14.95 -41.46
N GLN H 131 4.86 15.79 -42.49
CA GLN H 131 3.93 16.85 -42.85
C GLN H 131 3.25 16.55 -44.19
N GLY H 132 1.94 16.81 -44.27
CA GLY H 132 1.22 16.89 -45.53
C GLY H 132 1.03 18.34 -45.98
N ALA H 133 1.03 18.57 -47.30
CA ALA H 133 0.77 19.89 -47.88
C ALA H 133 -0.19 19.76 -49.06
N PRO H 134 -1.33 20.50 -49.10
CA PRO H 134 -2.20 20.51 -50.27
C PRO H 134 -1.50 21.16 -51.47
N ALA H 135 -1.75 20.64 -52.66
CA ALA H 135 -1.17 21.17 -53.89
C ALA H 135 -2.18 21.09 -55.03
N THR H 136 -2.04 21.97 -56.03
CA THR H 136 -2.76 21.82 -57.28
C THR H 136 -1.75 21.40 -58.35
N LEU H 137 -2.08 20.39 -59.15
CA LEU H 137 -1.23 19.94 -60.23
C LEU H 137 -2.00 20.01 -61.55
N ILE H 138 -1.37 20.57 -62.60
CA ILE H 138 -2.00 20.65 -63.91
C ILE H 138 -1.39 19.60 -64.82
N TYR H 139 -2.20 18.69 -65.38
CA TYR H 139 -1.68 17.65 -66.25
C TYR H 139 -1.35 18.21 -67.65
N GLN H 140 -0.09 18.10 -68.09
CA GLN H 140 0.39 18.71 -69.32
C GLN H 140 0.19 17.83 -70.57
N GLY H 141 -0.11 16.55 -70.41
CA GLY H 141 -0.02 15.55 -71.47
C GLY H 141 1.27 14.77 -71.38
N LEU I 1 1.87 5.50 0.11
CA LEU I 1 2.30 6.93 0.22
C LEU I 1 2.59 7.49 -1.19
N SER I 2 3.38 6.76 -2.00
CA SER I 2 3.96 7.17 -3.30
C SER I 2 2.98 7.88 -4.24
N GLY I 3 1.77 7.32 -4.42
CA GLY I 3 0.77 7.78 -5.39
C GLY I 3 0.36 9.24 -5.23
N ALA I 4 0.18 9.70 -3.98
CA ALA I 4 -0.22 11.06 -3.67
C ALA I 4 0.90 12.06 -3.99
N ILE I 5 2.14 11.73 -3.60
CA ILE I 5 3.34 12.51 -3.89
C ILE I 5 3.53 12.68 -5.41
N VAL I 6 3.36 11.60 -6.19
CA VAL I 6 3.42 11.64 -7.65
C VAL I 6 2.32 12.54 -8.23
N ALA I 7 1.08 12.40 -7.76
CA ALA I 7 -0.05 13.19 -8.24
C ALA I 7 0.17 14.69 -8.01
N LEU I 8 0.76 15.07 -6.86
CA LEU I 8 1.10 16.45 -6.55
C LEU I 8 2.09 17.06 -7.55
N ILE I 9 3.15 16.33 -7.91
CA ILE I 9 4.14 16.75 -8.90
C ILE I 9 3.47 16.97 -10.26
N LEU I 10 2.63 16.03 -10.69
CA LEU I 10 1.97 16.09 -12.00
C LEU I 10 0.88 17.17 -12.06
N VAL I 11 0.22 17.50 -10.94
CA VAL I 11 -0.73 18.61 -10.86
C VAL I 11 0.00 19.94 -11.11
N ILE I 12 1.09 20.19 -10.39
CA ILE I 12 1.81 21.45 -10.49
C ILE I 12 2.47 21.60 -11.86
N ALA I 13 3.07 20.52 -12.38
CA ALA I 13 3.60 20.51 -13.74
C ALA I 13 2.51 20.77 -14.79
N GLY I 14 1.30 20.23 -14.58
CA GLY I 14 0.16 20.45 -15.47
C GLY I 14 -0.20 21.93 -15.56
N VAL I 15 -0.32 22.61 -14.41
CA VAL I 15 -0.56 24.06 -14.37
C VAL I 15 0.51 24.81 -15.15
N ILE I 16 1.79 24.49 -14.92
CA ILE I 16 2.91 25.19 -15.55
C ILE I 16 2.89 25.00 -17.08
N ILE I 17 2.75 23.76 -17.59
CA ILE I 17 2.73 23.54 -19.03
C ILE I 17 1.48 24.14 -19.67
N ALA I 18 0.31 24.03 -19.04
CA ALA I 18 -0.92 24.62 -19.57
C ALA I 18 -0.82 26.15 -19.71
N ILE I 19 -0.32 26.83 -18.68
CA ILE I 19 -0.11 28.28 -18.74
C ILE I 19 0.91 28.63 -19.83
N ALA I 20 2.02 27.89 -19.95
CA ALA I 20 3.04 28.12 -20.97
C ALA I 20 2.48 27.99 -22.40
N VAL I 21 1.57 27.03 -22.62
CA VAL I 21 0.90 26.83 -23.91
C VAL I 21 -0.09 27.94 -24.22
N VAL I 22 -0.83 28.43 -23.22
CA VAL I 22 -1.73 29.57 -23.39
C VAL I 22 -0.96 30.84 -23.75
N LEU I 23 0.15 31.10 -23.04
CA LEU I 23 1.02 32.23 -23.33
C LEU I 23 1.64 32.14 -24.72
N PHE I 24 2.02 30.94 -25.17
CA PHE I 24 2.49 30.72 -26.53
C PHE I 24 1.43 31.06 -27.58
N ALA I 25 0.16 30.67 -27.36
CA ALA I 25 -0.93 31.03 -28.27
C ALA I 25 -1.10 32.56 -28.39
N PHE I 26 -1.05 33.30 -27.29
CA PHE I 26 -1.00 34.76 -27.35
C PHE I 26 0.29 35.30 -28.01
N GLY I 27 1.42 34.62 -27.80
CA GLY I 27 2.73 35.02 -28.32
C GLY I 27 2.92 34.81 -29.82
N LEU I 28 2.13 33.93 -30.47
CA LEU I 28 2.16 33.72 -31.91
C LEU I 28 1.66 34.93 -32.69
N ILE I 29 0.72 35.68 -32.12
CA ILE I 29 -0.15 36.58 -32.87
C ILE I 29 0.62 37.62 -33.70
N PRO I 30 1.66 38.31 -33.19
CA PRO I 30 2.44 39.26 -33.98
C PRO I 30 3.04 38.71 -35.27
N GLY I 31 3.41 37.42 -35.31
CA GLY I 31 3.96 36.79 -36.51
C GLY I 31 2.97 36.70 -37.69
N ILE I 32 1.67 36.65 -37.39
CA ILE I 32 0.61 36.49 -38.40
C ILE I 32 0.55 37.71 -39.32
N SER I 33 0.77 38.92 -38.79
CA SER I 33 0.68 40.18 -39.51
C SER I 33 1.55 40.21 -40.77
N ASN I 34 2.78 39.67 -40.68
CA ASN I 34 3.79 39.81 -41.71
C ASN I 34 3.43 39.10 -43.02
N GLN I 35 2.53 38.10 -42.96
CA GLN I 35 1.99 37.37 -44.09
C GLN I 35 1.32 38.28 -45.14
N GLY I 36 1.03 39.55 -44.80
CA GLY I 36 0.35 40.48 -45.69
C GLY I 36 1.20 41.67 -46.19
N SER I 37 2.52 41.65 -45.95
CA SER I 37 3.39 42.82 -46.14
C SER I 37 3.46 43.30 -47.60
N ILE I 38 3.49 42.38 -48.56
CA ILE I 38 3.73 42.69 -49.96
C ILE I 38 2.42 42.87 -50.72
N GLN I 39 2.41 43.78 -51.70
CA GLN I 39 1.44 43.71 -52.78
C GLN I 39 2.07 44.14 -54.11
N VAL I 40 1.56 43.57 -55.20
CA VAL I 40 2.11 43.76 -56.54
C VAL I 40 1.21 44.73 -57.30
N LEU I 41 1.79 45.78 -57.89
CA LEU I 41 1.04 46.88 -58.48
C LEU I 41 1.17 46.88 -60.01
N GLY I 42 0.02 46.88 -60.70
CA GLY I 42 -0.04 46.94 -62.16
C GLY I 42 0.43 45.68 -62.87
N SER I 43 0.44 45.73 -64.21
CA SER I 43 1.07 44.70 -65.02
C SER I 43 2.58 44.80 -64.93
N GLY I 44 3.25 43.66 -64.80
CA GLY I 44 4.68 43.56 -65.06
C GLY I 44 4.98 43.25 -66.51
N THR I 45 6.26 43.11 -66.84
CA THR I 45 6.73 42.71 -68.15
C THR I 45 7.61 41.48 -68.06
N ILE I 46 7.57 40.60 -69.07
CA ILE I 46 8.55 39.54 -69.28
C ILE I 46 9.32 39.89 -70.56
N THR I 47 10.65 39.74 -70.56
CA THR I 47 11.46 39.98 -71.75
C THR I 47 12.44 38.82 -71.92
N ASN I 48 12.61 38.30 -73.16
CA ASN I 48 13.63 37.28 -73.46
C ASN I 48 15.00 37.94 -73.27
N SER I 49 15.84 37.44 -72.35
CA SER I 49 17.09 38.13 -72.01
C SER I 49 18.36 37.34 -72.38
N THR I 50 18.20 36.06 -72.74
CA THR I 50 19.34 35.20 -73.06
C THR I 50 20.11 35.66 -74.31
N ALA I 51 21.43 35.40 -74.31
CA ALA I 51 22.29 35.64 -75.47
C ALA I 51 22.01 34.66 -76.61
N SER I 52 22.28 35.08 -77.86
CA SER I 52 22.05 34.29 -79.07
C SER I 52 22.75 32.92 -79.02
N GLY I 53 22.00 31.86 -79.33
CA GLY I 53 22.52 30.50 -79.37
C GLY I 53 22.84 29.86 -78.01
N SER I 54 22.57 30.56 -76.88
CA SER I 54 22.82 30.03 -75.54
C SER I 54 21.92 28.83 -75.23
N SER I 55 22.44 27.88 -74.43
CA SER I 55 21.75 26.64 -74.08
C SER I 55 20.49 26.86 -73.22
N ARG I 56 20.50 27.92 -72.39
CA ARG I 56 19.42 28.23 -71.45
C ARG I 56 18.60 29.45 -71.90
N THR I 57 17.27 29.26 -71.98
CA THR I 57 16.32 30.36 -72.07
C THR I 57 16.19 31.04 -70.71
N ILE I 58 16.39 32.37 -70.68
CA ILE I 58 16.37 33.17 -69.47
C ILE I 58 15.55 34.43 -69.75
N TYR I 59 14.52 34.65 -68.92
CA TYR I 59 13.62 35.77 -69.15
C TYR I 59 13.88 36.83 -68.09
N ASN I 60 13.23 37.99 -68.23
CA ASN I 60 13.47 39.08 -67.31
C ASN I 60 12.14 39.61 -66.80
N ILE I 61 11.86 39.44 -65.49
CA ILE I 61 10.56 39.81 -64.94
C ILE I 61 10.65 41.15 -64.22
N THR I 62 10.02 42.19 -64.77
CA THR I 62 9.96 43.48 -64.09
C THR I 62 8.54 43.73 -63.58
N ILE I 63 8.37 43.97 -62.27
CA ILE I 63 7.08 44.22 -61.63
C ILE I 63 7.23 45.36 -60.62
N THR I 64 6.21 46.21 -60.44
CA THR I 64 6.23 47.08 -59.26
C THR I 64 5.77 46.27 -58.04
N VAL I 65 6.57 46.29 -56.98
CA VAL I 65 6.23 45.69 -55.71
C VAL I 65 6.16 46.80 -54.66
N LYS I 66 5.21 46.68 -53.73
CA LYS I 66 5.08 47.58 -52.59
C LYS I 66 5.30 46.76 -51.31
N ASN I 67 6.22 47.18 -50.45
CA ASN I 67 6.44 46.53 -49.17
C ASN I 67 5.89 47.42 -48.05
N THR I 68 4.78 47.01 -47.43
CA THR I 68 4.18 47.72 -46.31
C THR I 68 4.75 47.27 -44.95
N GLY I 69 5.60 46.23 -44.95
CA GLY I 69 6.17 45.66 -43.74
C GLY I 69 7.37 46.45 -43.21
N THR I 70 7.92 45.97 -42.08
CA THR I 70 8.96 46.65 -41.33
C THR I 70 10.36 46.07 -41.60
N THR I 71 10.46 45.12 -42.54
CA THR I 71 11.70 44.41 -42.89
C THR I 71 11.81 44.26 -44.41
N SER I 72 13.03 44.14 -44.93
CA SER I 72 13.26 43.84 -46.35
C SER I 72 12.74 42.44 -46.68
N ILE I 73 12.12 42.28 -47.86
CA ILE I 73 11.51 41.04 -48.31
C ILE I 73 12.04 40.74 -49.72
N SER I 74 12.24 39.45 -50.07
CA SER I 74 12.80 39.06 -51.35
C SER I 74 11.87 38.12 -52.13
N VAL I 75 11.98 38.12 -53.47
CA VAL I 75 11.24 37.19 -54.32
C VAL I 75 11.88 35.79 -54.21
N THR I 76 11.10 34.75 -53.87
CA THR I 76 11.60 33.41 -53.68
C THR I 76 11.26 32.44 -54.82
N SER I 77 10.10 32.64 -55.47
CA SER I 77 9.71 31.85 -56.63
C SER I 77 8.65 32.58 -57.45
N ILE I 78 8.47 32.18 -58.71
CA ILE I 78 7.36 32.64 -59.53
C ILE I 78 6.75 31.46 -60.30
N ASN I 79 5.43 31.46 -60.41
CA ASN I 79 4.69 30.52 -61.21
C ASN I 79 3.98 31.29 -62.32
N ILE I 80 4.27 31.02 -63.60
CA ILE I 80 3.72 31.80 -64.71
C ILE I 80 2.88 30.86 -65.58
N ASN I 81 1.61 31.20 -65.81
CA ASN I 81 0.74 30.42 -66.69
C ASN I 81 0.54 28.97 -66.19
N GLY I 82 0.88 28.69 -64.91
CA GLY I 82 0.84 27.35 -64.35
C GLY I 82 2.20 26.63 -64.31
N GLN I 83 3.24 27.16 -64.98
CA GLN I 83 4.59 26.60 -64.96
C GLN I 83 5.38 27.14 -63.76
N PRO I 84 6.06 26.29 -62.96
CA PRO I 84 7.08 26.78 -62.04
C PRO I 84 8.33 27.25 -62.77
N PHE I 85 8.89 28.38 -62.32
CA PHE I 85 10.16 28.91 -62.80
C PHE I 85 11.19 28.94 -61.68
N ASN I 86 12.44 28.66 -62.03
CA ASN I 86 13.57 28.84 -61.14
C ASN I 86 14.05 30.30 -61.25
N ILE I 87 14.54 30.89 -60.14
CA ILE I 87 15.04 32.26 -60.15
C ILE I 87 16.55 32.23 -60.26
N ASN I 88 17.05 32.98 -61.22
CA ASN I 88 18.47 32.88 -61.50
C ASN I 88 19.25 33.94 -60.73
N GLY I 89 20.52 33.63 -60.39
CA GLY I 89 21.36 34.52 -59.59
C GLY I 89 20.78 34.82 -58.21
N THR I 90 21.11 35.99 -57.65
CA THR I 90 20.55 36.43 -56.38
C THR I 90 19.09 36.87 -56.56
N ALA I 91 18.23 36.48 -55.60
CA ALA I 91 16.89 37.01 -55.51
C ALA I 91 16.93 38.53 -55.31
N PRO I 92 16.00 39.31 -55.93
CA PRO I 92 15.91 40.74 -55.62
C PRO I 92 15.18 40.91 -54.29
N SER I 93 15.46 42.02 -53.62
CA SER I 93 14.76 42.39 -52.39
C SER I 93 14.19 43.81 -52.51
N ILE I 94 13.05 44.03 -51.84
CA ILE I 94 12.43 45.32 -51.73
C ILE I 94 12.53 45.82 -50.28
N PRO I 95 13.11 47.01 -50.02
CA PRO I 95 13.28 47.50 -48.65
C PRO I 95 11.97 47.70 -47.90
N ALA I 96 12.05 47.72 -46.57
CA ALA I 96 10.93 48.02 -45.70
C ALA I 96 10.27 49.35 -46.10
N GLY I 97 8.94 49.38 -46.18
CA GLY I 97 8.18 50.62 -46.40
C GLY I 97 8.21 51.21 -47.81
N ARG I 98 9.02 50.68 -48.74
CA ARG I 98 9.20 51.27 -50.07
C ARG I 98 8.33 50.62 -51.15
N THR I 99 8.08 51.36 -52.24
CA THR I 99 7.47 50.86 -53.47
C THR I 99 8.46 51.00 -54.61
N GLN I 100 8.78 49.90 -55.32
CA GLN I 100 9.82 49.92 -56.35
C GLN I 100 9.44 48.99 -57.50
N PRO I 101 9.76 49.37 -58.75
CA PRO I 101 10.00 48.40 -59.82
C PRO I 101 11.17 47.49 -59.45
N ILE I 102 10.88 46.20 -59.38
CA ILE I 102 11.79 45.11 -59.03
C ILE I 102 12.05 44.30 -60.30
N THR I 103 13.31 43.93 -60.56
CA THR I 103 13.67 43.15 -61.75
C THR I 103 14.48 41.91 -61.36
N PHE I 104 14.17 40.77 -61.97
CA PHE I 104 14.89 39.52 -61.73
C PHE I 104 14.88 38.61 -62.96
N GLU I 105 15.91 37.76 -63.07
CA GLU I 105 16.01 36.77 -64.13
C GLU I 105 15.38 35.45 -63.69
N VAL I 106 14.64 34.79 -64.59
CA VAL I 106 14.05 33.49 -64.34
C VAL I 106 14.31 32.55 -65.50
N THR I 107 14.29 31.23 -65.22
CA THR I 107 14.43 30.19 -66.22
C THR I 107 13.39 29.11 -65.92
N PRO I 108 12.72 28.51 -66.93
CA PRO I 108 11.64 27.57 -66.66
C PRO I 108 12.13 26.25 -66.07
N ALA I 109 11.38 25.70 -65.11
CA ALA I 109 11.74 24.46 -64.44
C ALA I 109 11.00 23.23 -65.00
N SER I 110 9.80 23.44 -65.57
CA SER I 110 8.99 22.41 -66.20
C SER I 110 8.84 22.74 -67.68
N GLY I 111 9.30 21.84 -68.57
CA GLY I 111 9.25 22.04 -70.01
C GLY I 111 9.90 23.36 -70.46
N LYS I 112 9.31 24.00 -71.48
CA LYS I 112 9.65 25.36 -71.91
C LYS I 112 8.38 26.16 -72.19
N PRO I 113 8.33 27.47 -71.83
CA PRO I 113 7.20 28.32 -72.19
C PRO I 113 7.34 28.72 -73.66
N ASN I 114 6.21 29.08 -74.24
CA ASN I 114 6.15 29.57 -75.62
C ASN I 114 5.46 30.93 -75.59
N PHE I 115 6.10 31.91 -74.94
CA PHE I 115 5.51 33.22 -74.80
C PHE I 115 5.33 33.90 -76.16
N SER I 116 4.21 34.62 -76.31
CA SER I 116 3.80 35.27 -77.56
C SER I 116 3.88 36.78 -77.38
N PRO I 117 4.56 37.56 -78.26
CA PRO I 117 4.68 39.01 -78.11
C PRO I 117 3.36 39.73 -77.88
N GLY I 118 3.31 40.54 -76.83
CA GLY I 118 2.13 41.28 -76.41
C GLY I 118 1.08 40.46 -75.67
N ALA I 119 1.26 39.14 -75.54
CA ALA I 119 0.33 38.30 -74.79
C ALA I 119 0.47 38.52 -73.28
N SER I 120 -0.64 38.29 -72.57
CA SER I 120 -0.78 38.57 -71.16
C SER I 120 -0.87 37.26 -70.37
N TYR I 121 0.01 37.09 -69.38
CA TYR I 121 0.15 35.86 -68.60
C TYR I 121 -0.15 36.15 -67.13
N THR I 122 -1.07 35.40 -66.51
CA THR I 122 -1.20 35.51 -65.06
C THR I 122 -0.07 34.73 -64.39
N ALA I 123 0.68 35.42 -63.54
CA ALA I 123 1.68 34.81 -62.69
C ALA I 123 1.19 34.80 -61.24
N THR I 124 1.85 34.03 -60.39
CA THR I 124 1.84 34.28 -58.95
C THR I 124 3.29 34.40 -58.49
N ILE I 125 3.61 35.52 -57.84
CA ILE I 125 4.92 35.77 -57.29
C ILE I 125 4.91 35.35 -55.83
N TYR I 126 5.95 34.67 -55.35
CA TYR I 126 6.06 34.26 -53.96
C TYR I 126 7.23 34.95 -53.28
N PHE I 127 7.01 35.42 -52.05
CA PHE I 127 7.94 36.30 -51.34
C PHE I 127 8.42 35.67 -50.03
N SER I 128 9.58 36.13 -49.54
CA SER I 128 10.29 35.54 -48.40
C SER I 128 9.55 35.63 -47.08
N ASN I 129 8.51 36.47 -46.99
CA ASN I 129 7.59 36.54 -45.86
C ASN I 129 6.52 35.43 -45.90
N GLY I 130 6.62 34.47 -46.84
CA GLY I 130 5.71 33.35 -46.96
C GLY I 130 4.39 33.69 -47.67
N GLN I 131 4.39 34.76 -48.48
CA GLN I 131 3.20 35.29 -49.12
C GLN I 131 3.24 35.07 -50.64
N GLY I 132 2.12 34.66 -51.23
CA GLY I 132 1.91 34.72 -52.66
C GLY I 132 1.10 35.95 -53.07
N ALA I 133 1.37 36.49 -54.26
CA ALA I 133 0.61 37.61 -54.81
C ALA I 133 0.30 37.34 -56.29
N PRO I 134 -0.97 37.43 -56.73
CA PRO I 134 -1.29 37.32 -58.16
C PRO I 134 -0.74 38.51 -58.94
N ALA I 135 -0.28 38.27 -60.16
CA ALA I 135 0.26 39.33 -61.02
C ALA I 135 -0.14 39.06 -62.48
N THR I 136 -0.20 40.13 -63.28
CA THR I 136 -0.29 39.99 -64.72
C THR I 136 1.04 40.40 -65.32
N LEU I 137 1.59 39.61 -66.24
CA LEU I 137 2.84 39.94 -66.92
C LEU I 137 2.60 39.97 -68.42
N ILE I 138 3.10 41.00 -69.11
CA ILE I 138 2.97 41.11 -70.55
C ILE I 138 4.30 40.77 -71.20
N TYR I 139 4.34 39.77 -72.09
CA TYR I 139 5.59 39.39 -72.74
C TYR I 139 5.97 40.38 -73.84
N GLN I 140 7.14 41.01 -73.75
CA GLN I 140 7.56 42.08 -74.66
C GLN I 140 8.27 41.58 -75.92
N GLY I 141 8.68 40.31 -75.97
CA GLY I 141 9.63 39.81 -76.96
C GLY I 141 11.04 39.76 -76.40
N LEU J 1 -5.38 13.59 -11.22
CA LEU J 1 -5.84 14.97 -10.87
C LEU J 1 -5.49 15.94 -12.01
N SER J 2 -4.23 15.91 -12.48
CA SER J 2 -3.61 16.87 -13.43
C SER J 2 -4.48 17.24 -14.64
N GLY J 3 -5.08 16.24 -15.31
CA GLY J 3 -5.82 16.40 -16.56
C GLY J 3 -6.98 17.41 -16.48
N ALA J 4 -7.73 17.38 -15.39
CA ALA J 4 -8.88 18.26 -15.17
C ALA J 4 -8.43 19.71 -14.96
N ILE J 5 -7.39 19.92 -14.14
CA ILE J 5 -6.78 21.22 -13.89
C ILE J 5 -6.27 21.84 -15.20
N VAL J 6 -5.60 21.07 -16.05
CA VAL J 6 -5.13 21.50 -17.36
C VAL J 6 -6.30 21.88 -18.28
N ALA J 7 -7.35 21.05 -18.34
CA ALA J 7 -8.52 21.30 -19.16
C ALA J 7 -9.21 22.62 -18.77
N LEU J 8 -9.29 22.93 -17.47
CA LEU J 8 -9.87 24.17 -16.97
C LEU J 8 -9.11 25.40 -17.47
N ILE J 9 -7.77 25.38 -17.42
CA ILE J 9 -6.92 26.46 -17.92
C ILE J 9 -7.16 26.69 -19.41
N LEU J 10 -7.19 25.61 -20.19
CA LEU J 10 -7.36 25.68 -21.64
C LEU J 10 -8.78 26.08 -22.06
N VAL J 11 -9.80 25.76 -21.28
CA VAL J 11 -11.17 26.24 -21.50
C VAL J 11 -11.24 27.75 -21.37
N ILE J 12 -10.73 28.30 -20.26
CA ILE J 12 -10.80 29.72 -19.99
C ILE J 12 -9.94 30.52 -20.99
N ALA J 13 -8.75 30.03 -21.31
CA ALA J 13 -7.91 30.62 -22.34
C ALA J 13 -8.60 30.59 -23.71
N GLY J 14 -9.32 29.51 -24.03
CA GLY J 14 -10.08 29.39 -25.27
C GLY J 14 -11.13 30.48 -25.40
N VAL J 15 -11.93 30.71 -24.36
CA VAL J 15 -12.91 31.80 -24.34
C VAL J 15 -12.24 33.15 -24.59
N ILE J 16 -11.13 33.42 -23.89
CA ILE J 16 -10.43 34.70 -23.99
C ILE J 16 -9.88 34.93 -25.41
N ILE J 17 -9.18 33.95 -26.01
CA ILE J 17 -8.63 34.12 -27.35
C ILE J 17 -9.76 34.21 -28.39
N ALA J 18 -10.82 33.39 -28.29
CA ALA J 18 -11.94 33.43 -29.21
C ALA J 18 -12.64 34.81 -29.20
N ILE J 19 -12.92 35.36 -28.03
CA ILE J 19 -13.50 36.70 -27.92
C ILE J 19 -12.56 37.75 -28.50
N ALA J 20 -11.26 37.68 -28.21
CA ALA J 20 -10.28 38.62 -28.74
C ALA J 20 -10.22 38.61 -30.27
N VAL J 21 -10.35 37.44 -30.90
CA VAL J 21 -10.38 37.28 -32.35
C VAL J 21 -11.68 37.83 -32.95
N VAL J 22 -12.82 37.63 -32.29
CA VAL J 22 -14.09 38.21 -32.73
C VAL J 22 -14.05 39.74 -32.67
N LEU J 23 -13.54 40.30 -31.58
CA LEU J 23 -13.37 41.74 -31.44
C LEU J 23 -12.41 42.32 -32.49
N PHE J 24 -11.33 41.60 -32.82
CA PHE J 24 -10.43 41.99 -33.90
C PHE J 24 -11.14 42.05 -35.25
N ALA J 25 -12.00 41.06 -35.57
CA ALA J 25 -12.77 41.07 -36.81
C ALA J 25 -13.69 42.30 -36.89
N PHE J 26 -14.39 42.68 -35.82
CA PHE J 26 -15.12 43.95 -35.76
C PHE J 26 -14.18 45.18 -35.83
N GLY J 27 -12.99 45.09 -35.24
CA GLY J 27 -12.03 46.18 -35.18
C GLY J 27 -11.31 46.48 -36.50
N LEU J 28 -11.26 45.54 -37.45
CA LEU J 28 -10.70 45.74 -38.78
C LEU J 28 -11.50 46.73 -39.62
N ILE J 29 -12.82 46.76 -39.43
CA ILE J 29 -13.76 47.31 -40.39
C ILE J 29 -13.46 48.75 -40.79
N PRO J 30 -13.17 49.71 -39.87
CA PRO J 30 -12.81 51.08 -40.24
C PRO J 30 -11.67 51.24 -41.22
N GLY J 31 -10.68 50.33 -41.20
CA GLY J 31 -9.55 50.38 -42.12
C GLY J 31 -9.92 50.13 -43.58
N ILE J 32 -11.00 49.38 -43.84
CA ILE J 32 -11.44 49.01 -45.18
C ILE J 32 -11.88 50.25 -45.99
N SER J 33 -12.51 51.24 -45.33
CA SER J 33 -13.05 52.45 -45.94
C SER J 33 -12.00 53.21 -46.77
N ASN J 34 -10.78 53.31 -46.24
CA ASN J 34 -9.74 54.18 -46.77
C ASN J 34 -9.24 53.74 -48.15
N GLN J 35 -9.44 52.47 -48.51
CA GLN J 35 -9.13 51.89 -49.82
C GLN J 35 -9.84 52.60 -50.99
N GLY J 36 -10.85 53.44 -50.72
CA GLY J 36 -11.62 54.14 -51.74
C GLY J 36 -11.43 55.66 -51.78
N SER J 37 -10.46 56.21 -51.05
CA SER J 37 -10.34 57.66 -50.81
C SER J 37 -10.10 58.48 -52.09
N ILE J 38 -9.30 57.96 -53.03
CA ILE J 38 -8.85 58.70 -54.20
C ILE J 38 -9.76 58.43 -55.39
N GLN J 39 -9.96 59.44 -56.24
CA GLN J 39 -10.37 59.20 -57.61
C GLN J 39 -9.70 60.20 -58.56
N VAL J 40 -9.47 59.76 -59.81
CA VAL J 40 -8.73 60.53 -60.81
C VAL J 40 -9.73 61.11 -61.81
N LEU J 41 -9.67 62.42 -62.04
CA LEU J 41 -10.67 63.15 -62.82
C LEU J 41 -10.11 63.60 -64.17
N GLY J 42 -10.80 63.23 -65.25
CA GLY J 42 -10.46 63.64 -66.61
C GLY J 42 -9.19 62.98 -67.15
N SER J 43 -8.81 63.38 -68.37
CA SER J 43 -7.52 63.01 -68.95
C SER J 43 -6.41 63.80 -68.26
N GLY J 44 -5.30 63.11 -67.95
CA GLY J 44 -4.05 63.77 -67.64
C GLY J 44 -3.21 64.03 -68.88
N THR J 45 -2.01 64.61 -68.67
CA THR J 45 -1.05 64.83 -69.73
C THR J 45 0.28 64.19 -69.37
N ILE J 46 1.02 63.69 -70.38
CA ILE J 46 2.43 63.32 -70.25
C ILE J 46 3.23 64.30 -71.10
N THR J 47 4.35 64.81 -70.60
CA THR J 47 5.23 65.70 -71.36
C THR J 47 6.68 65.24 -71.20
N ASN J 48 7.46 65.21 -72.30
CA ASN J 48 8.90 64.91 -72.24
C ASN J 48 9.57 66.06 -71.50
N SER J 49 10.23 65.81 -70.35
CA SER J 49 10.74 66.88 -69.51
C SER J 49 12.27 66.92 -69.40
N THR J 50 12.95 65.86 -69.88
CA THR J 50 14.41 65.76 -69.78
C THR J 50 15.14 66.83 -70.59
N ALA J 51 16.33 67.24 -70.10
CA ALA J 51 17.22 68.15 -70.81
C ALA J 51 17.87 67.48 -72.03
N SER J 52 18.22 68.29 -73.04
CA SER J 52 18.83 67.84 -74.29
C SER J 52 20.10 67.00 -74.05
N GLY J 53 20.17 65.82 -74.70
CA GLY J 53 21.32 64.92 -74.61
C GLY J 53 21.51 64.20 -73.28
N SER J 54 20.60 64.37 -72.31
CA SER J 54 20.66 63.70 -71.01
C SER J 54 20.51 62.19 -71.16
N SER J 55 21.18 61.43 -70.27
CA SER J 55 21.21 59.97 -70.29
C SER J 55 19.83 59.33 -69.99
N ARG J 56 19.02 60.01 -69.15
CA ARG J 56 17.71 59.52 -68.69
C ARG J 56 16.55 60.26 -69.35
N THR J 57 15.63 59.50 -69.96
CA THR J 57 14.32 59.99 -70.34
C THR J 57 13.45 60.15 -69.10
N ILE J 58 12.88 61.37 -68.92
CA ILE J 58 12.07 61.72 -67.75
C ILE J 58 10.83 62.45 -68.27
N TYR J 59 9.66 61.94 -67.89
CA TYR J 59 8.41 62.52 -68.38
C TYR J 59 7.73 63.26 -67.24
N ASN J 60 6.63 63.96 -67.55
CA ASN J 60 5.97 64.76 -66.55
C ASN J 60 4.47 64.44 -66.56
N ILE J 61 3.96 63.82 -65.48
CA ILE J 61 2.57 63.37 -65.47
C ILE J 61 1.70 64.36 -64.69
N THR J 62 0.81 65.08 -65.38
CA THR J 62 -0.14 65.96 -64.69
C THR J 62 -1.54 65.37 -64.76
N ILE J 63 -2.19 65.14 -63.61
CA ILE J 63 -3.54 64.59 -63.51
C ILE J 63 -4.34 65.37 -62.46
N THR J 64 -5.65 65.55 -62.64
CA THR J 64 -6.45 65.97 -61.50
C THR J 64 -6.75 64.77 -60.61
N VAL J 65 -6.44 64.90 -59.31
CA VAL J 65 -6.76 63.89 -58.32
C VAL J 65 -7.72 64.52 -57.31
N LYS J 66 -8.69 63.74 -56.83
CA LYS J 66 -9.62 64.13 -55.77
C LYS J 66 -9.39 63.21 -54.58
N ASN J 67 -9.15 63.77 -53.40
CA ASN J 67 -9.00 63.00 -52.18
C ASN J 67 -10.25 63.22 -51.31
N THR J 68 -11.09 62.17 -51.20
CA THR J 68 -12.29 62.20 -50.35
C THR J 68 -12.01 61.74 -48.92
N GLY J 69 -10.79 61.27 -48.65
CA GLY J 69 -10.39 60.76 -47.35
C GLY J 69 -10.02 61.84 -46.34
N THR J 70 -9.68 61.40 -45.12
CA THR J 70 -9.43 62.28 -43.97
C THR J 70 -7.94 62.53 -43.72
N THR J 71 -7.07 62.02 -44.60
CA THR J 71 -5.61 62.10 -44.48
C THR J 71 -4.99 62.42 -45.85
N SER J 72 -3.80 63.04 -45.85
CA SER J 72 -3.03 63.24 -47.09
C SER J 72 -2.59 61.91 -47.67
N ILE J 73 -2.65 61.79 -49.01
CA ILE J 73 -2.32 60.57 -49.74
C ILE J 73 -1.33 60.94 -50.84
N SER J 74 -0.38 60.04 -51.17
CA SER J 74 0.67 60.30 -52.16
C SER J 74 0.67 59.28 -53.29
N VAL J 75 1.16 59.66 -54.48
CA VAL J 75 1.33 58.75 -55.59
C VAL J 75 2.54 57.85 -55.33
N THR J 76 2.38 56.53 -55.40
CA THR J 76 3.45 55.57 -55.10
C THR J 76 4.03 54.90 -56.35
N SER J 77 3.22 54.68 -57.39
CA SER J 77 3.67 54.13 -58.66
C SER J 77 2.69 54.46 -59.78
N ILE J 78 3.15 54.35 -61.04
CA ILE J 78 2.27 54.43 -62.18
C ILE J 78 2.65 53.36 -63.20
N ASN J 79 1.64 52.76 -63.82
CA ASN J 79 1.81 51.81 -64.90
C ASN J 79 1.16 52.41 -66.15
N ILE J 80 1.92 52.65 -67.23
CA ILE J 80 1.40 53.33 -68.41
C ILE J 80 1.49 52.37 -69.59
N ASN J 81 0.38 52.11 -70.29
CA ASN J 81 0.39 51.27 -71.48
C ASN J 81 0.85 49.82 -71.19
N GLY J 82 0.89 49.42 -69.90
CA GLY J 82 1.42 48.13 -69.48
C GLY J 82 2.85 48.16 -68.96
N GLN J 83 3.59 49.27 -69.14
CA GLN J 83 4.95 49.43 -68.63
C GLN J 83 4.92 49.95 -67.19
N PRO J 84 5.68 49.36 -66.24
CA PRO J 84 5.93 50.01 -64.96
C PRO J 84 6.90 51.18 -65.12
N PHE J 85 6.60 52.28 -64.41
CA PHE J 85 7.46 53.46 -64.33
C PHE J 85 7.92 53.67 -62.89
N ASN J 86 9.16 54.13 -62.74
CA ASN J 86 9.69 54.60 -61.47
C ASN J 86 9.32 56.08 -61.29
N ILE J 87 9.05 56.51 -60.04
CA ILE J 87 8.72 57.91 -59.77
C ILE J 87 9.96 58.63 -59.29
N ASN J 88 10.24 59.76 -59.93
CA ASN J 88 11.50 60.40 -59.64
C ASN J 88 11.31 61.47 -58.56
N GLY J 89 12.37 61.73 -57.77
CA GLY J 89 12.32 62.66 -56.65
C GLY J 89 11.29 62.28 -55.60
N THR J 90 10.76 63.28 -54.87
CA THR J 90 9.70 63.06 -53.91
C THR J 90 8.37 62.79 -54.61
N ALA J 91 7.61 61.80 -54.10
CA ALA J 91 6.24 61.60 -54.50
C ALA J 91 5.40 62.84 -54.21
N PRO J 92 4.43 63.22 -55.08
CA PRO J 92 3.50 64.29 -54.76
C PRO J 92 2.43 63.74 -53.81
N SER J 93 1.86 64.64 -53.01
CA SER J 93 0.73 64.31 -52.14
C SER J 93 -0.44 65.26 -52.38
N ILE J 94 -1.65 64.72 -52.20
CA ILE J 94 -2.88 65.50 -52.26
C ILE J 94 -3.49 65.58 -50.86
N PRO J 95 -3.76 66.80 -50.32
CA PRO J 95 -4.29 66.93 -48.96
C PRO J 95 -5.66 66.30 -48.78
N ALA J 96 -6.00 65.99 -47.52
CA ALA J 96 -7.31 65.51 -47.15
C ALA J 96 -8.43 66.41 -47.68
N GLY J 97 -9.48 65.83 -48.27
CA GLY J 97 -10.66 66.55 -48.70
C GLY J 97 -10.53 67.44 -49.95
N ARG J 98 -9.33 67.62 -50.52
CA ARG J 98 -9.11 68.54 -51.63
C ARG J 98 -9.13 67.86 -53.01
N THR J 99 -9.39 68.66 -54.06
CA THR J 99 -9.24 68.25 -55.46
C THR J 99 -8.19 69.14 -56.11
N GLN J 100 -7.13 68.55 -56.69
CA GLN J 100 -6.02 69.32 -57.24
C GLN J 100 -5.47 68.66 -58.50
N PRO J 101 -5.04 69.45 -59.50
CA PRO J 101 -4.01 69.02 -60.45
C PRO J 101 -2.71 68.72 -59.71
N ILE J 102 -2.27 67.47 -59.84
CA ILE J 102 -1.07 66.90 -59.23
C ILE J 102 -0.05 66.66 -60.34
N THR J 103 1.22 67.03 -60.11
CA THR J 103 2.28 66.84 -61.11
C THR J 103 3.47 66.08 -60.50
N PHE J 104 4.02 65.13 -61.27
CA PHE J 104 5.18 64.35 -60.84
C PHE J 104 6.03 63.91 -62.03
N GLU J 105 7.33 63.71 -61.78
CA GLU J 105 8.26 63.19 -62.77
C GLU J 105 8.34 61.66 -62.69
N VAL J 106 8.37 61.00 -63.85
CA VAL J 106 8.53 59.56 -63.93
C VAL J 106 9.60 59.19 -64.96
N THR J 107 10.20 58.00 -64.78
CA THR J 107 11.16 57.45 -65.71
C THR J 107 10.84 55.97 -65.91
N PRO J 108 10.94 55.40 -67.13
CA PRO J 108 10.50 54.03 -67.38
C PRO J 108 11.42 53.00 -66.71
N ALA J 109 10.82 51.94 -66.17
CA ALA J 109 11.58 50.89 -65.48
C ALA J 109 11.82 49.64 -66.36
N SER J 110 10.94 49.41 -67.35
CA SER J 110 11.04 48.31 -68.30
C SER J 110 11.20 48.91 -69.71
N GLY J 111 12.31 48.59 -70.40
CA GLY J 111 12.60 49.11 -71.73
C GLY J 111 12.52 50.64 -71.80
N LYS J 112 12.02 51.17 -72.93
CA LYS J 112 11.69 52.58 -73.10
C LYS J 112 10.34 52.73 -73.81
N PRO J 113 9.50 53.71 -73.43
CA PRO J 113 8.26 53.99 -74.14
C PRO J 113 8.60 54.75 -75.41
N ASN J 114 7.68 54.69 -76.37
CA ASN J 114 7.78 55.43 -77.62
C ASN J 114 6.50 56.23 -77.78
N PHE J 115 6.29 57.20 -76.87
CA PHE J 115 5.07 57.99 -76.89
C PHE J 115 4.98 58.82 -78.18
N SER J 116 3.76 58.93 -78.72
CA SER J 116 3.46 59.61 -79.97
C SER J 116 2.66 60.88 -79.68
N PRO J 117 3.04 62.08 -80.19
CA PRO J 117 2.31 63.32 -79.91
C PRO J 117 0.81 63.23 -80.18
N GLY J 118 0.02 63.63 -79.17
CA GLY J 118 -1.44 63.59 -79.20
C GLY J 118 -2.05 62.20 -78.98
N ALA J 119 -1.23 61.15 -78.87
CA ALA J 119 -1.74 59.80 -78.60
C ALA J 119 -2.19 59.66 -77.15
N SER J 120 -3.16 58.76 -76.94
CA SER J 120 -3.85 58.56 -75.68
C SER J 120 -3.45 57.21 -75.07
N TYR J 121 -2.96 57.23 -73.83
CA TYR J 121 -2.44 56.07 -73.14
C TYR J 121 -3.26 55.79 -71.89
N THR J 122 -3.77 54.56 -71.72
CA THR J 122 -4.36 54.21 -70.43
C THR J 122 -3.26 53.91 -69.43
N ALA J 123 -3.28 54.63 -68.32
CA ALA J 123 -2.43 54.37 -67.17
C ALA J 123 -3.24 53.77 -66.03
N THR J 124 -2.56 53.21 -65.03
CA THR J 124 -3.14 53.04 -63.71
C THR J 124 -2.20 53.72 -62.71
N ILE J 125 -2.74 54.64 -61.92
CA ILE J 125 -2.01 55.34 -60.88
C ILE J 125 -2.22 54.58 -59.58
N TYR J 126 -1.18 54.40 -58.77
CA TYR J 126 -1.29 53.74 -57.48
C TYR J 126 -0.94 54.71 -56.35
N PHE J 127 -1.74 54.68 -55.28
CA PHE J 127 -1.70 55.66 -54.22
C PHE J 127 -1.37 55.04 -52.86
N SER J 128 -0.84 55.85 -51.93
CA SER J 128 -0.31 55.40 -50.64
C SER J 128 -1.35 54.77 -49.71
N ASN J 129 -2.64 54.97 -49.98
CA ASN J 129 -3.73 54.29 -49.30
C ASN J 129 -3.98 52.86 -49.82
N GLY J 130 -3.09 52.34 -50.70
CA GLY J 130 -3.18 51.00 -51.24
C GLY J 130 -4.20 50.85 -52.38
N GLN J 131 -4.52 51.95 -53.06
CA GLN J 131 -5.56 52.00 -54.09
C GLN J 131 -4.94 52.22 -55.48
N GLY J 132 -5.45 51.50 -56.48
CA GLY J 132 -5.21 51.82 -57.88
C GLY J 132 -6.39 52.58 -58.49
N ALA J 133 -6.10 53.47 -59.44
CA ALA J 133 -7.14 54.20 -60.18
C ALA J 133 -6.79 54.21 -61.68
N PRO J 134 -7.71 53.79 -62.58
CA PRO J 134 -7.48 53.91 -64.02
C PRO J 134 -7.45 55.38 -64.45
N ALA J 135 -6.59 55.71 -65.41
CA ALA J 135 -6.47 57.07 -65.91
C ALA J 135 -6.21 57.04 -67.42
N THR J 136 -6.59 58.11 -68.12
CA THR J 136 -6.15 58.32 -69.49
C THR J 136 -5.14 59.45 -69.49
N LEU J 137 -4.01 59.29 -70.17
CA LEU J 137 -2.99 60.32 -70.29
C LEU J 137 -2.75 60.64 -71.76
N ILE J 138 -2.71 61.93 -72.13
CA ILE J 138 -2.45 62.33 -73.50
C ILE J 138 -1.01 62.84 -73.60
N TYR J 139 -0.18 62.24 -74.47
CA TYR J 139 1.21 62.68 -74.60
C TYR J 139 1.31 63.98 -75.40
N GLN J 140 1.87 65.05 -74.82
CA GLN J 140 1.89 66.37 -75.42
C GLN J 140 3.10 66.62 -76.34
N GLY J 141 4.12 65.75 -76.30
CA GLY J 141 5.43 66.04 -76.87
C GLY J 141 6.41 66.52 -75.80
N LEU K 1 25.87 -49.84 81.78
CA LEU K 1 26.75 -48.63 81.74
C LEU K 1 27.02 -48.23 80.28
N SER K 2 27.38 -49.20 79.43
CA SER K 2 27.81 -48.99 78.03
C SER K 2 26.78 -48.26 77.15
N GLY K 3 25.47 -48.50 77.37
CA GLY K 3 24.39 -47.98 76.53
C GLY K 3 24.40 -46.47 76.35
N ALA K 4 24.69 -45.75 77.44
CA ALA K 4 24.77 -44.30 77.46
C ALA K 4 26.00 -43.78 76.69
N ILE K 5 27.16 -44.42 76.86
CA ILE K 5 28.38 -44.08 76.13
C ILE K 5 28.19 -44.29 74.62
N VAL K 6 27.54 -45.39 74.22
CA VAL K 6 27.22 -45.67 72.83
C VAL K 6 26.22 -44.65 72.27
N ALA K 7 25.18 -44.30 73.04
CA ALA K 7 24.24 -43.26 72.66
C ALA K 7 24.94 -41.91 72.45
N LEU K 8 25.88 -41.53 73.33
CA LEU K 8 26.64 -40.28 73.21
C LEU K 8 27.49 -40.26 71.94
N ILE K 9 28.25 -41.33 71.67
CA ILE K 9 29.08 -41.44 70.47
C ILE K 9 28.21 -41.33 69.21
N LEU K 10 27.06 -42.01 69.18
CA LEU K 10 26.18 -41.97 68.02
C LEU K 10 25.47 -40.62 67.87
N VAL K 11 25.14 -39.92 68.97
CA VAL K 11 24.64 -38.54 68.92
C VAL K 11 25.69 -37.62 68.30
N ILE K 12 26.93 -37.63 68.82
CA ILE K 12 28.01 -36.80 68.32
C ILE K 12 28.32 -37.13 66.85
N ALA K 13 28.49 -38.42 66.53
CA ALA K 13 28.74 -38.86 65.17
C ALA K 13 27.58 -38.51 64.22
N GLY K 14 26.34 -38.52 64.70
CA GLY K 14 25.17 -38.06 63.95
C GLY K 14 25.30 -36.60 63.52
N VAL K 15 25.73 -35.71 64.42
CA VAL K 15 26.03 -34.32 64.09
C VAL K 15 27.10 -34.25 63.01
N ILE K 16 28.21 -34.96 63.18
CA ILE K 16 29.32 -34.96 62.23
C ILE K 16 28.87 -35.43 60.84
N ILE K 17 28.18 -36.59 60.75
CA ILE K 17 27.74 -37.16 59.49
C ILE K 17 26.70 -36.26 58.81
N ALA K 18 25.75 -35.70 59.55
CA ALA K 18 24.76 -34.79 58.97
C ALA K 18 25.41 -33.53 58.37
N ILE K 19 26.37 -32.92 59.08
CA ILE K 19 27.13 -31.78 58.56
C ILE K 19 27.96 -32.18 57.34
N ALA K 20 28.63 -33.34 57.38
CA ALA K 20 29.42 -33.86 56.28
C ALA K 20 28.57 -34.06 55.00
N VAL K 21 27.37 -34.60 55.14
CA VAL K 21 26.43 -34.81 54.04
C VAL K 21 25.95 -33.47 53.46
N VAL K 22 25.70 -32.46 54.30
CA VAL K 22 25.37 -31.11 53.85
C VAL K 22 26.51 -30.47 53.06
N LEU K 23 27.76 -30.60 53.54
CA LEU K 23 28.93 -30.10 52.83
C LEU K 23 29.15 -30.82 51.50
N PHE K 24 28.96 -32.15 51.46
CA PHE K 24 29.05 -32.94 50.25
C PHE K 24 28.04 -32.46 49.19
N ALA K 25 26.80 -32.18 49.62
CA ALA K 25 25.76 -31.67 48.74
C ALA K 25 26.19 -30.37 48.04
N PHE K 26 26.78 -29.41 48.76
CA PHE K 26 27.33 -28.20 48.14
C PHE K 26 28.53 -28.50 47.24
N GLY K 27 29.44 -29.41 47.64
CA GLY K 27 30.65 -29.73 46.89
C GLY K 27 30.42 -30.23 45.47
N LEU K 28 29.23 -30.76 45.17
CA LEU K 28 28.83 -31.17 43.83
C LEU K 28 28.61 -29.99 42.87
N ILE K 29 28.28 -28.80 43.39
CA ILE K 29 27.73 -27.69 42.61
C ILE K 29 28.76 -27.09 41.64
N PRO K 30 30.00 -26.72 42.03
CA PRO K 30 31.00 -26.31 41.06
C PRO K 30 31.28 -27.40 40.03
N GLY K 31 31.27 -28.68 40.44
CA GLY K 31 31.46 -29.81 39.54
C GLY K 31 30.46 -29.89 38.39
N ILE K 32 29.15 -29.84 38.67
CA ILE K 32 28.08 -29.95 37.68
C ILE K 32 28.07 -28.80 36.67
N SER K 33 28.64 -27.64 37.00
CA SER K 33 28.71 -26.50 36.08
C SER K 33 29.55 -26.82 34.83
N ASN K 34 30.53 -27.73 34.93
CA ASN K 34 31.36 -28.14 33.80
C ASN K 34 30.54 -28.75 32.66
N GLN K 35 29.33 -29.23 32.95
CA GLN K 35 28.36 -29.73 31.97
C GLN K 35 28.05 -28.69 30.87
N GLY K 36 28.34 -27.41 31.11
CA GLY K 36 28.11 -26.32 30.18
C GLY K 36 29.37 -25.53 29.80
N SER K 37 30.54 -26.18 29.84
CA SER K 37 31.82 -25.52 29.58
C SER K 37 31.92 -24.90 28.19
N ILE K 38 31.28 -25.50 27.18
CA ILE K 38 31.49 -25.14 25.78
C ILE K 38 30.37 -24.22 25.29
N GLN K 39 30.74 -23.19 24.52
CA GLN K 39 29.82 -22.41 23.71
C GLN K 39 30.31 -22.41 22.27
N VAL K 40 29.40 -22.64 21.31
CA VAL K 40 29.73 -22.52 19.90
C VAL K 40 29.09 -21.24 19.39
N LEU K 41 29.88 -20.38 18.74
CA LEU K 41 29.47 -19.01 18.47
C LEU K 41 29.89 -18.55 17.07
N GLY K 42 29.12 -17.60 16.51
CA GLY K 42 29.10 -17.29 15.09
C GLY K 42 28.48 -18.41 14.25
N SER K 43 28.35 -18.16 12.93
CA SER K 43 28.06 -19.23 11.98
C SER K 43 29.37 -19.98 11.67
N GLY K 44 29.29 -21.31 11.60
CA GLY K 44 30.38 -22.11 11.06
C GLY K 44 30.29 -22.25 9.54
N THR K 45 31.25 -22.98 8.97
CA THR K 45 31.26 -23.30 7.54
C THR K 45 31.48 -24.79 7.37
N ILE K 46 30.81 -25.37 6.35
CA ILE K 46 31.10 -26.72 5.90
C ILE K 46 31.60 -26.66 4.45
N THR K 47 32.73 -27.31 4.15
CA THR K 47 33.36 -27.25 2.83
C THR K 47 33.73 -28.65 2.37
N ASN K 48 33.49 -28.96 1.09
CA ASN K 48 34.03 -30.15 0.43
C ASN K 48 35.55 -30.19 0.61
N SER K 49 36.12 -31.30 1.11
CA SER K 49 37.57 -31.42 1.28
C SER K 49 38.19 -32.61 0.57
N THR K 50 37.37 -33.54 0.03
CA THR K 50 37.90 -34.69 -0.71
C THR K 50 38.54 -34.29 -2.05
N ALA K 51 39.35 -35.19 -2.62
CA ALA K 51 40.10 -34.93 -3.85
C ALA K 51 39.99 -36.09 -4.85
N SER K 52 40.30 -35.81 -6.12
CA SER K 52 40.55 -36.76 -7.20
C SER K 52 39.42 -37.77 -7.47
N GLY K 53 38.18 -37.46 -7.05
CA GLY K 53 37.04 -38.36 -7.17
C GLY K 53 37.14 -39.59 -6.26
N SER K 54 37.80 -39.45 -5.11
CA SER K 54 38.02 -40.53 -4.12
C SER K 54 36.73 -41.12 -3.57
N SER K 55 36.80 -42.38 -3.10
CA SER K 55 35.67 -43.19 -2.64
C SER K 55 34.89 -42.60 -1.46
N ARG K 56 35.52 -41.72 -0.66
CA ARG K 56 34.86 -40.98 0.42
C ARG K 56 34.67 -39.51 0.04
N THR K 57 33.43 -39.02 0.15
CA THR K 57 33.21 -37.59 0.35
C THR K 57 33.58 -37.25 1.79
N ILE K 58 34.47 -36.25 1.95
CA ILE K 58 34.94 -35.76 3.24
C ILE K 58 34.68 -34.26 3.25
N TYR K 59 34.39 -33.68 4.42
CA TYR K 59 34.02 -32.26 4.47
C TYR K 59 34.85 -31.45 5.48
N ASN K 60 34.74 -30.11 5.43
CA ASN K 60 35.45 -29.22 6.33
C ASN K 60 34.47 -28.63 7.34
N ILE K 61 34.53 -29.05 8.61
CA ILE K 61 33.68 -28.43 9.63
C ILE K 61 34.48 -27.38 10.40
N THR K 62 34.33 -26.10 10.03
CA THR K 62 34.99 -25.06 10.80
C THR K 62 33.95 -24.31 11.64
N ILE K 63 34.22 -24.16 12.94
CA ILE K 63 33.37 -23.47 13.90
C ILE K 63 34.25 -22.68 14.88
N THR K 64 33.73 -21.61 15.49
CA THR K 64 34.44 -20.96 16.58
C THR K 64 33.87 -21.47 17.90
N VAL K 65 34.75 -21.93 18.78
CA VAL K 65 34.36 -22.57 20.03
C VAL K 65 35.01 -21.82 21.18
N LYS K 66 34.27 -21.62 22.27
CA LYS K 66 34.75 -21.02 23.50
C LYS K 66 34.66 -22.06 24.60
N ASN K 67 35.78 -22.34 25.26
CA ASN K 67 35.81 -23.25 26.39
C ASN K 67 35.98 -22.45 27.68
N THR K 68 34.99 -22.55 28.58
CA THR K 68 34.97 -21.87 29.87
C THR K 68 35.42 -22.78 31.02
N GLY K 69 35.61 -24.08 30.76
CA GLY K 69 36.00 -25.06 31.77
C GLY K 69 37.49 -25.00 32.11
N THR K 70 37.90 -25.82 33.09
CA THR K 70 39.29 -25.87 33.57
C THR K 70 40.09 -27.05 33.00
N THR K 71 39.50 -27.79 32.05
CA THR K 71 40.15 -28.89 31.34
C THR K 71 40.02 -28.70 29.82
N SER K 72 40.98 -29.23 29.06
CA SER K 72 40.85 -29.31 27.60
C SER K 72 39.70 -30.26 27.24
N ILE K 73 38.88 -29.88 26.26
CA ILE K 73 37.65 -30.60 25.92
C ILE K 73 37.64 -30.87 24.41
N SER K 74 37.19 -32.07 24.01
CA SER K 74 37.28 -32.51 22.61
C SER K 74 35.90 -32.80 22.01
N VAL K 75 35.80 -32.66 20.68
CA VAL K 75 34.63 -33.09 19.94
C VAL K 75 34.59 -34.62 19.90
N THR K 76 33.52 -35.22 20.41
CA THR K 76 33.35 -36.68 20.43
C THR K 76 32.57 -37.18 19.23
N SER K 77 31.53 -36.44 18.82
CA SER K 77 30.68 -36.79 17.69
C SER K 77 29.96 -35.55 17.15
N ILE K 78 29.43 -35.66 15.95
CA ILE K 78 28.68 -34.59 15.30
C ILE K 78 27.49 -35.19 14.56
N ASN K 79 26.37 -34.50 14.62
CA ASN K 79 25.18 -34.82 13.85
C ASN K 79 24.84 -33.60 13.00
N ILE K 80 24.76 -33.75 11.68
CA ILE K 80 24.48 -32.62 10.78
C ILE K 80 23.07 -32.78 10.25
N ASN K 81 22.21 -31.81 10.58
CA ASN K 81 20.85 -31.70 10.07
C ASN K 81 20.03 -32.96 10.34
N GLY K 82 20.23 -33.57 11.52
CA GLY K 82 19.60 -34.82 11.93
C GLY K 82 20.39 -36.09 11.56
N GLN K 83 21.33 -36.03 10.62
CA GLN K 83 22.05 -37.20 10.11
C GLN K 83 23.32 -37.45 10.94
N PRO K 84 23.67 -38.72 11.26
CA PRO K 84 24.93 -39.03 11.92
C PRO K 84 26.12 -38.87 10.97
N PHE K 85 27.23 -38.37 11.52
CA PHE K 85 28.49 -38.14 10.82
C PHE K 85 29.68 -38.59 11.68
N ASN K 86 30.75 -39.09 11.04
CA ASN K 86 31.96 -39.54 11.74
C ASN K 86 33.12 -38.56 11.49
N ILE K 87 33.80 -38.12 12.56
CA ILE K 87 35.05 -37.37 12.43
C ILE K 87 36.11 -38.29 11.82
N ASN K 88 36.70 -37.89 10.68
CA ASN K 88 37.66 -38.81 10.03
C ASN K 88 38.90 -38.94 10.90
N GLY K 89 39.56 -37.81 11.16
CA GLY K 89 40.86 -37.82 11.82
C GLY K 89 40.78 -38.16 13.30
N THR K 90 41.82 -37.79 14.04
CA THR K 90 41.73 -37.63 15.49
C THR K 90 40.84 -36.43 15.84
N ALA K 91 40.16 -36.49 17.00
CA ALA K 91 39.26 -35.43 17.44
C ALA K 91 39.99 -34.12 17.70
N PRO K 92 39.41 -32.95 17.31
CA PRO K 92 39.96 -31.65 17.74
C PRO K 92 39.65 -31.43 19.23
N SER K 93 40.53 -30.69 19.89
CA SER K 93 40.45 -30.42 21.33
C SER K 93 40.74 -28.94 21.58
N ILE K 94 39.92 -28.28 22.41
CA ILE K 94 40.05 -26.88 22.73
C ILE K 94 40.52 -26.69 24.18
N PRO K 95 41.68 -26.04 24.43
CA PRO K 95 42.21 -25.88 25.79
C PRO K 95 41.32 -25.05 26.70
N ALA K 96 41.53 -25.19 28.01
CA ALA K 96 40.81 -24.45 29.04
C ALA K 96 40.89 -22.93 28.82
N GLY K 97 39.75 -22.23 28.96
CA GLY K 97 39.70 -20.78 28.89
C GLY K 97 39.80 -20.17 27.47
N ARG K 98 40.12 -20.97 26.44
CA ARG K 98 40.37 -20.45 25.09
C ARG K 98 39.08 -20.21 24.30
N THR K 99 39.06 -19.15 23.50
CA THR K 99 38.15 -19.03 22.36
C THR K 99 38.98 -19.14 21.09
N GLN K 100 38.62 -20.08 20.18
CA GLN K 100 39.37 -20.24 18.95
C GLN K 100 38.54 -20.86 17.83
N PRO K 101 38.91 -20.61 16.55
CA PRO K 101 38.50 -21.47 15.45
C PRO K 101 38.97 -22.90 15.69
N ILE K 102 38.08 -23.85 15.40
CA ILE K 102 38.31 -25.29 15.45
C ILE K 102 37.90 -25.84 14.09
N THR K 103 38.77 -26.68 13.50
CA THR K 103 38.51 -27.27 12.19
C THR K 103 38.76 -28.78 12.24
N PHE K 104 37.85 -29.56 11.64
CA PHE K 104 37.98 -31.02 11.60
C PHE K 104 37.32 -31.61 10.36
N GLU K 105 37.90 -32.71 9.88
CA GLU K 105 37.38 -33.45 8.74
C GLU K 105 36.25 -34.39 9.19
N VAL K 106 35.19 -34.50 8.39
CA VAL K 106 34.04 -35.33 8.74
C VAL K 106 33.49 -36.08 7.51
N THR K 107 32.90 -37.26 7.74
CA THR K 107 32.28 -38.09 6.70
C THR K 107 30.86 -38.48 7.10
N PRO K 108 29.91 -38.62 6.16
CA PRO K 108 28.57 -39.13 6.47
C PRO K 108 28.64 -40.56 7.00
N ALA K 109 27.92 -40.85 8.09
CA ALA K 109 27.98 -42.17 8.72
C ALA K 109 27.18 -43.22 7.94
N SER K 110 26.13 -42.78 7.23
CA SER K 110 25.26 -43.62 6.41
C SER K 110 24.64 -42.80 5.27
N GLY K 111 24.23 -43.49 4.20
CA GLY K 111 23.66 -42.85 3.02
C GLY K 111 24.65 -41.91 2.30
N LYS K 112 24.10 -40.92 1.59
CA LYS K 112 24.88 -39.96 0.80
C LYS K 112 24.18 -38.60 0.80
N PRO K 113 24.61 -37.65 1.67
CA PRO K 113 24.05 -36.29 1.66
C PRO K 113 24.61 -35.50 0.49
N ASN K 114 23.96 -34.37 0.23
CA ASN K 114 24.31 -33.49 -0.87
C ASN K 114 24.01 -32.06 -0.43
N PHE K 115 25.03 -31.33 0.03
CA PHE K 115 24.85 -29.95 0.45
C PHE K 115 24.83 -29.01 -0.77
N SER K 116 24.05 -27.93 -0.68
CA SER K 116 23.93 -26.92 -1.73
C SER K 116 24.63 -25.62 -1.33
N PRO K 117 25.42 -24.97 -2.23
CA PRO K 117 26.14 -23.73 -1.91
C PRO K 117 25.28 -22.63 -1.30
N GLY K 118 25.80 -22.03 -0.23
CA GLY K 118 25.15 -20.94 0.49
C GLY K 118 23.97 -21.35 1.37
N ALA K 119 23.55 -22.62 1.33
CA ALA K 119 22.50 -23.10 2.23
C ALA K 119 23.04 -23.33 3.64
N SER K 120 22.13 -23.22 4.62
CA SER K 120 22.43 -23.37 6.04
C SER K 120 21.95 -24.73 6.55
N TYR K 121 22.81 -25.42 7.30
CA TYR K 121 22.55 -26.73 7.88
C TYR K 121 22.82 -26.62 9.38
N THR K 122 21.99 -27.21 10.24
CA THR K 122 22.39 -27.26 11.65
C THR K 122 23.40 -28.38 11.83
N ALA K 123 24.37 -28.16 12.72
CA ALA K 123 25.14 -29.26 13.26
C ALA K 123 24.95 -29.21 14.77
N THR K 124 24.76 -30.37 15.42
CA THR K 124 24.98 -30.42 16.85
C THR K 124 26.32 -31.10 17.06
N ILE K 125 27.22 -30.39 17.74
CA ILE K 125 28.53 -30.93 18.04
C ILE K 125 28.47 -31.39 19.49
N TYR K 126 28.87 -32.64 19.74
CA TYR K 126 28.86 -33.21 21.08
C TYR K 126 30.28 -33.30 21.61
N PHE K 127 30.50 -32.68 22.76
CA PHE K 127 31.81 -32.54 23.37
C PHE K 127 32.00 -33.59 24.49
N SER K 128 33.24 -33.77 24.97
CA SER K 128 33.58 -34.77 25.98
C SER K 128 32.92 -34.57 27.35
N ASN K 129 32.22 -33.45 27.56
CA ASN K 129 31.31 -33.25 28.68
C ASN K 129 29.99 -34.05 28.55
N GLY K 130 29.72 -34.66 27.39
CA GLY K 130 28.38 -35.09 27.02
C GLY K 130 27.47 -33.93 26.56
N GLN K 131 27.95 -32.69 26.66
CA GLN K 131 27.25 -31.48 26.24
C GLN K 131 27.10 -31.44 24.72
N GLY K 132 25.89 -31.13 24.24
CA GLY K 132 25.66 -30.87 22.83
C GLY K 132 25.35 -29.39 22.57
N ALA K 133 26.04 -28.79 21.59
CA ALA K 133 25.77 -27.41 21.19
C ALA K 133 25.24 -27.39 19.77
N PRO K 134 24.03 -26.84 19.50
CA PRO K 134 23.60 -26.58 18.12
C PRO K 134 24.36 -25.40 17.53
N ALA K 135 24.71 -25.52 16.25
CA ALA K 135 25.43 -24.51 15.48
C ALA K 135 24.87 -24.49 14.05
N THR K 136 24.96 -23.35 13.37
CA THR K 136 24.59 -23.30 11.95
C THR K 136 25.87 -23.32 11.14
N LEU K 137 25.97 -24.26 10.18
CA LEU K 137 27.05 -24.31 9.21
C LEU K 137 26.49 -23.85 7.86
N ILE K 138 27.21 -22.95 7.18
CA ILE K 138 26.85 -22.56 5.82
C ILE K 138 27.76 -23.30 4.85
N TYR K 139 27.20 -23.99 3.87
CA TYR K 139 27.99 -24.78 2.92
C TYR K 139 28.67 -23.91 1.85
N GLN K 140 29.96 -24.20 1.58
CA GLN K 140 30.84 -23.37 0.78
C GLN K 140 31.26 -23.98 -0.57
N GLY K 141 31.17 -25.31 -0.73
CA GLY K 141 31.86 -26.07 -1.78
C GLY K 141 31.06 -26.29 -3.06
N LEU L 1 37.67 -70.31 102.39
CA LEU L 1 38.66 -70.56 101.30
C LEU L 1 37.97 -70.48 99.93
N SER L 2 36.79 -71.11 99.78
CA SER L 2 36.06 -71.25 98.51
C SER L 2 35.69 -69.91 97.84
N GLY L 3 35.39 -68.87 98.62
CA GLY L 3 34.91 -67.57 98.14
C GLY L 3 35.80 -66.92 97.09
N ALA L 4 37.12 -67.00 97.31
CA ALA L 4 38.12 -66.46 96.42
C ALA L 4 38.21 -67.25 95.10
N ILE L 5 38.16 -68.59 95.18
CA ILE L 5 38.16 -69.46 93.99
C ILE L 5 36.92 -69.20 93.13
N VAL L 6 35.75 -69.03 93.77
CA VAL L 6 34.50 -68.70 93.08
C VAL L 6 34.57 -67.31 92.44
N ALA L 7 35.11 -66.31 93.16
CA ALA L 7 35.33 -64.99 92.63
C ALA L 7 36.26 -65.02 91.39
N LEU L 8 37.34 -65.80 91.42
CA LEU L 8 38.27 -65.94 90.31
C LEU L 8 37.58 -66.55 89.07
N ILE L 9 36.85 -67.64 89.25
CA ILE L 9 36.13 -68.29 88.17
C ILE L 9 35.12 -67.34 87.54
N LEU L 10 34.37 -66.58 88.35
CA LEU L 10 33.38 -65.64 87.85
C LEU L 10 34.03 -64.41 87.21
N VAL L 11 35.20 -63.95 87.67
CA VAL L 11 35.97 -62.92 86.99
C VAL L 11 36.41 -63.39 85.61
N ILE L 12 37.05 -64.56 85.51
CA ILE L 12 37.51 -65.12 84.25
C ILE L 12 36.33 -65.37 83.30
N ALA L 13 35.27 -66.02 83.79
CA ALA L 13 34.06 -66.28 83.01
C ALA L 13 33.38 -64.98 82.56
N GLY L 14 33.43 -63.93 83.39
CA GLY L 14 32.94 -62.60 83.02
C GLY L 14 33.65 -62.05 81.78
N VAL L 15 34.99 -62.16 81.72
CA VAL L 15 35.75 -61.79 80.54
C VAL L 15 35.30 -62.61 79.32
N ILE L 16 35.18 -63.93 79.45
CA ILE L 16 34.77 -64.81 78.36
C ILE L 16 33.37 -64.44 77.85
N ILE L 17 32.38 -64.30 78.74
CA ILE L 17 31.00 -64.01 78.38
C ILE L 17 30.89 -62.62 77.74
N ALA L 18 31.58 -61.60 78.27
CA ALA L 18 31.56 -60.27 77.69
C ALA L 18 32.13 -60.25 76.27
N ILE L 19 33.27 -60.94 76.04
CA ILE L 19 33.83 -61.07 74.70
C ILE L 19 32.90 -61.84 73.77
N ALA L 20 32.30 -62.94 74.25
CA ALA L 20 31.36 -63.74 73.48
C ALA L 20 30.13 -62.93 73.03
N VAL L 21 29.59 -62.08 73.90
CA VAL L 21 28.46 -61.20 73.61
C VAL L 21 28.85 -60.14 72.57
N VAL L 22 30.06 -59.58 72.64
CA VAL L 22 30.58 -58.65 71.64
C VAL L 22 30.73 -59.32 70.28
N LEU L 23 31.25 -60.55 70.22
CA LEU L 23 31.37 -61.31 68.97
C LEU L 23 29.99 -61.66 68.39
N PHE L 24 29.04 -62.05 69.24
CA PHE L 24 27.66 -62.32 68.82
C PHE L 24 27.01 -61.10 68.19
N ALA L 25 27.21 -59.91 68.78
CA ALA L 25 26.70 -58.65 68.24
C ALA L 25 27.19 -58.41 66.81
N PHE L 26 28.48 -58.61 66.52
CA PHE L 26 28.99 -58.53 65.14
C PHE L 26 28.43 -59.62 64.23
N GLY L 27 28.29 -60.86 64.72
CA GLY L 27 27.83 -62.00 63.93
C GLY L 27 26.44 -61.85 63.32
N LEU L 28 25.61 -60.97 63.88
CA LEU L 28 24.29 -60.62 63.34
C LEU L 28 24.37 -59.81 62.04
N ILE L 29 25.47 -59.08 61.80
CA ILE L 29 25.54 -58.03 60.80
C ILE L 29 25.49 -58.58 59.36
N PRO L 30 26.30 -59.58 58.95
CA PRO L 30 26.13 -60.19 57.64
C PRO L 30 24.74 -60.78 57.47
N GLY L 31 24.15 -61.36 58.54
CA GLY L 31 22.80 -61.92 58.51
C GLY L 31 21.71 -60.91 58.12
N ILE L 32 21.64 -59.76 58.80
CA ILE L 32 20.62 -58.72 58.57
C ILE L 32 20.69 -58.10 57.16
N SER L 33 21.84 -58.16 56.47
CA SER L 33 21.97 -57.64 55.11
C SER L 33 21.08 -58.38 54.11
N ASN L 34 20.76 -59.65 54.36
CA ASN L 34 19.88 -60.44 53.52
C ASN L 34 18.48 -59.85 53.38
N GLN L 35 18.07 -58.99 54.32
CA GLN L 35 16.83 -58.22 54.31
C GLN L 35 16.68 -57.38 53.03
N GLY L 36 17.79 -57.11 52.32
CA GLY L 36 17.83 -56.33 51.09
C GLY L 36 18.37 -57.08 49.87
N SER L 37 18.24 -58.42 49.85
CA SER L 37 18.79 -59.26 48.79
C SER L 37 18.25 -58.92 47.39
N ILE L 38 16.99 -58.49 47.29
CA ILE L 38 16.30 -58.36 46.01
C ILE L 38 16.32 -56.91 45.53
N GLN L 39 16.57 -56.72 44.23
CA GLN L 39 16.31 -55.46 43.55
C GLN L 39 15.42 -55.74 42.35
N VAL L 40 14.37 -54.91 42.15
CA VAL L 40 13.53 -54.98 40.96
C VAL L 40 13.89 -53.80 40.07
N LEU L 41 14.19 -54.08 38.80
CA LEU L 41 14.84 -53.09 37.93
C LEU L 41 14.25 -53.11 36.51
N GLY L 42 14.34 -51.95 35.86
CA GLY L 42 13.54 -51.64 34.67
C GLY L 42 12.06 -51.46 34.97
N SER L 43 11.26 -51.09 33.96
CA SER L 43 9.82 -51.18 34.04
C SER L 43 9.38 -52.62 33.78
N GLY L 44 8.42 -53.12 34.56
CA GLY L 44 7.75 -54.36 34.26
C GLY L 44 6.56 -54.17 33.30
N THR L 45 5.90 -55.27 32.99
CA THR L 45 4.69 -55.26 32.18
C THR L 45 3.61 -56.07 32.87
N ILE L 46 2.35 -55.60 32.76
CA ILE L 46 1.19 -56.38 33.14
C ILE L 46 0.31 -56.63 31.91
N THR L 47 -0.08 -57.87 31.66
CA THR L 47 -0.81 -58.27 30.46
C THR L 47 -1.99 -59.15 30.83
N ASN L 48 -3.16 -58.91 30.22
CA ASN L 48 -4.30 -59.83 30.27
C ASN L 48 -3.85 -61.23 29.85
N SER L 49 -4.12 -62.27 30.66
CA SER L 49 -3.74 -63.63 30.31
C SER L 49 -4.92 -64.62 30.29
N THR L 50 -6.10 -64.22 30.77
CA THR L 50 -7.28 -65.09 30.76
C THR L 50 -7.80 -65.34 29.33
N ALA L 51 -8.62 -66.39 29.17
CA ALA L 51 -9.14 -66.80 27.87
C ALA L 51 -10.65 -67.09 27.92
N SER L 52 -11.28 -67.11 26.72
CA SER L 52 -12.63 -67.60 26.44
C SER L 52 -13.76 -66.99 27.30
N GLY L 53 -13.53 -65.79 27.86
CA GLY L 53 -14.49 -65.14 28.76
C GLY L 53 -14.66 -65.85 30.11
N SER L 54 -13.60 -66.53 30.58
CA SER L 54 -13.58 -67.29 31.83
C SER L 54 -13.90 -66.44 33.07
N SER L 55 -14.39 -67.10 34.14
CA SER L 55 -14.88 -66.49 35.38
C SER L 55 -13.83 -65.67 36.14
N ARG L 56 -12.52 -65.95 35.93
CA ARG L 56 -11.42 -65.18 36.49
C ARG L 56 -10.75 -64.34 35.41
N THR L 57 -10.62 -63.02 35.66
CA THR L 57 -9.56 -62.25 35.02
C THR L 57 -8.23 -62.60 35.68
N ILE L 58 -7.24 -62.99 34.86
CA ILE L 58 -5.91 -63.36 35.28
C ILE L 58 -4.94 -62.49 34.49
N TYR L 59 -3.79 -62.11 35.07
CA TYR L 59 -2.89 -61.19 34.40
C TYR L 59 -1.45 -61.70 34.31
N ASN L 60 -0.60 -61.03 33.49
CA ASN L 60 0.80 -61.39 33.32
C ASN L 60 1.69 -60.38 34.05
N ILE L 61 2.31 -60.76 35.17
CA ILE L 61 3.24 -59.85 35.83
C ILE L 61 4.68 -60.21 35.44
N THR L 62 5.24 -59.49 34.46
CA THR L 62 6.64 -59.72 34.12
C THR L 62 7.49 -58.57 34.65
N ILE L 63 8.56 -58.91 35.37
CA ILE L 63 9.52 -57.96 35.96
C ILE L 63 10.94 -58.53 35.83
N THR L 64 11.97 -57.68 35.81
CA THR L 64 13.33 -58.16 35.92
C THR L 64 13.79 -58.01 37.37
N VAL L 65 14.29 -59.11 37.94
CA VAL L 65 14.65 -59.17 39.34
C VAL L 65 16.11 -59.58 39.45
N LYS L 66 16.83 -58.95 40.38
CA LYS L 66 18.22 -59.27 40.69
C LYS L 66 18.27 -59.76 42.14
N ASN L 67 18.80 -60.97 42.35
CA ASN L 67 18.99 -61.51 43.68
C ASN L 67 20.47 -61.47 44.04
N THR L 68 20.81 -60.73 45.10
CA THR L 68 22.17 -60.56 45.60
C THR L 68 22.47 -61.50 46.79
N GLY L 69 21.45 -62.18 47.32
CA GLY L 69 21.59 -63.07 48.47
C GLY L 69 22.21 -64.42 48.12
N THR L 70 22.44 -65.25 49.14
CA THR L 70 23.06 -66.57 48.99
C THR L 70 22.05 -67.73 49.01
N THR L 71 20.75 -67.40 49.01
CA THR L 71 19.65 -68.37 48.92
C THR L 71 18.69 -67.99 47.79
N SER L 72 18.00 -69.00 47.22
CA SER L 72 16.90 -68.75 46.29
C SER L 72 15.75 -68.08 47.04
N ILE L 73 15.13 -67.05 46.43
CA ILE L 73 14.12 -66.23 47.09
C ILE L 73 12.87 -66.16 46.20
N SER L 74 11.68 -66.22 46.80
CA SER L 74 10.43 -66.32 46.05
C SER L 74 9.49 -65.13 46.33
N VAL L 75 8.63 -64.84 45.35
CA VAL L 75 7.55 -63.87 45.53
C VAL L 75 6.49 -64.49 46.44
N THR L 76 6.19 -63.83 47.57
CA THR L 76 5.19 -64.30 48.52
C THR L 76 3.82 -63.68 48.27
N SER L 77 3.79 -62.38 47.93
CA SER L 77 2.57 -61.64 47.66
C SER L 77 2.87 -60.41 46.81
N ILE L 78 1.82 -59.84 46.23
CA ILE L 78 1.92 -58.64 45.42
C ILE L 78 0.72 -57.74 45.70
N ASN L 79 0.99 -56.43 45.74
CA ASN L 79 -0.05 -55.42 45.86
C ASN L 79 0.11 -54.50 44.65
N ILE L 80 -0.95 -54.33 43.84
CA ILE L 80 -0.88 -53.50 42.64
C ILE L 80 -1.68 -52.24 42.89
N ASN L 81 -0.99 -51.10 42.86
CA ASN L 81 -1.58 -49.77 42.94
C ASN L 81 -2.44 -49.61 44.21
N GLY L 82 -1.97 -50.17 45.33
CA GLY L 82 -2.69 -50.19 46.60
C GLY L 82 -3.60 -51.40 46.81
N GLN L 83 -4.02 -52.10 45.76
CA GLN L 83 -4.98 -53.19 45.85
C GLN L 83 -4.29 -54.53 46.09
N PRO L 84 -4.84 -55.42 46.96
CA PRO L 84 -4.30 -56.76 47.13
C PRO L 84 -4.58 -57.65 45.92
N PHE L 85 -3.61 -58.50 45.59
CA PHE L 85 -3.66 -59.44 44.47
C PHE L 85 -3.09 -60.80 44.90
N ASN L 86 -3.63 -61.91 44.36
CA ASN L 86 -3.17 -63.26 44.66
C ASN L 86 -2.42 -63.86 43.46
N ILE L 87 -1.21 -64.41 43.69
CA ILE L 87 -0.51 -65.20 42.68
C ILE L 87 -1.32 -66.47 42.40
N ASN L 88 -1.72 -66.71 41.14
CA ASN L 88 -2.57 -67.87 40.88
C ASN L 88 -1.77 -69.16 41.10
N GLY L 89 -0.67 -69.29 40.35
CA GLY L 89 0.09 -70.54 40.33
C GLY L 89 0.87 -70.77 41.61
N THR L 90 1.89 -71.65 41.51
CA THR L 90 2.99 -71.66 42.47
C THR L 90 3.84 -70.39 42.32
N ALA L 91 4.46 -69.94 43.42
CA ALA L 91 5.27 -68.73 43.44
C ALA L 91 6.52 -68.86 42.56
N PRO L 92 6.90 -67.81 41.79
CA PRO L 92 8.19 -67.79 41.11
C PRO L 92 9.32 -67.60 42.14
N SER L 93 10.49 -68.15 41.82
CA SER L 93 11.65 -68.13 42.70
C SER L 93 12.90 -67.78 41.87
N ILE L 94 13.74 -66.87 42.38
CA ILE L 94 14.94 -66.43 41.69
C ILE L 94 16.19 -66.94 42.43
N PRO L 95 17.08 -67.74 41.77
CA PRO L 95 18.26 -68.30 42.43
C PRO L 95 19.25 -67.25 42.91
N ALA L 96 20.13 -67.66 43.84
CA ALA L 96 21.18 -66.82 44.39
C ALA L 96 22.07 -66.22 43.28
N GLY L 97 22.38 -64.91 43.39
CA GLY L 97 23.29 -64.24 42.47
C GLY L 97 22.74 -63.92 41.07
N ARG L 98 21.55 -64.41 40.70
CA ARG L 98 21.01 -64.26 39.36
C ARG L 98 20.32 -62.90 39.15
N THR L 99 20.47 -62.34 37.94
CA THR L 99 19.54 -61.34 37.42
C THR L 99 18.75 -61.99 36.28
N GLN L 100 17.41 -61.96 36.34
CA GLN L 100 16.61 -62.57 35.28
C GLN L 100 15.22 -61.95 35.19
N PRO L 101 14.57 -62.02 34.00
CA PRO L 101 13.12 -61.89 33.90
C PRO L 101 12.42 -62.96 34.76
N ILE L 102 11.39 -62.53 35.46
CA ILE L 102 10.50 -63.34 36.29
C ILE L 102 9.09 -63.06 35.81
N THR L 103 8.30 -64.12 35.58
CA THR L 103 6.92 -63.99 35.11
C THR L 103 5.99 -64.85 35.96
N PHE L 104 4.84 -64.31 36.35
CA PHE L 104 3.87 -65.03 37.15
C PHE L 104 2.44 -64.55 36.88
N GLU L 105 1.49 -65.48 37.00
CA GLU L 105 0.07 -65.20 36.84
C GLU L 105 -0.50 -64.64 38.15
N VAL L 106 -1.38 -63.64 38.05
CA VAL L 106 -1.96 -62.99 39.24
C VAL L 106 -3.45 -62.69 39.03
N THR L 107 -4.22 -62.68 40.13
CA THR L 107 -5.65 -62.36 40.12
C THR L 107 -5.95 -61.30 41.19
N PRO L 108 -6.94 -60.40 40.97
CA PRO L 108 -7.36 -59.45 41.99
C PRO L 108 -7.93 -60.18 43.21
N ALA L 109 -7.53 -59.78 44.42
CA ALA L 109 -7.97 -60.46 45.64
C ALA L 109 -9.41 -60.11 46.02
N SER L 110 -9.84 -58.88 45.66
CA SER L 110 -11.19 -58.38 45.91
C SER L 110 -11.56 -57.34 44.85
N GLY L 111 -12.89 -57.13 44.66
CA GLY L 111 -13.41 -56.21 43.65
C GLY L 111 -13.05 -56.62 42.23
N LYS L 112 -13.02 -55.62 41.32
CA LYS L 112 -12.74 -55.83 39.91
C LYS L 112 -11.98 -54.62 39.34
N PRO L 113 -10.64 -54.69 39.22
CA PRO L 113 -9.86 -53.62 38.61
C PRO L 113 -10.03 -53.65 37.09
N ASN L 114 -9.58 -52.56 36.46
CA ASN L 114 -9.68 -52.37 35.03
C ASN L 114 -8.48 -51.54 34.59
N PHE L 115 -7.43 -52.20 34.10
CA PHE L 115 -6.24 -51.50 33.62
C PHE L 115 -6.47 -50.94 32.21
N SER L 116 -5.85 -49.79 31.91
CA SER L 116 -5.94 -49.13 30.60
C SER L 116 -4.63 -49.25 29.84
N PRO L 117 -4.64 -49.59 28.52
CA PRO L 117 -3.41 -49.74 27.73
C PRO L 117 -2.44 -48.57 27.81
N GLY L 118 -1.16 -48.90 28.01
CA GLY L 118 -0.08 -47.95 28.09
C GLY L 118 0.00 -47.16 29.41
N ALA L 119 -0.98 -47.33 30.31
CA ALA L 119 -0.92 -46.69 31.62
C ALA L 119 0.04 -47.43 32.55
N SER L 120 0.61 -46.68 33.52
CA SER L 120 1.56 -47.19 34.50
C SER L 120 0.90 -47.39 35.85
N TYR L 121 1.15 -48.54 36.46
CA TYR L 121 0.62 -48.93 37.77
C TYR L 121 1.81 -49.31 38.65
N THR L 122 1.83 -48.90 39.92
CA THR L 122 2.86 -49.45 40.79
C THR L 122 2.47 -50.85 41.22
N ALA L 123 3.46 -51.73 41.35
CA ALA L 123 3.29 -52.96 42.09
C ALA L 123 4.32 -52.94 43.20
N THR L 124 3.96 -53.33 44.42
CA THR L 124 4.98 -53.72 45.37
C THR L 124 4.98 -55.23 45.44
N ILE L 125 6.13 -55.82 45.14
CA ILE L 125 6.29 -57.26 45.19
C ILE L 125 6.97 -57.58 46.51
N TYR L 126 6.40 -58.49 47.29
CA TYR L 126 6.95 -58.88 48.58
C TYR L 126 7.59 -60.25 48.46
N PHE L 127 8.87 -60.32 48.82
CA PHE L 127 9.69 -61.51 48.68
C PHE L 127 9.82 -62.26 50.01
N SER L 128 10.31 -63.50 50.00
CA SER L 128 10.41 -64.36 51.18
C SER L 128 11.37 -63.83 52.27
N ASN L 129 12.12 -62.75 52.00
CA ASN L 129 12.83 -61.97 53.02
C ASN L 129 11.89 -61.12 53.90
N GLY L 130 10.60 -61.00 53.56
CA GLY L 130 9.75 -59.93 54.05
C GLY L 130 10.00 -58.57 53.38
N GLN L 131 11.02 -58.49 52.52
CA GLN L 131 11.38 -57.29 51.77
C GLN L 131 10.30 -56.97 50.72
N GLY L 132 9.90 -55.70 50.65
CA GLY L 132 9.03 -55.21 49.59
C GLY L 132 9.77 -54.28 48.64
N ALA L 133 9.66 -54.53 47.33
CA ALA L 133 10.24 -53.66 46.32
C ALA L 133 9.13 -53.00 45.51
N PRO L 134 9.04 -51.66 45.43
CA PRO L 134 8.15 -51.00 44.48
C PRO L 134 8.71 -51.12 43.05
N ALA L 135 7.81 -51.33 42.10
CA ALA L 135 8.10 -51.46 40.69
C ALA L 135 6.99 -50.78 39.87
N THR L 136 7.30 -50.30 38.67
CA THR L 136 6.26 -49.78 37.79
C THR L 136 5.96 -50.85 36.75
N LEU L 137 4.68 -51.22 36.60
CA LEU L 137 4.22 -52.09 35.54
C LEU L 137 3.45 -51.25 34.52
N ILE L 138 3.74 -51.42 33.24
CA ILE L 138 2.97 -50.78 32.18
C ILE L 138 2.00 -51.81 31.60
N TYR L 139 0.70 -51.47 31.54
CA TYR L 139 -0.30 -52.41 31.05
C TYR L 139 -0.31 -52.54 29.52
N GLN L 140 -0.40 -53.77 29.02
CA GLN L 140 -0.21 -54.12 27.62
C GLN L 140 -1.47 -54.60 26.88
N GLY L 141 -2.51 -55.07 27.61
CA GLY L 141 -3.59 -55.89 27.07
C GLY L 141 -4.82 -55.11 26.60
N LEU M 1 32.76 -59.23 92.34
CA LEU M 1 34.01 -58.69 91.72
C LEU M 1 33.84 -58.60 90.20
N SER M 2 33.32 -59.66 89.56
CA SER M 2 33.20 -59.78 88.10
C SER M 2 32.38 -58.68 87.41
N GLY M 3 31.34 -58.15 88.07
CA GLY M 3 30.41 -57.18 87.50
C GLY M 3 31.07 -55.92 86.95
N ALA M 4 32.08 -55.40 87.66
CA ALA M 4 32.85 -54.24 87.27
C ALA M 4 33.74 -54.52 86.05
N ILE M 5 34.42 -55.69 86.02
CA ILE M 5 35.24 -56.10 84.89
C ILE M 5 34.39 -56.26 83.62
N VAL M 6 33.19 -56.85 83.75
CA VAL M 6 32.25 -56.99 82.65
C VAL M 6 31.75 -55.63 82.17
N ALA M 7 31.40 -54.73 83.09
CA ALA M 7 31.02 -53.36 82.77
C ALA M 7 32.13 -52.62 82.01
N LEU M 8 33.40 -52.78 82.42
CA LEU M 8 34.54 -52.15 81.76
C LEU M 8 34.70 -52.66 80.32
N ILE M 9 34.68 -53.99 80.12
CA ILE M 9 34.80 -54.60 78.81
C ILE M 9 33.67 -54.12 77.89
N LEU M 10 32.43 -54.05 78.38
CA LEU M 10 31.30 -53.61 77.59
C LEU M 10 31.34 -52.10 77.32
N VAL M 11 31.86 -51.28 78.23
CA VAL M 11 32.10 -49.86 77.98
C VAL M 11 33.12 -49.68 76.86
N ILE M 12 34.29 -50.33 76.95
CA ILE M 12 35.35 -50.25 75.95
C ILE M 12 34.84 -50.78 74.60
N ALA M 13 34.22 -51.97 74.59
CA ALA M 13 33.66 -52.56 73.38
C ALA M 13 32.55 -51.68 72.78
N GLY M 14 31.76 -50.99 73.61
CA GLY M 14 30.78 -50.03 73.15
C GLY M 14 31.40 -48.89 72.33
N VAL M 15 32.53 -48.34 72.80
CA VAL M 15 33.30 -47.35 72.04
C VAL M 15 33.74 -47.93 70.70
N ILE M 16 34.34 -49.13 70.69
CA ILE M 16 34.82 -49.78 69.49
C ILE M 16 33.69 -50.01 68.48
N ILE M 17 32.57 -50.61 68.92
CA ILE M 17 31.44 -50.92 68.05
C ILE M 17 30.79 -49.64 67.50
N ALA M 18 30.61 -48.61 68.32
CA ALA M 18 30.04 -47.35 67.85
C ALA M 18 30.92 -46.69 66.78
N ILE M 19 32.25 -46.66 66.98
CA ILE M 19 33.17 -46.15 65.97
C ILE M 19 33.14 -47.00 64.70
N ALA M 20 33.12 -48.34 64.84
CA ALA M 20 33.06 -49.26 63.72
C ALA M 20 31.80 -49.05 62.87
N VAL M 21 30.65 -48.83 63.51
CA VAL M 21 29.38 -48.55 62.84
C VAL M 21 29.42 -47.21 62.10
N VAL M 22 30.04 -46.18 62.68
CA VAL M 22 30.24 -44.89 62.02
C VAL M 22 31.14 -45.03 60.78
N LEU M 23 32.24 -45.79 60.87
CA LEU M 23 33.11 -46.05 59.73
C LEU M 23 32.41 -46.85 58.64
N PHE M 24 31.61 -47.86 59.01
CA PHE M 24 30.82 -48.64 58.07
C PHE M 24 29.83 -47.75 57.29
N ALA M 25 29.16 -46.82 57.99
CA ALA M 25 28.24 -45.87 57.37
C ALA M 25 28.93 -45.06 56.25
N PHE M 26 30.14 -44.54 56.48
CA PHE M 26 30.90 -43.86 55.44
C PHE M 26 31.34 -44.81 54.32
N GLY M 27 31.77 -46.04 54.64
CA GLY M 27 32.26 -47.01 53.67
C GLY M 27 31.27 -47.40 52.57
N LEU M 28 29.97 -47.21 52.80
CA LEU M 28 28.93 -47.41 51.81
C LEU M 28 28.94 -46.35 50.69
N ILE M 29 29.47 -45.16 50.96
CA ILE M 29 29.26 -43.97 50.12
C ILE M 29 29.96 -44.07 48.75
N PRO M 30 31.26 -44.43 48.64
CA PRO M 30 31.86 -44.67 47.33
C PRO M 30 31.14 -45.80 46.59
N GLY M 31 30.67 -46.84 47.30
CA GLY M 31 29.93 -47.95 46.72
C GLY M 31 28.65 -47.53 45.99
N ILE M 32 27.76 -46.77 46.64
CA ILE M 32 26.47 -46.33 46.09
C ILE M 32 26.62 -45.43 44.86
N SER M 33 27.76 -44.74 44.69
CA SER M 33 27.99 -43.89 43.52
C SER M 33 28.00 -44.67 42.19
N ASN M 34 28.36 -45.96 42.24
CA ASN M 34 28.37 -46.82 41.06
C ASN M 34 26.98 -46.97 40.43
N GLN M 35 25.92 -46.68 41.18
CA GLN M 35 24.53 -46.62 40.71
C GLN M 35 24.35 -45.66 39.52
N GLY M 36 25.29 -44.73 39.32
CA GLY M 36 25.26 -43.74 38.25
C GLY M 36 26.47 -43.80 37.32
N SER M 37 27.10 -44.96 37.16
CA SER M 37 28.32 -45.13 36.37
C SER M 37 28.13 -44.74 34.90
N ILE M 38 26.94 -44.95 34.33
CA ILE M 38 26.71 -44.85 32.89
C ILE M 38 26.09 -43.49 32.55
N GLN M 39 26.57 -42.89 31.45
CA GLN M 39 25.90 -41.77 30.80
C GLN M 39 25.71 -42.12 29.33
N VAL M 40 24.51 -41.88 28.78
CA VAL M 40 24.25 -42.04 27.36
C VAL M 40 24.17 -40.65 26.75
N LEU M 41 24.94 -40.40 25.69
CA LEU M 41 25.17 -39.05 25.21
C LEU M 41 25.16 -38.97 23.68
N GLY M 42 24.79 -37.79 23.16
CA GLY M 42 24.36 -37.60 21.79
C GLY M 42 23.00 -38.24 21.49
N SER M 43 22.50 -38.04 20.26
CA SER M 43 21.38 -38.84 19.77
C SER M 43 21.91 -40.19 19.27
N GLY M 44 21.19 -41.27 19.58
CA GLY M 44 21.43 -42.56 18.95
C GLY M 44 20.69 -42.71 17.63
N THR M 45 20.86 -43.88 17.00
CA THR M 45 20.16 -44.23 15.79
C THR M 45 19.54 -45.62 15.94
N ILE M 46 18.34 -45.79 15.37
CA ILE M 46 17.74 -47.11 15.22
C ILE M 46 17.57 -47.42 13.73
N THR M 47 18.02 -48.59 13.28
CA THR M 47 18.02 -48.95 11.86
C THR M 47 17.46 -50.36 11.69
N ASN M 48 16.61 -50.56 10.67
CA ASN M 48 16.19 -51.89 10.22
C ASN M 48 17.44 -52.74 9.92
N SER M 49 17.54 -53.95 10.51
CA SER M 49 18.69 -54.82 10.26
C SER M 49 18.31 -56.20 9.72
N THR M 50 17.02 -56.57 9.72
CA THR M 50 16.58 -57.86 9.18
C THR M 50 16.74 -57.94 7.67
N ALA M 51 16.72 -59.18 7.12
CA ALA M 51 16.94 -59.44 5.70
C ALA M 51 15.89 -60.40 5.13
N SER M 52 15.77 -60.43 3.79
CA SER M 52 15.07 -61.42 2.96
C SER M 52 13.60 -61.66 3.33
N GLY M 53 12.94 -60.69 4.02
CA GLY M 53 11.58 -60.84 4.49
C GLY M 53 11.42 -61.88 5.62
N SER M 54 12.47 -62.05 6.44
CA SER M 54 12.51 -63.01 7.54
C SER M 54 11.43 -62.77 8.61
N SER M 55 11.08 -63.83 9.35
CA SER M 55 9.99 -63.87 10.32
C SER M 55 10.13 -62.89 11.49
N ARG M 56 11.37 -62.45 11.80
CA ARG M 56 11.64 -61.41 12.80
C ARG M 56 12.04 -60.10 12.13
N THR M 57 11.35 -59.00 12.47
CA THR M 57 11.95 -57.68 12.35
C THR M 57 12.98 -57.51 13.47
N ILE M 58 14.20 -57.15 13.07
CA ILE M 58 15.33 -56.93 13.97
C ILE M 58 15.86 -55.52 13.67
N TYR M 59 16.38 -54.81 14.69
CA TYR M 59 16.78 -53.42 14.48
C TYR M 59 18.22 -53.14 14.94
N ASN M 60 18.76 -51.96 14.58
CA ASN M 60 20.10 -51.55 14.95
C ASN M 60 20.03 -50.45 16.01
N ILE M 61 20.38 -50.77 17.27
CA ILE M 61 20.41 -49.72 18.30
C ILE M 61 21.85 -49.24 18.49
N THR M 62 22.20 -48.12 17.85
CA THR M 62 23.52 -47.54 18.09
C THR M 62 23.40 -46.31 18.97
N ILE M 63 24.21 -46.26 20.04
CA ILE M 63 24.26 -45.16 21.00
C ILE M 63 25.71 -44.93 21.42
N THR M 64 26.06 -43.72 21.86
CA THR M 64 27.36 -43.49 22.48
C THR M 64 27.20 -43.52 23.99
N VAL M 65 28.01 -44.34 24.65
CA VAL M 65 27.90 -44.60 26.08
C VAL M 65 29.23 -44.26 26.74
N LYS M 66 29.18 -43.62 27.90
CA LYS M 66 30.33 -43.30 28.73
C LYS M 66 30.20 -44.07 30.04
N ASN M 67 31.21 -44.88 30.38
CA ASN M 67 31.24 -45.60 31.64
C ASN M 67 32.27 -44.94 32.56
N THR M 68 31.81 -44.43 33.70
CA THR M 68 32.63 -43.76 34.72
C THR M 68 33.01 -44.70 35.87
N GLY M 69 32.42 -45.92 35.91
CA GLY M 69 32.66 -46.89 36.97
C GLY M 69 34.00 -47.63 36.81
N THR M 70 34.32 -48.48 37.80
CA THR M 70 35.56 -49.26 37.83
C THR M 70 35.39 -50.71 37.37
N THR M 71 34.19 -51.06 36.88
CA THR M 71 33.89 -52.38 36.31
C THR M 71 33.27 -52.24 34.92
N SER M 72 33.47 -53.24 34.06
CA SER M 72 32.75 -53.34 32.79
C SER M 72 31.26 -53.53 33.06
N ILE M 73 30.40 -52.80 32.32
CA ILE M 73 28.96 -52.77 32.56
C ILE M 73 28.22 -53.07 31.26
N SER M 74 27.13 -53.86 31.33
CA SER M 74 26.44 -54.35 30.15
C SER M 74 24.98 -53.88 30.10
N VAL M 75 24.44 -53.78 28.88
CA VAL M 75 23.02 -53.55 28.67
C VAL M 75 22.24 -54.81 29.04
N THR M 76 21.31 -54.70 30.00
CA THR M 76 20.50 -55.82 30.45
C THR M 76 19.15 -55.89 29.71
N SER M 77 18.54 -54.73 29.46
CA SER M 77 17.26 -54.62 28.78
C SER M 77 17.09 -53.23 28.19
N ILE M 78 16.13 -53.11 27.27
CA ILE M 78 15.80 -51.84 26.63
C ILE M 78 14.29 -51.74 26.47
N ASN M 79 13.77 -50.53 26.68
CA ASN M 79 12.39 -50.21 26.43
C ASN M 79 12.37 -49.05 25.44
N ILE M 80 11.70 -49.21 24.29
CA ILE M 80 11.67 -48.17 23.26
C ILE M 80 10.27 -47.55 23.25
N ASN M 81 10.21 -46.26 23.56
CA ASN M 81 9.00 -45.46 23.48
C ASN M 81 7.85 -46.05 24.32
N GLY M 82 8.18 -46.60 25.49
CA GLY M 82 7.25 -47.29 26.38
C GLY M 82 7.12 -48.80 26.14
N GLN M 83 7.51 -49.31 24.96
CA GLN M 83 7.31 -50.71 24.60
C GLN M 83 8.51 -51.57 25.03
N PRO M 84 8.30 -52.80 25.55
CA PRO M 84 9.39 -53.71 25.85
C PRO M 84 10.02 -54.28 24.58
N PHE M 85 11.35 -54.43 24.61
CA PHE M 85 12.16 -54.96 23.51
C PHE M 85 13.22 -55.93 24.06
N ASN M 86 13.56 -56.97 23.28
CA ASN M 86 14.56 -57.97 23.66
C ASN M 86 15.84 -57.80 22.83
N ILE M 87 17.02 -57.74 23.48
CA ILE M 87 18.30 -57.79 22.78
C ILE M 87 18.45 -59.18 22.14
N ASN M 88 18.64 -59.24 20.81
CA ASN M 88 18.69 -60.55 20.16
C ASN M 88 19.95 -61.29 20.61
N GLY M 89 21.11 -60.69 20.35
CA GLY M 89 22.38 -61.37 20.56
C GLY M 89 22.75 -61.52 22.04
N THR M 90 24.04 -61.73 22.30
CA THR M 90 24.61 -61.46 23.62
C THR M 90 24.64 -59.96 23.89
N ALA M 91 24.54 -59.57 25.17
CA ALA M 91 24.51 -58.17 25.57
C ALA M 91 25.82 -57.46 25.25
N PRO M 92 25.78 -56.18 24.76
CA PRO M 92 26.99 -55.37 24.65
C PRO M 92 27.46 -54.94 26.04
N SER M 93 28.77 -54.75 26.19
CA SER M 93 29.41 -54.40 27.46
C SER M 93 30.45 -53.31 27.21
N ILE M 94 30.44 -52.26 28.06
CA ILE M 94 31.35 -51.14 27.94
C ILE M 94 32.39 -51.15 29.07
N PRO M 95 33.71 -51.23 28.78
CA PRO M 95 34.74 -51.30 29.82
C PRO M 95 34.81 -50.06 30.70
N ALA M 96 35.43 -50.24 31.88
CA ALA M 96 35.63 -49.16 32.85
C ALA M 96 36.33 -47.94 32.22
N GLY M 97 35.84 -46.73 32.52
CA GLY M 97 36.46 -45.48 32.08
C GLY M 97 36.28 -45.12 30.59
N ARG M 98 35.73 -46.02 29.76
CA ARG M 98 35.63 -45.80 28.31
C ARG M 98 34.42 -44.93 27.93
N THR M 99 34.60 -44.08 26.92
CA THR M 99 33.49 -43.56 26.13
C THR M 99 33.57 -44.17 24.74
N GLN M 100 32.49 -44.81 24.26
CA GLN M 100 32.51 -45.43 22.94
C GLN M 100 31.12 -45.55 22.34
N PRO M 101 31.02 -45.63 20.99
CA PRO M 101 29.84 -46.19 20.34
C PRO M 101 29.62 -47.63 20.78
N ILE M 102 28.35 -47.96 21.03
CA ILE M 102 27.86 -49.27 21.39
C ILE M 102 26.74 -49.60 20.41
N THR M 103 26.76 -50.81 19.83
CA THR M 103 25.76 -51.24 18.87
C THR M 103 25.25 -52.63 19.22
N PHE M 104 23.93 -52.83 19.16
CA PHE M 104 23.32 -54.12 19.47
C PHE M 104 22.02 -54.33 18.69
N GLU M 105 21.75 -55.59 18.35
CA GLU M 105 20.53 -56.00 17.67
C GLU M 105 19.38 -56.14 18.66
N VAL M 106 18.18 -55.70 18.29
CA VAL M 106 17.03 -55.75 19.18
C VAL M 106 15.75 -56.15 18.42
N THR M 107 14.80 -56.80 19.12
CA THR M 107 13.52 -57.23 18.57
C THR M 107 12.38 -56.75 19.48
N PRO M 108 11.19 -56.41 18.94
CA PRO M 108 10.02 -56.09 19.77
C PRO M 108 9.60 -57.30 20.60
N ALA M 109 9.33 -57.09 21.91
CA ALA M 109 8.99 -58.18 22.80
C ALA M 109 7.55 -58.68 22.61
N SER M 110 6.66 -57.77 22.18
CA SER M 110 5.25 -58.05 21.91
C SER M 110 4.71 -57.09 20.84
N GLY M 111 3.63 -57.50 20.16
CA GLY M 111 3.03 -56.72 19.08
C GLY M 111 3.96 -56.52 17.89
N LYS M 112 3.72 -55.43 17.13
CA LYS M 112 4.48 -55.10 15.93
C LYS M 112 4.60 -53.59 15.79
N PRO M 113 5.73 -52.96 16.20
CA PRO M 113 5.93 -51.53 16.01
C PRO M 113 6.29 -51.23 14.55
N ASN M 114 6.22 -49.95 14.22
CA ASN M 114 6.48 -49.47 12.87
C ASN M 114 7.11 -48.08 12.99
N PHE M 115 8.44 -48.01 12.91
CA PHE M 115 9.12 -46.72 12.99
C PHE M 115 9.07 -46.00 11.64
N SER M 116 9.03 -44.66 11.67
CA SER M 116 8.99 -43.81 10.48
C SER M 116 10.32 -43.08 10.30
N PRO M 117 10.90 -43.02 9.06
CA PRO M 117 12.18 -42.36 8.81
C PRO M 117 12.28 -40.94 9.33
N GLY M 118 13.40 -40.65 10.02
CA GLY M 118 13.71 -39.34 10.57
C GLY M 118 12.93 -38.99 11.85
N ALA M 119 11.98 -39.84 12.28
CA ALA M 119 11.29 -39.62 13.54
C ALA M 119 12.16 -40.01 14.73
N SER M 120 11.89 -39.37 15.88
CA SER M 120 12.62 -39.59 17.13
C SER M 120 11.80 -40.43 18.10
N TYR M 121 12.44 -41.44 18.70
CA TYR M 121 11.84 -42.35 19.66
C TYR M 121 12.70 -42.33 20.91
N THR M 122 12.10 -42.31 22.11
CA THR M 122 12.95 -42.49 23.28
C THR M 122 13.28 -43.96 23.45
N ALA M 123 14.49 -44.26 23.91
CA ALA M 123 14.79 -45.57 24.45
C ALA M 123 15.26 -45.34 25.87
N THR M 124 14.82 -46.16 26.82
CA THR M 124 15.54 -46.24 28.09
C THR M 124 16.34 -47.52 28.06
N ILE M 125 17.65 -47.39 28.21
CA ILE M 125 18.53 -48.53 28.23
C ILE M 125 18.84 -48.81 29.69
N TYR M 126 18.65 -50.05 30.13
CA TYR M 126 18.90 -50.45 31.50
C TYR M 126 20.19 -51.26 31.57
N PHE M 127 21.12 -50.80 32.40
CA PHE M 127 22.44 -51.36 32.53
C PHE M 127 22.54 -52.28 33.77
N SER M 128 23.61 -53.06 33.87
CA SER M 128 23.80 -54.05 34.95
C SER M 128 23.93 -53.44 36.36
N ASN M 129 24.01 -52.09 36.46
CA ASN M 129 23.83 -51.37 37.72
C ASN M 129 22.37 -51.33 38.22
N GLY M 130 21.40 -51.76 37.40
CA GLY M 130 20.00 -51.40 37.58
C GLY M 130 19.66 -49.97 37.14
N GLN M 131 20.67 -49.19 36.76
CA GLN M 131 20.54 -47.82 36.26
C GLN M 131 19.83 -47.80 34.91
N GLY M 132 18.84 -46.91 34.76
CA GLY M 132 18.23 -46.64 33.47
C GLY M 132 18.59 -45.26 32.94
N ALA M 133 19.03 -45.17 31.68
CA ALA M 133 19.33 -43.90 31.04
C ALA M 133 18.36 -43.68 29.89
N PRO M 134 17.57 -42.58 29.87
CA PRO M 134 16.81 -42.20 28.67
C PRO M 134 17.74 -41.66 27.58
N ALA M 135 17.44 -42.03 26.34
CA ALA M 135 18.18 -41.62 25.15
C ALA M 135 17.19 -41.38 24.01
N THR M 136 17.53 -40.52 23.06
CA THR M 136 16.70 -40.36 21.86
C THR M 136 17.37 -41.12 20.73
N LEU M 137 16.62 -42.00 20.07
CA LEU M 137 17.04 -42.69 18.87
C LEU M 137 16.30 -42.09 17.67
N ILE M 138 17.02 -41.76 16.60
CA ILE M 138 16.38 -41.31 15.36
C ILE M 138 16.36 -42.49 14.39
N TYR M 139 15.18 -42.82 13.84
CA TYR M 139 15.05 -43.96 12.94
C TYR M 139 15.57 -43.67 11.53
N GLN M 140 16.33 -44.62 10.96
CA GLN M 140 17.10 -44.46 9.73
C GLN M 140 16.60 -45.28 8.53
N GLY M 141 15.82 -46.35 8.76
CA GLY M 141 15.58 -47.42 7.79
C GLY M 141 14.34 -47.24 6.92
N LEU N 1 18.63 -42.50 69.93
CA LEU N 1 18.67 -41.06 70.32
C LEU N 1 19.11 -40.21 69.12
N SER N 2 20.18 -40.62 68.42
CA SER N 2 20.82 -39.88 67.33
C SER N 2 19.89 -39.53 66.14
N GLY N 3 18.93 -40.42 65.82
CA GLY N 3 18.06 -40.29 64.66
C GLY N 3 17.29 -38.96 64.59
N ALA N 4 16.79 -38.51 65.74
CA ALA N 4 16.07 -37.26 65.87
C ALA N 4 16.99 -36.04 65.68
N ILE N 5 18.20 -36.06 66.26
CA ILE N 5 19.19 -34.99 66.09
C ILE N 5 19.60 -34.87 64.62
N VAL N 6 19.82 -36.00 63.95
CA VAL N 6 20.13 -36.03 62.51
C VAL N 6 18.98 -35.49 61.67
N ALA N 7 17.74 -35.92 61.98
CA ALA N 7 16.55 -35.40 61.33
C ALA N 7 16.43 -33.87 61.49
N LEU N 8 16.70 -33.33 62.69
CA LEU N 8 16.65 -31.89 62.95
C LEU N 8 17.69 -31.12 62.13
N ILE N 9 18.94 -31.59 62.12
CA ILE N 9 20.01 -30.97 61.35
C ILE N 9 19.67 -30.97 59.85
N LEU N 10 19.15 -32.08 59.33
CA LEU N 10 18.79 -32.17 57.92
C LEU N 10 17.54 -31.34 57.58
N VAL N 11 16.58 -31.19 58.50
CA VAL N 11 15.45 -30.28 58.33
C VAL N 11 15.95 -28.83 58.24
N ILE N 12 16.76 -28.38 59.20
CA ILE N 12 17.31 -27.03 59.22
C ILE N 12 18.18 -26.78 57.98
N ALA N 13 19.10 -27.69 57.68
CA ALA N 13 19.96 -27.58 56.50
C ALA N 13 19.15 -27.60 55.20
N GLY N 14 18.03 -28.34 55.14
CA GLY N 14 17.11 -28.31 54.02
C GLY N 14 16.54 -26.92 53.77
N VAL N 15 16.13 -26.20 54.82
CA VAL N 15 15.70 -24.81 54.71
C VAL N 15 16.83 -23.94 54.15
N ILE N 16 18.05 -24.06 54.71
CA ILE N 16 19.19 -23.27 54.27
C ILE N 16 19.52 -23.52 52.79
N ILE N 17 19.63 -24.80 52.37
CA ILE N 17 19.99 -25.16 51.01
C ILE N 17 18.89 -24.73 50.03
N ALA N 18 17.62 -24.90 50.36
CA ALA N 18 16.53 -24.47 49.49
C ALA N 18 16.54 -22.95 49.28
N ILE N 19 16.74 -22.16 50.34
CA ILE N 19 16.87 -20.71 50.23
C ILE N 19 18.11 -20.32 49.42
N ALA N 20 19.25 -20.99 49.66
CA ALA N 20 20.49 -20.75 48.93
C ALA N 20 20.32 -20.98 47.41
N VAL N 21 19.63 -22.06 47.03
CA VAL N 21 19.35 -22.39 45.64
C VAL N 21 18.41 -21.35 44.99
N VAL N 22 17.41 -20.84 45.72
CA VAL N 22 16.55 -19.76 45.25
C VAL N 22 17.35 -18.46 45.03
N LEU N 23 18.25 -18.09 45.96
CA LEU N 23 19.11 -16.93 45.80
C LEU N 23 20.08 -17.09 44.62
N PHE N 24 20.66 -18.27 44.45
CA PHE N 24 21.53 -18.57 43.31
C PHE N 24 20.81 -18.39 41.97
N ALA N 25 19.55 -18.86 41.88
CA ALA N 25 18.73 -18.70 40.69
C ALA N 25 18.57 -17.22 40.30
N PHE N 26 18.29 -16.32 41.25
CA PHE N 26 18.25 -14.89 40.98
C PHE N 26 19.62 -14.31 40.61
N GLY N 27 20.70 -14.75 41.28
CA GLY N 27 22.06 -14.24 41.06
C GLY N 27 22.59 -14.41 39.63
N LEU N 28 22.04 -15.34 38.86
CA LEU N 28 22.35 -15.53 37.44
C LEU N 28 21.82 -14.38 36.55
N ILE N 29 20.77 -13.69 36.97
CA ILE N 29 19.98 -12.81 36.10
C ILE N 29 20.74 -11.57 35.65
N PRO N 30 21.40 -10.78 36.53
CA PRO N 30 22.24 -9.69 36.06
C PRO N 30 23.38 -10.20 35.16
N GLY N 31 23.93 -11.38 35.45
CA GLY N 31 24.98 -12.00 34.64
C GLY N 31 24.58 -12.25 33.18
N ILE N 32 23.45 -12.91 32.93
CA ILE N 32 22.97 -13.26 31.59
C ILE N 32 22.65 -12.03 30.73
N SER N 33 22.35 -10.87 31.33
CA SER N 33 22.09 -9.65 30.57
C SER N 33 23.29 -9.18 29.75
N ASN N 34 24.51 -9.50 30.17
CA ASN N 34 25.73 -9.15 29.45
C ASN N 34 25.78 -9.76 28.04
N GLN N 35 25.00 -10.81 27.78
CA GLN N 35 24.80 -11.44 26.48
C GLN N 35 24.35 -10.44 25.41
N GLY N 36 23.80 -9.29 25.82
CA GLY N 36 23.30 -8.24 24.94
C GLY N 36 23.98 -6.87 25.14
N SER N 37 25.23 -6.86 25.60
CA SER N 37 25.95 -5.62 25.92
C SER N 37 26.12 -4.70 24.72
N ILE N 38 26.25 -5.24 23.50
CA ILE N 38 26.64 -4.48 22.33
C ILE N 38 25.41 -4.12 21.48
N GLN N 39 25.39 -2.87 20.99
CA GLN N 39 24.48 -2.46 19.93
C GLN N 39 25.30 -1.84 18.81
N VAL N 40 25.02 -2.22 17.55
CA VAL N 40 25.64 -1.59 16.39
C VAL N 40 24.59 -0.69 15.74
N LEU N 41 24.95 0.58 15.52
CA LEU N 41 23.96 1.60 15.18
C LEU N 41 24.47 2.54 14.09
N GLY N 42 23.51 3.11 13.33
CA GLY N 42 23.77 3.74 12.05
C GLY N 42 24.14 2.73 10.95
N SER N 43 24.31 3.22 9.72
CA SER N 43 24.96 2.43 8.68
C SER N 43 26.47 2.51 8.85
N GLY N 44 27.16 1.38 8.69
CA GLY N 44 28.61 1.37 8.57
C GLY N 44 29.09 1.61 7.14
N THR N 45 30.40 1.61 6.96
CA THR N 45 31.02 1.72 5.64
C THR N 45 32.05 0.63 5.47
N ILE N 46 32.15 0.08 4.25
CA ILE N 46 33.26 -0.79 3.87
C ILE N 46 34.04 -0.13 2.73
N THR N 47 35.38 -0.05 2.87
CA THR N 47 36.23 0.65 1.92
C THR N 47 37.44 -0.22 1.57
N ASN N 48 37.81 -0.27 0.27
CA ASN N 48 39.08 -0.82 -0.19
C ASN N 48 40.23 -0.17 0.59
N SER N 49 41.13 -0.97 1.20
CA SER N 49 42.27 -0.41 1.93
C SER N 49 43.62 -0.93 1.45
N THR N 50 43.65 -1.96 0.58
CA THR N 50 44.91 -2.48 0.04
C THR N 50 45.60 -1.48 -0.90
N ALA N 51 46.90 -1.70 -1.16
CA ALA N 51 47.71 -0.80 -1.97
C ALA N 51 48.57 -1.57 -2.99
N SER N 52 49.05 -0.84 -4.02
CA SER N 52 50.09 -1.24 -4.98
C SER N 52 49.84 -2.56 -5.73
N GLY N 53 48.57 -3.00 -5.81
CA GLY N 53 48.20 -4.27 -6.43
C GLY N 53 48.67 -5.50 -5.63
N SER N 54 48.76 -5.36 -4.30
CA SER N 54 49.23 -6.41 -3.38
C SER N 54 48.36 -7.67 -3.43
N SER N 55 48.95 -8.82 -3.03
CA SER N 55 48.38 -10.17 -3.10
C SER N 55 47.09 -10.35 -2.29
N ARG N 56 46.85 -9.52 -1.26
CA ARG N 56 45.61 -9.50 -0.49
C ARG N 56 44.78 -8.26 -0.84
N THR N 57 43.50 -8.47 -1.20
CA THR N 57 42.50 -7.43 -1.01
C THR N 57 42.17 -7.34 0.47
N ILE N 58 42.26 -6.13 1.03
CA ILE N 58 41.98 -5.82 2.42
C ILE N 58 40.96 -4.69 2.42
N TYR N 59 40.05 -4.65 3.42
CA TYR N 59 38.98 -3.66 3.39
C TYR N 59 38.89 -2.84 4.69
N ASN N 60 38.09 -1.77 4.69
CA ASN N 60 37.89 -0.91 5.85
C ASN N 60 36.48 -1.15 6.41
N ILE N 61 36.38 -1.80 7.58
CA ILE N 61 35.06 -1.96 8.21
C ILE N 61 34.88 -0.90 9.29
N THR N 62 34.19 0.20 8.97
CA THR N 62 33.89 1.18 10.00
C THR N 62 32.42 1.10 10.39
N ILE N 63 32.16 1.01 11.70
CA ILE N 63 30.83 0.92 12.29
C ILE N 63 30.80 1.76 13.58
N THR N 64 29.62 2.24 14.00
CA THR N 64 29.48 2.84 15.31
C THR N 64 28.91 1.80 16.27
N VAL N 65 29.58 1.60 17.40
CA VAL N 65 29.24 0.55 18.35
C VAL N 65 29.00 1.20 19.70
N LYS N 66 27.98 0.72 20.42
CA LYS N 66 27.64 1.13 21.77
C LYS N 66 27.81 -0.07 22.68
N ASN N 67 28.64 0.05 23.72
CA ASN N 67 28.83 -1.00 24.71
C ASN N 67 28.12 -0.57 26.01
N THR N 68 27.13 -1.36 26.43
CA THR N 68 26.33 -1.14 27.64
C THR N 68 26.85 -1.98 28.83
N GLY N 69 27.78 -2.91 28.58
CA GLY N 69 28.32 -3.81 29.60
C GLY N 69 29.34 -3.13 30.52
N THR N 70 29.81 -3.87 31.53
CA THR N 70 30.77 -3.38 32.51
C THR N 70 32.21 -3.84 32.24
N THR N 71 32.44 -4.50 31.09
CA THR N 71 33.77 -4.91 30.63
C THR N 71 34.01 -4.43 29.20
N SER N 72 35.29 -4.21 28.85
CA SER N 72 35.69 -3.95 27.46
C SER N 72 35.42 -5.20 26.63
N ILE N 73 34.85 -5.03 25.42
CA ILE N 73 34.40 -6.13 24.57
C ILE N 73 35.00 -5.97 23.17
N SER N 74 35.42 -7.08 22.55
CA SER N 74 36.14 -7.05 21.29
C SER N 74 35.40 -7.79 20.17
N VAL N 75 35.66 -7.38 18.92
CA VAL N 75 35.20 -8.11 17.76
C VAL N 75 36.01 -9.39 17.61
N THR N 76 35.34 -10.55 17.62
CA THR N 76 35.99 -11.85 17.49
C THR N 76 36.03 -12.34 16.04
N SER N 77 34.93 -12.10 15.30
CA SER N 77 34.81 -12.51 13.91
C SER N 77 33.73 -11.67 13.22
N ILE N 78 33.75 -11.71 11.87
CA ILE N 78 32.78 -11.00 11.06
C ILE N 78 32.40 -11.88 9.87
N ASN N 79 31.12 -11.85 9.51
CA ASN N 79 30.60 -12.50 8.33
C ASN N 79 29.93 -11.41 7.49
N ILE N 80 30.35 -11.24 6.23
CA ILE N 80 29.79 -10.20 5.36
C ILE N 80 28.93 -10.85 4.30
N ASN N 81 27.64 -10.55 4.33
CA ASN N 81 26.67 -10.97 3.33
C ASN N 81 26.63 -12.50 3.18
N GLY N 82 26.76 -13.22 4.30
CA GLY N 82 26.82 -14.67 4.35
C GLY N 82 28.24 -15.26 4.25
N GLN N 83 29.23 -14.50 3.76
CA GLN N 83 30.58 -15.01 3.53
C GLN N 83 31.46 -14.83 4.77
N PRO N 84 32.32 -15.81 5.13
CA PRO N 84 33.28 -15.64 6.21
C PRO N 84 34.41 -14.68 5.83
N PHE N 85 34.84 -13.87 6.80
CA PHE N 85 35.91 -12.89 6.66
C PHE N 85 36.82 -12.93 7.89
N ASN N 86 38.13 -12.66 7.72
CA ASN N 86 39.11 -12.64 8.80
C ASN N 86 39.56 -11.20 9.09
N ILE N 87 39.54 -10.79 10.37
CA ILE N 87 40.14 -9.52 10.79
C ILE N 87 41.65 -9.62 10.60
N ASN N 88 42.26 -8.71 9.81
CA ASN N 88 43.69 -8.85 9.54
C ASN N 88 44.48 -8.59 10.82
N GLY N 89 44.30 -7.39 11.39
CA GLY N 89 45.12 -6.94 12.51
C GLY N 89 44.78 -7.67 13.82
N THR N 90 45.18 -7.04 14.94
CA THR N 90 44.57 -7.33 16.23
C THR N 90 43.12 -6.84 16.27
N ALA N 91 42.27 -7.52 17.05
CA ALA N 91 40.85 -7.18 17.16
C ALA N 91 40.63 -5.80 17.77
N PRO N 92 39.67 -5.00 17.26
CA PRO N 92 39.25 -3.77 17.94
C PRO N 92 38.45 -4.12 19.19
N SER N 93 38.52 -3.25 20.20
CA SER N 93 37.88 -3.44 21.48
C SER N 93 37.23 -2.13 21.92
N ILE N 94 35.98 -2.19 22.40
CA ILE N 94 35.21 -1.02 22.83
C ILE N 94 35.04 -1.03 24.35
N PRO N 95 35.52 0.01 25.08
CA PRO N 95 35.43 0.05 26.54
C PRO N 95 34.01 0.07 27.08
N ALA N 96 33.85 -0.29 28.35
CA ALA N 96 32.57 -0.29 29.05
C ALA N 96 31.88 1.08 28.97
N GLY N 97 30.57 1.09 28.69
CA GLY N 97 29.76 2.31 28.67
C GLY N 97 29.94 3.23 27.46
N ARG N 98 30.93 2.98 26.59
CA ARG N 98 31.25 3.89 25.49
C ARG N 98 30.35 3.67 24.27
N THR N 99 30.00 4.77 23.59
CA THR N 99 29.58 4.73 22.19
C THR N 99 30.68 5.36 21.35
N GLN N 100 31.18 4.64 20.33
CA GLN N 100 32.23 5.20 19.48
C GLN N 100 32.26 4.57 18.09
N PRO N 101 32.80 5.29 17.08
CA PRO N 101 33.27 4.66 15.86
C PRO N 101 34.36 3.63 16.18
N ILE N 102 34.26 2.48 15.50
CA ILE N 102 35.20 1.37 15.56
C ILE N 102 35.61 1.08 14.12
N THR N 103 36.91 0.93 13.87
CA THR N 103 37.43 0.65 12.53
C THR N 103 38.44 -0.50 12.59
N PHE N 104 38.34 -1.43 11.63
CA PHE N 104 39.23 -2.57 11.56
C PHE N 104 39.41 -3.06 10.14
N GLU N 105 40.61 -3.59 9.85
CA GLU N 105 40.96 -4.16 8.56
C GLU N 105 40.44 -5.60 8.48
N VAL N 106 39.92 -6.00 7.31
CA VAL N 106 39.36 -7.33 7.13
C VAL N 106 39.72 -7.90 5.75
N THR N 107 39.82 -9.24 5.65
CA THR N 107 40.12 -9.95 4.41
C THR N 107 39.09 -11.07 4.18
N PRO N 108 38.72 -11.40 2.94
CA PRO N 108 37.85 -12.55 2.66
C PRO N 108 38.52 -13.85 3.09
N ALA N 109 37.78 -14.73 3.79
CA ALA N 109 38.35 -15.96 4.30
C ALA N 109 38.53 -17.03 3.21
N SER N 110 37.68 -16.98 2.18
CA SER N 110 37.71 -17.88 1.04
C SER N 110 37.13 -17.19 -0.21
N GLY N 111 37.50 -17.68 -1.40
CA GLY N 111 37.08 -17.11 -2.67
C GLY N 111 37.55 -15.67 -2.86
N LYS N 112 36.80 -14.91 -3.69
CA LYS N 112 37.13 -13.54 -4.04
C LYS N 112 35.85 -12.73 -4.24
N PRO N 113 35.39 -11.95 -3.23
CA PRO N 113 34.23 -11.09 -3.38
C PRO N 113 34.59 -9.85 -4.19
N ASN N 114 33.54 -9.14 -4.61
CA ASN N 114 33.68 -7.95 -5.43
C ASN N 114 32.53 -7.01 -5.06
N PHE N 115 32.79 -6.04 -4.19
CA PHE N 115 31.77 -5.07 -3.80
C PHE N 115 31.62 -3.99 -4.86
N SER N 116 30.39 -3.46 -5.02
CA SER N 116 30.07 -2.40 -5.98
C SER N 116 29.79 -1.08 -5.27
N PRO N 117 30.33 0.07 -5.74
CA PRO N 117 30.12 1.37 -5.08
C PRO N 117 28.67 1.72 -4.80
N GLY N 118 28.42 2.19 -3.58
CA GLY N 118 27.10 2.62 -3.12
C GLY N 118 26.13 1.47 -2.80
N ALA N 119 26.51 0.21 -3.07
CA ALA N 119 25.68 -0.93 -2.70
C ALA N 119 25.79 -1.23 -1.20
N SER N 120 24.72 -1.83 -0.66
CA SER N 120 24.61 -2.20 0.75
C SER N 120 24.82 -3.69 0.94
N TYR N 121 25.63 -4.05 1.93
CA TYR N 121 25.96 -5.42 2.29
C TYR N 121 25.66 -5.59 3.78
N THR N 122 25.07 -6.71 4.20
CA THR N 122 24.99 -6.93 5.64
C THR N 122 26.32 -7.43 6.15
N ALA N 123 26.69 -7.02 7.36
CA ALA N 123 27.72 -7.70 8.10
C ALA N 123 27.10 -8.15 9.40
N THR N 124 27.38 -9.37 9.85
CA THR N 124 27.14 -9.69 11.25
C THR N 124 28.49 -9.67 11.94
N ILE N 125 28.61 -8.83 12.95
CA ILE N 125 29.83 -8.72 13.72
C ILE N 125 29.60 -9.52 14.99
N TYR N 126 30.51 -10.45 15.32
CA TYR N 126 30.41 -11.27 16.50
C TYR N 126 31.41 -10.81 17.54
N PHE N 127 30.89 -10.48 18.72
CA PHE N 127 31.66 -9.90 19.81
C PHE N 127 32.03 -10.96 20.85
N SER N 128 32.95 -10.65 21.78
CA SER N 128 33.46 -11.60 22.77
C SER N 128 32.41 -12.10 23.78
N ASN N 129 31.19 -11.55 23.76
CA ASN N 129 30.03 -12.11 24.43
C ASN N 129 29.47 -13.38 23.75
N GLY N 130 29.95 -13.72 22.54
CA GLY N 130 29.24 -14.62 21.65
C GLY N 130 28.04 -13.98 20.93
N GLN N 131 27.71 -12.73 21.29
CA GLN N 131 26.63 -11.94 20.69
C GLN N 131 26.96 -11.59 19.24
N GLY N 132 25.99 -11.78 18.33
CA GLY N 132 26.10 -11.30 16.96
C GLY N 132 25.13 -10.15 16.70
N ALA N 133 25.63 -9.06 16.12
CA ALA N 133 24.80 -7.93 15.72
C ALA N 133 24.81 -7.80 14.20
N PRO N 134 23.65 -7.83 13.50
CA PRO N 134 23.59 -7.48 12.09
C PRO N 134 23.72 -5.96 11.92
N ALA N 135 24.45 -5.56 10.89
CA ALA N 135 24.70 -4.17 10.52
C ALA N 135 24.68 -4.04 9.00
N THR N 136 24.34 -2.87 8.47
CA THR N 136 24.46 -2.63 7.03
C THR N 136 25.72 -1.83 6.79
N LEU N 137 26.59 -2.31 5.90
CA LEU N 137 27.76 -1.58 5.44
C LEU N 137 27.50 -1.11 4.01
N ILE N 138 27.77 0.17 3.71
CA ILE N 138 27.69 0.68 2.35
C ILE N 138 29.10 0.75 1.79
N TYR N 139 29.33 0.15 0.60
CA TYR N 139 30.67 0.12 0.01
C TYR N 139 31.06 1.45 -0.64
N GLN N 140 32.30 1.89 -0.39
CA GLN N 140 32.78 3.24 -0.74
C GLN N 140 33.85 3.28 -1.84
N GLY N 141 34.56 2.15 -2.11
CA GLY N 141 35.83 2.13 -2.83
C GLY N 141 35.71 1.89 -4.33
N LEU O 1 12.61 -36.73 56.65
CA LEU O 1 11.73 -35.60 57.10
C LEU O 1 11.98 -34.36 56.22
N SER O 2 13.26 -34.01 55.98
CA SER O 2 13.67 -32.79 55.28
C SER O 2 13.13 -32.65 53.85
N GLY O 3 12.96 -33.76 53.12
CA GLY O 3 12.57 -33.77 51.71
C GLY O 3 11.26 -33.01 51.42
N ALA O 4 10.28 -33.17 52.30
CA ALA O 4 8.99 -32.51 52.20
C ALA O 4 9.10 -31.00 52.46
N ILE O 5 9.88 -30.58 53.47
CA ILE O 5 10.11 -29.18 53.77
C ILE O 5 10.82 -28.48 52.60
N VAL O 6 11.81 -29.15 52.00
CA VAL O 6 12.52 -28.64 50.82
C VAL O 6 11.58 -28.54 49.62
N ALA O 7 10.75 -29.56 49.38
CA ALA O 7 9.74 -29.53 48.34
C ALA O 7 8.76 -28.37 48.53
N LEU O 8 8.31 -28.09 49.76
CA LEU O 8 7.41 -26.99 50.07
C LEU O 8 8.05 -25.62 49.77
N ILE O 9 9.28 -25.41 50.23
CA ILE O 9 10.02 -24.17 49.99
C ILE O 9 10.20 -23.94 48.49
N LEU O 10 10.56 -24.99 47.73
CA LEU O 10 10.75 -24.87 46.29
C LEU O 10 9.43 -24.69 45.53
N VAL O 11 8.33 -25.27 45.99
CA VAL O 11 6.99 -25.01 45.45
C VAL O 11 6.63 -23.53 45.65
N ILE O 12 6.72 -23.02 46.87
CA ILE O 12 6.40 -21.62 47.19
C ILE O 12 7.33 -20.67 46.41
N ALA O 13 8.64 -20.91 46.46
CA ALA O 13 9.61 -20.10 45.72
C ALA O 13 9.38 -20.17 44.21
N GLY O 14 8.93 -21.30 43.67
CA GLY O 14 8.53 -21.43 42.28
C GLY O 14 7.41 -20.47 41.90
N VAL O 15 6.38 -20.35 42.74
CA VAL O 15 5.31 -19.37 42.54
C VAL O 15 5.90 -17.95 42.53
N ILE O 16 6.73 -17.60 43.52
CA ILE O 16 7.33 -16.28 43.61
C ILE O 16 8.18 -15.94 42.38
N ILE O 17 9.08 -16.85 41.97
CA ILE O 17 9.99 -16.62 40.84
C ILE O 17 9.19 -16.53 39.53
N ALA O 18 8.19 -17.39 39.31
CA ALA O 18 7.37 -17.32 38.11
C ALA O 18 6.61 -15.99 38.01
N ILE O 19 6.01 -15.51 39.11
CA ILE O 19 5.35 -14.20 39.13
C ILE O 19 6.36 -13.07 38.91
N ALA O 20 7.54 -13.13 39.55
CA ALA O 20 8.59 -12.15 39.39
C ALA O 20 9.06 -12.03 37.92
N VAL O 21 9.23 -13.16 37.23
CA VAL O 21 9.61 -13.21 35.83
C VAL O 21 8.52 -12.62 34.92
N VAL O 22 7.24 -12.87 35.22
CA VAL O 22 6.12 -12.26 34.51
C VAL O 22 6.09 -10.73 34.70
N LEU O 23 6.31 -10.24 35.92
CA LEU O 23 6.40 -8.81 36.19
C LEU O 23 7.60 -8.16 35.48
N PHE O 24 8.76 -8.82 35.48
CA PHE O 24 9.94 -8.35 34.78
C PHE O 24 9.68 -8.20 33.28
N ALA O 25 9.00 -9.18 32.67
CA ALA O 25 8.62 -9.13 31.26
C ALA O 25 7.81 -7.87 30.92
N PHE O 26 6.82 -7.50 31.74
CA PHE O 26 6.09 -6.25 31.55
C PHE O 26 6.96 -5.01 31.79
N GLY O 27 7.83 -5.03 32.81
CA GLY O 27 8.68 -3.89 33.17
C GLY O 27 9.62 -3.39 32.06
N LEU O 28 9.94 -4.25 31.09
CA LEU O 28 10.71 -3.88 29.90
C LEU O 28 9.95 -2.95 28.95
N ILE O 29 8.62 -2.99 28.95
CA ILE O 29 7.79 -2.41 27.89
C ILE O 29 7.84 -0.89 27.85
N PRO O 30 7.65 -0.13 28.95
CA PRO O 30 7.86 1.32 28.93
C PRO O 30 9.30 1.66 28.53
N GLY O 31 10.29 0.86 28.95
CA GLY O 31 11.69 1.07 28.59
C GLY O 31 11.96 1.05 27.08
N ILE O 32 11.52 0.01 26.36
CA ILE O 32 11.75 -0.15 24.92
C ILE O 32 11.09 0.94 24.07
N SER O 33 10.04 1.62 24.57
CA SER O 33 9.39 2.70 23.84
C SER O 33 10.32 3.89 23.59
N ASN O 34 11.33 4.10 24.46
CA ASN O 34 12.32 5.17 24.29
C ASN O 34 13.11 5.05 22.99
N GLN O 35 13.15 3.86 22.39
CA GLN O 35 13.75 3.59 21.08
C GLN O 35 13.17 4.48 19.97
N GLY O 36 11.98 5.08 20.19
CA GLY O 36 11.29 5.94 19.25
C GLY O 36 11.02 7.35 19.77
N SER O 37 11.85 7.84 20.70
CA SER O 37 11.64 9.15 21.35
C SER O 37 11.63 10.32 20.37
N ILE O 38 12.41 10.24 19.28
CA ILE O 38 12.65 11.38 18.40
C ILE O 38 11.75 11.31 17.16
N GLN O 39 11.20 12.46 16.78
CA GLN O 39 10.59 12.65 15.46
C GLN O 39 11.24 13.85 14.80
N VAL O 40 11.60 13.73 13.50
CA VAL O 40 12.10 14.85 12.73
C VAL O 40 10.98 15.27 11.77
N LEU O 41 10.64 16.56 11.77
CA LEU O 41 9.42 17.04 11.14
C LEU O 41 9.63 18.36 10.39
N GLY O 42 8.80 18.56 9.36
CA GLY O 42 9.05 19.55 8.31
C GLY O 42 10.23 19.17 7.40
N SER O 43 10.47 19.98 6.36
CA SER O 43 11.73 19.91 5.62
C SER O 43 12.81 20.66 6.39
N GLY O 44 14.02 20.10 6.45
CA GLY O 44 15.20 20.82 6.92
C GLY O 44 15.86 21.62 5.81
N THR O 45 16.95 22.30 6.17
CA THR O 45 17.77 23.04 5.21
C THR O 45 19.24 22.66 5.41
N ILE O 46 19.98 22.58 4.31
CA ILE O 46 21.42 22.48 4.34
C ILE O 46 22.03 23.71 3.66
N THR O 47 22.99 24.39 4.31
CA THR O 47 23.56 25.64 3.82
C THR O 47 25.09 25.58 3.94
N ASN O 48 25.79 26.05 2.89
CA ASN O 48 27.23 26.31 2.95
C ASN O 48 27.53 27.22 4.15
N SER O 49 28.48 26.82 5.03
CA SER O 49 28.85 27.65 6.18
C SER O 49 30.33 28.00 6.25
N THR O 50 31.18 27.38 5.41
CA THR O 50 32.61 27.69 5.38
C THR O 50 32.89 29.10 4.85
N ALA O 51 34.11 29.62 5.12
CA ALA O 51 34.50 30.98 4.75
C ALA O 51 35.90 31.02 4.11
N SER O 52 36.19 32.12 3.41
CA SER O 52 37.51 32.54 2.93
C SER O 52 38.27 31.52 2.06
N GLY O 53 37.54 30.55 1.44
CA GLY O 53 38.14 29.47 0.67
C GLY O 53 38.94 28.47 1.51
N SER O 54 38.52 28.27 2.78
CA SER O 54 39.18 27.38 3.74
C SER O 54 39.20 25.92 3.29
N SER O 55 40.16 25.15 3.82
CA SER O 55 40.47 23.76 3.45
C SER O 55 39.32 22.77 3.65
N ARG O 56 38.37 23.09 4.56
CA ARG O 56 37.16 22.31 4.77
C ARG O 56 35.94 23.02 4.20
N THR O 57 35.17 22.32 3.35
CA THR O 57 33.77 22.66 3.18
C THR O 57 32.99 22.19 4.41
N ILE O 58 32.24 23.10 5.03
CA ILE O 58 31.43 22.86 6.20
C ILE O 58 30.01 23.31 5.86
N TYR O 59 28.98 22.65 6.41
CA TYR O 59 27.61 22.97 6.02
C TYR O 59 26.70 23.27 7.22
N ASN O 60 25.48 23.77 6.96
CA ASN O 60 24.50 24.09 7.99
C ASN O 60 23.37 23.08 7.94
N ILE O 61 23.28 22.17 8.93
CA ILE O 61 22.15 21.24 8.96
C ILE O 61 21.10 21.76 9.95
N THR O 62 20.07 22.43 9.44
CA THR O 62 18.98 22.84 10.32
C THR O 62 17.75 21.95 10.09
N ILE O 63 17.20 21.41 11.18
CA ILE O 63 16.03 20.54 11.19
C ILE O 63 15.16 20.88 12.39
N THR O 64 13.85 20.61 12.34
CA THR O 64 13.01 20.71 13.52
C THR O 64 12.84 19.30 14.11
N VAL O 65 13.12 19.17 15.40
CA VAL O 65 13.15 17.88 16.08
C VAL O 65 12.19 17.94 17.26
N LYS O 66 11.44 16.87 17.48
CA LYS O 66 10.53 16.71 18.61
C LYS O 66 11.05 15.53 19.45
N ASN O 67 11.31 15.77 20.73
CA ASN O 67 11.72 14.73 21.65
C ASN O 67 10.54 14.39 22.58
N THR O 68 10.08 13.14 22.53
CA THR O 68 8.96 12.64 23.34
C THR O 68 9.46 11.87 24.57
N GLY O 69 10.77 11.59 24.67
CA GLY O 69 11.36 10.84 25.76
C GLY O 69 11.52 11.66 27.05
N THR O 70 11.98 11.00 28.12
CA THR O 70 12.16 11.62 29.43
C THR O 70 13.61 12.01 29.74
N THR O 71 14.50 11.87 28.73
CA THR O 71 15.91 12.29 28.82
C THR O 71 16.27 13.19 27.63
N SER O 72 17.25 14.07 27.84
CA SER O 72 17.84 14.84 26.74
C SER O 72 18.57 13.87 25.79
N ILE O 73 18.41 14.07 24.47
CA ILE O 73 18.91 13.16 23.45
C ILE O 73 19.71 13.94 22.42
N SER O 74 20.85 13.38 21.96
CA SER O 74 21.77 14.09 21.09
C SER O 74 21.94 13.40 19.73
N VAL O 75 22.31 14.19 18.72
CA VAL O 75 22.70 13.67 17.41
C VAL O 75 24.08 13.03 17.54
N THR O 76 24.18 11.73 17.21
CA THR O 76 25.45 11.00 17.27
C THR O 76 26.17 10.98 15.93
N SER O 77 25.42 10.84 14.83
CA SER O 77 25.97 10.81 13.49
C SER O 77 24.89 11.17 12.47
N ILE O 78 25.33 11.49 11.25
CA ILE O 78 24.44 11.83 10.16
C ILE O 78 24.99 11.23 8.86
N ASN O 79 24.07 10.73 8.04
CA ASN O 79 24.39 10.25 6.70
C ASN O 79 23.53 11.05 5.73
N ILE O 80 24.14 11.73 4.76
CA ILE O 80 23.41 12.55 3.81
C ILE O 80 23.42 11.87 2.46
N ASN O 81 22.23 11.50 1.97
CA ASN O 81 22.01 10.93 0.65
C ASN O 81 22.86 9.67 0.40
N GLY O 82 23.02 8.84 1.45
CA GLY O 82 23.85 7.65 1.44
C GLY O 82 25.30 7.86 1.88
N GLN O 83 25.81 9.10 1.86
CA GLN O 83 27.21 9.39 2.16
C GLN O 83 27.43 9.64 3.66
N PRO O 84 28.52 9.14 4.26
CA PRO O 84 28.84 9.46 5.66
C PRO O 84 29.31 10.91 5.81
N PHE O 85 28.92 11.54 6.92
CA PHE O 85 29.26 12.92 7.27
C PHE O 85 29.61 13.01 8.76
N ASN O 86 30.53 13.90 9.14
CA ASN O 86 30.96 14.11 10.51
C ASN O 86 30.44 15.45 11.04
N ILE O 87 29.81 15.45 12.23
CA ILE O 87 29.45 16.69 12.93
C ILE O 87 30.75 17.40 13.35
N ASN O 88 30.96 18.65 12.92
CA ASN O 88 32.24 19.30 13.23
C ASN O 88 32.32 19.55 14.73
N GLY O 89 31.36 20.32 15.25
CA GLY O 89 31.41 20.80 16.63
C GLY O 89 31.14 19.70 17.65
N THR O 90 30.76 20.12 18.87
CA THR O 90 30.06 19.24 19.79
C THR O 90 28.64 18.94 19.28
N ALA O 91 28.11 17.75 19.62
CA ALA O 91 26.79 17.32 19.17
C ALA O 91 25.68 18.21 19.73
N PRO O 92 24.64 18.55 18.92
CA PRO O 92 23.44 19.20 19.44
C PRO O 92 22.62 18.19 20.25
N SER O 93 21.90 18.71 21.25
CA SER O 93 21.11 17.90 22.17
C SER O 93 19.74 18.56 22.38
N ILE O 94 18.66 17.77 22.31
CA ILE O 94 17.30 18.26 22.47
C ILE O 94 16.71 17.79 23.79
N PRO O 95 16.28 18.70 24.71
CA PRO O 95 15.75 18.30 26.01
C PRO O 95 14.45 17.49 25.94
N ALA O 96 14.14 16.78 27.03
CA ALA O 96 12.93 15.98 27.16
C ALA O 96 11.67 16.81 26.88
N GLY O 97 10.73 16.26 26.10
CA GLY O 97 9.43 16.88 25.84
C GLY O 97 9.44 18.07 24.86
N ARG O 98 10.62 18.57 24.44
CA ARG O 98 10.71 19.78 23.61
C ARG O 98 10.50 19.48 22.12
N THR O 99 9.83 20.40 21.42
CA THR O 99 9.95 20.52 19.97
C THR O 99 10.73 21.81 19.67
N GLN O 100 11.81 21.72 18.89
CA GLN O 100 12.59 22.91 18.57
C GLN O 100 13.38 22.76 17.27
N PRO O 101 13.72 23.89 16.60
CA PRO O 101 14.81 23.91 15.65
C PRO O 101 16.12 23.48 16.30
N ILE O 102 16.87 22.66 15.58
CA ILE O 102 18.20 22.16 15.94
C ILE O 102 19.12 22.49 14.77
N THR O 103 20.29 23.06 15.05
CA THR O 103 21.25 23.44 14.02
C THR O 103 22.65 22.94 14.40
N PHE O 104 23.37 22.37 13.44
CA PHE O 104 24.70 21.86 13.67
C PHE O 104 25.56 21.92 12.40
N GLU O 105 26.87 22.12 12.59
CA GLU O 105 27.85 22.15 11.52
C GLU O 105 28.26 20.72 11.15
N VAL O 106 28.42 20.43 9.85
CA VAL O 106 28.77 19.11 9.40
C VAL O 106 29.78 19.16 8.23
N THR O 107 30.62 18.12 8.11
CA THR O 107 31.62 17.99 7.05
C THR O 107 31.49 16.62 6.38
N PRO O 108 31.76 16.48 5.06
CA PRO O 108 31.80 15.18 4.40
C PRO O 108 32.90 14.31 4.98
N ALA O 109 32.59 13.04 5.28
CA ALA O 109 33.56 12.14 5.91
C ALA O 109 34.61 11.63 4.92
N SER O 110 34.24 11.52 3.64
CA SER O 110 35.11 11.08 2.55
C SER O 110 34.66 11.70 1.22
N GLY O 111 35.58 11.79 0.25
CA GLY O 111 35.31 12.39 -1.05
C GLY O 111 34.97 13.88 -0.96
N LYS O 112 34.22 14.37 -1.97
CA LYS O 112 33.83 15.76 -2.08
C LYS O 112 32.45 15.88 -2.72
N PRO O 113 31.35 16.03 -1.93
CA PRO O 113 30.03 16.24 -2.49
C PRO O 113 29.88 17.66 -3.01
N ASN O 114 28.80 17.86 -3.78
CA ASN O 114 28.51 19.13 -4.40
C ASN O 114 26.99 19.27 -4.48
N PHE O 115 26.39 19.98 -3.52
CA PHE O 115 24.96 20.19 -3.50
C PHE O 115 24.56 21.30 -4.49
N SER O 116 23.37 21.19 -5.09
CA SER O 116 22.84 22.16 -6.04
C SER O 116 21.67 22.95 -5.41
N PRO O 117 21.61 24.29 -5.56
CA PRO O 117 20.55 25.11 -4.97
C PRO O 117 19.13 24.63 -5.29
N GLY O 118 18.30 24.58 -4.22
CA GLY O 118 16.91 24.17 -4.31
C GLY O 118 16.67 22.67 -4.48
N ALA O 119 17.73 21.88 -4.64
CA ALA O 119 17.60 20.43 -4.70
C ALA O 119 17.40 19.83 -3.31
N SER O 120 16.72 18.67 -3.26
CA SER O 120 16.41 17.96 -2.03
C SER O 120 17.32 16.74 -1.86
N TYR O 121 17.86 16.59 -0.65
CA TYR O 121 18.75 15.50 -0.26
C TYR O 121 18.16 14.83 0.96
N THR O 122 18.18 13.49 1.04
CA THR O 122 17.78 12.89 2.32
C THR O 122 18.95 12.99 3.30
N ALA O 123 18.65 13.19 4.57
CA ALA O 123 19.59 12.93 5.62
C ALA O 123 18.95 11.91 6.54
N THR O 124 19.71 10.90 7.00
CA THR O 124 19.26 10.15 8.17
C THR O 124 20.09 10.65 9.33
N ILE O 125 19.41 11.15 10.35
CA ILE O 125 20.08 11.62 11.54
C ILE O 125 19.95 10.50 12.58
N TYR O 126 21.06 10.09 13.18
CA TYR O 126 21.07 9.04 14.17
C TYR O 126 21.27 9.64 15.56
N PHE O 127 20.33 9.35 16.45
CA PHE O 127 20.29 9.91 17.79
C PHE O 127 20.84 8.94 18.83
N SER O 128 21.11 9.40 20.05
CA SER O 128 21.71 8.60 21.11
C SER O 128 20.87 7.41 21.60
N ASN O 129 19.62 7.29 21.12
CA ASN O 129 18.81 6.07 21.24
C ASN O 129 19.28 4.93 20.32
N GLY O 130 20.20 5.19 19.39
CA GLY O 130 20.41 4.33 18.23
C GLY O 130 19.35 4.48 17.13
N GLN O 131 18.29 5.27 17.40
CA GLN O 131 17.21 5.56 16.48
C GLN O 131 17.71 6.40 15.30
N GLY O 132 17.35 6.01 14.08
CA GLY O 132 17.58 6.82 12.89
C GLY O 132 16.28 7.38 12.32
N ALA O 133 16.26 8.69 12.05
CA ALA O 133 15.11 9.33 11.43
C ALA O 133 15.51 9.85 10.04
N PRO O 134 14.83 9.43 8.94
CA PRO O 134 15.02 10.08 7.65
C PRO O 134 14.35 11.45 7.63
N ALA O 135 15.02 12.41 6.98
CA ALA O 135 14.57 13.78 6.84
C ALA O 135 14.95 14.28 5.45
N THR O 136 14.20 15.25 4.89
CA THR O 136 14.61 15.86 3.63
C THR O 136 15.22 17.22 3.96
N LEU O 137 16.45 17.46 3.46
CA LEU O 137 17.10 18.75 3.54
C LEU O 137 17.07 19.40 2.16
N ILE O 138 16.68 20.67 2.07
CA ILE O 138 16.75 21.42 0.82
C ILE O 138 17.99 22.31 0.87
N TYR O 139 18.86 22.22 -0.15
CA TYR O 139 20.10 23.00 -0.16
C TYR O 139 19.87 24.48 -0.53
N GLN O 140 20.52 25.38 0.21
CA GLN O 140 20.27 26.83 0.17
C GLN O 140 21.42 27.67 -0.42
N GLY O 141 22.67 27.14 -0.44
CA GLY O 141 23.89 27.92 -0.60
C GLY O 141 24.39 28.05 -2.03
N LEU P 1 8.77 -31.34 42.43
CA LEU P 1 7.33 -30.94 42.56
C LEU P 1 7.12 -29.55 41.92
N SER P 2 8.00 -28.58 42.24
CA SER P 2 7.88 -27.17 41.83
C SER P 2 7.81 -26.94 40.31
N GLY P 3 8.50 -27.76 39.50
CA GLY P 3 8.64 -27.59 38.05
C GLY P 3 7.30 -27.51 37.32
N ALA P 4 6.35 -28.35 37.73
CA ALA P 4 5.01 -28.39 37.16
C ALA P 4 4.19 -27.15 37.52
N ILE P 5 4.26 -26.69 38.79
CA ILE P 5 3.59 -25.47 39.25
C ILE P 5 4.13 -24.24 38.48
N VAL P 6 5.45 -24.16 38.29
CA VAL P 6 6.09 -23.10 37.52
C VAL P 6 5.66 -23.15 36.05
N ALA P 7 5.63 -24.34 35.44
CA ALA P 7 5.15 -24.54 34.08
C ALA P 7 3.69 -24.08 33.94
N LEU P 8 2.81 -24.38 34.90
CA LEU P 8 1.41 -23.97 34.89
C LEU P 8 1.27 -22.44 34.94
N ILE P 9 1.97 -21.79 35.87
CA ILE P 9 1.95 -20.34 36.01
C ILE P 9 2.42 -19.67 34.72
N LEU P 10 3.51 -20.17 34.12
CA LEU P 10 4.03 -19.60 32.88
C LEU P 10 3.13 -19.89 31.67
N VAL P 11 2.44 -21.03 31.63
CA VAL P 11 1.42 -21.30 30.61
C VAL P 11 0.28 -20.30 30.73
N ILE P 12 -0.31 -20.15 31.92
CA ILE P 12 -1.41 -19.21 32.16
C ILE P 12 -0.97 -17.78 31.88
N ALA P 13 0.17 -17.35 32.41
CA ALA P 13 0.71 -16.01 32.17
C ALA P 13 1.03 -15.78 30.69
N GLY P 14 1.46 -16.82 29.97
CA GLY P 14 1.65 -16.75 28.52
C GLY P 14 0.36 -16.38 27.78
N VAL P 15 -0.76 -17.00 28.14
CA VAL P 15 -2.07 -16.64 27.59
C VAL P 15 -2.39 -15.17 27.90
N ILE P 16 -2.22 -14.73 29.16
CA ILE P 16 -2.51 -13.37 29.57
C ILE P 16 -1.64 -12.36 28.79
N ILE P 17 -0.32 -12.56 28.72
CA ILE P 17 0.60 -11.65 28.05
C ILE P 17 0.34 -11.61 26.55
N ALA P 18 0.08 -12.75 25.90
CA ALA P 18 -0.23 -12.78 24.48
C ALA P 18 -1.51 -12.00 24.16
N ILE P 19 -2.58 -12.18 24.95
CA ILE P 19 -3.81 -11.41 24.79
C ILE P 19 -3.58 -9.92 25.05
N ALA P 20 -2.81 -9.56 26.10
CA ALA P 20 -2.47 -8.19 26.42
C ALA P 20 -1.73 -7.49 25.27
N VAL P 21 -0.77 -8.18 24.64
CA VAL P 21 -0.02 -7.67 23.50
C VAL P 21 -0.92 -7.46 22.28
N VAL P 22 -1.87 -8.36 22.03
CA VAL P 22 -2.87 -8.21 20.97
C VAL P 22 -3.77 -6.99 21.21
N LEU P 23 -4.24 -6.79 22.45
CA LEU P 23 -5.04 -5.62 22.81
C LEU P 23 -4.23 -4.32 22.69
N PHE P 24 -2.97 -4.32 23.11
CA PHE P 24 -2.09 -3.17 22.96
C PHE P 24 -1.91 -2.78 21.49
N ALA P 25 -1.73 -3.76 20.61
CA ALA P 25 -1.62 -3.54 19.17
C ALA P 25 -2.83 -2.78 18.60
N PHE P 26 -4.06 -3.17 18.98
CA PHE P 26 -5.25 -2.43 18.58
C PHE P 26 -5.32 -1.03 19.22
N GLY P 27 -4.94 -0.89 20.50
CA GLY P 27 -5.01 0.38 21.24
C GLY P 27 -4.21 1.52 20.63
N LEU P 28 -3.20 1.22 19.81
CA LEU P 28 -2.43 2.22 19.06
C LEU P 28 -3.24 2.88 17.93
N ILE P 29 -4.27 2.21 17.40
CA ILE P 29 -4.90 2.57 16.13
C ILE P 29 -5.67 3.88 16.20
N PRO P 30 -6.57 4.13 17.19
CA PRO P 30 -7.18 5.44 17.33
C PRO P 30 -6.13 6.54 17.55
N GLY P 31 -5.05 6.24 18.28
CA GLY P 31 -3.95 7.17 18.52
C GLY P 31 -3.28 7.69 17.24
N ILE P 32 -2.84 6.79 16.35
CA ILE P 32 -2.13 7.13 15.11
C ILE P 32 -2.98 7.95 14.14
N SER P 33 -4.31 7.89 14.22
CA SER P 33 -5.20 8.67 13.36
C SER P 33 -5.03 10.19 13.56
N ASN P 34 -4.63 10.62 14.76
CA ASN P 34 -4.40 12.03 15.07
C ASN P 34 -3.32 12.65 14.19
N GLN P 35 -2.45 11.84 13.58
CA GLN P 35 -1.43 12.23 12.60
C GLN P 35 -2.04 12.99 11.41
N GLY P 36 -3.35 12.86 11.18
CA GLY P 36 -4.07 13.49 10.09
C GLY P 36 -5.22 14.41 10.55
N SER P 37 -5.12 14.98 11.75
CA SER P 37 -6.18 15.80 12.34
C SER P 37 -6.53 17.02 11.49
N ILE P 38 -5.56 17.63 10.80
CA ILE P 38 -5.71 18.92 10.16
C ILE P 38 -6.01 18.76 8.67
N GLN P 39 -6.94 19.55 8.15
CA GLN P 39 -7.12 19.76 6.72
C GLN P 39 -7.06 21.26 6.44
N VAL P 40 -6.32 21.66 5.40
CA VAL P 40 -6.30 23.05 4.94
C VAL P 40 -7.10 23.12 3.65
N LEU P 41 -8.08 24.03 3.59
CA LEU P 41 -9.10 24.00 2.55
C LEU P 41 -9.42 25.40 2.03
N GLY P 42 -9.87 25.45 0.76
CA GLY P 42 -9.89 26.66 -0.05
C GLY P 42 -8.49 27.15 -0.43
N SER P 43 -8.42 28.22 -1.24
CA SER P 43 -7.18 28.96 -1.43
C SER P 43 -6.97 29.90 -0.24
N GLY P 44 -5.73 30.00 0.26
CA GLY P 44 -5.37 31.04 1.20
C GLY P 44 -4.93 32.33 0.49
N THR P 45 -4.57 33.33 1.28
CA THR P 45 -4.03 34.59 0.79
C THR P 45 -2.75 34.92 1.52
N ILE P 46 -1.78 35.50 0.81
CA ILE P 46 -0.61 36.10 1.41
C ILE P 46 -0.60 37.61 1.10
N THR P 47 -0.42 38.46 2.11
CA THR P 47 -0.50 39.91 1.97
C THR P 47 0.69 40.57 2.66
N ASN P 48 1.29 41.57 2.02
CA ASN P 48 2.26 42.47 2.65
C ASN P 48 1.64 43.06 3.93
N SER P 49 2.33 42.96 5.09
CA SER P 49 1.81 43.52 6.34
C SER P 49 2.77 44.52 7.01
N THR P 50 4.02 44.63 6.53
CA THR P 50 4.98 45.58 7.11
C THR P 50 4.59 47.03 6.81
N ALA P 51 5.17 47.98 7.57
CA ALA P 51 4.85 49.40 7.47
C ALA P 51 6.12 50.27 7.44
N SER P 52 5.96 51.53 6.97
CA SER P 52 6.91 52.64 7.09
C SER P 52 8.32 52.37 6.53
N GLY P 53 8.46 51.37 5.63
CA GLY P 53 9.76 50.96 5.09
C GLY P 53 10.67 50.28 6.12
N SER P 54 10.06 49.59 7.11
CA SER P 54 10.77 48.90 8.20
C SER P 54 11.73 47.81 7.70
N SER P 55 12.73 47.50 8.54
CA SER P 55 13.85 46.58 8.24
C SER P 55 13.42 45.14 7.91
N ARG P 56 12.23 44.71 8.38
CA ARG P 56 11.64 43.41 8.06
C ARG P 56 10.47 43.58 7.08
N THR P 57 10.51 42.85 5.95
CA THR P 57 9.28 42.50 5.26
C THR P 57 8.56 41.41 6.05
N ILE P 58 7.29 41.66 6.37
CA ILE P 58 6.43 40.75 7.11
C ILE P 58 5.18 40.54 6.27
N TYR P 59 4.57 39.34 6.32
CA TYR P 59 3.44 39.05 5.43
C TYR P 59 2.21 38.54 6.18
N ASN P 60 1.05 38.47 5.49
CA ASN P 60 -0.20 37.98 6.07
C ASN P 60 -0.51 36.60 5.51
N ILE P 61 -0.39 35.54 6.32
CA ILE P 61 -0.78 34.21 5.86
C ILE P 61 -2.18 33.88 6.37
N THR P 62 -3.20 34.07 5.54
CA THR P 62 -4.55 33.67 5.93
C THR P 62 -4.94 32.40 5.18
N ILE P 63 -5.41 31.39 5.93
CA ILE P 63 -5.87 30.10 5.42
C ILE P 63 -7.09 29.65 6.20
N THR P 64 -7.95 28.80 5.60
CA THR P 64 -9.02 28.17 6.37
C THR P 64 -8.57 26.77 6.75
N VAL P 65 -8.67 26.45 8.05
CA VAL P 65 -8.15 25.21 8.60
C VAL P 65 -9.30 24.49 9.31
N LYS P 66 -9.36 23.17 9.15
CA LYS P 66 -10.32 22.31 9.81
C LYS P 66 -9.55 21.35 10.72
N ASN P 67 -9.86 21.34 12.01
CA ASN P 67 -9.26 20.42 12.95
C ASN P 67 -10.28 19.35 13.32
N THR P 68 -9.95 18.08 13.01
CA THR P 68 -10.78 16.91 13.28
C THR P 68 -10.36 16.18 14.57
N GLY P 69 -9.22 16.56 15.16
CA GLY P 69 -8.67 15.93 16.36
C GLY P 69 -9.40 16.36 17.65
N THR P 70 -9.00 15.74 18.78
CA THR P 70 -9.60 16.02 20.09
C THR P 70 -8.76 16.96 20.96
N THR P 71 -7.69 17.53 20.39
CA THR P 71 -6.84 18.53 21.04
C THR P 71 -6.69 19.76 20.16
N SER P 72 -6.46 20.94 20.78
CA SER P 72 -6.08 22.14 20.06
C SER P 72 -4.71 21.94 19.42
N ILE P 73 -4.53 22.36 18.16
CA ILE P 73 -3.33 22.10 17.38
C ILE P 73 -2.82 23.41 16.79
N SER P 74 -1.49 23.62 16.78
CA SER P 74 -0.88 24.88 16.41
C SER P 74 0.04 24.74 15.19
N VAL P 75 0.20 25.85 14.45
CA VAL P 75 1.19 25.93 13.38
C VAL P 75 2.58 26.03 14.01
N THR P 76 3.47 25.08 13.67
CA THR P 76 4.83 25.06 14.20
C THR P 76 5.83 25.75 13.26
N SER P 77 5.65 25.55 11.94
CA SER P 77 6.50 26.15 10.92
C SER P 77 5.77 26.19 9.59
N ILE P 78 6.31 26.99 8.66
CA ILE P 78 5.76 27.13 7.32
C ILE P 78 6.92 27.22 6.33
N ASN P 79 6.73 26.58 5.18
CA ASN P 79 7.65 26.68 4.05
C ASN P 79 6.84 27.19 2.87
N ILE P 80 7.24 28.31 2.25
CA ILE P 80 6.51 28.89 1.13
C ILE P 80 7.31 28.68 -0.13
N ASN P 81 6.72 27.92 -1.07
CA ASN P 81 7.26 27.68 -2.39
C ASN P 81 8.68 27.11 -2.35
N GLY P 82 8.94 26.21 -1.39
CA GLY P 82 10.25 25.62 -1.13
C GLY P 82 11.13 26.39 -0.14
N GLN P 83 10.85 27.67 0.12
CA GLN P 83 11.70 28.51 0.96
C GLN P 83 11.28 28.43 2.43
N PRO P 84 12.22 28.38 3.40
CA PRO P 84 11.87 28.45 4.82
C PRO P 84 11.41 29.85 5.23
N PHE P 85 10.41 29.88 6.12
CA PHE P 85 9.82 31.11 6.66
C PHE P 85 9.60 30.96 8.17
N ASN P 86 9.72 32.06 8.94
CA ASN P 86 9.51 32.08 10.38
C ASN P 86 8.21 32.81 10.73
N ILE P 87 7.35 32.21 11.56
CA ILE P 87 6.19 32.88 12.13
C ILE P 87 6.69 33.99 13.08
N ASN P 88 6.31 35.25 12.83
CA ASN P 88 6.85 36.33 13.67
C ASN P 88 6.32 36.18 15.09
N GLY P 89 4.99 36.22 15.23
CA GLY P 89 4.35 36.29 16.54
C GLY P 89 4.43 34.97 17.30
N THR P 90 3.54 34.82 18.29
CA THR P 90 3.19 33.51 18.81
C THR P 90 2.40 32.72 17.76
N ALA P 91 2.53 31.38 17.79
CA ALA P 91 1.86 30.51 16.84
C ALA P 91 0.34 30.57 16.94
N PRO P 92 -0.41 30.57 15.81
CA PRO P 92 -1.87 30.39 15.85
C PRO P 92 -2.20 28.94 16.20
N SER P 93 -3.35 28.76 16.87
CA SER P 93 -3.81 27.46 17.34
C SER P 93 -5.30 27.31 17.03
N ILE P 94 -5.70 26.14 16.49
CA ILE P 94 -7.07 25.87 16.13
C ILE P 94 -7.69 24.83 17.08
N PRO P 95 -8.78 25.14 17.80
CA PRO P 95 -9.38 24.22 18.77
C PRO P 95 -9.93 22.95 18.13
N ALA P 96 -10.13 21.91 18.96
CA ALA P 96 -10.68 20.63 18.55
C ALA P 96 -12.03 20.79 17.84
N GLY P 97 -12.23 20.06 16.73
CA GLY P 97 -13.49 20.04 16.01
C GLY P 97 -13.83 21.29 15.18
N ARG P 98 -13.07 22.39 15.29
CA ARG P 98 -13.39 23.65 14.63
C ARG P 98 -12.93 23.68 13.17
N THR P 99 -13.75 24.33 12.32
CA THR P 99 -13.28 24.87 11.04
C THR P 99 -13.28 26.39 11.14
N GLN P 100 -12.15 27.05 10.87
CA GLN P 100 -12.09 28.50 10.95
C GLN P 100 -11.00 29.09 10.07
N PRO P 101 -11.14 30.37 9.65
CA PRO P 101 -10.00 31.17 9.21
C PRO P 101 -8.94 31.27 10.31
N ILE P 102 -7.69 31.13 9.91
CA ILE P 102 -6.50 31.26 10.74
C ILE P 102 -5.60 32.28 10.04
N THR P 103 -5.08 33.26 10.80
CA THR P 103 -4.22 34.30 10.26
C THR P 103 -2.98 34.45 11.13
N PHE P 104 -1.80 34.57 10.50
CA PHE P 104 -0.55 34.74 11.22
C PHE P 104 0.47 35.52 10.40
N GLU P 105 1.32 36.28 11.11
CA GLU P 105 2.39 37.05 10.51
C GLU P 105 3.61 36.15 10.26
N VAL P 106 4.28 36.33 9.11
CA VAL P 106 5.43 35.50 8.76
C VAL P 106 6.53 36.33 8.11
N THR P 107 7.79 35.90 8.27
CA THR P 107 8.97 36.54 7.68
C THR P 107 9.83 35.52 6.94
N PRO P 108 10.51 35.88 5.84
CA PRO P 108 11.45 34.98 5.17
C PRO P 108 12.60 34.62 6.09
N ALA P 109 12.97 33.33 6.17
CA ALA P 109 14.02 32.88 7.07
C ALA P 109 15.43 33.22 6.56
N SER P 110 15.58 33.28 5.23
CA SER P 110 16.83 33.62 4.56
C SER P 110 16.54 34.26 3.20
N GLY P 111 17.51 35.03 2.68
CA GLY P 111 17.37 35.75 1.42
C GLY P 111 16.27 36.81 1.45
N LYS P 112 15.73 37.12 0.25
CA LYS P 112 14.70 38.13 0.08
C LYS P 112 13.75 37.73 -1.05
N PRO P 113 12.58 37.13 -0.76
CA PRO P 113 11.59 36.80 -1.78
C PRO P 113 10.86 38.06 -2.25
N ASN P 114 10.14 37.91 -3.36
CA ASN P 114 9.42 38.99 -3.97
C ASN P 114 8.18 38.39 -4.64
N PHE P 115 7.03 38.45 -3.95
CA PHE P 115 5.79 37.94 -4.51
C PHE P 115 5.17 38.93 -5.49
N SER P 116 4.49 38.42 -6.53
CA SER P 116 3.83 39.23 -7.56
C SER P 116 2.30 39.16 -7.41
N PRO P 117 1.56 40.31 -7.49
CA PRO P 117 0.11 40.32 -7.33
C PRO P 117 -0.64 39.31 -8.20
N GLY P 118 -1.58 38.60 -7.56
CA GLY P 118 -2.43 37.61 -8.22
C GLY P 118 -1.73 36.29 -8.54
N ALA P 119 -0.42 36.17 -8.31
CA ALA P 119 0.28 34.91 -8.51
C ALA P 119 0.02 33.95 -7.35
N SER P 120 0.11 32.64 -7.64
CA SER P 120 -0.12 31.56 -6.68
C SER P 120 1.20 30.95 -6.23
N TYR P 121 1.34 30.76 -4.92
CA TYR P 121 2.50 30.18 -4.28
C TYR P 121 2.03 29.01 -3.42
N THR P 122 2.75 27.88 -3.41
CA THR P 122 2.38 26.86 -2.43
C THR P 122 2.94 27.24 -1.07
N ALA P 123 2.21 26.93 -0.02
CA ALA P 123 2.77 26.90 1.31
C ALA P 123 2.55 25.49 1.83
N THR P 124 3.54 24.89 2.49
CA THR P 124 3.25 23.76 3.34
C THR P 124 3.27 24.26 4.78
N ILE P 125 2.16 24.09 5.47
CA ILE P 125 2.05 24.49 6.85
C ILE P 125 2.24 23.22 7.68
N TYR P 126 3.15 23.26 8.64
CA TYR P 126 3.43 22.12 9.51
C TYR P 126 2.84 22.36 10.89
N PHE P 127 1.98 21.44 11.31
CA PHE P 127 1.23 21.54 12.56
C PHE P 127 1.89 20.72 13.67
N SER P 128 1.46 20.92 14.92
CA SER P 128 2.05 20.26 16.09
C SER P 128 1.88 18.72 16.13
N ASN P 129 1.13 18.14 15.19
CA ASN P 129 1.12 16.71 14.91
C ASN P 129 2.40 16.21 14.19
N GLY P 130 3.26 17.12 13.72
CA GLY P 130 4.24 16.80 12.69
C GLY P 130 3.66 16.70 11.28
N GLN P 131 2.33 16.79 11.15
CA GLN P 131 1.61 16.75 9.88
C GLN P 131 1.91 18.00 9.05
N GLY P 132 2.20 17.81 7.75
CA GLY P 132 2.31 18.92 6.81
C GLY P 132 1.16 18.92 5.81
N ALA P 133 0.51 20.07 5.63
CA ALA P 133 -0.55 20.21 4.63
C ALA P 133 -0.10 21.20 3.56
N PRO P 134 -0.06 20.82 2.26
CA PRO P 134 0.14 21.79 1.18
C PRO P 134 -1.13 22.62 0.98
N ALA P 135 -0.93 23.90 0.71
CA ALA P 135 -2.00 24.88 0.47
C ALA P 135 -1.55 25.84 -0.63
N THR P 136 -2.48 26.43 -1.37
CA THR P 136 -2.11 27.47 -2.33
C THR P 136 -2.47 28.82 -1.72
N LEU P 137 -1.50 29.74 -1.66
CA LEU P 137 -1.72 31.12 -1.26
C LEU P 137 -1.67 32.00 -2.50
N ILE P 138 -2.64 32.90 -2.67
CA ILE P 138 -2.61 33.89 -3.74
C ILE P 138 -2.14 35.22 -3.15
N TYR P 139 -1.11 35.83 -3.74
CA TYR P 139 -0.56 37.08 -3.22
C TYR P 139 -1.43 38.29 -3.56
N GLN P 140 -1.64 39.18 -2.57
CA GLN P 140 -2.60 40.27 -2.63
C GLN P 140 -1.98 41.68 -2.66
N GLY P 141 -0.72 41.84 -2.21
CA GLY P 141 -0.13 43.13 -1.82
C GLY P 141 0.62 43.87 -2.94
N LEU Q 1 7.21 -24.93 28.19
CA LEU Q 1 5.83 -25.32 27.76
C LEU Q 1 5.11 -24.10 27.16
N SER Q 2 5.16 -22.95 27.86
CA SER Q 2 4.43 -21.71 27.52
C SER Q 2 4.71 -21.16 26.11
N GLY Q 3 5.95 -21.30 25.61
CA GLY Q 3 6.40 -20.72 24.35
C GLY Q 3 5.53 -21.10 23.14
N ALA Q 4 5.12 -22.37 23.09
CA ALA Q 4 4.27 -22.91 22.03
C ALA Q 4 2.84 -22.35 22.11
N ILE Q 5 2.27 -22.26 23.32
CA ILE Q 5 0.94 -21.68 23.53
C ILE Q 5 0.92 -20.21 23.12
N VAL Q 6 1.96 -19.45 23.48
CA VAL Q 6 2.12 -18.05 23.09
C VAL Q 6 2.27 -17.91 21.57
N ALA Q 7 3.08 -18.77 20.93
CA ALA Q 7 3.22 -18.80 19.49
C ALA Q 7 1.88 -19.08 18.80
N LEU Q 8 1.07 -20.03 19.31
CA LEU Q 8 -0.24 -20.35 18.77
C LEU Q 8 -1.21 -19.15 18.85
N ILE Q 9 -1.31 -18.52 20.02
CA ILE Q 9 -2.15 -17.35 20.21
C ILE Q 9 -1.75 -16.22 19.26
N LEU Q 10 -0.45 -15.96 19.11
CA LEU Q 10 0.02 -14.90 18.22
C LEU Q 10 -0.14 -15.26 16.74
N VAL Q 11 -0.04 -16.54 16.36
CA VAL Q 11 -0.38 -17.00 15.00
C VAL Q 11 -1.87 -16.74 14.71
N ILE Q 12 -2.77 -17.20 15.58
CA ILE Q 12 -4.21 -17.01 15.41
C ILE Q 12 -4.56 -15.53 15.40
N ALA Q 13 -4.07 -14.77 16.38
CA ALA Q 13 -4.30 -13.32 16.45
C ALA Q 13 -3.73 -12.59 15.24
N GLY Q 14 -2.60 -13.06 14.68
CA GLY Q 14 -2.05 -12.53 13.44
C GLY Q 14 -3.03 -12.65 12.27
N VAL Q 15 -3.68 -13.80 12.12
CA VAL Q 15 -4.73 -13.98 11.12
C VAL Q 15 -5.87 -12.99 11.35
N ILE Q 16 -6.36 -12.88 12.58
CA ILE Q 16 -7.46 -11.97 12.93
C ILE Q 16 -7.10 -10.51 12.62
N ILE Q 17 -5.94 -10.03 13.08
CA ILE Q 17 -5.51 -8.65 12.89
C ILE Q 17 -5.28 -8.34 11.40
N ALA Q 18 -4.65 -9.26 10.64
CA ALA Q 18 -4.44 -9.06 9.21
C ALA Q 18 -5.77 -8.94 8.45
N ILE Q 19 -6.75 -9.81 8.74
CA ILE Q 19 -8.08 -9.72 8.15
C ILE Q 19 -8.79 -8.43 8.57
N ALA Q 20 -8.71 -8.04 9.85
CA ALA Q 20 -9.30 -6.81 10.37
C ALA Q 20 -8.75 -5.57 9.65
N VAL Q 21 -7.43 -5.51 9.41
CA VAL Q 21 -6.77 -4.43 8.70
C VAL Q 21 -7.22 -4.37 7.23
N VAL Q 22 -7.39 -5.51 6.57
CA VAL Q 22 -7.92 -5.59 5.21
C VAL Q 22 -9.37 -5.07 5.14
N LEU Q 23 -10.22 -5.45 6.10
CA LEU Q 23 -11.60 -4.95 6.17
C LEU Q 23 -11.65 -3.45 6.45
N PHE Q 24 -10.79 -2.94 7.35
CA PHE Q 24 -10.67 -1.52 7.62
C PHE Q 24 -10.30 -0.72 6.37
N ALA Q 25 -9.36 -1.23 5.58
CA ALA Q 25 -8.95 -0.61 4.32
C ALA Q 25 -10.14 -0.41 3.37
N PHE Q 26 -11.00 -1.44 3.19
CA PHE Q 26 -12.22 -1.28 2.40
C PHE Q 26 -13.21 -0.32 3.04
N GLY Q 27 -13.39 -0.34 4.37
CA GLY Q 27 -14.36 0.47 5.09
C GLY Q 27 -14.18 1.99 4.91
N LEU Q 28 -12.97 2.44 4.54
CA LEU Q 28 -12.68 3.84 4.22
C LEU Q 28 -13.33 4.29 2.91
N ILE Q 29 -13.60 3.38 1.98
CA ILE Q 29 -13.91 3.70 0.58
C ILE Q 29 -15.25 4.41 0.41
N PRO Q 30 -16.39 3.93 0.97
CA PRO Q 30 -17.63 4.70 0.93
C PRO Q 30 -17.47 6.06 1.61
N GLY Q 31 -16.68 6.14 2.70
CA GLY Q 31 -16.42 7.38 3.41
C GLY Q 31 -15.78 8.47 2.54
N ILE Q 32 -14.67 8.16 1.84
CA ILE Q 32 -13.93 9.12 1.01
C ILE Q 32 -14.74 9.65 -0.18
N SER Q 33 -15.77 8.93 -0.64
CA SER Q 33 -16.62 9.39 -1.74
C SER Q 33 -17.38 10.68 -1.40
N ASN Q 34 -17.68 10.92 -0.11
CA ASN Q 34 -18.36 12.14 0.34
C ASN Q 34 -17.57 13.42 0.00
N GLN Q 35 -16.27 13.30 -0.25
CA GLN Q 35 -15.39 14.38 -0.72
C GLN Q 35 -15.92 15.03 -2.01
N GLY Q 36 -16.80 14.35 -2.75
CA GLY Q 36 -17.38 14.82 -4.00
C GLY Q 36 -18.91 14.91 -3.99
N SER Q 37 -19.51 15.12 -2.81
CA SER Q 37 -20.97 15.14 -2.66
C SER Q 37 -21.66 16.22 -3.49
N ILE Q 38 -21.01 17.38 -3.71
CA ILE Q 38 -21.63 18.55 -4.29
C ILE Q 38 -21.32 18.66 -5.78
N GLN Q 39 -22.33 19.02 -6.58
CA GLN Q 39 -22.14 19.48 -7.95
C GLN Q 39 -22.83 20.83 -8.10
N VAL Q 40 -22.15 21.79 -8.73
CA VAL Q 40 -22.76 23.08 -9.07
C VAL Q 40 -23.02 23.09 -10.57
N LEU Q 41 -24.27 23.39 -10.95
CA LEU Q 41 -24.72 23.15 -12.31
C LEU Q 41 -25.58 24.30 -12.84
N GLY Q 42 -25.57 24.46 -14.18
CA GLY Q 42 -26.00 25.67 -14.85
C GLY Q 42 -25.06 26.86 -14.62
N SER Q 43 -25.33 28.00 -15.27
CA SER Q 43 -24.71 29.26 -14.90
C SER Q 43 -25.43 29.85 -13.68
N GLY Q 44 -24.67 30.39 -12.73
CA GLY Q 44 -25.24 31.19 -11.66
C GLY Q 44 -25.38 32.66 -12.08
N THR Q 45 -25.90 33.47 -11.14
CA THR Q 45 -26.01 34.91 -11.30
C THR Q 45 -25.41 35.61 -10.11
N ILE Q 46 -24.76 36.75 -10.34
CA ILE Q 46 -24.36 37.67 -9.29
C ILE Q 46 -25.08 39.01 -9.49
N THR Q 47 -25.71 39.54 -8.44
CA THR Q 47 -26.52 40.75 -8.52
C THR Q 47 -26.17 41.69 -7.37
N ASN Q 48 -26.04 42.99 -7.66
CA ASN Q 48 -25.98 44.04 -6.65
C ASN Q 48 -27.18 43.91 -5.69
N SER Q 49 -26.93 43.84 -4.36
CA SER Q 49 -28.03 43.75 -3.40
C SER Q 49 -28.03 44.86 -2.34
N THR Q 50 -26.97 45.68 -2.27
CA THR Q 50 -26.92 46.79 -1.31
C THR Q 50 -27.92 47.90 -1.65
N ALA Q 51 -28.21 48.77 -0.68
CA ALA Q 51 -29.20 49.83 -0.82
C ALA Q 51 -28.69 51.18 -0.28
N SER Q 52 -29.35 52.27 -0.71
CA SER Q 52 -29.25 53.64 -0.17
C SER Q 52 -27.82 54.23 -0.13
N GLY Q 53 -26.90 53.70 -0.95
CA GLY Q 53 -25.50 54.12 -0.95
C GLY Q 53 -24.74 53.72 0.32
N SER Q 54 -25.13 52.59 0.95
CA SER Q 54 -24.55 52.07 2.19
C SER Q 54 -23.05 51.76 2.06
N SER Q 55 -22.35 51.76 3.20
CA SER Q 55 -20.89 51.61 3.31
C SER Q 55 -20.33 50.28 2.77
N ARG Q 56 -21.17 49.23 2.70
CA ARG Q 56 -20.82 47.95 2.08
C ARG Q 56 -21.52 47.77 0.74
N THR Q 57 -20.76 47.47 -0.31
CA THR Q 57 -21.30 46.77 -1.46
C THR Q 57 -21.52 45.31 -1.08
N ILE Q 58 -22.74 44.82 -1.29
CA ILE Q 58 -23.16 43.45 -0.99
C ILE Q 58 -23.75 42.89 -2.29
N TYR Q 59 -23.59 41.58 -2.54
CA TYR Q 59 -24.04 41.03 -3.82
C TYR Q 59 -24.96 39.81 -3.65
N ASN Q 60 -25.60 39.37 -4.76
CA ASN Q 60 -26.49 38.22 -4.76
C ASN Q 60 -25.80 37.05 -5.47
N ILE Q 61 -25.38 36.02 -4.73
CA ILE Q 61 -24.82 34.84 -5.39
C ILE Q 61 -25.88 33.75 -5.50
N THR Q 62 -26.53 33.64 -6.67
CA THR Q 62 -27.47 32.55 -6.86
C THR Q 62 -26.87 31.49 -7.77
N ILE Q 63 -26.91 30.23 -7.34
CA ILE Q 63 -26.41 29.06 -8.06
C ILE Q 63 -27.36 27.89 -7.86
N THR Q 64 -27.39 26.92 -8.79
CA THR Q 64 -28.11 25.67 -8.55
C THR Q 64 -27.11 24.62 -8.10
N VAL Q 65 -27.40 23.97 -6.97
CA VAL Q 65 -26.49 23.04 -6.33
C VAL Q 65 -27.21 21.70 -6.18
N LYS Q 66 -26.50 20.61 -6.43
CA LYS Q 66 -26.98 19.24 -6.26
C LYS Q 66 -26.13 18.59 -5.17
N ASN Q 67 -26.77 18.09 -4.11
CA ASN Q 67 -26.08 17.36 -3.06
C ASN Q 67 -26.40 15.87 -3.19
N THR Q 68 -25.35 15.06 -3.41
CA THR Q 68 -25.46 13.60 -3.56
C THR Q 68 -25.12 12.86 -2.26
N GLY Q 69 -24.61 13.58 -1.24
CA GLY Q 69 -24.22 13.00 0.05
C GLY Q 69 -25.41 12.67 0.95
N THR Q 70 -25.11 12.05 2.11
CA THR Q 70 -26.13 11.65 3.09
C THR Q 70 -26.25 12.61 4.28
N THR Q 71 -25.55 13.75 4.21
CA THR Q 71 -25.63 14.83 5.20
C THR Q 71 -25.92 16.17 4.53
N SER Q 72 -26.58 17.09 5.26
CA SER Q 72 -26.71 18.48 4.81
C SER Q 72 -25.33 19.13 4.77
N ILE Q 73 -25.05 19.90 3.70
CA ILE Q 73 -23.72 20.47 3.45
C ILE Q 73 -23.86 21.97 3.20
N SER Q 74 -22.94 22.77 3.73
CA SER Q 74 -23.04 24.23 3.69
C SER Q 74 -21.86 24.87 2.94
N VAL Q 75 -22.11 26.06 2.38
CA VAL Q 75 -21.07 26.90 1.82
C VAL Q 75 -20.22 27.48 2.95
N THR Q 76 -18.92 27.21 2.94
CA THR Q 76 -17.99 27.71 3.96
C THR Q 76 -17.31 29.01 3.54
N SER Q 77 -16.95 29.10 2.25
CA SER Q 77 -16.28 30.27 1.70
C SER Q 77 -16.47 30.31 0.18
N ILE Q 78 -16.20 31.48 -0.40
CA ILE Q 78 -16.29 31.69 -1.84
C ILE Q 78 -15.14 32.58 -2.29
N ASN Q 79 -14.58 32.25 -3.45
CA ASN Q 79 -13.58 33.07 -4.10
C ASN Q 79 -14.13 33.43 -5.49
N ILE Q 80 -14.24 34.71 -5.83
CA ILE Q 80 -14.79 35.14 -7.10
C ILE Q 80 -13.65 35.68 -7.96
N ASN Q 81 -13.41 35.01 -9.10
CA ASN Q 81 -12.46 35.43 -10.11
C ASN Q 81 -11.04 35.61 -9.53
N GLY Q 82 -10.65 34.73 -8.61
CA GLY Q 82 -9.39 34.80 -7.88
C GLY Q 82 -9.42 35.60 -6.58
N GLN Q 83 -10.42 36.48 -6.38
CA GLN Q 83 -10.47 37.37 -5.22
C GLN Q 83 -11.21 36.71 -4.05
N PRO Q 84 -10.75 36.87 -2.80
CA PRO Q 84 -11.49 36.38 -1.63
C PRO Q 84 -12.74 37.23 -1.36
N PHE Q 85 -13.81 36.55 -0.93
CA PHE Q 85 -15.10 37.14 -0.61
C PHE Q 85 -15.67 36.52 0.68
N ASN Q 86 -16.39 37.30 1.49
CA ASN Q 86 -17.01 36.83 2.72
C ASN Q 86 -18.53 36.73 2.58
N ILE Q 87 -19.12 35.58 2.96
CA ILE Q 87 -20.57 35.44 3.05
C ILE Q 87 -21.08 36.36 4.18
N ASN Q 88 -21.99 37.29 3.87
CA ASN Q 88 -22.41 38.24 4.92
C ASN Q 88 -23.19 37.49 6.00
N GLY Q 89 -24.29 36.86 5.60
CA GLY Q 89 -25.22 36.26 6.54
C GLY Q 89 -24.68 34.99 7.21
N THR Q 90 -25.59 34.18 7.74
CA THR Q 90 -25.31 32.77 8.00
C THR Q 90 -25.16 32.01 6.69
N ALA Q 91 -24.36 30.94 6.69
CA ALA Q 91 -24.08 30.14 5.50
C ALA Q 91 -25.35 29.43 4.99
N PRO Q 92 -25.59 29.36 3.66
CA PRO Q 92 -26.63 28.50 3.11
C PRO Q 92 -26.22 27.04 3.21
N SER Q 93 -27.21 26.15 3.35
CA SER Q 93 -27.01 24.73 3.52
C SER Q 93 -28.00 23.96 2.64
N ILE Q 94 -27.51 22.94 1.93
CA ILE Q 94 -28.31 22.13 1.03
C ILE Q 94 -28.52 20.73 1.59
N PRO Q 95 -29.77 20.27 1.83
CA PRO Q 95 -30.03 18.96 2.43
C PRO Q 95 -29.56 17.79 1.56
N ALA Q 96 -29.41 16.62 2.18
CA ALA Q 96 -29.01 15.39 1.52
C ALA Q 96 -29.94 15.05 0.33
N GLY Q 97 -29.36 14.65 -0.81
CA GLY Q 97 -30.11 14.20 -1.97
C GLY Q 97 -30.80 15.29 -2.80
N ARG Q 98 -30.84 16.56 -2.32
CA ARG Q 98 -31.58 17.64 -2.98
C ARG Q 98 -30.80 18.26 -4.14
N THR Q 99 -31.52 18.63 -5.21
CA THR Q 99 -31.06 19.64 -6.16
C THR Q 99 -31.92 20.88 -5.98
N GLN Q 100 -31.31 22.05 -5.74
CA GLN Q 100 -32.09 23.27 -5.55
C GLN Q 100 -31.28 24.53 -5.91
N PRO Q 101 -31.96 25.64 -6.27
CA PRO Q 101 -31.37 26.97 -6.17
C PRO Q 101 -30.94 27.27 -4.73
N ILE Q 102 -29.76 27.87 -4.62
CA ILE Q 102 -29.16 28.33 -3.38
C ILE Q 102 -28.81 29.80 -3.60
N THR Q 103 -29.17 30.66 -2.64
CA THR Q 103 -28.90 32.10 -2.73
C THR Q 103 -28.28 32.60 -1.42
N PHE Q 104 -27.24 33.42 -1.53
CA PHE Q 104 -26.57 33.98 -0.36
C PHE Q 104 -25.95 35.35 -0.66
N GLU Q 105 -25.92 36.19 0.37
CA GLU Q 105 -25.32 37.53 0.29
C GLU Q 105 -23.81 37.42 0.49
N VAL Q 106 -23.02 38.19 -0.27
CA VAL Q 106 -21.56 38.15 -0.19
C VAL Q 106 -20.96 39.55 -0.29
N THR Q 107 -19.80 39.76 0.32
CA THR Q 107 -19.05 41.01 0.29
C THR Q 107 -17.59 40.76 -0.10
N PRO Q 108 -16.91 41.68 -0.82
CA PRO Q 108 -15.48 41.56 -1.11
C PRO Q 108 -14.67 41.57 0.19
N ALA Q 109 -13.71 40.65 0.32
CA ALA Q 109 -12.93 40.54 1.55
C ALA Q 109 -11.85 41.64 1.66
N SER Q 110 -11.36 42.12 0.50
CA SER Q 110 -10.36 43.17 0.40
C SER Q 110 -10.52 43.93 -0.92
N GLY Q 111 -10.02 45.18 -0.96
CA GLY Q 111 -10.14 46.04 -2.13
C GLY Q 111 -11.59 46.38 -2.49
N LYS Q 112 -11.81 46.69 -3.77
CA LYS Q 112 -13.12 47.09 -4.29
C LYS Q 112 -13.28 46.60 -5.73
N PRO Q 113 -13.97 45.44 -5.96
CA PRO Q 113 -14.24 44.96 -7.32
C PRO Q 113 -15.36 45.78 -7.95
N ASN Q 114 -15.49 45.61 -9.26
CA ASN Q 114 -16.46 46.33 -10.06
C ASN Q 114 -16.90 45.40 -11.20
N PHE Q 115 -18.04 44.71 -11.02
CA PHE Q 115 -18.55 43.83 -12.05
C PHE Q 115 -19.28 44.63 -13.14
N SER Q 116 -19.21 44.14 -14.39
CA SER Q 116 -19.85 44.76 -15.55
C SER Q 116 -21.06 43.93 -16.02
N PRO Q 117 -22.23 44.56 -16.33
CA PRO Q 117 -23.42 43.82 -16.76
C PRO Q 117 -23.19 42.85 -17.91
N GLY Q 118 -23.73 41.63 -17.75
CA GLY Q 118 -23.65 40.57 -18.74
C GLY Q 118 -22.28 39.88 -18.84
N ALA Q 119 -21.26 40.36 -18.11
CA ALA Q 119 -19.97 39.69 -18.08
C ALA Q 119 -20.01 38.46 -17.18
N SER Q 120 -19.14 37.48 -17.48
CA SER Q 120 -19.02 36.23 -16.76
C SER Q 120 -17.80 36.22 -15.85
N TYR Q 121 -17.98 35.78 -14.61
CA TYR Q 121 -16.95 35.70 -13.58
C TYR Q 121 -16.95 34.28 -13.06
N THR Q 122 -15.77 33.67 -12.83
CA THR Q 122 -15.81 32.39 -12.14
C THR Q 122 -15.98 32.62 -10.65
N ALA Q 123 -16.72 31.73 -9.99
CA ALA Q 123 -16.67 31.63 -8.55
C ALA Q 123 -16.24 30.20 -8.24
N THR Q 124 -15.34 30.01 -7.27
CA THR Q 124 -15.20 28.69 -6.68
C THR Q 124 -15.90 28.76 -5.33
N ILE Q 125 -16.89 27.89 -5.15
CA ILE Q 125 -17.60 27.82 -3.90
C ILE Q 125 -17.02 26.63 -3.15
N TYR Q 126 -16.63 26.84 -1.88
CA TYR Q 126 -16.06 25.80 -1.06
C TYR Q 126 -17.07 25.35 -0.01
N PHE Q 127 -17.36 24.06 -0.01
CA PHE Q 127 -18.38 23.46 0.82
C PHE Q 127 -17.76 22.80 2.05
N SER Q 128 -18.59 22.42 3.05
CA SER Q 128 -18.12 21.85 4.32
C SER Q 128 -17.43 20.49 4.20
N ASN Q 129 -17.42 19.88 3.00
CA ASN Q 129 -16.55 18.75 2.66
C ASN Q 129 -15.08 19.14 2.48
N GLY Q 130 -14.75 20.44 2.44
CA GLY Q 130 -13.49 20.92 1.88
C GLY Q 130 -13.45 20.93 0.35
N GLN Q 131 -14.50 20.38 -0.30
CA GLN Q 131 -14.66 20.34 -1.74
C GLN Q 131 -14.86 21.75 -2.32
N GLY Q 132 -14.13 22.07 -3.39
CA GLY Q 132 -14.36 23.28 -4.15
C GLY Q 132 -14.95 23.00 -5.52
N ALA Q 133 -16.03 23.69 -5.89
CA ALA Q 133 -16.63 23.57 -7.20
C ALA Q 133 -16.48 24.89 -7.96
N PRO Q 134 -15.85 24.92 -9.16
CA PRO Q 134 -15.89 26.11 -10.00
C PRO Q 134 -17.28 26.25 -10.66
N ALA Q 135 -17.74 27.49 -10.75
CA ALA Q 135 -19.02 27.85 -11.33
C ALA Q 135 -18.86 29.17 -12.11
N THR Q 136 -19.68 29.40 -13.13
CA THR Q 136 -19.68 30.71 -13.80
C THR Q 136 -20.87 31.49 -13.30
N LEU Q 137 -20.64 32.71 -12.82
CA LEU Q 137 -21.69 33.65 -12.45
C LEU Q 137 -21.75 34.74 -13.52
N ILE Q 138 -22.95 35.08 -14.01
CA ILE Q 138 -23.13 36.19 -14.93
C ILE Q 138 -23.66 37.38 -14.12
N TYR Q 139 -23.02 38.54 -14.22
CA TYR Q 139 -23.44 39.72 -13.45
C TYR Q 139 -24.67 40.40 -14.04
N GLN Q 140 -25.61 40.78 -13.17
CA GLN Q 140 -26.95 41.25 -13.54
C GLN Q 140 -27.22 42.73 -13.24
N GLY Q 141 -26.47 43.35 -12.32
CA GLY Q 141 -26.83 44.62 -11.66
C GLY Q 141 -26.30 45.88 -12.34
N LEU R 1 6.88 -16.64 14.81
CA LEU R 1 6.15 -17.53 13.84
C LEU R 1 5.09 -16.70 13.10
N SER R 2 4.31 -15.89 13.82
CA SER R 2 3.16 -15.13 13.28
C SER R 2 3.51 -14.16 12.14
N GLY R 3 4.71 -13.54 12.16
CA GLY R 3 5.12 -12.50 11.22
C GLY R 3 5.03 -12.92 9.75
N ALA R 4 5.42 -14.17 9.46
CA ALA R 4 5.37 -14.75 8.13
C ALA R 4 3.92 -15.00 7.67
N ILE R 5 3.05 -15.51 8.55
CA ILE R 5 1.64 -15.73 8.25
C ILE R 5 0.94 -14.40 7.96
N VAL R 6 1.23 -13.36 8.74
CA VAL R 6 0.71 -12.01 8.52
C VAL R 6 1.21 -11.43 7.20
N ALA R 7 2.51 -11.58 6.89
CA ALA R 7 3.07 -11.17 5.63
C ALA R 7 2.39 -11.87 4.43
N LEU R 8 2.11 -13.17 4.54
CA LEU R 8 1.43 -13.93 3.49
C LEU R 8 0.00 -13.42 3.26
N ILE R 9 -0.78 -13.24 4.33
CA ILE R 9 -2.13 -12.72 4.23
C ILE R 9 -2.15 -11.33 3.59
N LEU R 10 -1.23 -10.44 3.99
CA LEU R 10 -1.16 -9.10 3.42
C LEU R 10 -0.65 -9.10 1.98
N VAL R 11 0.24 -10.02 1.59
CA VAL R 11 0.63 -10.21 0.18
C VAL R 11 -0.57 -10.62 -0.66
N ILE R 12 -1.28 -11.68 -0.24
CA ILE R 12 -2.46 -12.18 -0.96
C ILE R 12 -3.55 -11.10 -1.02
N ALA R 13 -3.88 -10.48 0.12
CA ALA R 13 -4.87 -9.40 0.18
C ALA R 13 -4.45 -8.20 -0.67
N GLY R 14 -3.15 -7.89 -0.76
CA GLY R 14 -2.63 -6.87 -1.65
C GLY R 14 -2.97 -7.13 -3.11
N VAL R 15 -2.79 -8.37 -3.58
CA VAL R 15 -3.22 -8.77 -4.92
C VAL R 15 -4.72 -8.54 -5.10
N ILE R 16 -5.55 -9.01 -4.16
CA ILE R 16 -7.00 -8.87 -4.23
C ILE R 16 -7.42 -7.39 -4.29
N ILE R 17 -6.90 -6.55 -3.38
CA ILE R 17 -7.28 -5.14 -3.30
C ILE R 17 -6.80 -4.39 -4.55
N ALA R 18 -5.59 -4.65 -5.05
CA ALA R 18 -5.10 -4.00 -6.26
C ALA R 18 -5.97 -4.35 -7.48
N ILE R 19 -6.36 -5.62 -7.66
CA ILE R 19 -7.26 -6.03 -8.72
C ILE R 19 -8.65 -5.40 -8.55
N ALA R 20 -9.18 -5.37 -7.32
CA ALA R 20 -10.47 -4.76 -7.01
C ALA R 20 -10.50 -3.27 -7.37
N VAL R 21 -9.43 -2.53 -7.06
CA VAL R 21 -9.29 -1.11 -7.39
C VAL R 21 -9.22 -0.89 -8.91
N VAL R 22 -8.53 -1.77 -9.65
CA VAL R 22 -8.50 -1.73 -11.11
C VAL R 22 -9.89 -1.97 -11.71
N LEU R 23 -10.64 -2.96 -11.20
CA LEU R 23 -12.00 -3.22 -11.64
C LEU R 23 -12.94 -2.06 -11.32
N PHE R 24 -12.82 -1.46 -10.13
CA PHE R 24 -13.59 -0.28 -9.75
C PHE R 24 -13.36 0.89 -10.70
N ALA R 25 -12.09 1.14 -11.09
CA ALA R 25 -11.74 2.18 -12.03
C ALA R 25 -12.48 2.02 -13.37
N PHE R 26 -12.55 0.79 -13.93
CA PHE R 26 -13.35 0.55 -15.13
C PHE R 26 -14.85 0.71 -14.89
N GLY R 27 -15.37 0.25 -13.74
CA GLY R 27 -16.79 0.28 -13.43
C GLY R 27 -17.42 1.68 -13.43
N LEU R 28 -16.62 2.73 -13.25
CA LEU R 28 -17.05 4.13 -13.35
C LEU R 28 -17.40 4.54 -14.79
N ILE R 29 -16.84 3.89 -15.81
CA ILE R 29 -16.82 4.38 -17.18
C ILE R 29 -18.21 4.37 -17.82
N PRO R 30 -19.01 3.27 -17.80
CA PRO R 30 -20.39 3.33 -18.28
C PRO R 30 -21.21 4.36 -17.51
N GLY R 31 -20.97 4.52 -16.20
CA GLY R 31 -21.65 5.51 -15.37
C GLY R 31 -21.48 6.95 -15.85
N ILE R 32 -20.25 7.42 -16.07
CA ILE R 32 -19.92 8.79 -16.48
C ILE R 32 -20.49 9.16 -17.85
N SER R 33 -20.76 8.18 -18.74
CA SER R 33 -21.34 8.44 -20.05
C SER R 33 -22.74 9.06 -19.96
N ASN R 34 -23.49 8.79 -18.89
CA ASN R 34 -24.83 9.36 -18.67
C ASN R 34 -24.81 10.89 -18.60
N GLN R 35 -23.66 11.49 -18.31
CA GLN R 35 -23.41 12.93 -18.34
C GLN R 35 -23.78 13.57 -19.69
N GLY R 36 -23.87 12.77 -20.76
CA GLY R 36 -24.21 13.21 -22.11
C GLY R 36 -25.45 12.54 -22.70
N SER R 37 -26.39 12.12 -21.85
CA SER R 37 -27.59 11.40 -22.28
C SER R 37 -28.46 12.19 -23.26
N ILE R 38 -28.52 13.51 -23.13
CA ILE R 38 -29.47 14.35 -23.84
C ILE R 38 -28.83 14.99 -25.07
N GLN R 39 -29.57 15.00 -26.18
CA GLN R 39 -29.27 15.84 -27.33
C GLN R 39 -30.49 16.67 -27.67
N VAL R 40 -30.29 17.99 -27.93
CA VAL R 40 -31.37 18.86 -28.39
C VAL R 40 -31.12 19.12 -29.88
N LEU R 41 -32.15 18.89 -30.71
CA LEU R 41 -31.95 18.82 -32.15
C LEU R 41 -33.09 19.51 -32.91
N GLY R 42 -32.76 20.00 -34.11
CA GLY R 42 -33.56 20.99 -34.83
C GLY R 42 -33.54 22.37 -34.17
N SER R 43 -34.18 23.36 -34.82
CA SER R 43 -34.49 24.61 -34.15
C SER R 43 -35.74 24.44 -33.29
N GLY R 44 -35.73 25.01 -32.08
CA GLY R 44 -36.94 25.13 -31.29
C GLY R 44 -37.73 26.39 -31.63
N THR R 45 -38.85 26.58 -30.93
CA THR R 45 -39.67 27.77 -31.05
C THR R 45 -39.96 28.34 -29.67
N ILE R 46 -39.99 29.67 -29.56
CA ILE R 46 -40.49 30.35 -28.39
C ILE R 46 -41.72 31.18 -28.78
N THR R 47 -42.84 31.04 -28.03
CA THR R 47 -44.10 31.69 -28.36
C THR R 47 -44.69 32.34 -27.11
N ASN R 48 -45.21 33.57 -27.25
CA ASN R 48 -46.05 34.21 -26.23
C ASN R 48 -47.19 33.27 -25.84
N SER R 49 -47.37 32.99 -24.54
CA SER R 49 -48.47 32.12 -24.09
C SER R 49 -49.40 32.77 -23.06
N THR R 50 -49.03 33.95 -22.52
CA THR R 50 -49.89 34.65 -21.56
C THR R 50 -51.18 35.19 -22.21
N ALA R 51 -52.17 35.52 -21.37
CA ALA R 51 -53.49 35.97 -21.84
C ALA R 51 -53.97 37.21 -21.07
N SER R 52 -54.96 37.92 -21.65
CA SER R 52 -55.79 38.95 -21.03
C SER R 52 -55.02 40.13 -20.40
N GLY R 53 -53.76 40.35 -20.82
CA GLY R 53 -52.89 41.38 -20.23
C GLY R 53 -52.46 41.08 -18.79
N SER R 54 -52.35 39.78 -18.44
CA SER R 54 -51.98 39.31 -17.10
C SER R 54 -50.60 39.79 -16.65
N SER R 55 -50.39 39.83 -15.32
CA SER R 55 -49.21 40.37 -14.64
C SER R 55 -47.89 39.68 -15.00
N ARG R 56 -47.96 38.41 -15.46
CA ARG R 56 -46.79 37.67 -15.96
C ARG R 56 -46.84 37.54 -17.48
N THR R 57 -45.76 37.93 -18.16
CA THR R 57 -45.45 37.38 -19.47
C THR R 57 -44.93 35.96 -19.29
N ILE R 58 -45.57 35.01 -19.99
CA ILE R 58 -45.22 33.59 -19.97
C ILE R 58 -45.00 33.18 -21.43
N TYR R 59 -44.08 32.22 -21.68
CA TYR R 59 -43.74 31.88 -23.06
C TYR R 59 -43.85 30.38 -23.34
N ASN R 60 -43.77 29.99 -24.63
CA ASN R 60 -43.84 28.60 -25.05
C ASN R 60 -42.45 28.14 -25.49
N ILE R 61 -41.78 27.28 -24.71
CA ILE R 61 -40.49 26.74 -25.16
C ILE R 61 -40.71 25.34 -25.75
N THR R 62 -40.80 25.24 -27.07
CA THR R 62 -40.89 23.92 -27.70
C THR R 62 -39.56 23.57 -28.36
N ILE R 63 -39.04 22.38 -28.04
CA ILE R 63 -37.78 21.84 -28.57
C ILE R 63 -37.95 20.34 -28.84
N THR R 64 -37.16 19.77 -29.76
CA THR R 64 -37.11 18.31 -29.90
C THR R 64 -35.90 17.80 -29.15
N VAL R 65 -36.12 16.81 -28.27
CA VAL R 65 -35.10 16.30 -27.38
C VAL R 65 -34.98 14.80 -27.60
N LYS R 66 -33.75 14.29 -27.61
CA LYS R 66 -33.43 12.88 -27.72
C LYS R 66 -32.73 12.45 -26.42
N ASN R 67 -33.28 11.45 -25.74
CA ASN R 67 -32.68 10.90 -24.54
C ASN R 67 -32.07 9.53 -24.88
N THR R 68 -30.75 9.41 -24.71
CA THR R 68 -29.99 8.18 -24.98
C THR R 68 -29.71 7.39 -23.70
N GLY R 69 -30.02 7.96 -22.52
CA GLY R 69 -29.78 7.33 -21.22
C GLY R 69 -30.81 6.25 -20.88
N THR R 70 -30.59 5.57 -19.74
CA THR R 70 -31.46 4.49 -19.27
C THR R 70 -32.44 4.92 -18.17
N THR R 71 -32.51 6.23 -17.89
CA THR R 71 -33.46 6.83 -16.95
C THR R 71 -34.21 7.99 -17.60
N SER R 72 -35.44 8.26 -17.15
CA SER R 72 -36.16 9.46 -17.52
C SER R 72 -35.43 10.68 -16.98
N ILE R 73 -35.31 11.74 -17.79
CA ILE R 73 -34.50 12.93 -17.47
C ILE R 73 -35.35 14.18 -17.67
N SER R 74 -35.23 15.16 -16.76
CA SER R 74 -36.09 16.33 -16.75
C SER R 74 -35.30 17.64 -16.93
N VAL R 75 -35.97 18.66 -17.48
CA VAL R 75 -35.43 20.01 -17.54
C VAL R 75 -35.44 20.61 -16.13
N THR R 76 -34.27 21.01 -15.63
CA THR R 76 -34.12 21.61 -14.31
C THR R 76 -34.17 23.14 -14.35
N SER R 77 -33.54 23.72 -15.36
CA SER R 77 -33.49 25.17 -15.55
C SER R 77 -33.21 25.51 -17.01
N ILE R 78 -33.45 26.77 -17.37
CA ILE R 78 -33.20 27.27 -18.71
C ILE R 78 -32.65 28.69 -18.62
N ASN R 79 -31.69 29.00 -19.47
CA ASN R 79 -31.15 30.33 -19.63
C ASN R 79 -31.35 30.72 -21.10
N ILE R 80 -32.03 31.84 -21.37
CA ILE R 80 -32.31 32.27 -22.73
C ILE R 80 -31.45 33.49 -23.04
N ASN R 81 -30.56 33.34 -24.02
CA ASN R 81 -29.72 34.40 -24.55
C ASN R 81 -28.90 35.10 -23.44
N GLY R 82 -28.40 34.30 -22.49
CA GLY R 82 -27.66 34.79 -21.32
C GLY R 82 -28.52 35.10 -20.09
N GLN R 83 -29.84 35.30 -20.25
CA GLN R 83 -30.72 35.71 -19.15
C GLN R 83 -31.29 34.49 -18.42
N PRO R 84 -31.40 34.53 -17.08
CA PRO R 84 -32.07 33.45 -16.33
C PRO R 84 -33.58 33.49 -16.52
N PHE R 85 -34.18 32.29 -16.60
CA PHE R 85 -35.61 32.08 -16.79
C PHE R 85 -36.10 30.96 -15.87
N ASN R 86 -37.34 31.04 -15.38
CA ASN R 86 -37.95 30.03 -14.51
C ASN R 86 -39.04 29.25 -15.26
N ILE R 87 -38.99 27.91 -15.21
CA ILE R 87 -40.08 27.08 -15.71
C ILE R 87 -41.32 27.30 -14.82
N ASN R 88 -42.44 27.72 -15.41
CA ASN R 88 -43.60 28.03 -14.56
C ASN R 88 -44.13 26.76 -13.92
N GLY R 89 -44.53 25.80 -14.77
CA GLY R 89 -45.21 24.60 -14.31
C GLY R 89 -44.30 23.64 -13.56
N THR R 90 -44.73 22.37 -13.48
CA THR R 90 -43.83 21.26 -13.21
C THR R 90 -42.90 21.03 -14.41
N ALA R 91 -41.68 20.53 -14.14
CA ALA R 91 -40.68 20.30 -15.17
C ALA R 91 -41.12 19.24 -16.17
N PRO R 92 -40.87 19.41 -17.50
CA PRO R 92 -41.05 18.33 -18.47
C PRO R 92 -39.96 17.28 -18.30
N SER R 93 -40.30 16.03 -18.61
CA SER R 93 -39.41 14.89 -18.45
C SER R 93 -39.50 14.00 -19.70
N ILE R 94 -38.34 13.57 -20.22
CA ILE R 94 -38.27 12.75 -21.41
C ILE R 94 -37.82 11.32 -21.07
N PRO R 95 -38.63 10.27 -21.36
CA PRO R 95 -38.29 8.89 -21.00
C PRO R 95 -37.03 8.37 -21.68
N ALA R 96 -36.46 7.30 -21.11
CA ALA R 96 -35.28 6.64 -21.64
C ALA R 96 -35.46 6.22 -23.11
N GLY R 97 -34.44 6.46 -23.94
CA GLY R 97 -34.44 6.03 -25.34
C GLY R 97 -35.32 6.83 -26.31
N ARG R 98 -36.18 7.75 -25.80
CA ARG R 98 -37.14 8.46 -26.64
C ARG R 98 -36.52 9.66 -27.36
N THR R 99 -36.97 9.91 -28.60
CA THR R 99 -36.86 11.22 -29.23
C THR R 99 -38.27 11.80 -29.33
N GLN R 100 -38.50 13.01 -28.81
CA GLN R 100 -39.83 13.62 -28.87
C GLN R 100 -39.78 15.13 -28.80
N PRO R 101 -40.81 15.83 -29.34
CA PRO R 101 -41.10 17.21 -28.95
C PRO R 101 -41.36 17.29 -27.44
N ILE R 102 -40.80 18.33 -26.83
CA ILE R 102 -40.97 18.68 -25.43
C ILE R 102 -41.42 20.13 -25.39
N THR R 103 -42.46 20.43 -24.61
CA THR R 103 -43.00 21.79 -24.50
C THR R 103 -43.19 22.16 -23.03
N PHE R 104 -42.80 23.38 -22.67
CA PHE R 104 -42.93 23.86 -21.30
C PHE R 104 -43.10 25.37 -21.24
N GLU R 105 -43.85 25.83 -20.25
CA GLU R 105 -44.08 27.25 -19.99
C GLU R 105 -42.90 27.84 -19.22
N VAL R 106 -42.47 29.07 -19.56
CA VAL R 106 -41.34 29.70 -18.91
C VAL R 106 -41.60 31.20 -18.69
N THR R 107 -40.99 31.77 -17.64
CA THR R 107 -41.08 33.19 -17.30
C THR R 107 -39.68 33.78 -17.10
N PRO R 108 -39.44 35.07 -17.44
CA PRO R 108 -38.17 35.72 -17.14
C PRO R 108 -37.94 35.79 -15.63
N ALA R 109 -36.71 35.44 -15.18
CA ALA R 109 -36.42 35.41 -13.75
C ALA R 109 -36.22 36.82 -13.16
N SER R 110 -35.74 37.76 -13.99
CA SER R 110 -35.51 39.15 -13.62
C SER R 110 -35.64 40.05 -14.86
N GLY R 111 -35.92 41.35 -14.62
CA GLY R 111 -36.13 42.32 -15.69
C GLY R 111 -37.33 42.00 -16.57
N LYS R 112 -37.28 42.49 -17.82
CA LYS R 112 -38.36 42.33 -18.79
C LYS R 112 -37.78 42.21 -20.20
N PRO R 113 -37.62 40.99 -20.75
CA PRO R 113 -37.17 40.80 -22.12
C PRO R 113 -38.30 41.12 -23.11
N ASN R 114 -37.90 41.25 -24.37
CA ASN R 114 -38.82 41.59 -25.45
C ASN R 114 -38.31 40.90 -26.72
N PHE R 115 -38.87 39.74 -27.05
CA PHE R 115 -38.48 39.02 -28.24
C PHE R 115 -39.14 39.63 -29.49
N SER R 116 -38.45 39.58 -30.63
CA SER R 116 -38.95 40.10 -31.91
C SER R 116 -39.29 38.95 -32.87
N PRO R 117 -40.44 38.97 -33.58
CA PRO R 117 -40.85 37.90 -34.49
C PRO R 117 -39.79 37.49 -35.51
N GLY R 118 -39.59 36.18 -35.65
CA GLY R 118 -38.66 35.59 -36.59
C GLY R 118 -37.18 35.70 -36.18
N ALA R 119 -36.87 36.40 -35.08
CA ALA R 119 -35.50 36.45 -34.58
C ALA R 119 -35.13 35.16 -33.84
N SER R 120 -33.82 34.86 -33.82
CA SER R 120 -33.27 33.66 -33.19
C SER R 120 -32.58 34.02 -31.88
N TYR R 121 -32.88 33.24 -30.84
CA TYR R 121 -32.33 33.39 -29.50
C TYR R 121 -31.71 32.06 -29.09
N THR R 122 -30.54 32.07 -28.45
CA THR R 122 -30.07 30.79 -27.91
C THR R 122 -30.79 30.51 -26.60
N ALA R 123 -31.08 29.23 -26.34
CA ALA R 123 -31.42 28.80 -25.01
C ALA R 123 -30.41 27.73 -24.64
N THR R 124 -29.89 27.76 -23.41
CA THR R 124 -29.25 26.56 -22.88
C THR R 124 -30.23 25.93 -21.91
N ILE R 125 -30.59 24.68 -22.19
CA ILE R 125 -31.50 23.94 -21.34
C ILE R 125 -30.62 23.03 -20.49
N TYR R 126 -30.81 23.08 -19.17
CA TYR R 126 -30.04 22.26 -18.24
C TYR R 126 -30.91 21.13 -17.72
N PHE R 127 -30.43 19.90 -17.91
CA PHE R 127 -31.16 18.68 -17.58
C PHE R 127 -30.69 18.10 -16.25
N SER R 128 -31.44 17.14 -15.68
CA SER R 128 -31.15 16.56 -14.37
C SER R 128 -29.82 15.77 -14.28
N ASN R 129 -29.12 15.59 -15.41
CA ASN R 129 -27.73 15.14 -15.45
C ASN R 129 -26.73 16.23 -15.00
N GLY R 130 -27.16 17.49 -14.83
CA GLY R 130 -26.27 18.64 -14.82
C GLY R 130 -25.78 19.06 -16.21
N GLN R 131 -26.11 18.28 -17.25
CA GLN R 131 -25.77 18.54 -18.64
C GLN R 131 -26.52 19.77 -19.16
N GLY R 132 -25.80 20.68 -19.83
CA GLY R 132 -26.41 21.78 -20.54
C GLY R 132 -26.29 21.62 -22.06
N ALA R 133 -27.40 21.78 -22.78
CA ALA R 133 -27.40 21.72 -24.23
C ALA R 133 -27.78 23.10 -24.78
N PRO R 134 -26.94 23.75 -25.63
CA PRO R 134 -27.37 24.94 -26.36
C PRO R 134 -28.32 24.57 -27.49
N ALA R 135 -29.34 25.40 -27.69
CA ALA R 135 -30.37 25.24 -28.71
C ALA R 135 -30.71 26.62 -29.27
N THR R 136 -31.17 26.69 -30.53
CA THR R 136 -31.67 27.96 -31.06
C THR R 136 -33.19 27.91 -31.03
N LEU R 137 -33.82 28.92 -30.43
CA LEU R 137 -35.27 29.11 -30.46
C LEU R 137 -35.57 30.27 -31.39
N ILE R 138 -36.54 30.10 -32.30
CA ILE R 138 -37.03 31.19 -33.14
C ILE R 138 -38.34 31.70 -32.55
N TYR R 139 -38.44 33.01 -32.32
CA TYR R 139 -39.62 33.59 -31.70
C TYR R 139 -40.79 33.73 -32.70
N GLN R 140 -42.00 33.36 -32.25
CA GLN R 140 -43.18 33.20 -33.10
C GLN R 140 -44.30 34.23 -32.84
N GLY R 141 -44.32 34.88 -31.67
CA GLY R 141 -45.49 35.59 -31.13
C GLY R 141 -45.56 37.07 -31.47
N LEU S 1 6.14 -6.37 2.99
CA LEU S 1 6.35 -7.21 1.77
C LEU S 1 5.30 -6.82 0.70
N SER S 2 4.01 -6.72 1.10
CA SER S 2 2.88 -6.49 0.19
C SER S 2 2.97 -5.21 -0.66
N GLY S 3 3.56 -4.13 -0.13
CA GLY S 3 3.61 -2.82 -0.76
C GLY S 3 4.21 -2.83 -2.16
N ALA S 4 5.28 -3.60 -2.35
CA ALA S 4 5.97 -3.76 -3.62
C ALA S 4 5.11 -4.54 -4.64
N ILE S 5 4.45 -5.63 -4.20
CA ILE S 5 3.55 -6.41 -5.05
C ILE S 5 2.37 -5.56 -5.53
N VAL S 6 1.79 -4.75 -4.63
CA VAL S 6 0.72 -3.82 -4.96
C VAL S 6 1.19 -2.74 -5.94
N ALA S 7 2.38 -2.16 -5.71
CA ALA S 7 2.99 -1.21 -6.62
C ALA S 7 3.19 -1.81 -8.02
N LEU S 8 3.67 -3.06 -8.11
CA LEU S 8 3.87 -3.75 -9.39
C LEU S 8 2.55 -3.94 -10.14
N ILE S 9 1.51 -4.46 -9.46
CA ILE S 9 0.20 -4.65 -10.06
C ILE S 9 -0.37 -3.33 -10.57
N LEU S 10 -0.26 -2.25 -9.79
CA LEU S 10 -0.77 -0.95 -10.21
C LEU S 10 0.07 -0.32 -11.32
N VAL S 11 1.39 -0.56 -11.38
CA VAL S 11 2.22 -0.15 -12.51
C VAL S 11 1.77 -0.87 -13.79
N ILE S 12 1.66 -2.20 -13.76
CA ILE S 12 1.23 -2.99 -14.91
C ILE S 12 -0.18 -2.60 -15.34
N ALA S 13 -1.13 -2.53 -14.39
CA ALA S 13 -2.50 -2.13 -14.67
C ALA S 13 -2.58 -0.69 -15.21
N GLY S 14 -1.70 0.20 -14.76
CA GLY S 14 -1.58 1.55 -15.29
C GLY S 14 -1.26 1.55 -16.80
N VAL S 15 -0.31 0.72 -17.22
CA VAL S 15 -0.01 0.54 -18.64
C VAL S 15 -1.24 0.05 -19.40
N ILE S 16 -1.92 -0.98 -18.89
CA ILE S 16 -3.11 -1.55 -19.52
C ILE S 16 -4.22 -0.51 -19.66
N ILE S 17 -4.56 0.20 -18.57
CA ILE S 17 -5.65 1.19 -18.56
C ILE S 17 -5.31 2.37 -19.48
N ALA S 18 -4.07 2.87 -19.47
CA ALA S 18 -3.67 3.97 -20.35
C ALA S 18 -3.78 3.58 -21.83
N ILE S 19 -3.33 2.37 -22.21
CA ILE S 19 -3.49 1.88 -23.57
C ILE S 19 -4.97 1.70 -23.93
N ALA S 20 -5.77 1.13 -23.02
CA ALA S 20 -7.21 0.94 -23.22
C ALA S 20 -7.94 2.27 -23.47
N VAL S 21 -7.60 3.32 -22.72
CA VAL S 21 -8.16 4.66 -22.88
C VAL S 21 -7.77 5.28 -24.22
N VAL S 22 -6.53 5.08 -24.68
CA VAL S 22 -6.08 5.52 -26.00
C VAL S 22 -6.84 4.80 -27.12
N LEU S 23 -7.04 3.47 -27.01
CA LEU S 23 -7.83 2.72 -27.99
C LEU S 23 -9.30 3.15 -27.99
N PHE S 24 -9.89 3.39 -26.82
CA PHE S 24 -11.25 3.90 -26.70
C PHE S 24 -11.42 5.25 -27.42
N ALA S 25 -10.45 6.15 -27.25
CA ALA S 25 -10.46 7.45 -27.92
C ALA S 25 -10.54 7.31 -29.44
N PHE S 26 -9.75 6.41 -30.05
CA PHE S 26 -9.87 6.13 -31.48
C PHE S 26 -11.21 5.47 -31.86
N GLY S 27 -11.70 4.54 -31.04
CA GLY S 27 -12.94 3.79 -31.32
C GLY S 27 -14.19 4.66 -31.49
N LEU S 28 -14.18 5.88 -30.94
CA LEU S 28 -15.26 6.86 -31.13
C LEU S 28 -15.32 7.42 -32.56
N ILE S 29 -14.21 7.42 -33.30
CA ILE S 29 -14.05 8.20 -34.53
C ILE S 29 -14.93 7.69 -35.68
N PRO S 30 -14.96 6.38 -36.03
CA PRO S 30 -15.91 5.90 -37.02
C PRO S 30 -17.36 6.16 -36.59
N GLY S 31 -17.65 6.06 -35.29
CA GLY S 31 -18.99 6.33 -34.74
C GLY S 31 -19.49 7.75 -35.02
N ILE S 32 -18.72 8.80 -34.70
CA ILE S 32 -19.09 10.20 -34.87
C ILE S 32 -19.32 10.59 -36.33
N SER S 33 -18.72 9.88 -37.30
CA SER S 33 -18.91 10.16 -38.72
C SER S 33 -20.37 9.99 -39.16
N ASN S 34 -21.14 9.11 -38.50
CA ASN S 34 -22.55 8.89 -38.80
C ASN S 34 -23.40 10.16 -38.64
N GLN S 35 -22.91 11.14 -37.89
CA GLN S 35 -23.51 12.47 -37.73
C GLN S 35 -23.73 13.18 -39.06
N GLY S 36 -23.04 12.75 -40.14
CA GLY S 36 -23.12 13.31 -41.48
C GLY S 36 -23.55 12.31 -42.55
N SER S 37 -24.32 11.28 -42.17
CA SER S 37 -24.71 10.21 -43.09
C SER S 37 -25.53 10.71 -44.29
N ILE S 38 -26.35 11.75 -44.11
CA ILE S 38 -27.32 12.18 -45.10
C ILE S 38 -26.80 13.35 -45.93
N GLN S 39 -27.05 13.30 -47.25
CA GLN S 39 -26.90 14.45 -48.13
C GLN S 39 -28.22 14.65 -48.87
N VAL S 40 -28.70 15.90 -48.96
CA VAL S 40 -29.87 16.23 -49.76
C VAL S 40 -29.37 16.97 -51.00
N LEU S 41 -29.79 16.50 -52.18
CA LEU S 41 -29.16 16.91 -53.43
C LEU S 41 -30.19 17.14 -54.54
N GLY S 42 -29.83 18.03 -55.48
CA GLY S 42 -30.78 18.66 -56.40
C GLY S 42 -31.71 19.65 -55.70
N SER S 43 -32.55 20.34 -56.50
CA SER S 43 -33.69 21.06 -55.94
C SER S 43 -34.83 20.09 -55.66
N GLY S 44 -35.50 20.25 -54.52
CA GLY S 44 -36.76 19.55 -54.27
C GLY S 44 -37.96 20.31 -54.82
N THR S 45 -39.15 19.75 -54.62
CA THR S 45 -40.40 20.38 -54.99
C THR S 45 -41.36 20.34 -53.80
N ILE S 46 -42.15 21.41 -53.64
CA ILE S 46 -43.27 21.43 -52.73
C ILE S 46 -44.57 21.63 -53.52
N THR S 47 -45.59 20.79 -53.30
CA THR S 47 -46.82 20.80 -54.07
C THR S 47 -48.02 20.73 -53.12
N ASN S 48 -49.05 21.54 -53.38
CA ASN S 48 -50.37 21.42 -52.75
C ASN S 48 -50.87 19.97 -52.91
N SER S 49 -51.25 19.30 -51.79
CA SER S 49 -51.77 17.93 -51.88
C SER S 49 -53.17 17.76 -51.27
N THR S 50 -53.69 18.77 -50.56
CA THR S 50 -55.04 18.69 -49.99
C THR S 50 -56.13 18.69 -51.06
N ALA S 51 -57.35 18.27 -50.68
CA ALA S 51 -58.48 18.13 -51.60
C ALA S 51 -59.77 18.73 -51.03
N SER S 52 -60.75 18.99 -51.91
CA SER S 52 -62.15 19.31 -51.61
C SER S 52 -62.38 20.49 -50.66
N GLY S 53 -61.39 21.39 -50.52
CA GLY S 53 -61.45 22.51 -49.59
C GLY S 53 -61.39 22.08 -48.11
N SER S 54 -60.71 20.97 -47.82
CA SER S 54 -60.57 20.39 -46.48
C SER S 54 -59.89 21.34 -45.48
N SER S 55 -60.16 21.13 -44.18
CA SER S 55 -59.75 21.97 -43.06
C SER S 55 -58.23 22.12 -42.90
N ARG S 56 -57.44 21.16 -43.42
CA ARG S 56 -55.98 21.22 -43.45
C ARG S 56 -55.49 21.49 -44.87
N THR S 57 -54.65 22.53 -45.03
CA THR S 57 -53.71 22.56 -46.14
C THR S 57 -52.58 21.57 -45.85
N ILE S 58 -52.33 20.66 -46.81
CA ILE S 58 -51.31 19.64 -46.73
C ILE S 58 -50.46 19.79 -48.00
N TYR S 59 -49.14 19.50 -47.91
CA TYR S 59 -48.26 19.74 -49.06
C TYR S 59 -47.44 18.50 -49.45
N ASN S 60 -46.77 18.56 -50.62
CA ASN S 60 -45.94 17.47 -51.11
C ASN S 60 -44.47 17.87 -51.00
N ILE S 61 -43.72 17.28 -50.06
CA ILE S 61 -42.29 17.56 -49.99
C ILE S 61 -41.51 16.45 -50.69
N THR S 62 -41.11 16.67 -51.95
CA THR S 62 -40.28 15.69 -52.63
C THR S 62 -38.84 16.21 -52.72
N ILE S 63 -37.88 15.38 -52.30
CA ILE S 63 -36.46 15.68 -52.31
C ILE S 63 -35.68 14.41 -52.70
N THR S 64 -34.48 14.56 -53.26
CA THR S 64 -33.60 13.41 -53.46
C THR S 64 -32.59 13.36 -52.32
N VAL S 65 -32.50 12.20 -51.66
CA VAL S 65 -31.69 12.03 -50.47
C VAL S 65 -30.71 10.89 -50.71
N LYS S 66 -29.47 11.08 -50.26
CA LYS S 66 -28.42 10.07 -50.31
C LYS S 66 -28.04 9.71 -48.87
N ASN S 67 -28.13 8.43 -48.52
CA ASN S 67 -27.71 7.94 -47.22
C ASN S 67 -26.39 7.18 -47.36
N THR S 68 -25.36 7.67 -46.70
CA THR S 68 -24.01 7.08 -46.70
C THR S 68 -23.75 6.21 -45.47
N GLY S 69 -24.67 6.23 -44.48
CA GLY S 69 -24.53 5.48 -43.23
C GLY S 69 -24.84 3.99 -43.40
N THR S 70 -24.65 3.23 -42.30
CA THR S 70 -24.88 1.78 -42.28
C THR S 70 -26.22 1.38 -41.66
N THR S 71 -27.07 2.36 -41.34
CA THR S 71 -28.43 2.16 -40.82
C THR S 71 -29.45 2.94 -41.65
N SER S 72 -30.69 2.45 -41.71
CA SER S 72 -31.80 3.20 -42.28
C SER S 72 -32.07 4.44 -41.41
N ILE S 73 -32.29 5.60 -42.05
CA ILE S 73 -32.41 6.88 -41.36
C ILE S 73 -33.70 7.58 -41.81
N SER S 74 -34.42 8.21 -40.88
CA SER S 74 -35.74 8.78 -41.14
C SER S 74 -35.77 10.29 -40.92
N VAL S 75 -36.70 10.97 -41.62
CA VAL S 75 -36.99 12.37 -41.39
C VAL S 75 -37.75 12.50 -40.06
N THR S 76 -37.21 13.27 -39.11
CA THR S 76 -37.83 13.48 -37.81
C THR S 76 -38.69 14.74 -37.78
N SER S 77 -38.21 15.81 -38.42
CA SER S 77 -38.91 17.10 -38.49
C SER S 77 -38.42 17.90 -39.69
N ILE S 78 -39.20 18.93 -40.05
CA ILE S 78 -38.87 19.82 -41.14
C ILE S 78 -39.25 21.25 -40.75
N ASN S 79 -38.39 22.20 -41.13
CA ASN S 79 -38.66 23.61 -40.98
C ASN S 79 -38.58 24.23 -42.38
N ILE S 80 -39.63 24.91 -42.84
CA ILE S 80 -39.67 25.48 -44.17
C ILE S 80 -39.57 27.00 -44.04
N ASN S 81 -38.49 27.57 -44.59
CA ASN S 81 -38.28 29.00 -44.67
C ASN S 81 -38.34 29.68 -43.30
N GLY S 82 -37.81 29.01 -42.26
CA GLY S 82 -37.85 29.46 -40.87
C GLY S 82 -39.07 28.98 -40.08
N GLN S 83 -40.16 28.56 -40.74
CA GLN S 83 -41.41 28.19 -40.07
C GLN S 83 -41.42 26.70 -39.69
N PRO S 84 -41.92 26.32 -38.50
CA PRO S 84 -42.09 24.91 -38.15
C PRO S 84 -43.23 24.25 -38.94
N PHE S 85 -43.01 22.99 -39.31
CA PHE S 85 -43.96 22.18 -40.07
C PHE S 85 -44.01 20.76 -39.48
N ASN S 86 -45.18 20.10 -39.52
CA ASN S 86 -45.37 18.73 -39.04
C ASN S 86 -45.55 17.75 -40.20
N ILE S 87 -44.80 16.64 -40.22
CA ILE S 87 -45.04 15.55 -41.16
C ILE S 87 -46.39 14.91 -40.82
N ASN S 88 -47.33 14.87 -41.79
CA ASN S 88 -48.65 14.35 -41.45
C ASN S 88 -48.57 12.86 -41.15
N GLY S 89 -48.09 12.09 -42.14
CA GLY S 89 -48.12 10.64 -42.07
C GLY S 89 -47.10 10.07 -41.07
N THR S 90 -46.78 8.79 -41.24
CA THR S 90 -45.54 8.23 -40.71
C THR S 90 -44.33 8.81 -41.44
N ALA S 91 -43.19 8.90 -40.74
CA ALA S 91 -41.96 9.46 -41.30
C ALA S 91 -41.42 8.62 -42.46
N PRO S 92 -40.91 9.24 -43.55
CA PRO S 92 -40.17 8.51 -44.58
C PRO S 92 -38.80 8.11 -44.04
N SER S 93 -38.28 6.99 -44.55
CA SER S 93 -37.02 6.41 -44.11
C SER S 93 -36.22 5.96 -45.34
N ILE S 94 -34.91 6.30 -45.38
CA ILE S 94 -34.04 5.96 -46.49
C ILE S 94 -33.03 4.89 -46.07
N PRO S 95 -32.99 3.70 -46.73
CA PRO S 95 -32.09 2.62 -46.34
C PRO S 95 -30.61 2.97 -46.49
N ALA S 96 -29.75 2.20 -45.80
CA ALA S 96 -28.31 2.36 -45.86
C ALA S 96 -27.77 2.31 -47.29
N GLY S 97 -26.85 3.23 -47.64
CA GLY S 97 -26.19 3.24 -48.94
C GLY S 97 -27.02 3.73 -50.13
N ARG S 98 -28.34 3.95 -49.96
CA ARG S 98 -29.23 4.30 -51.07
C ARG S 98 -29.18 5.80 -51.41
N THR S 99 -29.28 6.11 -52.71
CA THR S 99 -29.73 7.43 -53.16
C THR S 99 -31.11 7.26 -53.79
N GLN S 100 -32.11 8.03 -53.33
CA GLN S 100 -33.45 7.90 -53.89
C GLN S 100 -34.27 9.18 -53.71
N PRO S 101 -35.29 9.40 -54.57
CA PRO S 101 -36.39 10.31 -54.24
C PRO S 101 -37.09 9.85 -52.98
N ILE S 102 -37.42 10.82 -52.12
CA ILE S 102 -38.16 10.67 -50.88
C ILE S 102 -39.33 11.66 -50.96
N THR S 103 -40.54 11.21 -50.64
CA THR S 103 -41.74 12.04 -50.67
C THR S 103 -42.54 11.87 -49.39
N PHE S 104 -43.00 12.99 -48.82
CA PHE S 104 -43.78 12.96 -47.59
C PHE S 104 -44.76 14.14 -47.53
N GLU S 105 -45.91 13.89 -46.89
CA GLU S 105 -46.94 14.90 -46.66
C GLU S 105 -46.58 15.76 -45.45
N VAL S 106 -46.81 17.07 -45.53
CA VAL S 106 -46.48 17.98 -44.44
C VAL S 106 -47.57 19.05 -44.26
N THR S 107 -47.72 19.55 -43.02
CA THR S 107 -48.68 20.59 -42.65
C THR S 107 -47.97 21.71 -41.88
N PRO S 108 -48.38 22.99 -42.02
CA PRO S 108 -47.84 24.07 -41.20
C PRO S 108 -48.15 23.85 -39.72
N ALA S 109 -47.16 24.02 -38.84
CA ALA S 109 -47.34 23.76 -37.41
C ALA S 109 -48.13 24.88 -36.71
N SER S 110 -48.01 26.11 -37.23
CA SER S 110 -48.71 27.29 -36.72
C SER S 110 -48.92 28.31 -37.85
N GLY S 111 -49.92 29.19 -37.67
CA GLY S 111 -50.28 30.19 -38.66
C GLY S 111 -50.79 29.57 -39.98
N LYS S 112 -50.64 30.33 -41.08
CA LYS S 112 -51.10 29.93 -42.40
C LYS S 112 -50.15 30.48 -43.47
N PRO S 113 -49.18 29.68 -43.98
CA PRO S 113 -48.31 30.11 -45.06
C PRO S 113 -49.06 30.09 -46.39
N ASN S 114 -48.44 30.73 -47.38
CA ASN S 114 -49.00 30.85 -48.71
C ASN S 114 -47.85 30.86 -49.71
N PHE S 115 -47.55 29.70 -50.32
CA PHE S 115 -46.49 29.61 -51.29
C PHE S 115 -46.95 30.12 -52.66
N SER S 116 -46.03 30.72 -53.43
CA SER S 116 -46.31 31.24 -54.77
C SER S 116 -45.66 30.38 -55.84
N PRO S 117 -46.35 30.04 -56.96
CA PRO S 117 -45.81 29.18 -58.01
C PRO S 117 -44.45 29.63 -58.54
N GLY S 118 -43.53 28.65 -58.67
CA GLY S 118 -42.19 28.86 -59.19
C GLY S 118 -41.23 29.55 -58.22
N ALA S 119 -41.70 30.00 -57.05
CA ALA S 119 -40.81 30.57 -56.04
C ALA S 119 -40.06 29.47 -55.28
N SER S 120 -38.87 29.84 -54.77
CA SER S 120 -37.98 28.95 -54.04
C SER S 120 -38.05 29.22 -52.55
N TYR S 121 -38.16 28.16 -51.75
CA TYR S 121 -38.23 28.20 -50.30
C TYR S 121 -37.15 27.29 -49.76
N THR S 122 -36.42 27.68 -48.71
CA THR S 122 -35.54 26.70 -48.10
C THR S 122 -36.34 25.77 -47.21
N ALA S 123 -35.95 24.51 -47.16
CA ALA S 123 -36.38 23.63 -46.10
C ALA S 123 -35.12 23.13 -45.42
N THR S 124 -35.11 23.06 -44.08
CA THR S 124 -34.11 22.23 -43.42
C THR S 124 -34.83 20.98 -42.97
N ILE S 125 -34.34 19.84 -43.43
CA ILE S 125 -34.90 18.56 -43.06
C ILE S 125 -33.99 17.99 -41.98
N TYR S 126 -34.56 17.60 -40.85
CA TYR S 126 -33.80 17.03 -39.74
C TYR S 126 -34.03 15.53 -39.68
N PHE S 127 -32.92 14.79 -39.73
CA PHE S 127 -32.93 13.34 -39.79
C PHE S 127 -32.65 12.72 -38.41
N SER S 128 -32.87 11.41 -38.25
CA SER S 128 -32.72 10.71 -36.97
C SER S 128 -31.30 10.69 -36.41
N ASN S 129 -30.30 11.16 -37.17
CA ASN S 129 -28.97 11.48 -36.67
C ASN S 129 -28.92 12.75 -35.80
N GLY S 130 -29.99 13.53 -35.75
CA GLY S 130 -29.94 14.92 -35.32
C GLY S 130 -29.35 15.89 -36.37
N GLN S 131 -28.87 15.34 -37.49
CA GLN S 131 -28.31 16.10 -38.61
C GLN S 131 -29.42 16.91 -39.31
N GLY S 132 -29.14 18.18 -39.59
CA GLY S 132 -30.01 19.00 -40.42
C GLY S 132 -29.36 19.32 -41.77
N ALA S 133 -30.09 19.10 -42.87
CA ALA S 133 -29.63 19.45 -44.20
C ALA S 133 -30.50 20.56 -44.77
N PRO S 134 -29.94 21.73 -45.17
CA PRO S 134 -30.70 22.71 -45.94
C PRO S 134 -30.90 22.23 -47.38
N ALA S 135 -32.09 22.49 -47.92
CA ALA S 135 -32.49 22.14 -49.28
C ALA S 135 -33.33 23.27 -49.85
N THR S 136 -33.35 23.44 -51.17
CA THR S 136 -34.27 24.39 -51.79
C THR S 136 -35.44 23.61 -52.37
N LEU S 137 -36.66 24.00 -52.02
CA LEU S 137 -37.87 23.47 -52.60
C LEU S 137 -38.47 24.53 -53.53
N ILE S 138 -38.86 24.16 -54.74
CA ILE S 138 -39.56 25.06 -55.64
C ILE S 138 -41.05 24.70 -55.60
N TYR S 139 -41.92 25.69 -55.34
CA TYR S 139 -43.35 25.44 -55.23
C TYR S 139 -44.03 25.26 -56.59
N GLN S 140 -44.91 24.24 -56.69
CA GLN S 140 -45.48 23.76 -57.95
C GLN S 140 -47.00 24.02 -58.10
N GLY S 141 -47.74 24.24 -56.99
CA GLY S 141 -49.19 24.13 -56.94
C GLY S 141 -49.96 25.42 -57.18
N LEU T 1 3.54 5.05 -7.53
CA LEU T 1 4.53 4.77 -8.62
C LEU T 1 3.83 4.86 -9.99
N SER T 2 2.65 4.23 -10.13
CA SER T 2 1.91 4.10 -11.40
C SER T 2 1.55 5.44 -12.08
N GLY T 3 1.26 6.49 -11.30
CA GLY T 3 0.78 7.78 -11.79
C GLY T 3 1.69 8.43 -12.84
N ALA T 4 3.00 8.33 -12.62
CA ALA T 4 4.02 8.86 -13.53
C ALA T 4 4.08 8.05 -14.84
N ILE T 5 4.02 6.72 -14.76
CA ILE T 5 4.00 5.85 -15.94
C ILE T 5 2.75 6.12 -16.79
N VAL T 6 1.59 6.29 -16.16
CA VAL T 6 0.35 6.64 -16.84
C VAL T 6 0.44 8.02 -17.48
N ALA T 7 0.98 9.01 -16.77
CA ALA T 7 1.22 10.34 -17.32
C ALA T 7 2.13 10.29 -18.54
N LEU T 8 3.21 9.50 -18.52
CA LEU T 8 4.14 9.34 -19.64
C LEU T 8 3.44 8.74 -20.86
N ILE T 9 2.69 7.64 -20.68
CA ILE T 9 1.96 7.00 -21.76
C ILE T 9 0.95 7.97 -22.38
N LEU T 10 0.21 8.73 -21.57
CA LEU T 10 -0.77 9.68 -22.07
C LEU T 10 -0.11 10.90 -22.73
N VAL T 11 1.07 11.34 -22.27
CA VAL T 11 1.85 12.37 -22.96
C VAL T 11 2.27 11.89 -24.35
N ILE T 12 2.90 10.72 -24.43
CA ILE T 12 3.35 10.14 -25.70
C ILE T 12 2.16 9.90 -26.64
N ALA T 13 1.09 9.25 -26.14
CA ALA T 13 -0.11 9.01 -26.92
C ALA T 13 -0.78 10.30 -27.36
N GLY T 14 -0.73 11.37 -26.55
CA GLY T 14 -1.20 12.69 -26.92
C GLY T 14 -0.49 13.24 -28.16
N VAL T 15 0.84 13.11 -28.24
CA VAL T 15 1.61 13.46 -29.42
C VAL T 15 1.14 12.65 -30.63
N ILE T 16 1.01 11.32 -30.49
CA ILE T 16 0.58 10.45 -31.58
C ILE T 16 -0.81 10.82 -32.08
N ILE T 17 -1.80 10.99 -31.18
CA ILE T 17 -3.18 11.29 -31.55
C ILE T 17 -3.28 12.68 -32.20
N ALA T 18 -2.58 13.68 -31.66
CA ALA T 18 -2.59 15.02 -32.26
C ALA T 18 -2.01 15.02 -33.68
N ILE T 19 -0.90 14.33 -33.92
CA ILE T 19 -0.33 14.18 -35.25
C ILE T 19 -1.27 13.41 -36.17
N ALA T 20 -1.89 12.33 -35.68
CA ALA T 20 -2.85 11.53 -36.44
C ALA T 20 -4.05 12.36 -36.89
N VAL T 21 -4.60 13.21 -36.02
CA VAL T 21 -5.70 14.10 -36.31
C VAL T 21 -5.33 15.16 -37.36
N VAL T 22 -4.10 15.70 -37.29
CA VAL T 22 -3.58 16.61 -38.30
C VAL T 22 -3.45 15.94 -39.67
N LEU T 23 -2.93 14.71 -39.72
CA LEU T 23 -2.84 13.94 -40.96
C LEU T 23 -4.22 13.60 -41.54
N PHE T 24 -5.17 13.23 -40.68
CA PHE T 24 -6.55 12.97 -41.09
C PHE T 24 -7.19 14.20 -41.73
N ALA T 25 -6.97 15.38 -41.15
CA ALA T 25 -7.47 16.64 -41.68
C ALA T 25 -6.99 16.88 -43.12
N PHE T 26 -5.70 16.65 -43.42
CA PHE T 26 -5.20 16.73 -44.80
C PHE T 26 -5.78 15.63 -45.70
N GLY T 27 -5.91 14.40 -45.20
CA GLY T 27 -6.39 13.25 -45.99
C GLY T 27 -7.79 13.42 -46.59
N LEU T 28 -8.62 14.31 -46.02
CA LEU T 28 -9.93 14.67 -46.56
C LEU T 28 -9.84 15.47 -47.88
N ILE T 29 -8.74 16.20 -48.11
CA ILE T 29 -8.66 17.24 -49.13
C ILE T 29 -8.72 16.69 -50.56
N PRO T 30 -7.93 15.67 -50.97
CA PRO T 30 -8.12 15.05 -52.28
C PRO T 30 -9.52 14.47 -52.44
N GLY T 31 -10.10 13.91 -51.37
CA GLY T 31 -11.46 13.37 -51.38
C GLY T 31 -12.53 14.38 -51.77
N ILE T 32 -12.59 15.54 -51.11
CA ILE T 32 -13.59 16.58 -51.33
C ILE T 32 -13.53 17.19 -52.74
N SER T 33 -12.38 17.12 -53.43
CA SER T 33 -12.25 17.64 -54.79
C SER T 33 -13.16 16.90 -55.79
N ASN T 34 -13.50 15.63 -55.53
CA ASN T 34 -14.38 14.84 -56.37
C ASN T 34 -15.78 15.46 -56.49
N GLN T 35 -16.17 16.32 -55.55
CA GLN T 35 -17.40 17.11 -55.57
C GLN T 35 -17.56 17.94 -56.85
N GLY T 36 -16.45 18.19 -57.58
CA GLY T 36 -16.41 18.97 -58.81
C GLY T 36 -15.88 18.20 -60.03
N SER T 37 -16.03 16.87 -60.04
CA SER T 37 -15.48 16.02 -61.09
C SER T 37 -16.03 16.36 -62.49
N ILE T 38 -17.29 16.80 -62.59
CA ILE T 38 -17.98 16.93 -63.86
C ILE T 38 -17.94 18.38 -64.35
N GLN T 39 -17.71 18.56 -65.65
CA GLN T 39 -17.95 19.82 -66.35
C GLN T 39 -18.86 19.54 -67.54
N VAL T 40 -19.88 20.39 -67.73
CA VAL T 40 -20.74 20.32 -68.92
C VAL T 40 -20.37 21.49 -69.82
N LEU T 41 -20.07 21.19 -71.09
CA LEU T 41 -19.43 22.16 -71.96
C LEU T 41 -20.02 22.15 -73.38
N GLY T 42 -19.93 23.31 -74.05
CA GLY T 42 -20.72 23.62 -75.23
C GLY T 42 -22.21 23.82 -74.92
N SER T 43 -23.00 24.20 -75.93
CA SER T 43 -24.45 24.12 -75.84
C SER T 43 -24.90 22.68 -76.09
N GLY T 44 -25.86 22.20 -75.30
CA GLY T 44 -26.55 20.95 -75.60
C GLY T 44 -27.73 21.16 -76.54
N THR T 45 -28.41 20.06 -76.86
CA THR T 45 -29.63 20.08 -77.66
C THR T 45 -30.72 19.29 -76.96
N ILE T 46 -31.97 19.77 -77.06
CA ILE T 46 -33.14 19.01 -76.67
C ILE T 46 -34.01 18.77 -77.90
N THR T 47 -34.42 17.52 -78.14
CA THR T 47 -35.17 17.13 -79.34
C THR T 47 -36.35 16.25 -78.94
N ASN T 48 -37.52 16.51 -79.56
CA ASN T 48 -38.68 15.60 -79.50
C ASN T 48 -38.24 14.19 -79.92
N SER T 49 -38.51 13.16 -79.09
CA SER T 49 -38.16 11.78 -79.44
C SER T 49 -39.34 10.81 -79.45
N THR T 50 -40.52 11.23 -78.96
CA THR T 50 -41.71 10.37 -78.97
C THR T 50 -42.23 10.12 -80.39
N ALA T 51 -43.07 9.09 -80.54
CA ALA T 51 -43.60 8.66 -81.83
C ALA T 51 -45.11 8.40 -81.79
N SER T 52 -45.75 8.38 -82.97
CA SER T 52 -47.10 7.88 -83.24
C SER T 52 -48.22 8.52 -82.40
N GLY T 53 -47.98 9.72 -81.83
CA GLY T 53 -48.92 10.39 -80.93
C GLY T 53 -49.10 9.68 -79.58
N SER T 54 -48.05 9.00 -79.10
CA SER T 54 -48.03 8.24 -77.85
C SER T 54 -48.33 9.10 -76.61
N SER T 55 -48.81 8.46 -75.54
CA SER T 55 -49.29 9.08 -74.31
C SER T 55 -48.23 9.90 -73.55
N ARG T 56 -46.94 9.59 -73.77
CA ARG T 56 -45.82 10.36 -73.21
C ARG T 56 -45.13 11.19 -74.30
N THR T 57 -44.99 12.50 -74.06
CA THR T 57 -43.94 13.26 -74.71
C THR T 57 -42.61 12.90 -74.05
N ILE T 58 -41.63 12.50 -74.87
CA ILE T 58 -40.29 12.11 -74.45
C ILE T 58 -39.32 12.97 -75.27
N TYR T 59 -38.17 13.34 -74.69
CA TYR T 59 -37.26 14.25 -75.38
C TYR T 59 -35.82 13.71 -75.47
N ASN T 60 -34.97 14.38 -76.28
CA ASN T 60 -33.58 13.99 -76.46
C ASN T 60 -32.68 15.01 -75.76
N ILE T 61 -32.05 14.63 -74.64
CA ILE T 61 -31.11 15.53 -73.98
C ILE T 61 -29.68 15.16 -74.37
N THR T 62 -29.11 15.86 -75.36
CA THR T 62 -27.71 15.61 -75.70
C THR T 62 -26.85 16.76 -75.19
N ILE T 63 -25.77 16.41 -74.46
CA ILE T 63 -24.81 17.34 -73.90
C ILE T 63 -23.40 16.76 -74.02
N THR T 64 -22.36 17.60 -74.05
CA THR T 64 -20.99 17.11 -73.95
C THR T 64 -20.53 17.26 -72.50
N VAL T 65 -20.03 16.16 -71.93
CA VAL T 65 -19.68 16.10 -70.52
C VAL T 65 -18.21 15.68 -70.41
N LYS T 66 -17.48 16.31 -69.50
CA LYS T 66 -16.09 15.98 -69.19
C LYS T 66 -16.04 15.49 -67.75
N ASN T 67 -15.52 14.27 -67.53
CA ASN T 67 -15.34 13.73 -66.19
C ASN T 67 -13.85 13.77 -65.84
N THR T 68 -13.50 14.51 -64.79
CA THR T 68 -12.13 14.67 -64.29
C THR T 68 -11.84 13.74 -63.11
N GLY T 69 -12.87 13.06 -62.56
CA GLY T 69 -12.73 12.18 -61.41
C GLY T 69 -12.12 10.81 -61.76
N THR T 70 -11.89 9.99 -60.73
CA THR T 70 -11.30 8.66 -60.89
C THR T 70 -12.32 7.52 -60.85
N THR T 71 -13.61 7.86 -60.85
CA THR T 71 -14.72 6.90 -60.93
C THR T 71 -15.69 7.28 -62.04
N SER T 72 -16.39 6.28 -62.62
CA SER T 72 -17.49 6.54 -63.54
C SER T 72 -18.63 7.22 -62.79
N ILE T 73 -19.24 8.25 -63.39
CA ILE T 73 -20.24 9.09 -62.74
C ILE T 73 -21.48 9.17 -63.62
N SER T 74 -22.68 9.13 -63.02
CA SER T 74 -23.93 9.03 -63.75
C SER T 74 -24.86 10.23 -63.48
N VAL T 75 -25.72 10.53 -64.45
CA VAL T 75 -26.79 11.51 -64.28
C VAL T 75 -27.86 10.90 -63.36
N THR T 76 -28.14 11.57 -62.23
CA THR T 76 -29.14 11.11 -61.27
C THR T 76 -30.51 11.76 -61.52
N SER T 77 -30.51 13.05 -61.86
CA SER T 77 -31.73 13.80 -62.13
C SER T 77 -31.43 15.03 -62.98
N ILE T 78 -32.47 15.60 -63.57
CA ILE T 78 -32.37 16.79 -64.39
C ILE T 78 -33.55 17.72 -64.10
N ASN T 79 -33.28 19.01 -64.06
CA ASN T 79 -34.29 20.04 -63.96
C ASN T 79 -34.14 20.95 -65.17
N ILE T 80 -35.19 21.13 -65.97
CA ILE T 80 -35.12 21.95 -67.18
C ILE T 80 -35.92 23.22 -66.94
N ASN T 81 -35.21 24.37 -66.97
CA ASN T 81 -35.78 25.69 -66.89
C ASN T 81 -36.63 25.88 -65.62
N GLY T 82 -36.17 25.30 -64.50
CA GLY T 82 -36.86 25.30 -63.22
C GLY T 82 -37.81 24.11 -63.00
N GLN T 83 -38.23 23.41 -64.06
CA GLN T 83 -39.21 22.32 -63.96
C GLN T 83 -38.53 20.98 -63.70
N PRO T 84 -39.08 20.10 -62.83
CA PRO T 84 -38.55 18.75 -62.65
C PRO T 84 -38.85 17.86 -63.86
N PHE T 85 -37.89 16.99 -64.19
CA PHE T 85 -37.96 16.05 -65.30
C PHE T 85 -37.41 14.68 -64.86
N ASN T 86 -37.95 13.58 -65.40
CA ASN T 86 -37.50 12.23 -65.09
C ASN T 86 -36.76 11.61 -66.29
N ILE T 87 -35.57 11.05 -66.06
CA ILE T 87 -34.88 10.26 -67.08
C ILE T 87 -35.70 8.98 -67.35
N ASN T 88 -36.11 8.75 -68.61
CA ASN T 88 -36.97 7.59 -68.86
C ASN T 88 -36.19 6.30 -68.63
N GLY T 89 -35.10 6.14 -69.38
CA GLY T 89 -34.35 4.89 -69.41
C GLY T 89 -33.56 4.65 -68.12
N THR T 90 -32.55 3.77 -68.23
CA THR T 90 -31.45 3.75 -67.27
C THR T 90 -30.58 5.01 -67.43
N ALA T 91 -29.96 5.46 -66.33
CA ALA T 91 -29.13 6.66 -66.34
C ALA T 91 -27.90 6.51 -67.22
N PRO T 92 -27.50 7.56 -67.99
CA PRO T 92 -26.21 7.56 -68.68
C PRO T 92 -25.07 7.75 -67.66
N SER T 93 -23.92 7.18 -67.97
CA SER T 93 -22.74 7.20 -67.11
C SER T 93 -21.50 7.51 -67.94
N ILE T 94 -20.65 8.43 -67.44
CA ILE T 94 -19.45 8.85 -68.14
C ILE T 94 -18.20 8.33 -67.40
N PRO T 95 -17.33 7.53 -68.06
CA PRO T 95 -16.15 6.95 -67.41
C PRO T 95 -15.14 7.99 -66.94
N ALA T 96 -14.26 7.58 -66.01
CA ALA T 96 -13.20 8.42 -65.48
C ALA T 96 -12.32 9.01 -66.58
N GLY T 97 -11.98 10.30 -66.48
CA GLY T 97 -11.06 10.96 -67.41
C GLY T 97 -11.62 11.28 -68.81
N ARG T 98 -12.82 10.79 -69.17
CA ARG T 98 -13.37 10.95 -70.52
C ARG T 98 -14.04 12.31 -70.72
N THR T 99 -13.90 12.86 -71.94
CA THR T 99 -14.81 13.86 -72.46
C THR T 99 -15.61 13.22 -73.59
N GLN T 100 -16.95 13.27 -73.53
CA GLN T 100 -17.77 12.66 -74.58
C GLN T 100 -19.15 13.30 -74.66
N PRO T 101 -19.81 13.22 -75.85
CA PRO T 101 -21.26 13.37 -75.94
C PRO T 101 -21.96 12.32 -75.08
N ILE T 102 -22.99 12.77 -74.37
CA ILE T 102 -23.88 11.96 -73.54
C ILE T 102 -25.29 12.26 -74.01
N THR T 103 -26.10 11.20 -74.23
CA THR T 103 -27.48 11.35 -74.68
C THR T 103 -28.40 10.49 -73.84
N PHE T 104 -29.55 11.06 -73.44
CA PHE T 104 -30.53 10.34 -72.62
C PHE T 104 -31.95 10.84 -72.89
N GLU T 105 -32.91 9.92 -72.76
CA GLU T 105 -34.33 10.21 -72.92
C GLU T 105 -34.89 10.79 -71.62
N VAL T 106 -35.76 11.80 -71.71
CA VAL T 106 -36.32 12.45 -70.53
C VAL T 106 -37.81 12.78 -70.73
N THR T 107 -38.57 12.80 -69.63
CA THR T 107 -39.99 13.13 -69.62
C THR T 107 -40.29 14.20 -68.57
N PRO T 108 -41.26 15.12 -68.79
CA PRO T 108 -41.67 16.07 -67.76
C PRO T 108 -42.25 15.36 -66.55
N ALA T 109 -41.83 15.76 -65.34
CA ALA T 109 -42.27 15.08 -64.12
C ALA T 109 -43.71 15.46 -63.72
N SER T 110 -44.12 16.68 -64.09
CA SER T 110 -45.47 17.21 -63.83
C SER T 110 -45.84 18.25 -64.89
N GLY T 111 -47.15 18.47 -65.07
CA GLY T 111 -47.68 19.38 -66.09
C GLY T 111 -47.33 18.96 -67.52
N LYS T 112 -47.29 19.95 -68.42
CA LYS T 112 -47.03 19.74 -69.84
C LYS T 112 -46.26 20.93 -70.42
N PRO T 113 -44.91 20.85 -70.54
CA PRO T 113 -44.12 21.91 -71.16
C PRO T 113 -44.30 21.87 -72.68
N ASN T 114 -43.85 22.96 -73.32
CA ASN T 114 -43.96 23.14 -74.75
C ASN T 114 -42.74 23.96 -75.20
N PHE T 115 -41.70 23.28 -75.70
CA PHE T 115 -40.51 23.97 -76.18
C PHE T 115 -40.75 24.52 -77.59
N SER T 116 -40.11 25.66 -77.91
CA SER T 116 -40.21 26.31 -79.20
C SER T 116 -38.89 26.18 -79.98
N PRO T 117 -38.91 25.84 -81.30
CA PRO T 117 -37.70 25.66 -82.09
C PRO T 117 -36.71 26.82 -82.02
N GLY T 118 -35.43 26.47 -81.83
CA GLY T 118 -34.33 27.42 -81.76
C GLY T 118 -34.25 28.22 -80.45
N ALA T 119 -35.22 28.06 -79.54
CA ALA T 119 -35.15 28.71 -78.23
C ALA T 119 -34.19 27.96 -77.30
N SER T 120 -33.62 28.71 -76.34
CA SER T 120 -32.65 28.20 -75.36
C SER T 120 -33.33 28.01 -74.01
N TYR T 121 -33.07 26.86 -73.39
CA TYR T 121 -33.60 26.49 -72.08
C TYR T 121 -32.41 26.10 -71.21
N THR T 122 -32.39 26.51 -69.93
CA THR T 122 -31.35 25.95 -69.07
C THR T 122 -31.75 24.56 -68.63
N ALA T 123 -30.78 23.67 -68.50
CA ALA T 123 -30.96 22.45 -67.74
C ALA T 123 -29.91 22.46 -66.64
N THR T 124 -30.27 22.08 -65.42
CA THR T 124 -29.25 21.68 -64.47
C THR T 124 -29.27 20.17 -64.40
N ILE T 125 -28.12 19.57 -64.70
CA ILE T 125 -27.99 18.13 -64.65
C ILE T 125 -27.30 17.82 -63.33
N TYR T 126 -27.88 16.91 -62.53
CA TYR T 126 -27.32 16.52 -61.26
C TYR T 126 -26.70 15.14 -61.36
N PHE T 127 -25.42 15.07 -61.02
CA PHE T 127 -24.61 13.86 -61.15
C PHE T 127 -24.49 13.12 -59.81
N SER T 128 -24.00 11.88 -59.82
CA SER T 128 -23.90 11.02 -58.64
C SER T 128 -22.94 11.54 -57.56
N ASN T 129 -22.19 12.62 -57.83
CA ASN T 129 -21.46 13.39 -56.83
C ASN T 129 -22.38 14.26 -55.94
N GLY T 130 -23.66 14.39 -56.27
CA GLY T 130 -24.50 15.47 -55.78
C GLY T 130 -24.25 16.82 -56.46
N GLN T 131 -23.22 16.89 -57.32
CA GLN T 131 -22.86 18.08 -58.09
C GLN T 131 -23.95 18.41 -59.13
N GLY T 132 -24.33 19.68 -59.21
CA GLY T 132 -25.20 20.17 -60.27
C GLY T 132 -24.45 21.09 -61.23
N ALA T 133 -24.58 20.84 -62.54
CA ALA T 133 -23.99 21.70 -63.55
C ALA T 133 -25.10 22.36 -64.36
N PRO T 134 -25.18 23.71 -64.44
CA PRO T 134 -26.06 24.36 -65.40
C PRO T 134 -25.52 24.24 -66.82
N ALA T 135 -26.42 24.03 -67.76
CA ALA T 135 -26.13 23.89 -69.19
C ALA T 135 -27.23 24.58 -69.99
N THR T 136 -26.94 25.06 -71.21
CA THR T 136 -27.98 25.57 -72.08
C THR T 136 -28.29 24.51 -73.13
N LEU T 137 -29.56 24.14 -73.26
CA LEU T 137 -30.05 23.27 -74.30
C LEU T 137 -30.81 24.12 -75.32
N ILE T 138 -30.53 23.93 -76.62
CA ILE T 138 -31.30 24.58 -77.67
C ILE T 138 -32.28 23.56 -78.24
N TYR T 139 -33.58 23.90 -78.29
CA TYR T 139 -34.60 22.98 -78.78
C TYR T 139 -34.61 22.85 -80.31
N GLN T 140 -34.72 21.61 -80.80
CA GLN T 140 -34.53 21.25 -82.20
C GLN T 140 -35.81 20.78 -82.93
N GLY T 141 -36.84 20.32 -82.20
CA GLY T 141 -37.94 19.51 -82.72
C GLY T 141 -39.17 20.30 -83.18
N LEU U 1 25.85 -51.95 74.02
CA LEU U 1 26.00 -52.60 72.69
C LEU U 1 24.78 -52.31 71.81
N SER U 2 23.56 -52.51 72.33
CA SER U 2 22.28 -52.46 71.61
C SER U 2 22.16 -51.29 70.61
N GLY U 3 22.41 -50.06 71.08
CA GLY U 3 22.24 -48.84 70.30
C GLY U 3 23.01 -48.83 68.97
N ALA U 4 24.22 -49.39 68.96
CA ALA U 4 25.08 -49.44 67.79
C ALA U 4 24.60 -50.48 66.77
N ILE U 5 24.17 -51.66 67.22
CA ILE U 5 23.62 -52.69 66.35
C ILE U 5 22.30 -52.22 65.70
N VAL U 6 21.45 -51.52 66.47
CA VAL U 6 20.23 -50.92 65.92
C VAL U 6 20.55 -49.80 64.92
N ALA U 7 21.53 -48.94 65.23
CA ALA U 7 21.97 -47.92 64.28
C ALA U 7 22.45 -48.54 62.97
N LEU U 8 23.19 -49.65 63.03
CA LEU U 8 23.69 -50.36 61.87
C LEU U 8 22.56 -51.00 61.05
N ILE U 9 21.58 -51.66 61.70
CA ILE U 9 20.40 -52.18 61.02
C ILE U 9 19.66 -51.07 60.26
N LEU U 10 19.49 -49.91 60.89
CA LEU U 10 18.79 -48.79 60.26
C LEU U 10 19.63 -48.12 59.17
N VAL U 11 20.97 -48.15 59.23
CA VAL U 11 21.82 -47.75 58.10
C VAL U 11 21.60 -48.70 56.92
N ILE U 12 21.73 -50.01 57.15
CA ILE U 12 21.58 -51.02 56.10
C ILE U 12 20.17 -50.95 55.50
N ALA U 13 19.11 -50.96 56.31
CA ALA U 13 17.74 -50.85 55.82
C ALA U 13 17.47 -49.53 55.10
N GLY U 14 18.09 -48.43 55.54
CA GLY U 14 18.04 -47.14 54.85
C GLY U 14 18.63 -47.22 53.45
N VAL U 15 19.82 -47.82 53.30
CA VAL U 15 20.43 -48.06 51.99
C VAL U 15 19.50 -48.86 51.09
N ILE U 16 18.93 -49.95 51.60
CA ILE U 16 18.05 -50.85 50.87
C ILE U 16 16.80 -50.11 50.36
N ILE U 17 16.09 -49.39 51.24
CA ILE U 17 14.86 -48.71 50.88
C ILE U 17 15.14 -47.49 50.00
N ALA U 18 16.25 -46.77 50.21
CA ALA U 18 16.64 -45.66 49.34
C ALA U 18 16.97 -46.16 47.93
N ILE U 19 17.76 -47.22 47.79
CA ILE U 19 18.07 -47.81 46.49
C ILE U 19 16.81 -48.34 45.82
N ALA U 20 15.89 -48.97 46.56
CA ALA U 20 14.61 -49.41 46.02
C ALA U 20 13.80 -48.25 45.41
N VAL U 21 13.76 -47.10 46.09
CA VAL U 21 13.08 -45.90 45.58
C VAL U 21 13.82 -45.28 44.39
N VAL U 22 15.15 -45.34 44.36
CA VAL U 22 15.95 -44.88 43.21
C VAL U 22 15.72 -45.76 41.98
N LEU U 23 15.70 -47.10 42.15
CA LEU U 23 15.37 -48.03 41.08
C LEU U 23 13.95 -47.84 40.59
N PHE U 24 12.98 -47.58 41.49
CA PHE U 24 11.63 -47.23 41.11
C PHE U 24 11.59 -45.95 40.25
N ALA U 25 12.32 -44.89 40.64
CA ALA U 25 12.40 -43.68 39.85
C ALA U 25 12.96 -43.94 38.44
N PHE U 26 14.00 -44.77 38.28
CA PHE U 26 14.46 -45.20 36.96
C PHE U 26 13.41 -46.03 36.21
N GLY U 27 12.59 -46.81 36.92
CA GLY U 27 11.54 -47.64 36.35
C GLY U 27 10.33 -46.84 35.84
N LEU U 28 10.11 -45.61 36.33
CA LEU U 28 9.06 -44.73 35.83
C LEU U 28 9.36 -44.17 34.44
N ILE U 29 10.65 -43.98 34.13
CA ILE U 29 11.09 -43.23 32.95
C ILE U 29 10.42 -43.69 31.65
N PRO U 30 10.29 -45.01 31.32
CA PRO U 30 9.71 -45.42 30.05
C PRO U 30 8.24 -45.06 29.89
N GLY U 31 7.47 -45.16 30.98
CA GLY U 31 6.03 -44.86 30.96
C GLY U 31 5.72 -43.38 30.80
N ILE U 32 6.53 -42.50 31.41
CA ILE U 32 6.31 -41.06 31.40
C ILE U 32 6.88 -40.36 30.17
N SER U 33 7.76 -41.03 29.39
CA SER U 33 8.61 -40.36 28.40
C SER U 33 8.51 -40.87 26.96
N ASN U 34 7.40 -41.53 26.60
CA ASN U 34 7.18 -41.91 25.20
C ASN U 34 7.09 -40.66 24.33
N GLN U 35 8.04 -40.54 23.39
CA GLN U 35 8.12 -39.43 22.45
C GLN U 35 7.19 -39.68 21.25
N GLY U 36 6.90 -38.62 20.49
CA GLY U 36 6.08 -38.79 19.30
C GLY U 36 4.60 -38.81 19.63
N SER U 37 3.82 -38.50 18.59
CA SER U 37 2.51 -37.89 18.74
C SER U 37 1.70 -38.12 17.47
N ILE U 38 0.39 -37.86 17.54
CA ILE U 38 -0.35 -37.59 16.34
C ILE U 38 -0.03 -36.18 15.83
N GLN U 39 0.46 -36.10 14.59
CA GLN U 39 0.70 -34.86 13.87
C GLN U 39 -0.41 -34.67 12.83
N VAL U 40 -0.95 -33.46 12.71
CA VAL U 40 -2.01 -33.17 11.75
C VAL U 40 -1.45 -32.33 10.60
N LEU U 41 -1.57 -32.83 9.37
CA LEU U 41 -0.85 -32.30 8.22
C LEU U 41 -1.78 -31.55 7.27
N GLY U 42 -1.45 -30.29 6.97
CA GLY U 42 -2.25 -29.44 6.10
C GLY U 42 -3.63 -29.11 6.65
N SER U 43 -4.52 -28.60 5.78
CA SER U 43 -5.91 -28.36 6.15
C SER U 43 -6.74 -29.62 6.00
N GLY U 44 -7.75 -29.78 6.87
CA GLY U 44 -8.83 -30.74 6.67
C GLY U 44 -10.05 -30.08 6.03
N THR U 45 -11.13 -30.85 5.92
CA THR U 45 -12.39 -30.36 5.38
C THR U 45 -13.56 -30.79 6.28
N ILE U 46 -14.56 -29.92 6.42
CA ILE U 46 -15.87 -30.28 6.96
C ILE U 46 -16.85 -30.34 5.79
N THR U 47 -17.68 -31.40 5.71
CA THR U 47 -18.75 -31.49 4.73
C THR U 47 -20.05 -31.86 5.45
N ASN U 48 -21.18 -31.27 5.05
CA ASN U 48 -22.51 -31.66 5.53
C ASN U 48 -22.80 -33.12 5.13
N SER U 49 -22.92 -34.02 6.12
CA SER U 49 -23.36 -35.40 5.89
C SER U 49 -24.88 -35.57 6.09
N THR U 50 -25.54 -34.59 6.72
CA THR U 50 -26.98 -34.67 7.05
C THR U 50 -27.83 -34.92 5.81
N ALA U 51 -28.82 -35.82 5.93
CA ALA U 51 -29.69 -36.19 4.82
C ALA U 51 -31.16 -36.32 5.27
N SER U 52 -32.08 -36.21 4.30
CA SER U 52 -33.50 -36.56 4.42
C SER U 52 -34.23 -35.84 5.57
N GLY U 53 -33.80 -34.62 5.91
CA GLY U 53 -34.40 -33.83 6.99
C GLY U 53 -34.26 -34.46 8.38
N SER U 54 -33.16 -35.19 8.61
CA SER U 54 -32.88 -35.84 9.90
C SER U 54 -32.81 -34.84 11.06
N SER U 55 -33.24 -35.28 12.25
CA SER U 55 -33.35 -34.46 13.45
C SER U 55 -32.00 -33.95 13.99
N ARG U 56 -30.91 -34.72 13.75
CA ARG U 56 -29.54 -34.38 14.15
C ARG U 56 -28.69 -34.09 12.91
N THR U 57 -28.01 -32.94 12.90
CA THR U 57 -27.06 -32.59 11.84
C THR U 57 -25.74 -33.34 12.05
N ILE U 58 -25.24 -33.99 10.98
CA ILE U 58 -23.99 -34.75 11.00
C ILE U 58 -23.04 -34.15 9.97
N TYR U 59 -21.75 -34.06 10.31
CA TYR U 59 -20.72 -33.54 9.42
C TYR U 59 -19.63 -34.58 9.23
N ASN U 60 -19.25 -34.77 7.96
CA ASN U 60 -17.97 -35.38 7.63
C ASN U 60 -16.82 -34.47 8.04
N ILE U 61 -15.81 -35.09 8.65
CA ILE U 61 -14.53 -34.41 8.79
C ILE U 61 -13.45 -35.30 8.22
N THR U 62 -12.71 -34.79 7.24
CA THR U 62 -11.59 -35.49 6.63
C THR U 62 -10.31 -34.69 6.89
N ILE U 63 -9.26 -35.35 7.39
CA ILE U 63 -7.98 -34.68 7.61
C ILE U 63 -6.80 -35.65 7.46
N THR U 64 -5.64 -35.15 6.98
CA THR U 64 -4.44 -35.97 6.90
C THR U 64 -3.73 -35.97 8.25
N VAL U 65 -3.40 -37.18 8.72
CA VAL U 65 -2.90 -37.39 10.06
C VAL U 65 -1.71 -38.35 10.01
N LYS U 66 -0.67 -38.07 10.79
CA LYS U 66 0.55 -38.86 10.84
C LYS U 66 0.84 -39.28 12.27
N ASN U 67 0.81 -40.58 12.54
CA ASN U 67 1.16 -41.09 13.85
C ASN U 67 2.67 -41.34 13.90
N THR U 68 3.40 -40.54 14.69
CA THR U 68 4.83 -40.72 14.85
C THR U 68 5.21 -41.57 16.07
N GLY U 69 4.21 -42.00 16.87
CA GLY U 69 4.44 -42.92 17.97
C GLY U 69 4.52 -44.38 17.52
N THR U 70 4.65 -45.30 18.51
CA THR U 70 4.86 -46.72 18.28
C THR U 70 3.60 -47.56 18.55
N THR U 71 2.47 -46.91 18.89
CA THR U 71 1.20 -47.57 19.20
C THR U 71 0.06 -46.96 18.38
N SER U 72 -0.97 -47.75 18.07
CA SER U 72 -2.17 -47.26 17.41
C SER U 72 -2.95 -46.33 18.34
N ILE U 73 -3.40 -45.17 17.85
CA ILE U 73 -4.00 -44.11 18.64
C ILE U 73 -5.28 -43.67 17.92
N SER U 74 -6.36 -43.32 18.67
CA SER U 74 -7.64 -42.97 18.05
C SER U 74 -8.06 -41.55 18.41
N VAL U 75 -8.88 -40.91 17.56
CA VAL U 75 -9.53 -39.65 17.94
C VAL U 75 -10.57 -39.92 19.03
N THR U 76 -10.80 -38.93 19.91
CA THR U 76 -11.72 -39.09 21.04
C THR U 76 -12.73 -37.95 21.13
N SER U 77 -12.39 -36.77 20.60
CA SER U 77 -13.25 -35.59 20.56
C SER U 77 -12.70 -34.60 19.53
N ILE U 78 -13.56 -33.72 19.02
CA ILE U 78 -13.11 -32.56 18.29
C ILE U 78 -13.89 -31.33 18.79
N ASN U 79 -13.21 -30.20 18.86
CA ASN U 79 -13.82 -28.91 19.10
C ASN U 79 -13.59 -28.06 17.85
N ILE U 80 -14.63 -27.41 17.30
CA ILE U 80 -14.52 -26.65 16.05
C ILE U 80 -15.13 -25.28 16.28
N ASN U 81 -14.41 -24.20 15.93
CA ASN U 81 -14.93 -22.85 16.07
C ASN U 81 -15.44 -22.58 17.50
N GLY U 82 -14.73 -23.14 18.49
CA GLY U 82 -15.06 -23.03 19.91
C GLY U 82 -16.08 -24.06 20.44
N GLN U 83 -16.89 -24.65 19.56
CA GLN U 83 -17.99 -25.54 19.93
C GLN U 83 -17.52 -27.00 20.05
N PRO U 84 -17.93 -27.75 21.10
CA PRO U 84 -17.65 -29.18 21.17
C PRO U 84 -18.52 -30.01 20.23
N PHE U 85 -17.94 -31.06 19.67
CA PHE U 85 -18.64 -32.04 18.84
C PHE U 85 -18.37 -33.46 19.36
N ASN U 86 -19.35 -34.34 19.24
CA ASN U 86 -19.19 -35.76 19.53
C ASN U 86 -18.87 -36.52 18.24
N ILE U 87 -17.97 -37.52 18.31
CA ILE U 87 -17.76 -38.44 17.20
C ILE U 87 -18.99 -39.35 17.06
N ASN U 88 -19.57 -39.42 15.87
CA ASN U 88 -20.65 -40.40 15.67
C ASN U 88 -20.04 -41.74 15.29
N GLY U 89 -20.64 -42.84 15.81
CA GLY U 89 -20.14 -44.18 15.60
C GLY U 89 -18.76 -44.44 16.21
N THR U 90 -18.07 -45.47 15.71
CA THR U 90 -16.71 -45.82 16.14
C THR U 90 -15.70 -44.80 15.61
N ALA U 91 -14.87 -44.25 16.52
CA ALA U 91 -13.83 -43.30 16.16
C ALA U 91 -12.69 -43.99 15.39
N PRO U 92 -12.07 -43.34 14.38
CA PRO U 92 -10.95 -43.94 13.65
C PRO U 92 -9.69 -44.08 14.50
N SER U 93 -9.00 -45.22 14.30
CA SER U 93 -7.73 -45.54 14.94
C SER U 93 -6.62 -45.48 13.88
N ILE U 94 -5.55 -44.73 14.20
CA ILE U 94 -4.44 -44.43 13.30
C ILE U 94 -3.27 -45.36 13.67
N PRO U 95 -2.84 -46.29 12.78
CA PRO U 95 -1.74 -47.22 13.08
C PRO U 95 -0.42 -46.53 13.37
N ALA U 96 0.45 -47.21 14.12
CA ALA U 96 1.79 -46.71 14.45
C ALA U 96 2.60 -46.36 13.19
N GLY U 97 3.39 -45.28 13.27
CA GLY U 97 4.34 -44.87 12.23
C GLY U 97 3.74 -44.52 10.85
N ARG U 98 2.42 -44.33 10.74
CA ARG U 98 1.72 -44.26 9.46
C ARG U 98 1.08 -42.88 9.21
N THR U 99 1.07 -42.45 7.94
CA THR U 99 0.35 -41.27 7.49
C THR U 99 -0.89 -41.69 6.71
N GLN U 100 -2.05 -41.13 7.06
CA GLN U 100 -3.34 -41.48 6.43
C GLN U 100 -4.23 -40.25 6.33
N PRO U 101 -5.10 -40.15 5.30
CA PRO U 101 -6.30 -39.34 5.43
C PRO U 101 -7.30 -40.15 6.27
N ILE U 102 -7.62 -39.67 7.48
CA ILE U 102 -8.76 -40.21 8.22
C ILE U 102 -10.03 -39.43 7.86
N THR U 103 -11.17 -40.12 7.90
CA THR U 103 -12.48 -39.48 7.83
C THR U 103 -13.36 -40.00 8.96
N PHE U 104 -14.10 -39.10 9.61
CA PHE U 104 -15.02 -39.46 10.67
C PHE U 104 -16.23 -38.52 10.68
N GLU U 105 -17.37 -39.03 11.15
CA GLU U 105 -18.58 -38.23 11.27
C GLU U 105 -18.68 -37.61 12.66
N VAL U 106 -19.21 -36.38 12.74
CA VAL U 106 -19.39 -35.69 14.02
C VAL U 106 -20.75 -35.01 14.09
N THR U 107 -21.28 -34.86 15.30
CA THR U 107 -22.48 -34.06 15.57
C THR U 107 -22.17 -33.02 16.63
N PRO U 108 -22.74 -31.79 16.57
CA PRO U 108 -22.58 -30.81 17.63
C PRO U 108 -23.06 -31.38 18.96
N ALA U 109 -22.30 -31.16 20.04
CA ALA U 109 -22.66 -31.70 21.36
C ALA U 109 -23.87 -30.95 21.95
N SER U 110 -23.87 -29.62 21.79
CA SER U 110 -24.96 -28.72 22.19
C SER U 110 -24.96 -27.47 21.29
N GLY U 111 -26.12 -26.84 21.12
CA GLY U 111 -26.31 -25.80 20.11
C GLY U 111 -26.22 -26.34 18.68
N LYS U 112 -25.96 -25.45 17.71
CA LYS U 112 -25.68 -25.83 16.32
C LYS U 112 -24.73 -24.84 15.64
N PRO U 113 -23.86 -25.30 14.70
CA PRO U 113 -22.86 -24.45 14.08
C PRO U 113 -23.44 -23.60 12.95
N ASN U 114 -22.66 -22.62 12.51
CA ASN U 114 -23.02 -21.72 11.43
C ASN U 114 -21.88 -21.69 10.40
N PHE U 115 -21.50 -22.86 9.88
CA PHE U 115 -20.47 -22.93 8.86
C PHE U 115 -20.90 -22.27 7.56
N SER U 116 -19.99 -21.47 6.97
CA SER U 116 -20.18 -20.77 5.71
C SER U 116 -19.35 -21.47 4.62
N PRO U 117 -19.91 -21.85 3.45
CA PRO U 117 -19.13 -22.51 2.39
C PRO U 117 -17.86 -21.75 2.04
N GLY U 118 -16.74 -22.48 2.05
CA GLY U 118 -15.41 -21.96 1.76
C GLY U 118 -14.70 -21.30 2.94
N ALA U 119 -15.39 -21.06 4.07
CA ALA U 119 -14.75 -20.48 5.25
C ALA U 119 -13.88 -21.51 5.97
N SER U 120 -12.83 -21.01 6.65
CA SER U 120 -11.87 -21.83 7.38
C SER U 120 -12.06 -21.66 8.89
N TYR U 121 -12.19 -22.78 9.60
CA TYR U 121 -12.43 -22.84 11.03
C TYR U 121 -11.24 -23.48 11.73
N THR U 122 -10.76 -22.86 12.82
CA THR U 122 -9.81 -23.51 13.70
C THR U 122 -10.53 -24.60 14.49
N ALA U 123 -9.90 -25.77 14.57
CA ALA U 123 -10.42 -26.92 15.28
C ALA U 123 -9.32 -27.49 16.18
N THR U 124 -9.69 -28.22 17.22
CA THR U 124 -8.73 -29.00 17.99
C THR U 124 -9.21 -30.45 18.04
N ILE U 125 -8.40 -31.38 17.53
CA ILE U 125 -8.70 -32.81 17.61
C ILE U 125 -7.99 -33.34 18.86
N TYR U 126 -8.68 -34.12 19.69
CA TYR U 126 -8.10 -34.76 20.85
C TYR U 126 -7.99 -36.26 20.64
N PHE U 127 -6.81 -36.81 20.93
CA PHE U 127 -6.52 -38.22 20.71
C PHE U 127 -6.52 -39.01 22.02
N SER U 128 -6.49 -40.35 21.96
CA SER U 128 -6.51 -41.23 23.13
C SER U 128 -5.31 -41.01 24.07
N ASN U 129 -4.23 -40.40 23.57
CA ASN U 129 -3.10 -39.89 24.34
C ASN U 129 -3.47 -38.83 25.38
N GLY U 130 -4.63 -38.18 25.26
CA GLY U 130 -4.92 -36.93 25.94
C GLY U 130 -4.31 -35.70 25.25
N GLN U 131 -3.26 -35.92 24.44
CA GLN U 131 -2.71 -34.95 23.51
C GLN U 131 -3.80 -34.44 22.54
N GLY U 132 -3.81 -33.13 22.29
CA GLY U 132 -4.63 -32.54 21.24
C GLY U 132 -3.76 -31.84 20.18
N ALA U 133 -4.31 -31.65 18.98
CA ALA U 133 -3.64 -30.92 17.91
C ALA U 133 -4.56 -29.81 17.38
N PRO U 134 -4.09 -28.55 17.30
CA PRO U 134 -4.82 -27.52 16.55
C PRO U 134 -4.74 -27.84 15.06
N ALA U 135 -5.86 -27.57 14.36
CA ALA U 135 -6.02 -27.85 12.95
C ALA U 135 -6.85 -26.75 12.28
N THR U 136 -6.75 -26.62 10.95
CA THR U 136 -7.66 -25.76 10.20
C THR U 136 -8.52 -26.64 9.30
N LEU U 137 -9.84 -26.46 9.39
CA LEU U 137 -10.78 -27.18 8.54
C LEU U 137 -11.49 -26.18 7.63
N ILE U 138 -11.60 -26.47 6.34
CA ILE U 138 -12.35 -25.62 5.42
C ILE U 138 -13.71 -26.27 5.16
N TYR U 139 -14.80 -25.54 5.41
CA TYR U 139 -16.14 -26.08 5.20
C TYR U 139 -16.47 -26.11 3.69
N GLN U 140 -16.80 -27.27 3.14
CA GLN U 140 -17.00 -27.45 1.71
C GLN U 140 -18.45 -27.19 1.25
N GLY U 141 -19.41 -27.32 2.16
CA GLY U 141 -20.84 -27.36 1.83
C GLY U 141 -21.42 -28.73 2.13
N LEU V 1 30.64 -70.31 98.25
CA LEU V 1 29.30 -70.57 97.66
C LEU V 1 28.61 -69.23 97.32
N SER V 2 28.57 -68.28 98.26
CA SER V 2 27.81 -67.02 98.21
C SER V 2 27.86 -66.30 96.85
N GLY V 3 29.08 -66.07 96.33
CA GLY V 3 29.33 -65.31 95.11
C GLY V 3 28.57 -65.84 93.88
N ALA V 4 28.45 -67.17 93.76
CA ALA V 4 27.78 -67.83 92.64
C ALA V 4 26.26 -67.71 92.74
N ILE V 5 25.68 -67.87 93.94
CA ILE V 5 24.25 -67.70 94.16
C ILE V 5 23.83 -66.24 93.91
N VAL V 6 24.64 -65.27 94.33
CA VAL V 6 24.40 -63.86 94.05
C VAL V 6 24.52 -63.56 92.56
N ALA V 7 25.53 -64.12 91.87
CA ALA V 7 25.66 -63.97 90.43
C ALA V 7 24.43 -64.51 89.71
N LEU V 8 23.88 -65.65 90.15
CA LEU V 8 22.70 -66.25 89.57
C LEU V 8 21.44 -65.42 89.81
N ILE V 9 21.23 -64.88 91.03
CA ILE V 9 20.14 -63.96 91.31
C ILE V 9 20.19 -62.74 90.39
N LEU V 10 21.38 -62.17 90.18
CA LEU V 10 21.53 -61.00 89.33
C LEU V 10 21.40 -61.34 87.83
N VAL V 11 21.74 -62.57 87.40
CA VAL V 11 21.40 -63.03 86.05
C VAL V 11 19.88 -63.09 85.88
N ILE V 12 19.18 -63.79 86.78
CA ILE V 12 17.73 -63.96 86.72
C ILE V 12 17.02 -62.59 86.77
N ALA V 13 17.37 -61.74 87.75
CA ALA V 13 16.80 -60.40 87.85
C ALA V 13 17.12 -59.51 86.64
N GLY V 14 18.32 -59.67 86.06
CA GLY V 14 18.68 -58.99 84.82
C GLY V 14 17.78 -59.39 83.65
N VAL V 15 17.52 -60.70 83.47
CA VAL V 15 16.59 -61.20 82.47
C VAL V 15 15.20 -60.57 82.66
N ILE V 16 14.71 -60.58 83.90
CA ILE V 16 13.39 -60.09 84.26
C ILE V 16 13.25 -58.59 83.92
N ILE V 17 14.19 -57.75 84.37
CA ILE V 17 14.13 -56.32 84.16
C ILE V 17 14.40 -55.96 82.69
N ALA V 18 15.28 -56.68 81.99
CA ALA V 18 15.50 -56.47 80.57
C ALA V 18 14.24 -56.80 79.75
N ILE V 19 13.60 -57.95 80.00
CA ILE V 19 12.37 -58.31 79.34
C ILE V 19 11.26 -57.32 79.66
N ALA V 20 11.15 -56.85 80.90
CA ALA V 20 10.18 -55.82 81.27
C ALA V 20 10.36 -54.53 80.45
N VAL V 21 11.60 -54.08 80.23
CA VAL V 21 11.90 -52.91 79.41
C VAL V 21 11.65 -53.18 77.92
N VAL V 22 11.88 -54.40 77.44
CA VAL V 22 11.57 -54.78 76.06
C VAL V 22 10.05 -54.80 75.81
N LEU V 23 9.27 -55.37 76.74
CA LEU V 23 7.81 -55.34 76.69
C LEU V 23 7.27 -53.91 76.77
N PHE V 24 7.88 -53.05 77.59
CA PHE V 24 7.54 -51.63 77.61
C PHE V 24 7.80 -50.96 76.25
N ALA V 25 8.94 -51.23 75.62
CA ALA V 25 9.23 -50.70 74.29
C ALA V 25 8.19 -51.14 73.26
N PHE V 26 7.75 -52.42 73.26
CA PHE V 26 6.63 -52.85 72.42
C PHE V 26 5.31 -52.16 72.79
N GLY V 27 5.10 -51.83 74.07
CA GLY V 27 3.90 -51.16 74.56
C GLY V 27 3.81 -49.68 74.17
N LEU V 28 4.94 -49.03 73.85
CA LEU V 28 4.95 -47.65 73.36
C LEU V 28 4.43 -47.54 71.94
N ILE V 29 4.62 -48.57 71.11
CA ILE V 29 4.39 -48.51 69.67
C ILE V 29 3.01 -47.95 69.29
N PRO V 30 1.87 -48.34 69.90
CA PRO V 30 0.56 -47.84 69.48
C PRO V 30 0.38 -46.35 69.70
N GLY V 31 0.90 -45.82 70.82
CA GLY V 31 0.77 -44.41 71.16
C GLY V 31 1.59 -43.48 70.27
N ILE V 32 2.79 -43.92 69.86
CA ILE V 32 3.71 -43.11 69.06
C ILE V 32 3.43 -43.19 67.55
N SER V 33 2.64 -44.17 67.09
CA SER V 33 2.59 -44.55 65.67
C SER V 33 1.21 -44.49 65.01
N ASN V 34 0.25 -43.73 65.56
CA ASN V 34 -1.03 -43.53 64.90
C ASN V 34 -0.82 -42.82 63.56
N GLN V 35 -1.19 -43.51 62.47
CA GLN V 35 -1.08 -43.00 61.11
C GLN V 35 -2.28 -42.13 60.77
N GLY V 36 -2.18 -41.34 59.70
CA GLY V 36 -3.32 -40.53 59.28
C GLY V 36 -3.42 -39.24 60.07
N SER V 37 -4.11 -38.29 59.45
CA SER V 37 -3.89 -36.87 59.67
C SER V 37 -5.13 -36.09 59.23
N ILE V 38 -5.18 -34.82 59.61
CA ILE V 38 -6.02 -33.89 58.88
C ILE V 38 -5.35 -33.53 57.55
N GLN V 39 -6.05 -33.79 56.45
CA GLN V 39 -5.67 -33.39 55.09
C GLN V 39 -6.53 -32.20 54.66
N VAL V 40 -5.90 -31.19 54.04
CA VAL V 40 -6.61 -30.00 53.60
C VAL V 40 -6.72 -30.02 52.07
N LEU V 41 -7.97 -29.97 51.56
CA LEU V 41 -8.25 -30.26 50.16
C LEU V 41 -8.62 -29.00 49.38
N GLY V 42 -7.90 -28.73 48.29
CA GLY V 42 -8.11 -27.56 47.46
C GLY V 42 -7.81 -26.24 48.17
N SER V 43 -8.28 -25.12 47.58
CA SER V 43 -8.16 -23.80 48.21
C SER V 43 -9.31 -23.58 49.18
N GLY V 44 -9.03 -22.83 50.27
CA GLY V 44 -10.06 -22.24 51.11
C GLY V 44 -10.33 -20.79 50.72
N THR V 45 -11.17 -20.12 51.51
CA THR V 45 -11.50 -18.72 51.32
C THR V 45 -11.42 -17.96 52.63
N ILE V 46 -10.95 -16.70 52.59
CA ILE V 46 -11.10 -15.74 53.67
C ILE V 46 -12.19 -14.75 53.25
N THR V 47 -13.14 -14.44 54.14
CA THR V 47 -14.13 -13.39 53.92
C THR V 47 -14.16 -12.47 55.14
N ASN V 48 -14.30 -11.16 54.91
CA ASN V 48 -14.52 -10.18 55.98
C ASN V 48 -15.85 -10.47 56.70
N SER V 49 -15.80 -10.86 57.99
CA SER V 49 -16.98 -11.02 58.83
C SER V 49 -17.30 -9.75 59.64
N THR V 50 -16.33 -8.81 59.74
CA THR V 50 -16.48 -7.60 60.55
C THR V 50 -17.71 -6.78 60.15
N ALA V 51 -18.46 -6.29 61.15
CA ALA V 51 -19.67 -5.52 60.93
C ALA V 51 -19.77 -4.31 61.86
N SER V 52 -20.58 -3.31 61.46
CA SER V 52 -21.05 -2.20 62.29
C SER V 52 -19.92 -1.38 62.94
N GLY V 53 -18.76 -1.30 62.28
CA GLY V 53 -17.61 -0.55 62.77
C GLY V 53 -17.02 -1.10 64.07
N SER V 54 -17.11 -2.43 64.28
CA SER V 54 -16.58 -3.12 65.47
C SER V 54 -15.07 -2.88 65.64
N SER V 55 -14.62 -2.83 66.91
CA SER V 55 -13.25 -2.52 67.30
C SER V 55 -12.23 -3.60 66.87
N ARG V 56 -12.68 -4.86 66.76
CA ARG V 56 -11.87 -5.99 66.32
C ARG V 56 -12.35 -6.50 64.95
N THR V 57 -11.42 -6.63 63.99
CA THR V 57 -11.73 -7.21 62.69
C THR V 57 -11.79 -8.74 62.79
N ILE V 58 -12.87 -9.33 62.25
CA ILE V 58 -13.09 -10.78 62.26
C ILE V 58 -13.20 -11.27 60.81
N TYR V 59 -12.61 -12.42 60.52
CA TYR V 59 -12.66 -13.03 59.19
C TYR V 59 -13.26 -14.43 59.28
N ASN V 60 -14.19 -14.70 58.36
CA ASN V 60 -14.55 -16.07 58.02
C ASN V 60 -13.39 -16.77 57.33
N ILE V 61 -13.16 -18.01 57.75
CA ILE V 61 -12.32 -18.89 56.96
C ILE V 61 -13.08 -20.18 56.69
N THR V 62 -13.25 -20.51 55.42
CA THR V 62 -13.91 -21.75 55.00
C THR V 62 -12.89 -22.59 54.22
N ILE V 63 -12.77 -23.87 54.57
CA ILE V 63 -11.88 -24.76 53.84
C ILE V 63 -12.37 -26.22 53.89
N THR V 64 -12.12 -26.99 52.82
CA THR V 64 -12.46 -28.41 52.80
C THR V 64 -11.36 -29.21 53.49
N VAL V 65 -11.76 -30.07 54.42
CA VAL V 65 -10.85 -30.76 55.31
C VAL V 65 -11.28 -32.23 55.41
N LYS V 66 -10.30 -33.15 55.39
CA LYS V 66 -10.53 -34.58 55.44
C LYS V 66 -9.75 -35.19 56.60
N ASN V 67 -10.44 -35.73 57.59
CA ASN V 67 -9.79 -36.42 58.70
C ASN V 67 -9.59 -37.88 58.31
N THR V 68 -8.33 -38.30 58.11
CA THR V 68 -8.01 -39.69 57.79
C THR V 68 -7.66 -40.52 59.03
N GLY V 69 -7.60 -39.91 60.21
CA GLY V 69 -7.40 -40.63 61.47
C GLY V 69 -8.68 -41.26 62.01
N THR V 70 -8.58 -41.87 63.20
CA THR V 70 -9.66 -42.62 63.83
C THR V 70 -10.32 -41.88 65.00
N THR V 71 -9.89 -40.64 65.26
CA THR V 71 -10.40 -39.79 66.35
C THR V 71 -10.81 -38.41 65.83
N SER V 72 -11.79 -37.79 66.49
CA SER V 72 -12.20 -36.42 66.18
C SER V 72 -11.08 -35.45 66.56
N ILE V 73 -10.76 -34.50 65.67
CA ILE V 73 -9.62 -33.59 65.81
C ILE V 73 -10.10 -32.18 65.52
N SER V 74 -9.59 -31.16 66.23
CA SER V 74 -10.06 -29.78 66.07
C SER V 74 -8.93 -28.85 65.62
N VAL V 75 -9.28 -27.75 64.94
CA VAL V 75 -8.31 -26.68 64.67
C VAL V 75 -7.96 -25.98 66.00
N THR V 76 -6.73 -25.46 66.11
CA THR V 76 -6.25 -24.83 67.34
C THR V 76 -5.64 -23.45 67.09
N SER V 77 -5.14 -23.20 65.87
CA SER V 77 -4.55 -21.94 65.45
C SER V 77 -4.50 -21.89 63.93
N ILE V 78 -4.45 -20.69 63.36
CA ILE V 78 -4.07 -20.52 61.96
C ILE V 78 -3.07 -19.37 61.86
N ASN V 79 -2.10 -19.51 60.96
CA ASN V 79 -1.19 -18.45 60.60
C ASN V 79 -1.44 -18.15 59.11
N ILE V 80 -1.62 -16.88 58.73
CA ILE V 80 -1.97 -16.51 57.35
C ILE V 80 -1.01 -15.42 56.89
N ASN V 81 -0.36 -15.59 55.73
CA ASN V 81 0.53 -14.55 55.20
C ASN V 81 1.59 -14.16 56.23
N GLY V 82 2.08 -15.15 57.00
CA GLY V 82 3.08 -14.97 58.06
C GLY V 82 2.52 -14.54 59.43
N GLN V 83 1.32 -13.96 59.47
CA GLN V 83 0.74 -13.39 60.69
C GLN V 83 -0.06 -14.42 61.47
N PRO V 84 0.08 -14.50 62.82
CA PRO V 84 -0.77 -15.36 63.64
C PRO V 84 -2.19 -14.80 63.81
N PHE V 85 -3.16 -15.71 63.83
CA PHE V 85 -4.57 -15.40 64.11
C PHE V 85 -5.09 -16.30 65.23
N ASN V 86 -6.00 -15.76 66.05
CA ASN V 86 -6.72 -16.54 67.05
C ASN V 86 -8.06 -16.99 66.48
N ILE V 87 -8.49 -18.23 66.81
CA ILE V 87 -9.85 -18.67 66.51
C ILE V 87 -10.83 -17.93 67.42
N ASN V 88 -11.86 -17.29 66.85
CA ASN V 88 -12.89 -16.71 67.70
C ASN V 88 -13.93 -17.78 68.03
N GLY V 89 -14.43 -17.76 69.28
CA GLY V 89 -15.39 -18.74 69.76
C GLY V 89 -14.82 -20.17 69.82
N THR V 90 -15.71 -21.16 69.85
CA THR V 90 -15.34 -22.57 69.85
C THR V 90 -14.80 -23.00 68.48
N ALA V 91 -13.62 -23.62 68.48
CA ALA V 91 -13.00 -24.12 67.25
C ALA V 91 -13.75 -25.35 66.72
N PRO V 92 -13.88 -25.52 65.38
CA PRO V 92 -14.55 -26.68 64.80
C PRO V 92 -13.77 -27.97 65.02
N SER V 93 -14.52 -29.04 65.31
CA SER V 93 -14.01 -30.40 65.48
C SER V 93 -14.46 -31.25 64.28
N ILE V 94 -13.49 -31.94 63.65
CA ILE V 94 -13.68 -32.72 62.43
C ILE V 94 -13.78 -34.20 62.81
N PRO V 95 -14.94 -34.87 62.58
CA PRO V 95 -15.12 -36.28 62.95
C PRO V 95 -14.15 -37.22 62.23
N ALA V 96 -13.89 -38.38 62.84
CA ALA V 96 -13.03 -39.40 62.28
C ALA V 96 -13.50 -39.84 60.88
N GLY V 97 -12.54 -40.12 59.98
CA GLY V 97 -12.78 -40.67 58.65
C GLY V 97 -13.65 -39.83 57.70
N ARG V 98 -13.88 -38.54 58.00
CA ARG V 98 -14.89 -37.73 57.31
C ARG V 98 -14.27 -36.55 56.54
N THR V 99 -14.89 -36.22 55.40
CA THR V 99 -14.55 -35.02 54.63
C THR V 99 -15.67 -33.98 54.81
N GLN V 100 -15.30 -32.73 55.15
CA GLN V 100 -16.25 -31.66 55.40
C GLN V 100 -15.70 -30.32 54.91
N PRO V 101 -16.55 -29.38 54.46
CA PRO V 101 -16.18 -27.97 54.52
C PRO V 101 -16.36 -27.51 55.96
N ILE V 102 -15.25 -27.17 56.64
CA ILE V 102 -15.34 -26.45 57.91
C ILE V 102 -15.35 -24.94 57.66
N THR V 103 -16.05 -24.20 58.53
CA THR V 103 -15.96 -22.75 58.59
C THR V 103 -15.71 -22.32 60.03
N PHE V 104 -14.81 -21.35 60.22
CA PHE V 104 -14.52 -20.80 61.53
C PHE V 104 -14.14 -19.32 61.41
N GLU V 105 -14.42 -18.55 62.47
CA GLU V 105 -14.05 -17.14 62.52
C GLU V 105 -12.68 -16.95 63.17
N VAL V 106 -11.91 -15.97 62.67
CA VAL V 106 -10.58 -15.69 63.22
C VAL V 106 -10.38 -14.17 63.37
N THR V 107 -9.54 -13.78 64.33
CA THR V 107 -9.08 -12.40 64.47
C THR V 107 -7.56 -12.37 64.47
N PRO V 108 -6.90 -11.32 63.89
CA PRO V 108 -5.46 -11.18 63.99
C PRO V 108 -5.01 -11.15 65.45
N ALA V 109 -3.94 -11.87 65.79
CA ALA V 109 -3.45 -11.92 67.17
C ALA V 109 -2.80 -10.59 67.58
N SER V 110 -2.01 -10.02 66.66
CA SER V 110 -1.37 -8.71 66.81
C SER V 110 -1.17 -8.08 65.42
N GLY V 111 -1.11 -6.74 65.36
CA GLY V 111 -1.15 -6.03 64.09
C GLY V 111 -2.51 -6.16 63.37
N LYS V 112 -2.54 -5.90 62.05
CA LYS V 112 -3.71 -6.15 61.20
C LYS V 112 -3.30 -6.52 59.77
N PRO V 113 -4.07 -7.39 59.07
CA PRO V 113 -3.72 -7.85 57.74
C PRO V 113 -4.07 -6.84 56.65
N ASN V 114 -3.54 -7.08 55.46
CA ASN V 114 -3.77 -6.26 54.28
C ASN V 114 -4.22 -7.14 53.12
N PHE V 115 -5.29 -7.91 53.32
CA PHE V 115 -5.82 -8.76 52.27
C PHE V 115 -6.38 -7.92 51.11
N SER V 116 -6.06 -8.34 49.88
CA SER V 116 -6.53 -7.73 48.64
C SER V 116 -7.57 -8.64 47.99
N PRO V 117 -8.78 -8.16 47.60
CA PRO V 117 -9.78 -9.01 46.98
C PRO V 117 -9.24 -9.81 45.79
N GLY V 118 -9.48 -11.12 45.82
CA GLY V 118 -9.03 -12.06 44.80
C GLY V 118 -7.59 -12.56 44.97
N ALA V 119 -6.80 -11.97 45.88
CA ALA V 119 -5.44 -12.45 46.11
C ALA V 119 -5.43 -13.75 46.91
N SER V 120 -4.39 -14.57 46.69
CA SER V 120 -4.20 -15.86 47.34
C SER V 120 -3.07 -15.80 48.37
N TYR V 121 -3.36 -16.23 49.59
CA TYR V 121 -2.45 -16.21 50.72
C TYR V 121 -2.12 -17.63 51.16
N THR V 122 -0.84 -17.92 51.37
CA THR V 122 -0.46 -19.16 52.03
C THR V 122 -0.79 -19.07 53.50
N ALA V 123 -1.37 -20.14 54.04
CA ALA V 123 -1.77 -20.23 55.43
C ALA V 123 -1.30 -21.57 55.99
N THR V 124 -1.13 -21.66 57.31
CA THR V 124 -0.91 -22.94 57.96
C THR V 124 -1.96 -23.12 59.05
N ILE V 125 -2.77 -24.19 58.96
CA ILE V 125 -3.73 -24.52 59.99
C ILE V 125 -3.06 -25.52 60.92
N TYR V 126 -3.17 -25.32 62.24
CA TYR V 126 -2.64 -26.26 63.23
C TYR V 126 -3.79 -26.96 63.94
N PHE V 127 -3.69 -28.29 64.04
CA PHE V 127 -4.74 -29.11 64.64
C PHE V 127 -4.35 -29.60 66.04
N SER V 128 -5.29 -30.17 66.79
CA SER V 128 -5.06 -30.67 68.15
C SER V 128 -3.99 -31.77 68.23
N ASN V 129 -3.69 -32.42 67.10
CA ASN V 129 -2.56 -33.32 66.91
C ASN V 129 -1.19 -32.67 67.13
N GLY V 130 -1.10 -31.33 67.10
CA GLY V 130 0.17 -30.63 66.92
C GLY V 130 0.65 -30.58 65.47
N GLN V 131 0.16 -31.52 64.64
CA GLN V 131 0.29 -31.50 63.19
C GLN V 131 -0.29 -30.20 62.61
N GLY V 132 0.41 -29.61 61.64
CA GLY V 132 -0.10 -28.50 60.84
C GLY V 132 -0.18 -28.87 59.36
N ALA V 133 -1.02 -28.15 58.61
CA ALA V 133 -1.13 -28.32 57.17
C ALA V 133 -0.96 -26.97 56.46
N PRO V 134 -0.05 -26.85 55.47
CA PRO V 134 -0.05 -25.68 54.59
C PRO V 134 -1.30 -25.69 53.71
N ALA V 135 -1.85 -24.50 53.46
CA ALA V 135 -3.07 -24.30 52.71
C ALA V 135 -2.97 -23.02 51.89
N THR V 136 -3.80 -22.89 50.84
CA THR V 136 -3.95 -21.63 50.13
C THR V 136 -5.37 -21.12 50.36
N LEU V 137 -5.48 -19.86 50.80
CA LEU V 137 -6.77 -19.21 50.99
C LEU V 137 -6.89 -18.05 50.01
N ILE V 138 -8.03 -17.92 49.32
CA ILE V 138 -8.26 -16.78 48.45
C ILE V 138 -9.18 -15.80 49.17
N TYR V 139 -8.76 -14.54 49.32
CA TYR V 139 -9.58 -13.54 49.99
C TYR V 139 -10.71 -13.06 49.07
N GLN V 140 -11.96 -13.20 49.51
CA GLN V 140 -13.14 -12.93 48.69
C GLN V 140 -13.60 -11.46 48.75
N GLY V 141 -13.26 -10.74 49.82
CA GLY V 141 -13.85 -9.45 50.16
C GLY V 141 -14.69 -9.53 51.42
N LEU W 1 28.53 -61.51 85.75
CA LEU W 1 27.80 -62.23 84.65
C LEU W 1 26.64 -61.37 84.15
N SER W 2 25.80 -60.83 85.06
CA SER W 2 24.53 -60.14 84.77
C SER W 2 24.61 -59.14 83.59
N GLY W 3 25.58 -58.23 83.61
CA GLY W 3 25.74 -57.15 82.64
C GLY W 3 25.80 -57.64 81.18
N ALA W 4 26.47 -58.78 80.95
CA ALA W 4 26.65 -59.36 79.62
C ALA W 4 25.37 -60.01 79.11
N ILE W 5 24.64 -60.74 79.97
CA ILE W 5 23.37 -61.36 79.60
C ILE W 5 22.32 -60.28 79.29
N VAL W 6 22.29 -59.18 80.07
CA VAL W 6 21.41 -58.05 79.79
C VAL W 6 21.81 -57.34 78.49
N ALA W 7 23.10 -57.14 78.23
CA ALA W 7 23.56 -56.57 76.97
C ALA W 7 23.11 -57.43 75.78
N LEU W 8 23.18 -58.77 75.91
CA LEU W 8 22.76 -59.69 74.87
C LEU W 8 21.25 -59.67 74.64
N ILE W 9 20.43 -59.64 75.70
CA ILE W 9 18.98 -59.47 75.58
C ILE W 9 18.64 -58.18 74.83
N LEU W 10 19.32 -57.08 75.14
CA LEU W 10 19.06 -55.81 74.48
C LEU W 10 19.61 -55.76 73.05
N VAL W 11 20.66 -56.51 72.71
CA VAL W 11 21.07 -56.70 71.31
C VAL W 11 19.97 -57.45 70.55
N ILE W 12 19.53 -58.60 71.05
CA ILE W 12 18.51 -59.42 70.42
C ILE W 12 17.20 -58.64 70.26
N ALA W 13 16.70 -58.02 71.34
CA ALA W 13 15.49 -57.20 71.29
C ALA W 13 15.62 -55.99 70.35
N GLY W 14 16.82 -55.39 70.29
CA GLY W 14 17.11 -54.32 69.34
C GLY W 14 16.99 -54.78 67.88
N VAL W 15 17.55 -55.95 67.55
CA VAL W 15 17.40 -56.55 66.22
C VAL W 15 15.92 -56.75 65.89
N ILE W 16 15.16 -57.33 66.82
CA ILE W 16 13.75 -57.64 66.66
C ILE W 16 12.93 -56.38 66.37
N ILE W 17 13.08 -55.35 67.21
CA ILE W 17 12.30 -54.11 67.07
C ILE W 17 12.76 -53.30 65.86
N ALA W 18 14.06 -53.29 65.54
CA ALA W 18 14.55 -52.64 64.33
C ALA W 18 13.99 -53.30 63.06
N ILE W 19 14.06 -54.63 62.97
CA ILE W 19 13.50 -55.36 61.84
C ILE W 19 11.98 -55.16 61.75
N ALA W 20 11.26 -55.14 62.88
CA ALA W 20 9.83 -54.85 62.89
C ALA W 20 9.52 -53.47 62.28
N VAL W 21 10.30 -52.44 62.61
CA VAL W 21 10.15 -51.10 62.04
C VAL W 21 10.56 -51.05 60.56
N VAL W 22 11.55 -51.83 60.14
CA VAL W 22 11.93 -51.94 58.72
C VAL W 22 10.84 -52.63 57.89
N LEU W 23 10.26 -53.72 58.40
CA LEU W 23 9.13 -54.38 57.77
C LEU W 23 7.90 -53.47 57.71
N PHE W 24 7.65 -52.67 58.75
CA PHE W 24 6.61 -51.67 58.73
C PHE W 24 6.84 -50.63 57.62
N ALA W 25 8.07 -50.11 57.48
CA ALA W 25 8.41 -49.19 56.41
C ALA W 25 8.16 -49.80 55.02
N PHE W 26 8.51 -51.07 54.78
CA PHE W 26 8.13 -51.75 53.54
C PHE W 26 6.62 -51.91 53.39
N GLY W 27 5.89 -52.08 54.50
CA GLY W 27 4.44 -52.23 54.51
C GLY W 27 3.68 -50.93 54.21
N LEU W 28 4.29 -49.75 54.40
CA LEU W 28 3.70 -48.47 54.03
C LEU W 28 3.66 -48.26 52.53
N ILE W 29 4.62 -48.81 51.79
CA ILE W 29 4.86 -48.49 50.39
C ILE W 29 3.60 -48.59 49.52
N PRO W 30 2.73 -49.64 49.59
CA PRO W 30 1.57 -49.74 48.72
C PRO W 30 0.54 -48.63 48.93
N GLY W 31 0.32 -48.23 50.19
CA GLY W 31 -0.67 -47.21 50.53
C GLY W 31 -0.26 -45.80 50.11
N ILE W 32 1.04 -45.48 50.17
CA ILE W 32 1.55 -44.15 49.86
C ILE W 32 1.85 -43.95 48.37
N SER W 33 1.91 -45.04 47.56
CA SER W 33 2.50 -45.00 46.23
C SER W 33 1.60 -45.44 45.07
N ASN W 34 0.28 -45.42 45.25
CA ASN W 34 -0.64 -45.70 44.14
C ASN W 34 -0.44 -44.65 43.04
N GLN W 35 -0.03 -45.12 41.86
CA GLN W 35 0.19 -44.28 40.69
C GLN W 35 -1.12 -44.05 39.94
N GLY W 36 -1.14 -43.06 39.05
CA GLY W 36 -2.34 -42.82 38.26
C GLY W 36 -3.38 -42.00 39.02
N SER W 37 -4.24 -41.37 38.22
CA SER W 37 -4.92 -40.15 38.60
C SER W 37 -6.17 -39.97 37.75
N ILE W 38 -7.03 -39.03 38.14
CA ILE W 38 -7.96 -38.48 37.20
C ILE W 38 -7.23 -37.49 36.27
N GLN W 39 -7.30 -37.77 34.96
CA GLN W 39 -6.80 -36.90 33.90
C GLN W 39 -8.00 -36.20 33.23
N VAL W 40 -7.88 -34.89 32.97
CA VAL W 40 -8.95 -34.12 32.35
C VAL W 40 -8.56 -33.80 30.91
N LEU W 41 -9.40 -34.22 29.95
CA LEU W 41 -9.02 -34.24 28.53
C LEU W 41 -9.78 -33.16 27.75
N GLY W 42 -9.03 -32.30 27.05
CA GLY W 42 -9.58 -31.20 26.27
C GLY W 42 -10.29 -30.14 27.11
N SER W 43 -11.08 -29.28 26.46
CA SER W 43 -11.90 -28.29 27.16
C SER W 43 -13.22 -28.90 27.61
N GLY W 44 -13.73 -28.43 28.75
CA GLY W 44 -15.12 -28.66 29.15
C GLY W 44 -16.01 -27.48 28.76
N THR W 45 -17.26 -27.54 29.18
CA THR W 45 -18.23 -26.47 28.96
C THR W 45 -18.98 -26.15 30.24
N ILE W 46 -19.29 -24.85 30.46
CA ILE W 46 -20.26 -24.42 31.44
C ILE W 46 -21.53 -24.00 30.69
N THR W 47 -22.71 -24.42 31.15
CA THR W 47 -23.99 -23.97 30.60
C THR W 47 -24.89 -23.54 31.76
N ASN W 48 -25.65 -22.45 31.58
CA ASN W 48 -26.68 -22.02 32.52
C ASN W 48 -27.78 -23.10 32.64
N SER W 49 -27.91 -23.74 33.81
CA SER W 49 -29.01 -24.67 34.10
C SER W 49 -30.19 -23.96 34.78
N THR W 50 -30.00 -22.75 35.31
CA THR W 50 -31.02 -22.01 36.08
C THR W 50 -32.29 -21.82 35.26
N ALA W 51 -33.46 -22.03 35.90
CA ALA W 51 -34.75 -21.93 35.26
C ALA W 51 -35.78 -21.21 36.15
N SER W 52 -36.84 -20.67 35.51
CA SER W 52 -38.06 -20.18 36.15
C SER W 52 -37.83 -19.11 37.25
N GLY W 53 -36.76 -18.31 37.10
CA GLY W 53 -36.42 -17.25 38.06
C GLY W 53 -36.06 -17.78 39.46
N SER W 54 -35.47 -18.99 39.53
CA SER W 54 -35.04 -19.61 40.78
C SER W 54 -34.05 -18.74 41.56
N SER W 55 -34.12 -18.81 42.91
CA SER W 55 -33.33 -17.99 43.82
C SER W 55 -31.82 -18.28 43.77
N ARG W 56 -31.44 -19.53 43.43
CA ARG W 56 -30.05 -19.97 43.28
C ARG W 56 -29.74 -20.26 41.81
N THR W 57 -28.65 -19.67 41.29
CA THR W 57 -28.18 -19.95 39.94
C THR W 57 -27.42 -21.29 39.92
N ILE W 58 -27.76 -22.17 38.96
CA ILE W 58 -27.15 -23.48 38.80
C ILE W 58 -26.53 -23.56 37.40
N TYR W 59 -25.35 -24.17 37.30
CA TYR W 59 -24.64 -24.34 36.03
C TYR W 59 -24.38 -25.83 35.79
N ASN W 60 -24.68 -26.27 34.57
CA ASN W 60 -24.10 -27.49 34.03
C ASN W 60 -22.61 -27.34 33.83
N ILE W 61 -21.87 -28.37 34.23
CA ILE W 61 -20.49 -28.49 33.79
C ILE W 61 -20.31 -29.87 33.17
N THR W 62 -19.87 -29.89 31.90
CA THR W 62 -19.57 -31.12 31.20
C THR W 62 -18.09 -31.13 30.84
N ILE W 63 -17.39 -32.24 31.13
CA ILE W 63 -15.99 -32.37 30.77
C ILE W 63 -15.59 -33.83 30.53
N THR W 64 -14.64 -34.07 29.61
CA THR W 64 -14.12 -35.41 29.38
C THR W 64 -13.04 -35.73 30.41
N VAL W 65 -13.17 -36.89 31.05
CA VAL W 65 -12.35 -37.26 32.18
C VAL W 65 -11.91 -38.71 32.03
N LYS W 66 -10.64 -39.00 32.35
CA LYS W 66 -10.06 -40.33 32.21
C LYS W 66 -9.46 -40.76 33.56
N ASN W 67 -10.01 -41.82 34.15
CA ASN W 67 -9.47 -42.36 35.38
C ASN W 67 -8.39 -43.39 35.03
N THR W 68 -7.12 -43.08 35.32
CA THR W 68 -6.02 -44.00 35.07
C THR W 68 -5.65 -44.84 36.30
N GLY W 69 -6.31 -44.61 37.45
CA GLY W 69 -6.15 -45.45 38.63
C GLY W 69 -6.97 -46.74 38.57
N THR W 70 -6.91 -47.51 39.66
CA THR W 70 -7.53 -48.83 39.77
C THR W 70 -8.81 -48.83 40.63
N THR W 71 -9.24 -47.66 41.11
CA THR W 71 -10.43 -47.49 41.95
C THR W 71 -11.35 -46.39 41.39
N SER W 72 -12.66 -46.53 41.63
CA SER W 72 -13.62 -45.49 41.26
C SER W 72 -13.40 -44.24 42.11
N ILE W 73 -13.40 -43.06 41.48
CA ILE W 73 -13.04 -41.79 42.12
C ILE W 73 -14.11 -40.75 41.74
N SER W 74 -14.48 -39.85 42.66
CA SER W 74 -15.55 -38.90 42.40
C SER W 74 -15.04 -37.44 42.49
N VAL W 75 -15.72 -36.51 41.79
CA VAL W 75 -15.46 -35.09 42.00
C VAL W 75 -15.98 -34.68 43.39
N THR W 76 -15.33 -33.68 44.01
CA THR W 76 -15.68 -33.25 45.37
C THR W 76 -15.88 -31.74 45.47
N SER W 77 -15.26 -30.97 44.56
CA SER W 77 -15.37 -29.51 44.48
C SER W 77 -14.88 -29.05 43.12
N ILE W 78 -15.33 -27.87 42.68
CA ILE W 78 -14.71 -27.18 41.57
C ILE W 78 -14.52 -25.71 41.94
N ASN W 79 -13.41 -25.12 41.50
CA ASN W 79 -13.18 -23.70 41.58
C ASN W 79 -13.08 -23.18 40.14
N ILE W 80 -13.80 -22.11 39.78
CA ILE W 80 -13.85 -21.61 38.41
C ILE W 80 -13.56 -20.11 38.43
N ASN W 81 -12.61 -19.63 37.62
CA ASN W 81 -12.32 -18.20 37.55
C ASN W 81 -12.02 -17.62 38.95
N GLY W 82 -11.34 -18.41 39.78
CA GLY W 82 -10.98 -18.06 41.16
C GLY W 82 -12.06 -18.34 42.22
N GLN W 83 -13.34 -18.45 41.82
CA GLN W 83 -14.46 -18.56 42.73
C GLN W 83 -14.76 -20.02 43.07
N PRO W 84 -15.02 -20.37 44.35
CA PRO W 84 -15.47 -21.71 44.71
C PRO W 84 -16.92 -21.98 44.34
N PHE W 85 -17.20 -23.22 43.91
CA PHE W 85 -18.54 -23.71 43.62
C PHE W 85 -18.81 -25.01 44.39
N ASN W 86 -20.06 -25.22 44.81
CA ASN W 86 -20.49 -26.47 45.40
C ASN W 86 -21.12 -27.36 44.31
N ILE W 87 -20.88 -28.67 44.37
CA ILE W 87 -21.59 -29.62 43.53
C ILE W 87 -23.05 -29.72 44.02
N ASN W 88 -24.03 -29.53 43.12
CA ASN W 88 -25.41 -29.77 43.52
C ASN W 88 -25.73 -31.26 43.34
N GLY W 89 -26.51 -31.81 44.29
CA GLY W 89 -26.88 -33.21 44.30
C GLY W 89 -25.67 -34.14 44.49
N THR W 90 -25.83 -35.41 44.11
CA THR W 90 -24.77 -36.41 44.17
C THR W 90 -23.70 -36.15 43.11
N ALA W 91 -22.43 -36.09 43.54
CA ALA W 91 -21.30 -35.89 42.65
C ALA W 91 -21.05 -37.13 41.78
N PRO W 92 -20.65 -36.99 40.50
CA PRO W 92 -20.36 -38.14 39.63
C PRO W 92 -19.11 -38.89 40.06
N SER W 93 -19.20 -40.22 39.97
CA SER W 93 -18.12 -41.16 40.25
C SER W 93 -17.63 -41.78 38.93
N ILE W 94 -16.31 -41.71 38.69
CA ILE W 94 -15.66 -42.13 37.45
C ILE W 94 -15.05 -43.51 37.68
N PRO W 95 -15.51 -44.58 36.98
CA PRO W 95 -14.99 -45.93 37.16
C PRO W 95 -13.50 -46.07 36.83
N ALA W 96 -12.85 -47.07 37.43
CA ALA W 96 -11.44 -47.36 37.19
C ALA W 96 -11.14 -47.58 35.70
N GLY W 97 -9.98 -47.11 35.25
CA GLY W 97 -9.45 -47.34 33.90
C GLY W 97 -10.30 -46.81 32.74
N ARG W 98 -11.28 -45.93 33.00
CA ARG W 98 -12.30 -45.56 32.01
C ARG W 98 -12.23 -44.08 31.62
N THR W 99 -12.55 -43.79 30.34
CA THR W 99 -12.71 -42.43 29.84
C THR W 99 -14.20 -42.15 29.61
N GLN W 100 -14.70 -41.01 30.15
CA GLN W 100 -16.10 -40.64 30.06
C GLN W 100 -16.25 -39.14 29.90
N PRO W 101 -17.29 -38.64 29.21
CA PRO W 101 -17.79 -37.30 29.49
C PRO W 101 -18.63 -37.37 30.78
N ILE W 102 -18.16 -36.74 31.85
CA ILE W 102 -19.01 -36.52 33.02
C ILE W 102 -19.76 -35.20 32.88
N THR W 103 -20.98 -35.15 33.44
CA THR W 103 -21.72 -33.89 33.60
C THR W 103 -22.19 -33.80 35.05
N PHE W 104 -22.09 -32.61 35.64
CA PHE W 104 -22.56 -32.34 36.99
C PHE W 104 -23.04 -30.90 37.11
N GLU W 105 -24.00 -30.67 38.02
CA GLU W 105 -24.50 -29.33 38.29
C GLU W 105 -23.73 -28.67 39.44
N VAL W 106 -23.51 -27.36 39.36
CA VAL W 106 -22.81 -26.62 40.40
C VAL W 106 -23.52 -25.30 40.70
N THR W 107 -23.37 -24.81 41.94
CA THR W 107 -23.81 -23.48 42.33
C THR W 107 -22.65 -22.71 42.94
N PRO W 108 -22.54 -21.38 42.74
CA PRO W 108 -21.50 -20.59 43.41
C PRO W 108 -21.63 -20.73 44.92
N ALA W 109 -20.50 -20.90 45.62
CA ALA W 109 -20.51 -21.07 47.07
C ALA W 109 -20.86 -19.75 47.79
N SER W 110 -20.28 -18.65 47.30
CA SER W 110 -20.54 -17.28 47.75
C SER W 110 -20.30 -16.30 46.61
N GLY W 111 -20.97 -15.14 46.65
CA GLY W 111 -21.01 -14.22 45.50
C GLY W 111 -21.77 -14.81 44.31
N LYS W 112 -21.53 -14.26 43.10
CA LYS W 112 -22.05 -14.81 41.85
C LYS W 112 -21.10 -14.55 40.68
N PRO W 113 -21.00 -15.45 39.68
CA PRO W 113 -20.07 -15.32 38.57
C PRO W 113 -20.57 -14.36 37.49
N ASN W 114 -19.66 -14.00 36.59
CA ASN W 114 -19.93 -13.11 35.47
C ASN W 114 -19.45 -13.75 34.18
N PHE W 115 -19.92 -14.96 33.89
CA PHE W 115 -19.55 -15.66 32.67
C PHE W 115 -20.09 -14.92 31.44
N SER W 116 -19.23 -14.79 30.41
CA SER W 116 -19.56 -14.19 29.13
C SER W 116 -19.66 -15.28 28.07
N PRO W 117 -20.75 -15.36 27.26
CA PRO W 117 -20.88 -16.39 26.23
C PRO W 117 -19.66 -16.47 25.31
N GLY W 118 -19.14 -17.70 25.18
CA GLY W 118 -17.97 -18.00 24.37
C GLY W 118 -16.63 -17.77 25.06
N ALA W 119 -16.59 -17.13 26.24
CA ALA W 119 -15.35 -16.92 26.97
C ALA W 119 -14.87 -18.22 27.64
N SER W 120 -13.55 -18.34 27.81
CA SER W 120 -12.90 -19.50 28.40
C SER W 120 -12.36 -19.18 29.79
N TYR W 121 -12.73 -20.01 30.78
CA TYR W 121 -12.37 -19.84 32.17
C TYR W 121 -11.47 -20.99 32.62
N THR W 122 -10.38 -20.66 33.30
CA THR W 122 -9.60 -21.69 33.99
C THR W 122 -10.36 -22.15 35.22
N ALA W 123 -10.39 -23.48 35.41
CA ALA W 123 -11.08 -24.11 36.52
C ALA W 123 -10.15 -25.14 37.15
N THR W 124 -10.36 -25.49 38.42
CA THR W 124 -9.69 -26.62 39.03
C THR W 124 -10.75 -27.56 39.59
N ILE W 125 -10.76 -28.82 39.12
CA ILE W 125 -11.65 -29.83 39.67
C ILE W 125 -10.86 -30.61 40.73
N TYR W 126 -11.45 -30.83 41.90
CA TYR W 126 -10.84 -31.61 42.96
C TYR W 126 -11.56 -32.95 43.12
N PHE W 127 -10.79 -34.03 43.18
CA PHE W 127 -11.33 -35.38 43.25
C PHE W 127 -11.19 -35.96 44.66
N SER W 128 -11.85 -37.11 44.94
CA SER W 128 -11.81 -37.76 46.25
C SER W 128 -10.39 -38.19 46.69
N ASN W 129 -9.46 -38.29 45.74
CA ASN W 129 -8.03 -38.44 45.96
C ASN W 129 -7.39 -37.29 46.75
N GLY W 130 -8.03 -36.12 46.82
CA GLY W 130 -7.37 -34.88 47.21
C GLY W 130 -6.58 -34.22 46.07
N GLN W 131 -6.20 -35.02 45.07
CA GLN W 131 -5.67 -34.57 43.79
C GLN W 131 -6.66 -33.61 43.10
N GLY W 132 -6.13 -32.52 42.54
CA GLY W 132 -6.90 -31.63 41.66
C GLY W 132 -6.31 -31.59 40.25
N ALA W 133 -7.13 -31.19 39.27
CA ALA W 133 -6.68 -31.01 37.89
C ALA W 133 -7.07 -29.61 37.40
N PRO W 134 -6.13 -28.82 36.85
CA PRO W 134 -6.49 -27.61 36.12
C PRO W 134 -7.19 -27.99 34.82
N ALA W 135 -8.19 -27.20 34.44
CA ALA W 135 -9.03 -27.42 33.27
C ALA W 135 -9.41 -26.08 32.63
N THR W 136 -9.80 -26.11 31.36
CA THR W 136 -10.39 -24.93 30.72
C THR W 136 -11.84 -25.25 30.39
N LEU W 137 -12.76 -24.38 30.82
CA LEU W 137 -14.18 -24.50 30.53
C LEU W 137 -14.60 -23.34 29.64
N ILE W 138 -15.35 -23.60 28.57
CA ILE W 138 -15.89 -22.53 27.73
C ILE W 138 -17.36 -22.34 28.09
N TYR W 139 -17.77 -21.13 28.46
CA TYR W 139 -19.16 -20.86 28.81
C TYR W 139 -20.03 -20.78 27.55
N GLN W 140 -21.07 -21.61 27.45
CA GLN W 140 -21.88 -21.72 26.24
C GLN W 140 -23.05 -20.74 26.19
N GLY W 141 -23.52 -20.27 27.35
CA GLY W 141 -24.77 -19.56 27.50
C GLY W 141 -25.77 -20.37 28.31
N LEU X 1 22.16 -42.20 62.70
CA LEU X 1 23.04 -42.33 61.51
C LEU X 1 22.19 -42.45 60.23
N SER X 2 21.18 -43.33 60.23
CA SER X 2 20.37 -43.73 59.06
C SER X 2 19.94 -42.55 58.16
N GLY X 3 19.33 -41.51 58.76
CA GLY X 3 18.77 -40.35 58.05
C GLY X 3 19.77 -39.65 57.12
N ALA X 4 21.04 -39.53 57.57
CA ALA X 4 22.10 -38.86 56.83
C ALA X 4 22.59 -39.70 55.65
N ILE X 5 22.75 -41.01 55.83
CA ILE X 5 23.15 -41.91 54.75
C ILE X 5 22.06 -41.98 53.67
N VAL X 6 20.78 -42.00 54.06
CA VAL X 6 19.68 -41.94 53.12
C VAL X 6 19.61 -40.59 52.39
N ALA X 7 19.82 -39.48 53.10
CA ALA X 7 19.90 -38.16 52.48
C ALA X 7 21.02 -38.12 51.43
N LEU X 8 22.18 -38.71 51.72
CA LEU X 8 23.31 -38.76 50.80
C LEU X 8 23.03 -39.63 49.57
N ILE X 9 22.41 -40.81 49.74
CA ILE X 9 21.98 -41.65 48.61
C ILE X 9 21.03 -40.88 47.70
N LEU X 10 20.07 -40.14 48.27
CA LEU X 10 19.12 -39.38 47.47
C LEU X 10 19.74 -38.12 46.85
N VAL X 11 20.79 -37.53 47.44
CA VAL X 11 21.57 -36.49 46.77
C VAL X 11 22.28 -37.08 45.54
N ILE X 12 23.03 -38.17 45.72
CA ILE X 12 23.78 -38.83 44.66
C ILE X 12 22.83 -39.29 43.53
N ALA X 13 21.75 -40.01 43.86
CA ALA X 13 20.76 -40.44 42.88
C ALA X 13 20.06 -39.28 42.18
N GLY X 14 19.81 -38.18 42.90
CA GLY X 14 19.28 -36.96 42.32
C GLY X 14 20.22 -36.36 41.27
N VAL X 15 21.52 -36.27 41.55
CA VAL X 15 22.53 -35.82 40.59
C VAL X 15 22.50 -36.71 39.35
N ILE X 16 22.49 -38.03 39.54
CA ILE X 16 22.51 -39.02 38.46
C ILE X 16 21.29 -38.87 37.54
N ILE X 17 20.08 -38.83 38.11
CA ILE X 17 18.86 -38.75 37.32
C ILE X 17 18.68 -37.36 36.71
N ALA X 18 19.10 -36.28 37.38
CA ALA X 18 19.07 -34.94 36.80
C ALA X 18 20.02 -34.84 35.60
N ILE X 19 21.26 -35.31 35.73
CA ILE X 19 22.22 -35.32 34.63
C ILE X 19 21.73 -36.20 33.48
N ALA X 20 21.13 -37.36 33.77
CA ALA X 20 20.53 -38.21 32.74
C ALA X 20 19.45 -37.47 31.93
N VAL X 21 18.58 -36.70 32.59
CA VAL X 21 17.55 -35.89 31.92
C VAL X 21 18.16 -34.69 31.17
N VAL X 22 19.25 -34.10 31.66
CA VAL X 22 19.97 -33.04 30.95
C VAL X 22 20.64 -33.56 29.68
N LEU X 23 21.30 -34.73 29.75
CA LEU X 23 21.88 -35.40 28.60
C LEU X 23 20.81 -35.80 27.59
N PHE X 24 19.64 -36.27 28.05
CA PHE X 24 18.51 -36.53 27.17
C PHE X 24 18.05 -35.26 26.44
N ALA X 25 17.92 -34.12 27.15
CA ALA X 25 17.57 -32.85 26.53
C ALA X 25 18.58 -32.45 25.44
N PHE X 26 19.89 -32.59 25.67
CA PHE X 26 20.88 -32.39 24.62
C PHE X 26 20.74 -33.39 23.46
N GLY X 27 20.31 -34.63 23.74
CA GLY X 27 20.11 -35.68 22.75
C GLY X 27 18.88 -35.46 21.86
N LEU X 28 17.91 -34.66 22.28
CA LEU X 28 16.75 -34.29 21.47
C LEU X 28 17.12 -33.32 20.35
N ILE X 29 18.11 -32.46 20.57
CA ILE X 29 18.40 -31.32 19.71
C ILE X 29 18.53 -31.70 18.24
N PRO X 30 19.24 -32.76 17.80
CA PRO X 30 19.41 -33.07 16.39
C PRO X 30 18.10 -33.42 15.68
N GLY X 31 17.21 -34.16 16.36
CA GLY X 31 15.95 -34.60 15.80
C GLY X 31 14.94 -33.46 15.62
N ILE X 32 14.91 -32.49 16.54
CA ILE X 32 13.95 -31.40 16.52
C ILE X 32 14.41 -30.21 15.65
N SER X 33 15.70 -30.15 15.26
CA SER X 33 16.30 -28.92 14.74
C SER X 33 16.93 -29.03 13.34
N ASN X 34 16.54 -30.01 12.53
CA ASN X 34 17.00 -30.08 11.15
C ASN X 34 16.52 -28.85 10.38
N GLN X 35 17.48 -28.05 9.89
CA GLN X 35 17.23 -26.83 9.14
C GLN X 35 17.00 -27.18 7.66
N GLY X 36 16.44 -26.22 6.90
CA GLY X 36 16.25 -26.46 5.48
C GLY X 36 14.99 -27.26 5.18
N SER X 37 14.53 -27.12 3.95
CA SER X 37 13.13 -27.27 3.60
C SER X 37 13.01 -27.53 2.10
N ILE X 38 11.83 -27.95 1.66
CA ILE X 38 11.47 -27.77 0.27
C ILE X 38 11.10 -26.31 0.03
N GLN X 39 11.82 -25.67 -0.91
CA GLN X 39 11.55 -24.34 -1.42
C GLN X 39 10.91 -24.44 -2.80
N VAL X 40 9.86 -23.65 -3.05
CA VAL X 40 9.16 -23.68 -4.33
C VAL X 40 9.50 -22.40 -5.11
N LEU X 41 10.05 -22.56 -6.32
CA LEU X 41 10.68 -21.47 -7.05
C LEU X 41 9.83 -21.04 -8.26
N GLY X 42 9.50 -19.75 -8.32
CA GLY X 42 8.68 -19.18 -9.39
C GLY X 42 7.24 -19.73 -9.41
N SER X 43 6.54 -19.50 -10.54
CA SER X 43 5.21 -20.05 -10.74
C SER X 43 5.29 -21.47 -11.28
N GLY X 44 4.33 -22.31 -10.89
CA GLY X 44 4.07 -23.58 -11.55
C GLY X 44 2.94 -23.45 -12.58
N THR X 45 2.55 -24.59 -13.16
CA THR X 45 1.46 -24.64 -14.12
C THR X 45 0.51 -25.79 -13.79
N ILE X 46 -0.79 -25.58 -14.01
CA ILE X 46 -1.79 -26.65 -14.04
C ILE X 46 -2.16 -26.87 -15.51
N THR X 47 -2.22 -28.13 -15.98
CA THR X 47 -2.71 -28.46 -17.31
C THR X 47 -3.74 -29.59 -17.18
N ASN X 48 -4.82 -29.54 -17.97
CA ASN X 48 -5.79 -30.62 -18.08
C ASN X 48 -5.12 -31.88 -18.64
N SER X 49 -5.02 -32.96 -17.83
CA SER X 49 -4.54 -34.26 -18.29
C SER X 49 -5.70 -35.18 -18.73
N THR X 50 -6.94 -34.85 -18.36
CA THR X 50 -8.13 -35.69 -18.63
C THR X 50 -8.28 -35.98 -20.12
N ALA X 51 -8.60 -37.24 -20.44
CA ALA X 51 -8.75 -37.68 -21.83
C ALA X 51 -9.96 -38.61 -22.00
N SER X 52 -10.44 -38.71 -23.26
CA SER X 52 -11.40 -39.71 -23.72
C SER X 52 -12.72 -39.76 -22.92
N GLY X 53 -13.14 -38.62 -22.37
CA GLY X 53 -14.37 -38.52 -21.58
C GLY X 53 -14.35 -39.34 -20.28
N SER X 54 -13.16 -39.50 -19.68
CA SER X 54 -12.98 -40.23 -18.42
C SER X 54 -13.83 -39.66 -17.28
N SER X 55 -14.28 -40.55 -16.38
CA SER X 55 -15.18 -40.22 -15.27
C SER X 55 -14.57 -39.30 -14.21
N ARG X 56 -13.23 -39.36 -14.05
CA ARG X 56 -12.46 -38.51 -13.13
C ARG X 56 -11.58 -37.54 -13.90
N THR X 57 -11.67 -36.25 -13.57
CA THR X 57 -10.78 -35.24 -14.15
C THR X 57 -9.41 -35.28 -13.48
N ILE X 58 -8.34 -35.30 -14.29
CA ILE X 58 -6.95 -35.34 -13.82
C ILE X 58 -6.22 -34.12 -14.36
N TYR X 59 -5.36 -33.52 -13.53
CA TYR X 59 -4.57 -32.35 -13.90
C TYR X 59 -3.08 -32.65 -13.71
N ASN X 60 -2.30 -32.30 -14.73
CA ASN X 60 -0.87 -32.11 -14.56
C ASN X 60 -0.60 -30.91 -13.68
N ILE X 61 0.34 -31.09 -12.75
CA ILE X 61 0.94 -29.95 -12.08
C ILE X 61 2.44 -30.03 -12.23
N THR X 62 3.05 -28.99 -12.80
CA THR X 62 4.49 -28.87 -12.95
C THR X 62 4.97 -27.66 -12.16
N ILE X 63 6.01 -27.84 -11.33
CA ILE X 63 6.58 -26.73 -10.58
C ILE X 63 8.07 -26.94 -10.30
N THR X 64 8.85 -25.84 -10.25
CA THR X 64 10.26 -25.92 -9.90
C THR X 64 10.41 -25.94 -8.38
N VAL X 65 11.17 -26.91 -7.89
CA VAL X 65 11.27 -27.20 -6.47
C VAL X 65 12.74 -27.42 -6.10
N LYS X 66 13.17 -26.89 -4.95
CA LYS X 66 14.55 -26.96 -4.48
C LYS X 66 14.55 -27.56 -3.06
N ASN X 67 15.16 -28.74 -2.91
CA ASN X 67 15.30 -29.34 -1.60
C ASN X 67 16.61 -28.83 -0.97
N THR X 68 16.50 -28.02 0.09
CA THR X 68 17.66 -27.52 0.80
C THR X 68 18.06 -28.37 2.01
N GLY X 69 17.26 -29.41 2.33
CA GLY X 69 17.60 -30.37 3.38
C GLY X 69 18.60 -31.44 2.91
N THR X 70 18.90 -32.39 3.81
CA THR X 70 19.90 -33.43 3.60
C THR X 70 19.29 -34.80 3.30
N THR X 71 17.95 -34.89 3.21
CA THR X 71 17.22 -36.13 2.94
C THR X 71 16.23 -35.95 1.78
N SER X 72 15.96 -37.04 1.04
CA SER X 72 14.95 -37.03 -0.02
C SER X 72 13.56 -36.86 0.59
N ILE X 73 12.74 -35.97 0.02
CA ILE X 73 11.44 -35.58 0.56
C ILE X 73 10.41 -35.64 -0.57
N SER X 74 9.16 -36.06 -0.30
CA SER X 74 8.16 -36.22 -1.35
C SER X 74 6.94 -35.31 -1.10
N VAL X 75 6.21 -34.95 -2.17
CA VAL X 75 4.91 -34.31 -2.01
C VAL X 75 3.91 -35.31 -1.44
N THR X 76 2.93 -34.84 -0.67
CA THR X 76 1.94 -35.70 -0.01
C THR X 76 0.50 -35.25 -0.26
N SER X 77 0.29 -33.96 -0.55
CA SER X 77 -1.01 -33.37 -0.85
C SER X 77 -0.79 -32.02 -1.52
N ILE X 78 -1.79 -31.56 -2.28
CA ILE X 78 -1.86 -30.18 -2.71
C ILE X 78 -3.28 -29.65 -2.49
N ASN X 79 -3.38 -28.40 -2.10
CA ASN X 79 -4.63 -27.68 -2.04
C ASN X 79 -4.54 -26.52 -3.04
N ILE X 80 -5.53 -26.34 -3.92
CA ILE X 80 -5.47 -25.32 -4.98
C ILE X 80 -6.77 -24.52 -4.93
N ASN X 81 -6.68 -23.18 -4.90
CA ASN X 81 -7.87 -22.34 -4.91
C ASN X 81 -8.84 -22.73 -3.79
N GLY X 82 -8.29 -23.12 -2.63
CA GLY X 82 -9.04 -23.55 -1.45
C GLY X 82 -9.43 -25.03 -1.43
N GLN X 83 -9.48 -25.70 -2.60
CA GLN X 83 -9.98 -27.06 -2.74
C GLN X 83 -8.86 -28.08 -2.53
N PRO X 84 -9.09 -29.18 -1.78
CA PRO X 84 -8.11 -30.27 -1.67
C PRO X 84 -8.06 -31.15 -2.93
N PHE X 85 -6.86 -31.60 -3.27
CA PHE X 85 -6.62 -32.54 -4.37
C PHE X 85 -5.80 -33.73 -3.86
N ASN X 86 -6.06 -34.92 -4.42
CA ASN X 86 -5.25 -36.10 -4.16
C ASN X 86 -4.19 -36.24 -5.26
N ILE X 87 -2.97 -36.67 -4.90
CA ILE X 87 -1.96 -37.05 -5.89
C ILE X 87 -2.40 -38.37 -6.55
N ASN X 88 -2.44 -38.41 -7.89
CA ASN X 88 -2.70 -39.69 -8.54
C ASN X 88 -1.37 -40.42 -8.73
N GLY X 89 -1.41 -41.75 -8.55
CA GLY X 89 -0.22 -42.60 -8.62
C GLY X 89 0.81 -42.30 -7.54
N THR X 90 2.07 -42.71 -7.77
CA THR X 90 3.18 -42.46 -6.85
C THR X 90 3.58 -40.99 -6.88
N ALA X 91 3.65 -40.37 -5.70
CA ALA X 91 4.06 -38.98 -5.56
C ALA X 91 5.56 -38.81 -5.85
N PRO X 92 6.01 -37.70 -6.49
CA PRO X 92 7.43 -37.48 -6.75
C PRO X 92 8.23 -37.21 -5.48
N SER X 93 9.44 -37.78 -5.46
CA SER X 93 10.42 -37.61 -4.39
C SER X 93 11.59 -36.75 -4.90
N ILE X 94 11.92 -35.69 -4.15
CA ILE X 94 12.91 -34.68 -4.52
C ILE X 94 14.21 -34.98 -3.76
N PRO X 95 15.32 -35.33 -4.46
CA PRO X 95 16.59 -35.67 -3.80
C PRO X 95 17.16 -34.52 -2.97
N ALA X 96 17.99 -34.86 -1.98
CA ALA X 96 18.66 -33.89 -1.12
C ALA X 96 19.49 -32.88 -1.93
N GLY X 97 19.50 -31.62 -1.49
CA GLY X 97 20.33 -30.55 -2.04
C GLY X 97 20.10 -30.19 -3.52
N ARG X 98 18.99 -30.64 -4.13
CA ARG X 98 18.80 -30.58 -5.58
C ARG X 98 17.63 -29.67 -5.98
N THR X 99 17.78 -28.98 -7.13
CA THR X 99 16.71 -28.21 -7.76
C THR X 99 16.21 -28.96 -8.99
N GLN X 100 14.88 -29.15 -9.10
CA GLN X 100 14.25 -29.88 -10.19
C GLN X 100 12.92 -29.25 -10.59
N PRO X 101 12.51 -29.33 -11.86
CA PRO X 101 11.09 -29.26 -12.18
C PRO X 101 10.48 -30.63 -11.85
N ILE X 102 9.61 -30.70 -10.84
CA ILE X 102 8.77 -31.88 -10.64
C ILE X 102 7.48 -31.75 -11.42
N THR X 103 6.93 -32.88 -11.89
CA THR X 103 5.58 -32.96 -12.44
C THR X 103 4.85 -34.11 -11.77
N PHE X 104 3.58 -33.88 -11.43
CA PHE X 104 2.72 -34.90 -10.83
C PHE X 104 1.27 -34.70 -11.25
N GLU X 105 0.51 -35.79 -11.32
CA GLU X 105 -0.91 -35.73 -11.64
C GLU X 105 -1.75 -35.63 -10.37
N VAL X 106 -2.85 -34.87 -10.43
CA VAL X 106 -3.75 -34.70 -9.29
C VAL X 106 -5.22 -34.81 -9.73
N THR X 107 -6.08 -35.26 -8.81
CA THR X 107 -7.53 -35.22 -9.00
C THR X 107 -8.18 -34.47 -7.85
N PRO X 108 -9.28 -33.72 -8.06
CA PRO X 108 -10.01 -33.08 -6.97
C PRO X 108 -10.48 -34.15 -5.97
N ALA X 109 -10.34 -33.87 -4.66
CA ALA X 109 -10.73 -34.83 -3.63
C ALA X 109 -12.26 -34.93 -3.53
N SER X 110 -12.94 -33.78 -3.60
CA SER X 110 -14.39 -33.65 -3.62
C SER X 110 -14.79 -32.39 -4.37
N GLY X 111 -16.00 -32.36 -4.95
CA GLY X 111 -16.40 -31.32 -5.89
C GLY X 111 -15.59 -31.36 -7.19
N LYS X 112 -15.58 -30.23 -7.94
CA LYS X 112 -14.74 -30.06 -9.12
C LYS X 112 -14.32 -28.60 -9.30
N PRO X 113 -13.10 -28.31 -9.83
CA PRO X 113 -12.59 -26.96 -9.98
C PRO X 113 -13.16 -26.25 -11.19
N ASN X 114 -12.95 -24.93 -11.23
CA ASN X 114 -13.39 -24.06 -12.31
C ASN X 114 -12.21 -23.23 -12.81
N PHE X 115 -11.11 -23.89 -13.19
CA PHE X 115 -9.95 -23.20 -13.72
C PHE X 115 -10.27 -22.50 -15.05
N SER X 116 -9.80 -21.25 -15.18
CA SER X 116 -9.94 -20.43 -16.37
C SER X 116 -8.58 -20.34 -17.07
N PRO X 117 -8.46 -20.60 -18.39
CA PRO X 117 -7.17 -20.52 -19.08
C PRO X 117 -6.46 -19.18 -18.86
N GLY X 118 -5.20 -19.26 -18.46
CA GLY X 118 -4.35 -18.11 -18.16
C GLY X 118 -4.52 -17.53 -16.75
N ALA X 119 -5.54 -17.94 -15.99
CA ALA X 119 -5.71 -17.46 -14.62
C ALA X 119 -4.69 -18.09 -13.67
N SER X 120 -4.34 -17.34 -12.61
CA SER X 120 -3.37 -17.76 -11.59
C SER X 120 -4.07 -18.10 -10.28
N TYR X 121 -3.78 -19.29 -9.75
CA TYR X 121 -4.38 -19.81 -8.53
C TYR X 121 -3.31 -19.97 -7.46
N THR X 122 -3.60 -19.50 -6.24
CA THR X 122 -2.77 -19.82 -5.10
C THR X 122 -2.99 -21.28 -4.71
N ALA X 123 -1.88 -21.98 -4.45
CA ALA X 123 -1.89 -23.38 -4.08
C ALA X 123 -0.98 -23.57 -2.86
N THR X 124 -1.20 -24.62 -2.08
CA THR X 124 -0.26 -25.02 -1.04
C THR X 124 0.14 -26.47 -1.28
N ILE X 125 1.44 -26.73 -1.46
CA ILE X 125 1.95 -28.10 -1.59
C ILE X 125 2.41 -28.52 -0.20
N TYR X 126 2.03 -29.73 0.24
CA TYR X 126 2.48 -30.29 1.51
C TYR X 126 3.46 -31.43 1.26
N PHE X 127 4.58 -31.40 1.97
CA PHE X 127 5.64 -32.40 1.80
C PHE X 127 5.67 -33.39 2.96
N SER X 128 6.43 -34.48 2.84
CA SER X 128 6.54 -35.53 3.86
C SER X 128 7.08 -35.01 5.20
N ASN X 129 7.74 -33.86 5.20
CA ASN X 129 8.12 -33.09 6.39
C ASN X 129 6.93 -32.65 7.26
N GLY X 130 5.71 -32.64 6.72
CA GLY X 130 4.60 -31.90 7.30
C GLY X 130 4.61 -30.40 6.99
N GLN X 131 5.81 -29.88 6.64
CA GLN X 131 5.99 -28.54 6.06
C GLN X 131 5.17 -28.40 4.77
N GLY X 132 4.52 -27.23 4.61
CA GLY X 132 3.88 -26.85 3.36
C GLY X 132 4.50 -25.58 2.78
N ALA X 133 4.33 -25.38 1.47
CA ALA X 133 4.78 -24.17 0.79
C ALA X 133 3.64 -23.54 0.00
N PRO X 134 3.35 -22.23 0.19
CA PRO X 134 2.44 -21.53 -0.72
C PRO X 134 3.12 -21.38 -2.08
N ALA X 135 2.32 -21.49 -3.15
CA ALA X 135 2.77 -21.44 -4.53
C ALA X 135 1.73 -20.75 -5.40
N THR X 136 2.14 -20.24 -6.57
CA THR X 136 1.20 -19.77 -7.58
C THR X 136 1.27 -20.68 -8.78
N LEU X 137 0.12 -21.18 -9.23
CA LEU X 137 0.03 -22.02 -10.41
C LEU X 137 -0.79 -21.28 -11.47
N ILE X 138 -0.33 -21.25 -12.72
CA ILE X 138 -1.09 -20.66 -13.81
C ILE X 138 -1.72 -21.79 -14.62
N TYR X 139 -3.05 -21.78 -14.78
CA TYR X 139 -3.73 -22.81 -15.54
C TYR X 139 -3.53 -22.59 -17.04
N GLN X 140 -2.98 -23.59 -17.75
CA GLN X 140 -2.60 -23.45 -19.16
C GLN X 140 -3.73 -23.81 -20.12
N GLY X 141 -4.70 -24.62 -19.69
CA GLY X 141 -5.69 -25.26 -20.56
C GLY X 141 -5.49 -26.77 -20.59
N LEU Y 1 17.37 -32.90 51.44
CA LEU Y 1 18.50 -32.27 50.69
C LEU Y 1 18.29 -32.45 49.19
N SER Y 2 17.99 -33.67 48.72
CA SER Y 2 17.93 -34.08 47.31
C SER Y 2 17.23 -33.06 46.38
N GLY Y 3 16.00 -32.65 46.74
CA GLY Y 3 15.15 -31.77 45.93
C GLY Y 3 15.83 -30.45 45.54
N ALA Y 4 16.61 -29.86 46.45
CA ALA Y 4 17.30 -28.60 46.23
C ALA Y 4 18.51 -28.75 45.29
N ILE Y 5 19.30 -29.81 45.45
CA ILE Y 5 20.42 -30.10 44.57
C ILE Y 5 19.93 -30.39 43.14
N VAL Y 6 18.84 -31.13 42.99
CA VAL Y 6 18.23 -31.37 41.68
C VAL Y 6 17.66 -30.08 41.08
N ALA Y 7 17.00 -29.24 41.88
CA ALA Y 7 16.53 -27.94 41.41
C ALA Y 7 17.70 -27.08 40.90
N LEU Y 8 18.84 -27.10 41.60
CA LEU Y 8 20.03 -26.35 41.20
C LEU Y 8 20.66 -26.89 39.91
N ILE Y 9 20.78 -28.22 39.75
CA ILE Y 9 21.24 -28.83 38.50
C ILE Y 9 20.35 -28.41 37.33
N LEU Y 10 19.04 -28.40 37.52
CA LEU Y 10 18.12 -28.02 36.45
C LEU Y 10 18.12 -26.51 36.20
N VAL Y 11 18.42 -25.65 37.19
CA VAL Y 11 18.68 -24.23 36.94
C VAL Y 11 19.92 -24.07 36.07
N ILE Y 12 21.05 -24.67 36.47
CA ILE Y 12 22.31 -24.57 35.75
C ILE Y 12 22.16 -25.12 34.32
N ALA Y 13 21.62 -26.33 34.16
CA ALA Y 13 21.39 -26.92 32.84
C ALA Y 13 20.41 -26.10 31.98
N GLY Y 14 19.40 -25.48 32.61
CA GLY Y 14 18.50 -24.57 31.92
C GLY Y 14 19.23 -23.35 31.37
N VAL Y 15 20.10 -22.71 32.17
CA VAL Y 15 20.94 -21.60 31.71
C VAL Y 15 21.78 -22.03 30.51
N ILE Y 16 22.44 -23.19 30.60
CA ILE Y 16 23.32 -23.72 29.57
C ILE Y 16 22.56 -23.94 28.25
N ILE Y 17 21.43 -24.65 28.28
CA ILE Y 17 20.67 -24.96 27.09
C ILE Y 17 19.97 -23.72 26.53
N ALA Y 18 19.49 -22.80 27.37
CA ALA Y 18 18.92 -21.54 26.91
C ALA Y 18 19.97 -20.68 26.20
N ILE Y 19 21.16 -20.51 26.79
CA ILE Y 19 22.24 -19.77 26.16
C ILE Y 19 22.69 -20.44 24.86
N ALA Y 20 22.76 -21.77 24.81
CA ALA Y 20 23.09 -22.50 23.59
C ALA Y 20 22.09 -22.20 22.45
N VAL Y 21 20.78 -22.14 22.76
CA VAL Y 21 19.74 -21.78 21.79
C VAL Y 21 19.80 -20.30 21.40
N VAL Y 22 20.17 -19.40 22.32
CA VAL Y 22 20.36 -17.98 22.02
C VAL Y 22 21.57 -17.76 21.10
N LEU Y 23 22.70 -18.44 21.36
CA LEU Y 23 23.87 -18.42 20.50
C LEU Y 23 23.56 -19.01 19.12
N PHE Y 24 22.77 -20.08 19.05
CA PHE Y 24 22.29 -20.61 17.78
C PHE Y 24 21.45 -19.59 17.01
N ALA Y 25 20.52 -18.88 17.67
CA ALA Y 25 19.75 -17.83 17.03
C ALA Y 25 20.64 -16.72 16.46
N PHE Y 26 21.68 -16.27 17.18
CA PHE Y 26 22.66 -15.34 16.62
C PHE Y 26 23.45 -15.94 15.45
N GLY Y 27 23.71 -17.26 15.47
CA GLY Y 27 24.42 -17.97 14.43
C GLY Y 27 23.62 -18.15 13.12
N LEU Y 28 22.28 -18.06 13.18
CA LEU Y 28 21.43 -18.10 11.99
C LEU Y 28 21.54 -16.83 11.16
N ILE Y 29 21.77 -15.69 11.81
CA ILE Y 29 21.63 -14.36 11.21
C ILE Y 29 22.40 -14.23 9.87
N PRO Y 30 23.67 -14.66 9.71
CA PRO Y 30 24.40 -14.47 8.45
C PRO Y 30 23.79 -15.21 7.27
N GLY Y 31 23.28 -16.44 7.50
CA GLY Y 31 22.71 -17.26 6.45
C GLY Y 31 21.36 -16.75 5.95
N ILE Y 32 20.52 -16.20 6.84
CA ILE Y 32 19.18 -15.73 6.51
C ILE Y 32 19.16 -14.30 5.96
N SER Y 33 20.25 -13.53 6.12
CA SER Y 33 20.21 -12.07 5.95
C SER Y 33 21.19 -11.48 4.92
N ASN Y 34 21.67 -12.28 3.96
CA ASN Y 34 22.48 -11.76 2.88
C ASN Y 34 21.67 -10.76 2.06
N GLN Y 35 22.13 -9.50 2.03
CA GLN Y 35 21.51 -8.40 1.31
C GLN Y 35 21.96 -8.42 -0.16
N GLY Y 36 21.24 -7.70 -1.02
CA GLY Y 36 21.66 -7.61 -2.41
C GLY Y 36 21.20 -8.82 -3.23
N SER Y 37 21.14 -8.58 -4.53
CA SER Y 37 20.24 -9.31 -5.41
C SER Y 37 20.74 -9.18 -6.85
N ILE Y 38 20.17 -9.99 -7.74
CA ILE Y 38 20.23 -9.65 -9.15
C ILE Y 38 19.23 -8.53 -9.44
N GLN Y 39 19.72 -7.42 -9.98
CA GLN Y 39 18.94 -6.29 -10.47
C GLN Y 39 18.92 -6.32 -11.99
N VAL Y 40 17.74 -6.11 -12.60
CA VAL Y 40 17.60 -6.13 -14.05
C VAL Y 40 17.40 -4.70 -14.55
N LEU Y 41 18.29 -4.25 -15.46
CA LEU Y 41 18.41 -2.84 -15.82
C LEU Y 41 17.89 -2.58 -17.23
N GLY Y 42 16.94 -1.64 -17.35
CA GLY Y 42 16.32 -1.29 -18.62
C GLY Y 42 15.51 -2.42 -19.25
N SER Y 43 15.17 -2.27 -20.53
CA SER Y 43 14.50 -3.33 -21.29
C SER Y 43 15.51 -4.34 -21.83
N GLY Y 44 15.08 -5.61 -21.90
CA GLY Y 44 15.78 -6.62 -22.69
C GLY Y 44 15.15 -6.78 -24.07
N THR Y 45 15.64 -7.77 -24.83
CA THR Y 45 15.11 -8.09 -26.13
C THR Y 45 14.89 -9.60 -26.27
N ILE Y 46 13.83 -9.99 -26.98
CA ILE Y 46 13.65 -11.35 -27.48
C ILE Y 46 13.93 -11.33 -28.98
N THR Y 47 14.71 -12.29 -29.50
CA THR Y 47 14.91 -12.47 -30.93
C THR Y 47 14.68 -13.94 -31.28
N ASN Y 48 14.05 -14.20 -32.44
CA ASN Y 48 13.92 -15.55 -32.99
C ASN Y 48 15.30 -16.13 -33.30
N SER Y 49 15.72 -17.20 -32.58
CA SER Y 49 16.94 -17.94 -32.90
C SER Y 49 16.68 -19.15 -33.81
N THR Y 50 15.41 -19.57 -33.94
CA THR Y 50 15.03 -20.77 -34.70
C THR Y 50 15.53 -20.69 -36.15
N ALA Y 51 16.07 -21.82 -36.65
CA ALA Y 51 16.61 -21.90 -38.00
C ALA Y 51 16.22 -23.21 -38.70
N SER Y 52 16.27 -23.20 -40.04
CA SER Y 52 16.22 -24.38 -40.91
C SER Y 52 14.98 -25.26 -40.70
N GLY Y 53 13.85 -24.67 -40.30
CA GLY Y 53 12.60 -25.37 -40.06
C GLY Y 53 12.66 -26.39 -38.91
N SER Y 54 13.50 -26.11 -37.89
CA SER Y 54 13.66 -26.96 -36.70
C SER Y 54 12.33 -27.19 -35.97
N SER Y 55 12.19 -28.39 -35.37
CA SER Y 55 10.96 -28.84 -34.70
C SER Y 55 10.62 -28.05 -33.43
N ARG Y 56 11.65 -27.50 -32.76
CA ARG Y 56 11.51 -26.67 -31.56
C ARG Y 56 11.91 -25.21 -31.86
N THR Y 57 11.03 -24.26 -31.53
CA THR Y 57 11.33 -22.84 -31.65
C THR Y 57 12.22 -22.38 -30.49
N ILE Y 58 13.33 -21.68 -30.80
CA ILE Y 58 14.29 -21.18 -29.82
C ILE Y 58 14.36 -19.65 -29.95
N TYR Y 59 14.43 -18.95 -28.82
CA TYR Y 59 14.53 -17.50 -28.77
C TYR Y 59 15.80 -17.08 -28.03
N ASN Y 60 16.53 -16.14 -28.62
CA ASN Y 60 17.50 -15.34 -27.89
C ASN Y 60 16.78 -14.43 -26.91
N ILE Y 61 17.34 -14.38 -25.69
CA ILE Y 61 16.97 -13.32 -24.78
C ILE Y 61 18.23 -12.61 -24.32
N THR Y 62 18.32 -11.30 -24.55
CA THR Y 62 19.43 -10.47 -24.10
C THR Y 62 18.90 -9.44 -23.12
N ILE Y 63 19.55 -9.31 -21.95
CA ILE Y 63 19.16 -8.28 -20.98
C ILE Y 63 20.35 -7.81 -20.14
N THR Y 64 20.35 -6.54 -19.72
CA THR Y 64 21.38 -6.03 -18.84
C THR Y 64 21.05 -6.36 -17.39
N VAL Y 65 22.02 -6.94 -16.69
CA VAL Y 65 21.82 -7.50 -15.36
C VAL Y 65 22.98 -7.07 -14.45
N LYS Y 66 22.67 -6.72 -13.21
CA LYS Y 66 23.64 -6.26 -12.24
C LYS Y 66 23.54 -7.11 -10.97
N ASN Y 67 24.60 -7.84 -10.64
CA ASN Y 67 24.65 -8.62 -9.43
C ASN Y 67 25.19 -7.74 -8.30
N THR Y 68 24.34 -7.38 -7.33
CA THR Y 68 24.77 -6.59 -6.18
C THR Y 68 25.16 -7.43 -4.97
N GLY Y 69 25.02 -8.76 -5.06
CA GLY Y 69 25.49 -9.68 -4.02
C GLY Y 69 26.99 -9.96 -4.10
N THR Y 70 27.46 -10.86 -3.22
CA THR Y 70 28.88 -11.19 -3.06
C THR Y 70 29.25 -12.56 -3.67
N THR Y 71 28.28 -13.24 -4.28
CA THR Y 71 28.45 -14.57 -4.90
C THR Y 71 27.95 -14.58 -6.34
N SER Y 72 28.55 -15.44 -7.18
CA SER Y 72 28.08 -15.64 -8.55
C SER Y 72 26.73 -16.33 -8.54
N ILE Y 73 25.78 -15.83 -9.35
CA ILE Y 73 24.38 -16.27 -9.34
C ILE Y 73 23.95 -16.52 -10.79
N SER Y 74 23.13 -17.54 -11.06
CA SER Y 74 22.75 -17.88 -12.43
C SER Y 74 21.24 -17.78 -12.64
N VAL Y 75 20.79 -17.55 -13.89
CA VAL Y 75 19.38 -17.68 -14.22
C VAL Y 75 18.96 -19.15 -14.16
N THR Y 76 17.70 -19.43 -13.81
CA THR Y 76 17.21 -20.79 -13.66
C THR Y 76 15.91 -21.05 -14.43
N SER Y 77 15.14 -20.00 -14.71
CA SER Y 77 13.89 -20.06 -15.46
C SER Y 77 13.53 -18.64 -15.92
N ILE Y 78 12.73 -18.54 -16.99
CA ILE Y 78 12.05 -17.30 -17.32
C ILE Y 78 10.59 -17.61 -17.67
N ASN Y 79 9.70 -16.71 -17.26
CA ASN Y 79 8.32 -16.73 -17.67
C ASN Y 79 8.07 -15.46 -18.49
N ILE Y 80 7.46 -15.55 -19.68
CA ILE Y 80 7.28 -14.39 -20.57
C ILE Y 80 5.82 -14.36 -20.99
N ASN Y 81 5.15 -13.20 -20.85
CA ASN Y 81 3.76 -13.07 -21.29
C ASN Y 81 2.87 -14.16 -20.67
N GLY Y 82 3.15 -14.51 -19.41
CA GLY Y 82 2.45 -15.56 -18.65
C GLY Y 82 2.94 -16.99 -18.89
N GLN Y 83 3.62 -17.27 -20.00
CA GLN Y 83 4.02 -18.61 -20.41
C GLN Y 83 5.39 -18.98 -19.83
N PRO Y 84 5.58 -20.21 -19.29
CA PRO Y 84 6.90 -20.67 -18.87
C PRO Y 84 7.81 -21.05 -20.05
N PHE Y 85 9.10 -20.76 -19.91
CA PHE Y 85 10.13 -21.14 -20.87
C PHE Y 85 11.26 -21.87 -20.15
N ASN Y 86 11.88 -22.85 -20.83
CA ASN Y 86 13.08 -23.51 -20.34
C ASN Y 86 14.32 -22.83 -20.93
N ILE Y 87 15.40 -22.70 -20.14
CA ILE Y 87 16.70 -22.27 -20.66
C ILE Y 87 17.27 -23.41 -21.52
N ASN Y 88 17.66 -23.11 -22.76
CA ASN Y 88 18.37 -24.13 -23.54
C ASN Y 88 19.86 -24.06 -23.22
N GLY Y 89 20.50 -25.24 -23.15
CA GLY Y 89 21.91 -25.36 -22.79
C GLY Y 89 22.22 -24.89 -21.37
N THR Y 90 23.50 -24.57 -21.11
CA THR Y 90 23.95 -24.06 -19.82
C THR Y 90 23.46 -22.63 -19.60
N ALA Y 91 22.82 -22.39 -18.45
CA ALA Y 91 22.34 -21.06 -18.08
C ALA Y 91 23.51 -20.13 -17.73
N PRO Y 92 23.46 -18.82 -18.08
CA PRO Y 92 24.52 -17.88 -17.74
C PRO Y 92 24.61 -17.60 -16.24
N SER Y 93 25.86 -17.50 -15.77
CA SER Y 93 26.20 -17.17 -14.40
C SER Y 93 26.80 -15.75 -14.35
N ILE Y 94 26.25 -14.90 -13.47
CA ILE Y 94 26.59 -13.48 -13.35
C ILE Y 94 27.54 -13.31 -12.17
N PRO Y 95 28.80 -12.87 -12.38
CA PRO Y 95 29.77 -12.72 -11.29
C PRO Y 95 29.34 -11.69 -10.24
N ALA Y 96 29.87 -11.85 -9.03
CA ALA Y 96 29.61 -10.93 -7.92
C ALA Y 96 29.96 -9.48 -8.27
N GLY Y 97 29.14 -8.53 -7.78
CA GLY Y 97 29.38 -7.09 -7.91
C GLY Y 97 29.44 -6.52 -9.32
N ARG Y 98 29.01 -7.27 -10.35
CA ARG Y 98 29.27 -6.92 -11.75
C ARG Y 98 27.98 -6.62 -12.53
N THR Y 99 28.08 -5.69 -13.49
CA THR Y 99 27.01 -5.39 -14.44
C THR Y 99 27.41 -5.94 -15.81
N GLN Y 100 26.51 -6.70 -16.46
CA GLN Y 100 26.76 -7.33 -17.74
C GLN Y 100 25.49 -7.35 -18.60
N PRO Y 101 25.60 -7.27 -19.93
CA PRO Y 101 24.55 -7.82 -20.78
C PRO Y 101 24.73 -9.35 -20.81
N ILE Y 102 23.77 -10.09 -20.23
CA ILE Y 102 23.71 -11.53 -20.45
C ILE Y 102 22.86 -11.84 -21.68
N THR Y 103 23.19 -12.93 -22.38
CA THR Y 103 22.36 -13.50 -23.43
C THR Y 103 22.20 -14.99 -23.17
N PHE Y 104 20.98 -15.50 -23.35
CA PHE Y 104 20.69 -16.92 -23.21
C PHE Y 104 19.57 -17.34 -24.16
N GLU Y 105 19.59 -18.61 -24.58
CA GLU Y 105 18.54 -19.16 -25.43
C GLU Y 105 17.44 -19.81 -24.60
N VAL Y 106 16.19 -19.69 -25.05
CA VAL Y 106 15.05 -20.29 -24.36
C VAL Y 106 14.10 -20.96 -25.35
N THR Y 107 13.38 -21.99 -24.88
CA THR Y 107 12.29 -22.61 -25.64
C THR Y 107 11.03 -22.60 -24.79
N PRO Y 108 9.83 -22.44 -25.38
CA PRO Y 108 8.58 -22.55 -24.63
C PRO Y 108 8.49 -23.93 -23.97
N ALA Y 109 8.04 -23.97 -22.70
CA ALA Y 109 7.94 -25.23 -21.96
C ALA Y 109 6.79 -26.08 -22.49
N SER Y 110 5.64 -25.43 -22.75
CA SER Y 110 4.44 -26.01 -23.34
C SER Y 110 3.66 -24.94 -24.12
N GLY Y 111 2.90 -25.36 -25.13
CA GLY Y 111 2.30 -24.44 -26.09
C GLY Y 111 3.34 -23.74 -26.97
N LYS Y 112 2.97 -22.60 -27.58
CA LYS Y 112 3.90 -21.74 -28.32
C LYS Y 112 3.48 -20.27 -28.23
N PRO Y 113 4.45 -19.30 -28.22
CA PRO Y 113 4.14 -17.88 -28.06
C PRO Y 113 3.67 -17.24 -29.37
N ASN Y 114 3.14 -16.03 -29.24
CA ASN Y 114 2.65 -15.24 -30.36
C ASN Y 114 3.26 -13.84 -30.29
N PHE Y 115 4.61 -13.77 -30.24
CA PHE Y 115 5.29 -12.49 -30.23
C PHE Y 115 5.07 -11.71 -31.53
N SER Y 116 4.79 -10.41 -31.39
CA SER Y 116 4.61 -9.48 -32.50
C SER Y 116 5.82 -8.55 -32.59
N PRO Y 117 6.48 -8.38 -33.76
CA PRO Y 117 7.64 -7.50 -33.89
C PRO Y 117 7.39 -6.10 -33.32
N GLY Y 118 8.30 -5.66 -32.44
CA GLY Y 118 8.24 -4.38 -31.78
C GLY Y 118 7.36 -4.33 -30.53
N ALA Y 119 6.56 -5.37 -30.24
CA ALA Y 119 5.74 -5.41 -29.04
C ALA Y 119 6.60 -5.69 -27.79
N SER Y 120 6.14 -5.18 -26.64
CA SER Y 120 6.81 -5.32 -25.36
C SER Y 120 6.05 -6.29 -24.45
N TYR Y 121 6.76 -7.28 -23.92
CA TYR Y 121 6.21 -8.33 -23.07
C TYR Y 121 6.81 -8.23 -21.67
N THR Y 122 5.94 -8.30 -20.64
CA THR Y 122 6.43 -8.46 -19.28
C THR Y 122 6.93 -9.89 -19.10
N ALA Y 123 8.09 -10.01 -18.46
CA ALA Y 123 8.74 -11.28 -18.20
C ALA Y 123 9.18 -11.32 -16.74
N THR Y 124 9.34 -12.52 -16.17
CA THR Y 124 9.98 -12.66 -14.87
C THR Y 124 11.15 -13.62 -15.01
N ILE Y 125 12.37 -13.17 -14.68
CA ILE Y 125 13.54 -14.03 -14.66
C ILE Y 125 13.72 -14.52 -13.23
N TYR Y 126 13.95 -15.83 -13.05
CA TYR Y 126 14.21 -16.40 -11.75
C TYR Y 126 15.67 -16.84 -11.64
N PHE Y 127 16.33 -16.45 -10.54
CA PHE Y 127 17.74 -16.73 -10.33
C PHE Y 127 17.95 -17.85 -9.32
N SER Y 128 19.18 -18.36 -9.20
CA SER Y 128 19.53 -19.45 -8.27
C SER Y 128 19.25 -19.12 -6.80
N ASN Y 129 19.14 -17.82 -6.48
CA ASN Y 129 18.66 -17.31 -5.19
C ASN Y 129 17.22 -17.74 -4.83
N GLY Y 130 16.42 -18.18 -5.82
CA GLY Y 130 14.97 -18.25 -5.69
C GLY Y 130 14.27 -16.90 -5.89
N GLN Y 131 15.01 -15.81 -5.69
CA GLN Y 131 14.61 -14.45 -6.08
C GLN Y 131 14.28 -14.39 -7.57
N GLY Y 132 13.19 -13.68 -7.91
CA GLY Y 132 12.86 -13.34 -9.29
C GLY Y 132 12.84 -11.83 -9.50
N ALA Y 133 12.99 -11.40 -10.77
CA ALA Y 133 12.90 -9.99 -11.13
C ALA Y 133 11.90 -9.82 -12.27
N PRO Y 134 10.89 -8.91 -12.15
CA PRO Y 134 10.08 -8.52 -13.30
C PRO Y 134 10.95 -7.70 -14.27
N ALA Y 135 10.72 -7.91 -15.57
CA ALA Y 135 11.46 -7.29 -16.65
C ALA Y 135 10.53 -6.99 -17.82
N THR Y 136 10.93 -6.06 -18.70
CA THR Y 136 10.24 -5.85 -19.97
C THR Y 136 11.17 -6.27 -21.09
N LEU Y 137 10.68 -7.13 -21.99
CA LEU Y 137 11.42 -7.55 -23.16
C LEU Y 137 10.71 -7.06 -24.41
N ILE Y 138 11.44 -6.47 -25.37
CA ILE Y 138 10.85 -6.07 -26.63
C ILE Y 138 11.22 -7.11 -27.70
N TYR Y 139 10.22 -7.69 -28.38
CA TYR Y 139 10.49 -8.69 -29.39
C TYR Y 139 10.99 -8.03 -30.68
N GLN Y 140 12.18 -8.40 -31.17
CA GLN Y 140 12.83 -7.74 -32.29
C GLN Y 140 12.43 -8.33 -33.66
N GLY Y 141 11.98 -9.58 -33.68
CA GLY Y 141 11.83 -10.36 -34.91
C GLY Y 141 12.81 -11.52 -34.95
N LEU Z 1 12.02 -24.41 39.80
CA LEU Z 1 12.78 -23.15 39.59
C LEU Z 1 13.17 -23.00 38.11
N SER Z 2 13.74 -24.05 37.49
CA SER Z 2 14.35 -24.05 36.15
C SER Z 2 13.53 -23.30 35.08
N GLY Z 3 12.24 -23.64 34.95
CA GLY Z 3 11.34 -23.10 33.93
C GLY Z 3 11.27 -21.57 33.91
N ALA Z 4 11.29 -20.94 35.08
CA ALA Z 4 11.20 -19.48 35.23
C ALA Z 4 12.51 -18.80 34.84
N ILE Z 5 13.66 -19.35 35.25
CA ILE Z 5 14.96 -18.81 34.87
C ILE Z 5 15.19 -18.92 33.35
N VAL Z 6 14.78 -20.03 32.73
CA VAL Z 6 14.82 -20.19 31.27
C VAL Z 6 13.87 -19.22 30.58
N ALA Z 7 12.64 -19.03 31.09
CA ALA Z 7 11.71 -18.05 30.55
C ALA Z 7 12.32 -16.64 30.59
N LEU Z 8 13.00 -16.29 31.68
CA LEU Z 8 13.65 -14.99 31.83
C LEU Z 8 14.83 -14.80 30.88
N ILE Z 9 15.70 -15.81 30.70
CA ILE Z 9 16.76 -15.79 29.71
C ILE Z 9 16.20 -15.54 28.31
N LEU Z 10 15.11 -16.22 27.95
CA LEU Z 10 14.52 -16.07 26.63
C LEU Z 10 13.76 -14.73 26.48
N VAL Z 11 13.23 -14.14 27.55
CA VAL Z 11 12.73 -12.76 27.51
C VAL Z 11 13.89 -11.80 27.22
N ILE Z 12 14.97 -11.86 28.00
CA ILE Z 12 16.13 -10.98 27.85
C ILE Z 12 16.75 -11.14 26.45
N ALA Z 13 17.04 -12.38 26.01
CA ALA Z 13 17.57 -12.64 24.68
C ALA Z 13 16.63 -12.19 23.55
N GLY Z 14 15.31 -12.33 23.76
CA GLY Z 14 14.31 -11.83 22.83
C GLY Z 14 14.39 -10.30 22.68
N VAL Z 15 14.47 -9.56 23.78
CA VAL Z 15 14.67 -8.11 23.78
C VAL Z 15 15.93 -7.75 22.98
N ILE Z 16 17.05 -8.43 23.26
CA ILE Z 16 18.34 -8.19 22.64
C ILE Z 16 18.27 -8.39 21.12
N ILE Z 17 17.76 -9.53 20.66
CA ILE Z 17 17.70 -9.85 19.24
C ILE Z 17 16.64 -9.00 18.51
N ALA Z 18 15.52 -8.68 19.15
CA ALA Z 18 14.53 -7.79 18.58
C ALA Z 18 15.10 -6.36 18.38
N ILE Z 19 15.75 -5.81 19.40
CA ILE Z 19 16.39 -4.50 19.30
C ILE Z 19 17.50 -4.50 18.25
N ALA Z 20 18.30 -5.58 18.17
CA ALA Z 20 19.32 -5.71 17.12
C ALA Z 20 18.71 -5.64 15.71
N VAL Z 21 17.57 -6.30 15.47
CA VAL Z 21 16.86 -6.25 14.20
C VAL Z 21 16.21 -4.88 13.95
N VAL Z 22 15.73 -4.19 14.98
CA VAL Z 22 15.22 -2.83 14.87
C VAL Z 22 16.31 -1.83 14.52
N LEU Z 23 17.49 -1.92 15.16
CA LEU Z 23 18.65 -1.11 14.84
C LEU Z 23 19.15 -1.40 13.42
N PHE Z 24 19.14 -2.66 12.98
CA PHE Z 24 19.43 -3.01 11.60
C PHE Z 24 18.46 -2.36 10.62
N ALA Z 25 17.16 -2.38 10.89
CA ALA Z 25 16.17 -1.70 10.05
C ALA Z 25 16.44 -0.19 9.95
N PHE Z 26 16.78 0.48 11.06
CA PHE Z 26 17.22 1.88 10.98
C PHE Z 26 18.52 2.07 10.19
N GLY Z 27 19.42 1.08 10.23
CA GLY Z 27 20.69 1.10 9.52
C GLY Z 27 20.57 0.91 8.01
N LEU Z 28 19.45 0.32 7.53
CA LEU Z 28 19.18 0.19 6.10
C LEU Z 28 18.80 1.52 5.45
N ILE Z 29 18.17 2.43 6.20
CA ILE Z 29 17.54 3.62 5.68
C ILE Z 29 18.46 4.44 4.77
N PRO Z 30 19.74 4.74 5.10
CA PRO Z 30 20.59 5.57 4.24
C PRO Z 30 20.87 4.96 2.87
N GLY Z 31 21.08 3.64 2.82
CA GLY Z 31 21.40 2.94 1.58
C GLY Z 31 20.22 2.85 0.61
N ILE Z 32 19.00 2.69 1.13
CA ILE Z 32 17.80 2.52 0.31
C ILE Z 32 17.17 3.84 -0.11
N SER Z 33 17.55 4.98 0.50
CA SER Z 33 16.78 6.23 0.42
C SER Z 33 17.53 7.45 -0.10
N ASN Z 34 18.63 7.26 -0.84
CA ASN Z 34 19.32 8.37 -1.48
C ASN Z 34 18.39 9.03 -2.50
N GLN Z 35 18.08 10.31 -2.26
CA GLN Z 35 17.21 11.12 -3.11
C GLN Z 35 18.02 11.70 -4.28
N GLY Z 36 17.33 12.18 -5.32
CA GLY Z 36 18.03 12.82 -6.42
C GLY Z 36 18.58 11.81 -7.40
N SER Z 37 18.80 12.31 -8.62
CA SER Z 37 18.76 11.52 -9.83
C SER Z 37 19.53 12.23 -10.94
N ILE Z 38 19.80 11.51 -12.02
CA ILE Z 38 20.09 12.18 -13.27
C ILE Z 38 18.77 12.71 -13.88
N GLN Z 39 18.73 14.02 -14.11
CA GLN Z 39 17.65 14.71 -14.80
C GLN Z 39 18.12 15.07 -16.21
N VAL Z 40 17.26 14.85 -17.22
CA VAL Z 40 17.60 15.14 -18.61
C VAL Z 40 16.82 16.38 -19.07
N LEU Z 41 17.55 17.41 -19.51
CA LEU Z 41 16.99 18.75 -19.71
C LEU Z 41 16.87 19.07 -21.20
N GLY Z 42 15.65 19.44 -21.64
CA GLY Z 42 15.37 19.77 -23.03
C GLY Z 42 15.54 18.59 -23.99
N SER Z 43 15.60 18.88 -25.29
CA SER Z 43 15.87 17.86 -26.31
C SER Z 43 17.37 17.65 -26.46
N GLY Z 44 17.76 16.41 -26.77
CA GLY Z 44 19.09 16.10 -27.27
C GLY Z 44 19.11 16.02 -28.79
N THR Z 45 20.26 15.62 -29.34
CA THR Z 45 20.42 15.43 -30.78
C THR Z 45 21.11 14.12 -31.08
N ILE Z 46 20.71 13.45 -32.16
CA ILE Z 46 21.46 12.35 -32.77
C ILE Z 46 22.13 12.90 -34.04
N THR Z 47 23.42 12.60 -34.26
CA THR Z 47 24.11 12.93 -35.50
C THR Z 47 24.84 11.68 -35.99
N ASN Z 48 24.84 11.46 -37.31
CA ASN Z 48 25.63 10.41 -37.95
C ASN Z 48 27.14 10.67 -37.72
N SER Z 49 27.82 9.78 -36.95
CA SER Z 49 29.27 9.84 -36.80
C SER Z 49 30.00 8.93 -37.81
N THR Z 50 29.28 8.01 -38.45
CA THR Z 50 29.86 7.01 -39.37
C THR Z 50 30.65 7.69 -40.50
N ALA Z 51 31.84 7.14 -40.81
CA ALA Z 51 32.73 7.68 -41.82
C ALA Z 51 33.34 6.58 -42.69
N SER Z 52 33.79 6.98 -43.90
CA SER Z 52 34.66 6.19 -44.79
C SER Z 52 34.11 4.79 -45.14
N GLY Z 53 32.78 4.65 -45.18
CA GLY Z 53 32.11 3.39 -45.50
C GLY Z 53 32.36 2.28 -44.48
N SER Z 54 32.55 2.64 -43.19
CA SER Z 54 32.78 1.70 -42.10
C SER Z 54 31.65 0.67 -41.96
N SER Z 55 32.00 -0.55 -41.55
CA SER Z 55 31.09 -1.69 -41.44
C SER Z 55 29.99 -1.52 -40.36
N ARG Z 56 30.30 -0.74 -39.31
CA ARG Z 56 29.37 -0.43 -38.22
C ARG Z 56 28.98 1.06 -38.26
N THR Z 57 27.67 1.35 -38.24
CA THR Z 57 27.18 2.72 -38.15
C THR Z 57 27.27 3.22 -36.71
N ILE Z 58 27.85 4.42 -36.53
CA ILE Z 58 28.02 5.06 -35.22
C ILE Z 58 27.29 6.40 -35.23
N TYR Z 59 26.62 6.73 -34.12
CA TYR Z 59 25.89 7.97 -33.95
C TYR Z 59 26.43 8.74 -32.75
N ASN Z 60 26.67 10.03 -32.95
CA ASN Z 60 26.77 10.97 -31.85
C ASN Z 60 25.42 11.14 -31.18
N ILE Z 61 25.45 11.14 -29.84
CA ILE Z 61 24.30 11.62 -29.09
C ILE Z 61 24.77 12.69 -28.12
N THR Z 62 24.18 13.88 -28.23
CA THR Z 62 24.47 15.00 -27.33
C THR Z 62 23.19 15.35 -26.58
N ILE Z 63 23.27 15.48 -25.25
CA ILE Z 63 22.12 15.88 -24.45
C ILE Z 63 22.54 16.63 -23.19
N THR Z 64 21.71 17.59 -22.74
CA THR Z 64 21.97 18.29 -21.48
C THR Z 64 21.44 17.47 -20.31
N VAL Z 65 22.30 17.28 -19.31
CA VAL Z 65 22.05 16.37 -18.22
C VAL Z 65 22.45 17.04 -16.90
N LYS Z 66 21.63 16.86 -15.86
CA LYS Z 66 21.84 17.47 -14.55
C LYS Z 66 21.84 16.38 -13.48
N ASN Z 67 22.98 16.19 -12.81
CA ASN Z 67 23.06 15.24 -11.71
C ASN Z 67 22.66 15.96 -10.42
N THR Z 68 21.51 15.59 -9.84
CA THR Z 68 21.05 16.16 -8.58
C THR Z 68 21.46 15.33 -7.36
N GLY Z 69 22.09 14.16 -7.57
CA GLY Z 69 22.63 13.36 -6.49
C GLY Z 69 24.00 13.86 -5.99
N THR Z 70 24.58 13.11 -5.03
CA THR Z 70 25.82 13.47 -4.36
C THR Z 70 27.03 12.66 -4.83
N THR Z 71 26.84 11.79 -5.83
CA THR Z 71 27.89 10.92 -6.38
C THR Z 71 27.95 11.03 -7.91
N SER Z 72 29.13 10.84 -8.50
CA SER Z 72 29.30 10.80 -9.94
C SER Z 72 28.61 9.56 -10.52
N ILE Z 73 27.84 9.73 -11.60
CA ILE Z 73 26.99 8.69 -12.18
C ILE Z 73 27.23 8.65 -13.69
N SER Z 74 27.22 7.47 -14.32
CA SER Z 74 27.53 7.36 -15.74
C SER Z 74 26.35 6.77 -16.53
N VAL Z 75 26.27 7.07 -17.84
CA VAL Z 75 25.33 6.37 -18.71
C VAL Z 75 25.80 4.92 -18.90
N THR Z 76 24.85 3.99 -19.10
CA THR Z 76 25.17 2.58 -19.23
C THR Z 76 24.53 1.93 -20.47
N SER Z 77 23.43 2.51 -20.97
CA SER Z 77 22.72 2.07 -22.16
C SER Z 77 21.80 3.18 -22.64
N ILE Z 78 21.45 3.17 -23.93
CA ILE Z 78 20.35 3.97 -24.43
C ILE Z 78 19.48 3.10 -25.34
N ASN Z 79 18.17 3.32 -25.28
CA ASN Z 79 17.22 2.74 -26.21
C ASN Z 79 16.59 3.91 -26.99
N ILE Z 80 16.53 3.83 -28.32
CA ILE Z 80 16.03 4.95 -29.14
C ILE Z 80 15.00 4.38 -30.11
N ASN Z 81 13.80 4.99 -30.18
CA ASN Z 81 12.77 4.55 -31.13
C ASN Z 81 12.48 3.05 -30.97
N GLY Z 82 12.52 2.56 -29.73
CA GLY Z 82 12.30 1.15 -29.37
C GLY Z 82 13.54 0.25 -29.46
N GLN Z 83 14.56 0.64 -30.23
CA GLN Z 83 15.73 -0.19 -30.52
C GLN Z 83 16.82 0.01 -29.47
N PRO Z 84 17.48 -1.07 -28.98
CA PRO Z 84 18.64 -0.93 -28.09
C PRO Z 84 19.90 -0.50 -28.83
N PHE Z 85 20.71 0.33 -28.17
CA PHE Z 85 22.02 0.76 -28.66
C PHE Z 85 23.09 0.49 -27.60
N ASN Z 86 24.30 0.16 -28.03
CA ASN Z 86 25.45 0.05 -27.14
C ASN Z 86 26.23 1.37 -27.16
N ILE Z 87 26.76 1.79 -25.99
CA ILE Z 87 27.70 2.91 -25.93
C ILE Z 87 29.03 2.46 -26.55
N ASN Z 88 29.56 3.23 -27.52
CA ASN Z 88 30.90 2.91 -28.00
C ASN Z 88 31.93 3.60 -27.12
N GLY Z 89 33.05 2.91 -26.87
CA GLY Z 89 34.11 3.40 -25.98
C GLY Z 89 33.66 3.56 -24.53
N THR Z 90 34.41 4.38 -23.77
CA THR Z 90 34.09 4.68 -22.38
C THR Z 90 32.86 5.60 -22.29
N ALA Z 91 31.88 5.19 -21.48
CA ALA Z 91 30.67 5.98 -21.25
C ALA Z 91 30.97 7.23 -20.41
N PRO Z 92 30.31 8.38 -20.68
CA PRO Z 92 30.53 9.60 -19.90
C PRO Z 92 30.00 9.48 -18.48
N SER Z 93 30.78 10.05 -17.54
CA SER Z 93 30.44 10.14 -16.13
C SER Z 93 30.12 11.59 -15.77
N ILE Z 94 28.96 11.82 -15.13
CA ILE Z 94 28.41 13.13 -14.81
C ILE Z 94 28.70 13.42 -13.34
N PRO Z 95 29.52 14.45 -13.00
CA PRO Z 95 29.87 14.78 -11.62
C PRO Z 95 28.65 15.14 -10.77
N ALA Z 96 28.77 14.95 -9.45
CA ALA Z 96 27.73 15.30 -8.49
C ALA Z 96 27.32 16.78 -8.60
N GLY Z 97 26.02 17.05 -8.42
CA GLY Z 97 25.46 18.40 -8.35
C GLY Z 97 25.63 19.29 -9.60
N ARG Z 98 26.01 18.71 -10.76
CA ARG Z 98 26.46 19.49 -11.91
C ARG Z 98 25.52 19.32 -13.12
N THR Z 99 25.38 20.41 -13.91
CA THR Z 99 24.68 20.39 -15.19
C THR Z 99 25.70 20.48 -16.32
N GLN Z 100 25.61 19.57 -17.31
CA GLN Z 100 26.54 19.50 -18.43
C GLN Z 100 25.82 19.10 -19.70
N PRO Z 101 26.27 19.56 -20.90
CA PRO Z 101 26.01 18.81 -22.11
C PRO Z 101 26.99 17.64 -22.15
N ILE Z 102 26.47 16.40 -22.04
CA ILE Z 102 27.28 15.22 -22.35
C ILE Z 102 27.15 14.87 -23.83
N THR Z 103 28.22 14.31 -24.40
CA THR Z 103 28.19 13.70 -25.73
C THR Z 103 28.81 12.31 -25.64
N PHE Z 104 28.18 11.33 -26.31
CA PHE Z 104 28.69 9.97 -26.38
C PHE Z 104 28.34 9.34 -27.72
N GLU Z 105 29.17 8.39 -28.17
CA GLU Z 105 28.91 7.65 -29.40
C GLU Z 105 28.15 6.35 -29.10
N VAL Z 106 27.25 5.97 -30.01
CA VAL Z 106 26.47 4.74 -29.86
C VAL Z 106 26.39 3.98 -31.18
N THR Z 107 26.25 2.65 -31.09
CA THR Z 107 25.97 1.80 -32.25
C THR Z 107 24.71 0.98 -31.99
N PRO Z 108 23.86 0.69 -32.99
CA PRO Z 108 22.72 -0.20 -32.81
C PRO Z 108 23.19 -1.57 -32.32
N ALA Z 109 22.49 -2.14 -31.33
CA ALA Z 109 22.88 -3.44 -30.77
C ALA Z 109 22.59 -4.58 -31.75
N SER Z 110 21.42 -4.51 -32.41
CA SER Z 110 20.99 -5.42 -33.46
C SER Z 110 20.04 -4.70 -34.42
N GLY Z 111 19.97 -5.16 -35.68
CA GLY Z 111 19.29 -4.43 -36.74
C GLY Z 111 19.99 -3.11 -37.09
N LYS Z 112 19.27 -2.17 -37.74
CA LYS Z 112 19.75 -0.82 -37.99
C LYS Z 112 18.59 0.20 -38.00
N PRO Z 113 18.82 1.47 -37.55
CA PRO Z 113 17.76 2.46 -37.45
C PRO Z 113 17.45 3.11 -38.79
N ASN Z 114 16.33 3.84 -38.83
CA ASN Z 114 15.86 4.56 -39.99
C ASN Z 114 15.56 6.01 -39.60
N PHE Z 115 16.55 6.70 -39.04
CA PHE Z 115 16.38 8.09 -38.68
C PHE Z 115 16.19 8.98 -39.91
N SER Z 116 15.22 9.90 -39.82
CA SER Z 116 14.91 10.88 -40.85
C SER Z 116 15.38 12.26 -40.41
N PRO Z 117 16.16 13.03 -41.21
CA PRO Z 117 16.62 14.36 -40.81
C PRO Z 117 15.49 15.26 -40.31
N GLY Z 118 15.70 15.83 -39.13
CA GLY Z 118 14.75 16.71 -38.47
C GLY Z 118 13.65 16.00 -37.66
N ALA Z 119 13.52 14.67 -37.78
CA ALA Z 119 12.52 13.93 -37.00
C ALA Z 119 12.96 13.78 -35.54
N SER Z 120 11.98 13.69 -34.64
CA SER Z 120 12.19 13.56 -33.20
C SER Z 120 11.84 12.15 -32.73
N TYR Z 121 12.78 11.52 -32.01
CA TYR Z 121 12.67 10.16 -31.52
C TYR Z 121 12.64 10.17 -29.99
N THR Z 122 11.70 9.43 -29.40
CA THR Z 122 11.73 9.16 -27.97
C THR Z 122 12.86 8.17 -27.67
N ALA Z 123 13.64 8.46 -26.64
CA ALA Z 123 14.75 7.64 -26.21
C ALA Z 123 14.66 7.44 -24.71
N THR Z 124 15.28 6.37 -24.19
CA THR Z 124 15.45 6.21 -22.75
C THR Z 124 16.93 6.01 -22.46
N ILE Z 125 17.53 6.89 -21.66
CA ILE Z 125 18.92 6.73 -21.23
C ILE Z 125 18.89 6.03 -19.88
N TYR Z 126 19.73 5.00 -19.69
CA TYR Z 126 19.85 4.31 -18.41
C TYR Z 126 21.19 4.62 -17.76
N PHE Z 127 21.16 4.97 -16.49
CA PHE Z 127 22.35 5.37 -15.74
C PHE Z 127 22.81 4.27 -14.79
N SER Z 128 24.02 4.40 -14.21
CA SER Z 128 24.60 3.41 -13.31
C SER Z 128 23.75 3.18 -12.03
N ASN Z 129 22.86 4.11 -11.71
CA ASN Z 129 21.81 3.98 -10.70
C ASN Z 129 20.82 2.84 -10.97
N GLY Z 130 20.73 2.34 -12.21
CA GLY Z 130 19.59 1.56 -12.67
C GLY Z 130 18.37 2.39 -13.05
N GLN Z 131 18.30 3.62 -12.53
CA GLN Z 131 17.36 4.66 -12.96
C GLN Z 131 17.53 4.95 -14.46
N GLY Z 132 16.40 5.10 -15.17
CA GLY Z 132 16.39 5.58 -16.53
C GLY Z 132 15.60 6.89 -16.65
N ALA Z 133 15.87 7.65 -17.72
CA ALA Z 133 15.14 8.88 -18.01
C ALA Z 133 14.61 8.84 -19.45
N PRO Z 134 13.30 9.08 -19.68
CA PRO Z 134 12.81 9.33 -21.04
C PRO Z 134 13.33 10.67 -21.54
N ALA Z 135 13.66 10.73 -22.83
CA ALA Z 135 14.23 11.89 -23.49
C ALA Z 135 13.70 12.00 -24.92
N THR Z 136 13.78 13.20 -25.51
CA THR Z 136 13.52 13.37 -26.92
C THR Z 136 14.81 13.76 -27.62
N LEU Z 137 15.17 13.04 -28.68
CA LEU Z 137 16.34 13.33 -29.48
C LEU Z 137 15.89 13.74 -30.88
N ILE Z 138 16.44 14.83 -31.45
CA ILE Z 138 16.14 15.21 -32.81
C ILE Z 138 17.32 14.80 -33.69
N TYR Z 139 17.07 14.01 -34.74
CA TYR Z 139 18.13 13.56 -35.64
C TYR Z 139 18.54 14.70 -36.57
N GLN Z 140 19.83 15.08 -36.57
CA GLN Z 140 20.32 16.23 -37.30
C GLN Z 140 20.75 15.91 -38.74
N GLY Z 141 21.09 14.64 -39.02
CA GLY Z 141 21.77 14.24 -40.24
C GLY Z 141 23.17 13.75 -39.96
N LEU AA 1 6.83 -16.95 27.40
CA LEU AA 1 6.79 -15.48 27.59
C LEU AA 1 7.46 -14.78 26.40
N SER AA 2 8.68 -15.22 26.01
CA SER AA 2 9.56 -14.57 25.02
C SER AA 2 8.84 -14.06 23.76
N GLY AA 3 8.05 -14.93 23.10
CA GLY AA 3 7.38 -14.65 21.84
C GLY AA 3 6.49 -13.38 21.88
N ALA AA 4 5.79 -13.17 22.99
CA ALA AA 4 4.89 -12.04 23.18
C ALA AA 4 5.66 -10.71 23.39
N ILE AA 5 6.73 -10.73 24.18
CA ILE AA 5 7.57 -9.55 24.39
C ILE AA 5 8.26 -9.14 23.08
N VAL AA 6 8.73 -10.10 22.29
CA VAL AA 6 9.30 -9.83 20.97
C VAL AA 6 8.25 -9.30 20.00
N ALA AA 7 7.03 -9.87 19.99
CA ALA AA 7 5.94 -9.35 19.18
C ALA AA 7 5.62 -7.89 19.54
N LEU AA 8 5.64 -7.55 20.83
CA LEU AA 8 5.39 -6.20 21.31
C LEU AA 8 6.49 -5.22 20.91
N ILE AA 9 7.78 -5.61 21.04
CA ILE AA 9 8.90 -4.80 20.55
C ILE AA 9 8.75 -4.50 19.06
N LEU AA 10 8.38 -5.50 18.26
CA LEU AA 10 8.23 -5.32 16.83
C LEU AA 10 6.96 -4.53 16.47
N VAL AA 11 5.90 -4.56 17.28
CA VAL AA 11 4.78 -3.64 17.12
C VAL AA 11 5.23 -2.20 17.37
N ILE AA 12 5.88 -1.94 18.51
CA ILE AA 12 6.34 -0.61 18.88
C ILE AA 12 7.34 -0.08 17.84
N ALA AA 13 8.36 -0.85 17.48
CA ALA AA 13 9.34 -0.46 16.46
C ALA AA 13 8.70 -0.26 15.08
N GLY AA 14 7.69 -1.05 14.74
CA GLY AA 14 6.91 -0.87 13.51
C GLY AA 14 6.19 0.48 13.50
N VAL AA 15 5.52 0.86 14.59
CA VAL AA 15 4.89 2.16 14.73
C VAL AA 15 5.91 3.28 14.53
N ILE AA 16 7.06 3.18 15.19
CA ILE AA 16 8.13 4.17 15.15
C ILE AA 16 8.65 4.36 13.72
N ILE AA 17 9.01 3.29 13.03
CA ILE AA 17 9.58 3.36 11.69
C ILE AA 17 8.52 3.75 10.65
N ALA AA 18 7.26 3.31 10.81
CA ALA AA 18 6.18 3.73 9.93
C ALA AA 18 5.91 5.24 10.08
N ILE AA 19 5.80 5.75 11.30
CA ILE AA 19 5.61 7.18 11.54
C ILE AA 19 6.81 7.98 11.01
N ALA AA 20 8.04 7.50 11.19
CA ALA AA 20 9.23 8.14 10.64
C ALA AA 20 9.14 8.29 9.11
N VAL AA 21 8.69 7.24 8.40
CA VAL AA 21 8.49 7.28 6.95
C VAL AA 21 7.32 8.18 6.54
N VAL AA 22 6.26 8.26 7.35
CA VAL AA 22 5.13 9.17 7.10
C VAL AA 22 5.56 10.64 7.28
N LEU AA 23 6.32 10.95 8.33
CA LEU AA 23 6.90 12.27 8.54
C LEU AA 23 7.87 12.65 7.43
N PHE AA 24 8.68 11.70 6.95
CA PHE AA 24 9.53 11.92 5.78
C PHE AA 24 8.71 12.26 4.53
N ALA AA 25 7.61 11.53 4.26
CA ALA AA 25 6.74 11.84 3.14
C ALA AA 25 6.15 13.25 3.24
N PHE AA 26 5.70 13.71 4.43
CA PHE AA 26 5.32 15.10 4.62
C PHE AA 26 6.47 16.09 4.42
N GLY AA 27 7.70 15.69 4.77
CA GLY AA 27 8.90 16.51 4.62
C GLY AA 27 9.37 16.68 3.17
N LEU AA 28 8.96 15.78 2.25
CA LEU AA 28 9.26 15.91 0.82
C LEU AA 28 8.44 17.02 0.17
N ILE AA 29 7.22 17.27 0.65
CA ILE AA 29 6.23 18.10 -0.02
C ILE AA 29 6.78 19.47 -0.43
N PRO AA 30 7.52 20.25 0.39
CA PRO AA 30 7.98 21.58 0.01
C PRO AA 30 8.96 21.56 -1.17
N GLY AA 31 9.86 20.58 -1.22
CA GLY AA 31 10.86 20.48 -2.27
C GLY AA 31 10.29 20.08 -3.63
N ILE AA 32 9.27 19.22 -3.65
CA ILE AA 32 8.67 18.71 -4.88
C ILE AA 32 7.59 19.63 -5.45
N SER AA 33 7.08 20.60 -4.66
CA SER AA 33 5.82 21.29 -4.98
C SER AA 33 5.91 22.81 -5.09
N ASN AA 34 7.10 23.38 -5.33
CA ASN AA 34 7.21 24.81 -5.57
C ASN AA 34 6.44 25.18 -6.84
N GLN AA 35 5.42 26.04 -6.68
CA GLN AA 35 4.56 26.51 -7.75
C GLN AA 35 5.22 27.70 -8.46
N GLY AA 36 4.74 28.04 -9.66
CA GLY AA 36 5.28 29.20 -10.35
C GLY AA 36 6.56 28.88 -11.11
N SER AA 37 6.83 29.72 -12.09
CA SER AA 37 7.61 29.35 -13.26
C SER AA 37 8.16 30.61 -13.93
N ILE AA 38 9.09 30.42 -14.86
CA ILE AA 38 9.32 31.46 -15.85
C ILE AA 38 8.20 31.42 -16.89
N GLN AA 39 7.51 32.56 -17.04
CA GLN AA 39 6.51 32.80 -18.07
C GLN AA 39 7.11 33.69 -19.16
N VAL AA 40 6.87 33.36 -20.43
CA VAL AA 40 7.40 34.14 -21.55
C VAL AA 40 6.26 34.91 -22.20
N LEU AA 41 6.40 36.25 -22.27
CA LEU AA 41 5.30 37.14 -22.60
C LEU AA 41 5.47 37.76 -23.99
N GLY AA 42 4.46 37.58 -24.85
CA GLY AA 42 4.48 38.09 -26.22
C GLY AA 42 5.54 37.43 -27.09
N SER AA 43 5.83 38.05 -28.25
CA SER AA 43 6.91 37.60 -29.13
C SER AA 43 8.25 38.18 -28.69
N GLY AA 44 9.32 37.41 -28.89
CA GLY AA 44 10.68 37.93 -28.83
C GLY AA 44 11.20 38.27 -30.23
N THR AA 45 12.48 38.64 -30.30
CA THR AA 45 13.14 38.94 -31.55
C THR AA 45 14.51 38.24 -31.63
N ILE AA 46 14.88 37.78 -32.82
CA ILE AA 46 16.26 37.39 -33.14
C ILE AA 46 16.86 38.49 -34.00
N THR AA 47 18.09 38.93 -33.70
CA THR AA 47 18.83 39.87 -34.54
C THR AA 47 20.24 39.30 -34.78
N ASN AA 48 20.76 39.46 -36.01
CA ASN AA 48 22.15 39.13 -36.32
C ASN AA 48 23.11 40.01 -35.51
N SER AA 49 23.89 39.41 -34.58
CA SER AA 49 24.95 40.11 -33.86
C SER AA 49 26.32 39.97 -34.54
N THR AA 50 26.46 39.01 -35.48
CA THR AA 50 27.74 38.72 -36.14
C THR AA 50 28.33 39.95 -36.82
N ALA AA 51 29.65 40.14 -36.66
CA ALA AA 51 30.35 41.30 -37.21
C ALA AA 51 31.70 40.90 -37.82
N SER AA 52 32.21 41.76 -38.73
CA SER AA 52 33.59 41.76 -39.24
C SER AA 52 34.02 40.42 -39.86
N GLY AA 53 33.08 39.66 -40.44
CA GLY AA 53 33.34 38.37 -41.07
C GLY AA 53 33.84 37.29 -40.09
N SER AA 54 33.39 37.36 -38.82
CA SER AA 54 33.75 36.39 -37.79
C SER AA 54 33.39 34.95 -38.17
N SER AA 55 34.19 33.98 -37.72
CA SER AA 55 34.08 32.56 -38.05
C SER AA 55 32.81 31.91 -37.49
N ARG AA 56 32.29 32.42 -36.36
CA ARG AA 56 31.07 31.95 -35.71
C ARG AA 56 29.97 33.02 -35.82
N THR AA 57 28.78 32.62 -36.31
CA THR AA 57 27.62 33.50 -36.34
C THR AA 57 26.98 33.60 -34.96
N ILE AA 58 26.71 34.82 -34.49
CA ILE AA 58 26.11 35.09 -33.19
C ILE AA 58 24.79 35.86 -33.41
N TYR AA 59 23.76 35.52 -32.64
CA TYR AA 59 22.46 36.18 -32.70
C TYR AA 59 22.09 36.75 -31.34
N ASN AA 60 21.64 38.00 -31.36
CA ASN AA 60 20.87 38.55 -30.26
C ASN AA 60 19.52 37.86 -30.16
N ILE AA 61 19.14 37.52 -28.94
CA ILE AA 61 17.75 37.17 -28.68
C ILE AA 61 17.24 38.05 -27.55
N THR AA 62 16.15 38.78 -27.80
CA THR AA 62 15.49 39.61 -26.80
C THR AA 62 14.08 39.10 -26.62
N ILE AA 63 13.67 38.89 -25.35
CA ILE AA 63 12.30 38.47 -25.06
C ILE AA 63 11.83 38.97 -23.69
N THR AA 64 10.53 39.25 -23.55
CA THR AA 64 9.96 39.63 -22.26
C THR AA 64 9.64 38.38 -21.44
N VAL AA 65 10.11 38.38 -20.20
CA VAL AA 65 10.09 37.20 -19.35
C VAL AA 65 9.62 37.61 -17.95
N LYS AA 66 8.76 36.80 -17.32
CA LYS AA 66 8.20 37.05 -16.01
C LYS AA 66 8.47 35.87 -15.09
N ASN AA 67 9.26 36.08 -14.04
CA ASN AA 67 9.50 35.04 -13.06
C ASN AA 67 8.40 35.10 -11.99
N THR AA 68 7.54 34.09 -11.94
CA THR AA 68 6.48 34.03 -10.93
C THR AA 68 6.87 33.20 -9.71
N GLY AA 69 8.06 32.58 -9.71
CA GLY AA 69 8.60 31.89 -8.55
C GLY AA 69 9.24 32.84 -7.52
N THR AA 70 9.81 32.24 -6.46
CA THR AA 70 10.37 32.97 -5.32
C THR AA 70 11.91 33.00 -5.33
N THR AA 71 12.54 32.43 -6.36
CA THR AA 71 14.00 32.35 -6.50
C THR AA 71 14.44 32.88 -7.87
N SER AA 72 15.66 33.45 -7.94
CA SER AA 72 16.25 33.87 -9.21
C SER AA 72 16.56 32.65 -10.08
N ILE AA 73 16.20 32.71 -11.37
CA ILE AA 73 16.29 31.58 -12.30
C ILE AA 73 16.96 32.07 -13.58
N SER AA 74 17.79 31.24 -14.23
CA SER AA 74 18.52 31.66 -15.42
C SER AA 74 18.17 30.82 -16.64
N VAL AA 75 18.33 31.37 -17.85
CA VAL AA 75 18.25 30.56 -19.07
C VAL AA 75 19.46 29.63 -19.14
N THR AA 76 19.30 28.44 -19.75
CA THR AA 76 20.36 27.44 -19.83
C THR AA 76 20.58 26.93 -21.25
N SER AA 77 19.56 27.01 -22.12
CA SER AA 77 19.61 26.61 -23.52
C SER AA 77 18.44 27.23 -24.26
N ILE AA 78 18.56 27.39 -25.58
CA ILE AA 78 17.43 27.65 -26.43
C ILE AA 78 17.50 26.75 -27.66
N ASN AA 79 16.34 26.29 -28.12
CA ASN AA 79 16.20 25.59 -29.38
C ASN AA 79 15.30 26.45 -30.27
N ILE AA 80 15.69 26.72 -31.52
CA ILE AA 80 14.96 27.62 -32.41
C ILE AA 80 14.75 26.92 -33.74
N ASN AA 81 13.51 26.86 -34.24
CA ASN AA 81 13.23 26.24 -35.54
C ASN AA 81 13.79 24.81 -35.60
N GLY AA 82 13.70 24.08 -34.48
CA GLY AA 82 14.19 22.71 -34.32
C GLY AA 82 15.68 22.58 -33.97
N GLN AA 83 16.48 23.60 -34.24
CA GLN AA 83 17.94 23.55 -34.09
C GLN AA 83 18.36 23.96 -32.68
N PRO AA 84 19.31 23.25 -32.02
CA PRO AA 84 19.87 23.70 -30.75
C PRO AA 84 20.86 24.86 -30.89
N PHE AA 85 20.83 25.77 -29.93
CA PHE AA 85 21.77 26.88 -29.83
C PHE AA 85 22.42 26.90 -28.45
N ASN AA 86 23.69 27.32 -28.37
CA ASN AA 86 24.37 27.56 -27.11
C ASN AA 86 24.26 29.03 -26.73
N ILE AA 87 24.09 29.34 -25.43
CA ILE AA 87 24.20 30.71 -24.94
C ILE AA 87 25.66 31.14 -25.00
N ASN AA 88 25.95 32.28 -25.63
CA ASN AA 88 27.33 32.80 -25.56
C ASN AA 88 27.48 33.63 -24.30
N GLY AA 89 28.65 33.53 -23.66
CA GLY AA 89 28.95 34.22 -22.41
C GLY AA 89 28.06 33.76 -21.24
N THR AA 90 27.97 34.60 -20.20
CA THR AA 90 27.12 34.35 -19.04
C THR AA 90 25.64 34.48 -19.39
N ALA AA 91 24.85 33.46 -19.07
CA ALA AA 91 23.41 33.47 -19.29
C ALA AA 91 22.70 34.45 -18.34
N PRO AA 92 21.64 35.16 -18.78
CA PRO AA 92 20.91 36.08 -17.90
C PRO AA 92 20.12 35.35 -16.82
N SER AA 93 20.13 35.95 -15.62
CA SER AA 93 19.39 35.49 -14.46
C SER AA 93 18.24 36.46 -14.17
N ILE AA 94 17.02 35.93 -14.04
CA ILE AA 94 15.78 36.68 -13.89
C ILE AA 94 15.39 36.67 -12.41
N PRO AA 95 15.37 37.84 -11.72
CA PRO AA 95 15.04 37.90 -10.29
C PRO AA 95 13.63 37.41 -9.97
N ALA AA 96 13.42 36.96 -8.73
CA ALA AA 96 12.13 36.50 -8.24
C ALA AA 96 11.03 37.57 -8.42
N GLY AA 97 9.82 37.11 -8.76
CA GLY AA 97 8.62 37.96 -8.84
C GLY AA 97 8.66 39.10 -9.86
N ARG AA 98 9.62 39.11 -10.80
CA ARG AA 98 9.89 40.28 -11.64
C ARG AA 98 9.63 40.02 -13.12
N THR AA 99 9.15 41.05 -13.84
CA THR AA 99 9.01 41.04 -15.29
C THR AA 99 10.11 41.90 -15.92
N GLN AA 100 10.84 41.36 -16.91
CA GLN AA 100 11.94 42.04 -17.57
C GLN AA 100 11.99 41.69 -19.05
N PRO AA 101 12.45 42.61 -19.93
CA PRO AA 101 13.02 42.18 -21.20
C PRO AA 101 14.44 41.67 -20.91
N ILE AA 102 14.68 40.37 -21.09
CA ILE AA 102 16.04 39.85 -21.12
C ILE AA 102 16.59 39.88 -22.54
N THR AA 103 17.91 40.09 -22.67
CA THR AA 103 18.63 39.91 -23.93
C THR AA 103 19.84 39.02 -23.69
N PHE AA 104 20.09 38.08 -24.61
CA PHE AA 104 21.25 37.21 -24.54
C PHE AA 104 21.72 36.85 -25.95
N GLU AA 105 23.03 36.58 -26.08
CA GLU AA 105 23.60 36.16 -27.35
C GLU AA 105 23.62 34.64 -27.46
N VAL AA 106 23.40 34.12 -28.68
CA VAL AA 106 23.43 32.68 -28.92
C VAL AA 106 24.19 32.35 -30.21
N THR AA 107 24.78 31.14 -30.26
CA THR AA 107 25.38 30.61 -31.48
C THR AA 107 24.77 29.24 -31.77
N PRO AA 108 24.57 28.86 -33.06
CA PRO AA 108 24.10 27.51 -33.39
C PRO AA 108 25.07 26.47 -32.84
N ALA AA 109 24.53 25.39 -32.25
CA ALA AA 109 25.37 24.35 -31.66
C ALA AA 109 26.07 23.51 -32.74
N SER AA 110 25.32 23.18 -33.80
CA SER AA 110 25.80 22.48 -34.99
C SER AA 110 24.95 22.88 -36.20
N GLY AA 111 25.54 22.79 -37.41
CA GLY AA 111 24.93 23.36 -38.61
C GLY AA 111 24.86 24.89 -38.57
N LYS AA 112 23.99 25.49 -39.41
CA LYS AA 112 23.70 26.93 -39.36
C LYS AA 112 22.24 27.22 -39.77
N PRO AA 113 21.60 28.27 -39.20
CA PRO AA 113 20.20 28.57 -39.46
C PRO AA 113 20.01 29.31 -40.78
N ASN AA 114 18.75 29.38 -41.21
CA ASN AA 114 18.34 30.06 -42.43
C ASN AA 114 17.20 31.03 -42.11
N PHE AA 115 17.42 31.94 -41.16
CA PHE AA 115 16.42 32.93 -40.81
C PHE AA 115 16.15 33.90 -41.96
N SER AA 116 14.87 34.18 -42.23
CA SER AA 116 14.41 35.12 -43.24
C SER AA 116 13.89 36.38 -42.56
N PRO AA 117 14.32 37.61 -42.93
CA PRO AA 117 13.84 38.84 -42.31
C PRO AA 117 12.31 38.92 -42.26
N GLY AA 118 11.80 39.18 -41.05
CA GLY AA 118 10.37 39.29 -40.77
C GLY AA 118 9.67 37.95 -40.52
N ALA AA 119 10.31 36.80 -40.76
CA ALA AA 119 9.71 35.51 -40.48
C ALA AA 119 9.69 35.21 -38.98
N SER AA 120 8.69 34.41 -38.55
CA SER AA 120 8.49 34.04 -37.16
C SER AA 120 8.84 32.57 -36.95
N TYR AA 121 9.70 32.30 -35.96
CA TYR AA 121 10.20 30.99 -35.62
C TYR AA 121 9.71 30.57 -34.24
N THR AA 122 9.20 29.35 -34.11
CA THR AA 122 8.94 28.77 -32.80
C THR AA 122 10.27 28.40 -32.15
N ALA AA 123 10.40 28.75 -30.87
CA ALA AA 123 11.59 28.49 -30.08
C ALA AA 123 11.17 27.88 -28.74
N THR AA 124 12.07 27.15 -28.08
CA THR AA 124 11.86 26.73 -26.72
C THR AA 124 13.04 27.20 -25.88
N ILE AA 125 12.78 28.01 -24.83
CA ILE AA 125 13.82 28.44 -23.90
C ILE AA 125 13.77 27.47 -22.72
N TYR AA 126 14.92 26.96 -22.27
CA TYR AA 126 15.01 26.12 -21.11
C TYR AA 126 15.69 26.86 -19.96
N PHE AA 127 15.08 26.80 -18.77
CA PHE AA 127 15.56 27.51 -17.60
C PHE AA 127 16.24 26.56 -16.61
N SER AA 128 16.93 27.10 -15.60
CA SER AA 128 17.64 26.31 -14.59
C SER AA 128 16.73 25.38 -13.78
N ASN AA 129 15.41 25.65 -13.78
CA ASN AA 129 14.37 24.76 -13.28
C ASN AA 129 14.30 23.40 -13.99
N GLY AA 130 14.88 23.27 -15.18
CA GLY AA 130 14.56 22.18 -16.11
C GLY AA 130 13.27 22.39 -16.90
N GLN AA 131 12.37 23.24 -16.37
CA GLN AA 131 11.22 23.78 -17.08
C GLN AA 131 11.65 24.48 -18.37
N GLY AA 132 10.90 24.26 -19.45
CA GLY AA 132 11.03 25.01 -20.69
C GLY AA 132 9.75 25.75 -21.04
N ALA AA 133 9.86 26.82 -21.86
CA ALA AA 133 8.71 27.55 -22.35
C ALA AA 133 8.76 27.65 -23.88
N PRO AA 134 7.67 27.29 -24.60
CA PRO AA 134 7.57 27.60 -26.02
C PRO AA 134 7.40 29.11 -26.19
N ALA AA 135 8.03 29.65 -27.24
CA ALA AA 135 8.04 31.07 -27.55
C ALA AA 135 7.99 31.28 -29.06
N THR AA 136 7.58 32.47 -29.50
CA THR AA 136 7.72 32.87 -30.90
C THR AA 136 8.73 34.00 -30.98
N LEU AA 137 9.72 33.85 -31.86
CA LEU AA 137 10.72 34.88 -32.11
C LEU AA 137 10.57 35.36 -33.56
N ILE AA 138 10.58 36.68 -33.78
CA ILE AA 138 10.56 37.22 -35.13
C ILE AA 138 11.97 37.67 -35.49
N TYR AA 139 12.52 37.17 -36.60
CA TYR AA 139 13.86 37.54 -37.02
C TYR AA 139 13.86 38.94 -37.64
N GLN AA 140 14.65 39.87 -37.10
CA GLN AA 140 14.62 41.27 -37.52
C GLN AA 140 15.57 41.59 -38.68
N GLY AA 141 16.62 40.77 -38.87
CA GLY AA 141 17.74 41.07 -39.75
C GLY AA 141 19.02 41.28 -38.95
N LEU BA 1 2.36 -9.94 14.48
CA LEU BA 1 1.47 -8.78 14.73
C LEU BA 1 1.98 -7.55 13.94
N SER BA 2 3.29 -7.24 14.04
CA SER BA 2 3.93 -6.02 13.53
C SER BA 2 3.47 -5.60 12.11
N GLY BA 3 3.53 -6.54 11.16
CA GLY BA 3 3.23 -6.29 9.74
C GLY BA 3 1.85 -5.68 9.48
N ALA BA 4 0.84 -6.12 10.25
CA ALA BA 4 -0.54 -5.65 10.12
C ALA BA 4 -0.72 -4.24 10.69
N ILE BA 5 -0.11 -3.94 11.85
CA ILE BA 5 -0.15 -2.60 12.44
C ILE BA 5 0.56 -1.58 11.54
N VAL BA 6 1.69 -1.96 10.95
CA VAL BA 6 2.39 -1.11 9.98
C VAL BA 6 1.57 -0.92 8.70
N ALA BA 7 0.94 -1.97 8.18
CA ALA BA 7 0.04 -1.86 7.04
C ALA BA 7 -1.10 -0.88 7.32
N LEU BA 8 -1.68 -0.93 8.53
CA LEU BA 8 -2.75 -0.04 8.94
C LEU BA 8 -2.29 1.42 9.07
N ILE BA 9 -1.12 1.67 9.67
CA ILE BA 9 -0.53 3.01 9.72
C ILE BA 9 -0.35 3.58 8.32
N LEU BA 10 0.15 2.78 7.37
CA LEU BA 10 0.37 3.24 6.02
C LEU BA 10 -0.94 3.39 5.23
N VAL BA 11 -2.01 2.63 5.54
CA VAL BA 11 -3.34 2.90 5.00
C VAL BA 11 -3.84 4.26 5.50
N ILE BA 12 -3.83 4.49 6.82
CA ILE BA 12 -4.29 5.74 7.41
C ILE BA 12 -3.49 6.93 6.89
N ALA BA 13 -2.16 6.87 6.92
CA ALA BA 13 -1.29 7.93 6.39
C ALA BA 13 -1.48 8.15 4.89
N GLY BA 14 -1.73 7.09 4.13
CA GLY BA 14 -2.07 7.19 2.71
C GLY BA 14 -3.36 7.97 2.48
N VAL BA 15 -4.42 7.68 3.24
CA VAL BA 15 -5.67 8.44 3.19
C VAL BA 15 -5.41 9.92 3.48
N ILE BA 16 -4.66 10.21 4.53
CA ILE BA 16 -4.36 11.57 4.98
C ILE BA 16 -3.62 12.36 3.89
N ILE BA 17 -2.54 11.80 3.34
CA ILE BA 17 -1.72 12.49 2.34
C ILE BA 17 -2.46 12.57 1.00
N ALA BA 18 -3.24 11.56 0.61
CA ALA BA 18 -4.05 11.62 -0.59
C ALA BA 18 -5.12 12.72 -0.49
N ILE BA 19 -5.86 12.77 0.62
CA ILE BA 19 -6.85 13.82 0.85
C ILE BA 19 -6.20 15.20 0.89
N ALA BA 20 -5.02 15.35 1.51
CA ALA BA 20 -4.28 16.60 1.51
C ALA BA 20 -3.95 17.08 0.09
N VAL BA 21 -3.53 16.17 -0.81
CA VAL BA 21 -3.26 16.49 -2.21
C VAL BA 21 -4.54 16.78 -3.00
N VAL BA 22 -5.66 16.12 -2.68
CA VAL BA 22 -6.95 16.41 -3.29
C VAL BA 22 -7.47 17.79 -2.89
N LEU BA 23 -7.36 18.15 -1.60
CA LEU BA 23 -7.71 19.48 -1.11
C LEU BA 23 -6.80 20.56 -1.71
N PHE BA 24 -5.51 20.28 -1.88
CA PHE BA 24 -4.61 21.16 -2.60
C PHE BA 24 -5.06 21.39 -4.05
N ALA BA 25 -5.43 20.32 -4.78
CA ALA BA 25 -5.94 20.45 -6.13
C ALA BA 25 -7.20 21.33 -6.19
N PHE BA 26 -8.15 21.18 -5.26
CA PHE BA 26 -9.28 22.11 -5.16
C PHE BA 26 -8.85 23.54 -4.83
N GLY BA 27 -7.78 23.72 -4.04
CA GLY BA 27 -7.24 25.02 -3.66
C GLY BA 27 -6.52 25.76 -4.80
N LEU BA 28 -6.07 25.06 -5.84
CA LEU BA 28 -5.48 25.67 -7.02
C LEU BA 28 -6.52 26.37 -7.89
N ILE BA 29 -7.76 25.87 -7.91
CA ILE BA 29 -8.78 26.28 -8.87
C ILE BA 29 -8.97 27.79 -8.95
N PRO BA 30 -9.06 28.59 -7.86
CA PRO BA 30 -9.30 30.02 -7.96
C PRO BA 30 -8.18 30.78 -8.65
N GLY BA 31 -6.92 30.40 -8.40
CA GLY BA 31 -5.75 31.07 -8.95
C GLY BA 31 -5.57 30.82 -10.45
N ILE BA 32 -5.90 29.61 -10.92
CA ILE BA 32 -5.71 29.21 -12.33
C ILE BA 32 -6.89 29.62 -13.22
N SER BA 33 -8.05 29.98 -12.65
CA SER BA 33 -9.31 30.04 -13.40
C SER BA 33 -10.04 31.38 -13.37
N ASN BA 34 -9.34 32.49 -13.10
CA ASN BA 34 -9.96 33.81 -13.19
C ASN BA 34 -10.38 34.07 -14.64
N GLN BA 35 -11.69 34.27 -14.84
CA GLN BA 35 -12.28 34.53 -16.14
C GLN BA 35 -12.19 36.03 -16.45
N GLY BA 36 -12.39 36.40 -17.73
CA GLY BA 36 -12.39 37.81 -18.08
C GLY BA 36 -10.98 38.34 -18.28
N SER BA 37 -10.93 39.44 -19.03
CA SER BA 37 -9.77 39.81 -19.81
C SER BA 37 -9.82 41.30 -20.14
N ILE BA 38 -8.71 41.84 -20.63
CA ILE BA 38 -8.78 43.07 -21.38
C ILE BA 38 -9.32 42.77 -22.79
N GLN BA 39 -10.43 43.43 -23.13
CA GLN BA 39 -11.03 43.41 -24.46
C GLN BA 39 -10.72 44.74 -25.16
N VAL BA 40 -10.33 44.68 -26.45
CA VAL BA 40 -10.00 45.87 -27.21
C VAL BA 40 -11.10 46.15 -28.23
N LEU BA 41 -11.70 47.35 -28.15
CA LEU BA 41 -12.95 47.65 -28.84
C LEU BA 41 -12.72 48.61 -30.01
N GLY BA 42 -13.16 48.21 -31.21
CA GLY BA 42 -13.00 48.99 -32.43
C GLY BA 42 -11.54 49.19 -32.84
N SER BA 43 -11.30 50.14 -33.76
CA SER BA 43 -9.95 50.51 -34.17
C SER BA 43 -9.35 51.52 -33.19
N GLY BA 44 -8.03 51.45 -32.98
CA GLY BA 44 -7.26 52.52 -32.36
C GLY BA 44 -6.62 53.42 -33.42
N THR BA 45 -5.79 54.36 -32.95
CA THR BA 45 -5.05 55.26 -33.81
C THR BA 45 -3.59 55.35 -33.39
N ILE BA 46 -2.67 55.46 -34.36
CA ILE BA 46 -1.30 55.86 -34.13
C ILE BA 46 -1.16 57.30 -34.61
N THR BA 47 -0.52 58.19 -33.83
CA THR BA 47 -0.19 59.55 -34.25
C THR BA 47 1.28 59.80 -33.94
N ASN BA 48 1.98 60.52 -34.84
CA ASN BA 48 3.34 60.99 -34.61
C ASN BA 48 3.36 61.98 -33.42
N SER BA 49 4.02 61.60 -32.30
CA SER BA 49 4.24 62.50 -31.17
C SER BA 49 5.60 63.22 -31.26
N THR BA 50 6.52 62.74 -32.12
CA THR BA 50 7.88 63.27 -32.24
C THR BA 50 7.88 64.77 -32.54
N ALA BA 51 8.75 65.53 -31.87
CA ALA BA 51 8.84 66.97 -32.03
C ALA BA 51 10.29 67.45 -32.07
N SER BA 52 10.51 68.65 -32.66
CA SER BA 52 11.75 69.43 -32.58
C SER BA 52 13.01 68.68 -33.04
N GLY BA 53 12.85 67.75 -34.00
CA GLY BA 53 13.95 66.96 -34.54
C GLY BA 53 14.62 66.05 -33.51
N SER BA 54 13.86 65.55 -32.53
CA SER BA 54 14.34 64.64 -31.49
C SER BA 54 14.96 63.36 -32.07
N SER BA 55 15.99 62.83 -31.39
CA SER BA 55 16.76 61.66 -31.81
C SER BA 55 15.95 60.35 -31.85
N ARG BA 56 14.93 60.24 -30.99
CA ARG BA 56 14.03 59.09 -30.91
C ARG BA 56 12.62 59.49 -31.38
N THR BA 57 12.06 58.71 -32.32
CA THR BA 57 10.68 58.90 -32.77
C THR BA 57 9.70 58.31 -31.75
N ILE BA 58 8.69 59.09 -31.34
CA ILE BA 58 7.67 58.68 -30.38
C ILE BA 58 6.30 58.76 -31.06
N TYR BA 59 5.43 57.79 -30.79
CA TYR BA 59 4.08 57.72 -31.33
C TYR BA 59 3.07 57.67 -30.19
N ASN BA 60 2.04 58.50 -30.32
CA ASN BA 60 0.80 58.30 -29.59
C ASN BA 60 0.09 57.06 -30.08
N ILE BA 61 -0.40 56.27 -29.14
CA ILE BA 61 -1.37 55.24 -29.46
C ILE BA 61 -2.59 55.43 -28.58
N THR BA 62 -3.76 55.60 -29.20
CA THR BA 62 -5.03 55.72 -28.50
C THR BA 62 -5.93 54.55 -28.91
N ILE BA 63 -6.52 53.85 -27.94
CA ILE BA 63 -7.44 52.76 -28.24
C ILE BA 63 -8.50 52.60 -27.14
N THR BA 64 -9.71 52.17 -27.51
CA THR BA 64 -10.76 51.89 -26.53
C THR BA 64 -10.58 50.48 -25.98
N VAL BA 65 -10.59 50.38 -24.65
CA VAL BA 65 -10.24 49.15 -23.96
C VAL BA 65 -11.25 48.91 -22.84
N LYS BA 66 -11.66 47.65 -22.65
CA LYS BA 66 -12.65 47.26 -21.66
C LYS BA 66 -12.07 46.16 -20.78
N ASN BA 67 -11.90 46.43 -19.50
CA ASN BA 67 -11.43 45.43 -18.55
C ASN BA 67 -12.65 44.68 -18.01
N THR BA 68 -12.80 43.40 -18.37
CA THR BA 68 -13.90 42.57 -17.87
C THR BA 68 -13.52 41.75 -16.63
N GLY BA 69 -12.24 41.81 -16.20
CA GLY BA 69 -11.81 41.19 -14.96
C GLY BA 69 -12.14 42.01 -13.72
N THR BA 70 -11.69 41.51 -12.55
CA THR BA 70 -11.99 42.10 -11.24
C THR BA 70 -10.81 42.86 -10.62
N THR BA 71 -9.68 42.95 -11.37
CA THR BA 71 -8.46 43.64 -10.92
C THR BA 71 -7.98 44.64 -11.96
N SER BA 72 -7.32 45.71 -11.51
CA SER BA 72 -6.70 46.69 -12.41
C SER BA 72 -5.52 46.05 -13.16
N ILE BA 73 -5.45 46.25 -14.47
CA ILE BA 73 -4.49 45.58 -15.36
C ILE BA 73 -3.83 46.65 -16.24
N SER BA 74 -2.54 46.53 -16.55
CA SER BA 74 -1.82 47.55 -17.32
C SER BA 74 -1.27 46.98 -18.64
N VAL BA 75 -1.07 47.84 -19.65
CA VAL BA 75 -0.32 47.44 -20.84
C VAL BA 75 1.15 47.25 -20.48
N THR BA 76 1.86 46.35 -21.17
CA THR BA 76 3.25 46.03 -20.88
C THR BA 76 4.14 46.08 -22.12
N SER BA 77 3.56 45.90 -23.30
CA SER BA 77 4.25 45.95 -24.59
C SER BA 77 3.22 46.09 -25.70
N ILE BA 78 3.64 46.63 -26.85
CA ILE BA 78 2.86 46.53 -28.07
C ILE BA 78 3.78 46.13 -29.22
N ASN BA 79 3.26 45.30 -30.13
CA ASN BA 79 3.92 44.97 -31.38
C ASN BA 79 3.03 45.51 -32.50
N ILE BA 80 3.57 46.24 -33.48
CA ILE BA 80 2.77 46.87 -34.52
C ILE BA 80 3.40 46.53 -35.87
N ASN BA 81 2.61 46.01 -36.83
CA ASN BA 81 3.13 45.71 -38.16
C ASN BA 81 4.36 44.78 -38.08
N GLY BA 82 4.34 43.84 -37.13
CA GLY BA 82 5.42 42.89 -36.86
C GLY BA 82 6.55 43.40 -35.96
N GLN BA 83 6.72 44.72 -35.82
CA GLN BA 83 7.83 45.33 -35.11
C GLN BA 83 7.51 45.52 -33.63
N PRO BA 84 8.44 45.21 -32.69
CA PRO BA 84 8.24 45.51 -31.27
C PRO BA 84 8.43 46.99 -30.96
N PHE BA 85 7.62 47.50 -30.02
CA PHE BA 85 7.72 48.86 -29.50
C PHE BA 85 7.79 48.82 -27.97
N ASN BA 86 8.53 49.76 -27.38
CA ASN BA 86 8.55 49.95 -25.94
C ASN BA 86 7.54 51.04 -25.55
N ILE BA 87 6.85 50.88 -24.41
CA ILE BA 87 6.04 51.95 -23.84
C ILE BA 87 6.97 53.04 -23.29
N ASN BA 88 6.77 54.29 -23.69
CA ASN BA 88 7.54 55.36 -23.05
C ASN BA 88 6.82 55.81 -21.78
N GLY BA 89 7.60 56.13 -20.74
CA GLY BA 89 7.06 56.51 -19.44
C GLY BA 89 6.27 55.40 -18.75
N THR BA 90 5.42 55.79 -17.78
CA THR BA 90 4.55 54.86 -17.07
C THR BA 90 3.42 54.36 -17.97
N ALA BA 91 3.26 53.04 -18.05
CA ALA BA 91 2.19 52.41 -18.83
C ALA BA 91 0.82 52.64 -18.18
N PRO BA 92 -0.26 52.85 -18.96
CA PRO BA 92 -1.60 53.05 -18.39
C PRO BA 92 -2.15 51.77 -17.76
N SER BA 93 -2.83 51.96 -16.63
CA SER BA 93 -3.52 50.92 -15.88
C SER BA 93 -5.04 51.10 -16.02
N ILE BA 94 -5.74 50.03 -16.41
CA ILE BA 94 -7.16 50.03 -16.73
C ILE BA 94 -7.91 49.45 -15.52
N PRO BA 95 -8.78 50.23 -14.83
CA PRO BA 95 -9.52 49.76 -13.66
C PRO BA 95 -10.44 48.59 -13.96
N ALA BA 96 -10.74 47.79 -12.92
CA ALA BA 96 -11.64 46.66 -13.02
C ALA BA 96 -13.03 47.07 -13.55
N GLY BA 97 -13.63 46.20 -14.38
CA GLY BA 97 -15.00 46.35 -14.88
C GLY BA 97 -15.29 47.59 -15.73
N ARG BA 98 -14.26 48.30 -16.21
CA ARG BA 98 -14.41 49.63 -16.80
C ARG BA 98 -14.02 49.67 -18.28
N THR BA 99 -14.73 50.51 -19.07
CA THR BA 99 -14.39 50.80 -20.46
C THR BA 99 -13.82 52.21 -20.55
N GLN BA 100 -12.65 52.36 -21.20
CA GLN BA 100 -11.95 53.64 -21.31
C GLN BA 100 -11.28 53.76 -22.68
N PRO BA 101 -11.15 54.97 -23.25
CA PRO BA 101 -10.07 55.22 -24.20
C PRO BA 101 -8.78 55.40 -23.40
N ILE BA 102 -7.83 54.46 -23.55
CA ILE BA 102 -6.47 54.70 -23.06
C ILE BA 102 -5.63 55.36 -24.15
N THR BA 103 -4.67 56.19 -23.72
CA THR BA 103 -3.62 56.72 -24.61
C THR BA 103 -2.27 56.49 -23.95
N PHE BA 104 -1.28 56.06 -24.75
CA PHE BA 104 0.08 55.87 -24.28
C PHE BA 104 1.07 56.17 -25.40
N GLU BA 105 2.28 56.60 -25.02
CA GLU BA 105 3.35 56.86 -25.97
C GLU BA 105 4.23 55.63 -26.16
N VAL BA 106 4.71 55.40 -27.38
CA VAL BA 106 5.58 54.27 -27.68
C VAL BA 106 6.75 54.69 -28.58
N THR BA 107 7.89 53.99 -28.46
CA THR BA 107 9.01 54.13 -29.36
C THR BA 107 9.37 52.78 -29.96
N PRO BA 108 9.82 52.69 -31.23
CA PRO BA 108 10.28 51.44 -31.80
C PRO BA 108 11.44 50.88 -30.97
N ALA BA 109 11.42 49.56 -30.70
CA ALA BA 109 12.47 48.94 -29.89
C ALA BA 109 13.79 48.85 -30.64
N SER BA 110 13.71 48.50 -31.94
CA SER BA 110 14.83 48.45 -32.88
C SER BA 110 14.33 48.70 -34.30
N GLY BA 111 15.21 49.21 -35.18
CA GLY BA 111 14.78 49.71 -36.49
C GLY BA 111 13.89 50.95 -36.39
N LYS BA 112 13.13 51.25 -37.46
CA LYS BA 112 12.11 52.31 -37.47
C LYS BA 112 10.95 51.96 -38.39
N PRO BA 113 9.69 52.37 -38.07
CA PRO BA 113 8.52 52.02 -38.86
C PRO BA 113 8.37 52.90 -40.09
N ASN BA 114 7.47 52.46 -40.98
CA ASN BA 114 7.16 53.16 -42.22
C ASN BA 114 5.64 53.33 -42.34
N PHE BA 115 5.02 53.94 -41.31
CA PHE BA 115 3.60 54.21 -41.34
C PHE BA 115 3.22 55.20 -42.45
N SER BA 116 2.14 54.88 -43.18
CA SER BA 116 1.58 55.70 -44.25
C SER BA 116 0.28 56.34 -43.75
N PRO BA 117 0.07 57.67 -43.86
CA PRO BA 117 -1.17 58.30 -43.40
C PRO BA 117 -2.42 57.63 -43.95
N GLY BA 118 -3.34 57.29 -43.04
CA GLY BA 118 -4.59 56.62 -43.35
C GLY BA 118 -4.50 55.10 -43.47
N ALA BA 119 -3.29 54.51 -43.50
CA ALA BA 119 -3.14 53.06 -43.56
C ALA BA 119 -3.47 52.41 -42.21
N SER BA 120 -3.94 51.16 -42.26
CA SER BA 120 -4.31 50.37 -41.08
C SER BA 120 -3.31 49.26 -40.83
N TYR BA 121 -2.80 49.19 -39.60
CA TYR BA 121 -1.78 48.24 -39.17
C TYR BA 121 -2.38 47.30 -38.12
N THR BA 122 -2.15 46.00 -38.28
CA THR BA 122 -2.44 45.05 -37.21
C THR BA 122 -1.40 45.21 -36.11
N ALA BA 123 -1.87 45.23 -34.86
CA ALA BA 123 -1.04 45.38 -33.69
C ALA BA 123 -1.45 44.32 -32.66
N THR BA 124 -0.54 43.97 -31.75
CA THR BA 124 -0.90 43.15 -30.59
C THR BA 124 -0.49 43.90 -29.33
N ILE BA 125 -1.45 44.18 -28.44
CA ILE BA 125 -1.16 44.79 -27.15
C ILE BA 125 -1.03 43.65 -26.14
N TYR BA 126 0.01 43.67 -25.30
CA TYR BA 126 0.18 42.69 -24.24
C TYR BA 126 -0.04 43.33 -22.88
N PHE BA 127 -0.85 42.69 -22.04
CA PHE BA 127 -1.22 43.21 -20.73
C PHE BA 127 -0.47 42.49 -19.61
N SER BA 128 -0.54 43.00 -18.37
CA SER BA 128 0.14 42.42 -17.22
C SER BA 128 -0.31 40.99 -16.89
N ASN BA 129 -1.49 40.59 -17.39
CA ASN BA 129 -1.98 39.21 -17.41
C ASN BA 129 -1.08 38.22 -18.16
N GLY BA 130 -0.19 38.71 -19.03
CA GLY BA 130 0.45 37.89 -20.07
C GLY BA 130 -0.45 37.64 -21.29
N GLN BA 131 -1.76 37.79 -21.11
CA GLN BA 131 -2.75 37.87 -22.19
C GLN BA 131 -2.40 39.00 -23.17
N GLY BA 132 -2.53 38.73 -24.47
CA GLY BA 132 -2.46 39.75 -25.51
C GLY BA 132 -3.77 39.85 -26.28
N ALA BA 133 -3.99 41.00 -26.94
CA ALA BA 133 -5.14 41.20 -27.80
C ALA BA 133 -4.69 41.70 -29.18
N PRO BA 134 -5.12 41.06 -30.29
CA PRO BA 134 -4.94 41.64 -31.61
C PRO BA 134 -5.84 42.88 -31.75
N ALA BA 135 -5.33 43.90 -32.44
CA ALA BA 135 -5.99 45.18 -32.63
C ALA BA 135 -5.68 45.72 -34.02
N THR BA 136 -6.52 46.64 -34.52
CA THR BA 136 -6.20 47.40 -35.73
C THR BA 136 -6.00 48.85 -35.34
N LEU BA 137 -4.87 49.43 -35.76
CA LEU BA 137 -4.57 50.83 -35.53
C LEU BA 137 -4.51 51.55 -36.88
N ILE BA 138 -5.16 52.72 -37.01
CA ILE BA 138 -5.06 53.51 -38.23
C ILE BA 138 -4.08 54.65 -37.97
N TYR BA 139 -3.03 54.78 -38.79
CA TYR BA 139 -2.06 55.86 -38.62
C TYR BA 139 -2.64 57.19 -39.12
N GLN BA 140 -2.70 58.20 -38.26
CA GLN BA 140 -3.34 59.47 -38.56
C GLN BA 140 -2.41 60.50 -39.23
N GLY BA 141 -1.09 60.36 -39.04
CA GLY BA 141 -0.11 61.39 -39.38
C GLY BA 141 0.53 61.97 -38.13
N LEU CA 1 -0.91 -2.83 1.20
CA LEU CA 1 -2.32 -2.33 1.14
C LEU CA 1 -2.35 -0.87 0.70
N SER CA 2 -1.53 0.01 1.32
CA SER CA 2 -1.53 1.46 1.17
C SER CA 2 -1.68 1.96 -0.28
N GLY CA 3 -0.84 1.46 -1.19
CA GLY CA 3 -0.77 1.89 -2.59
C GLY CA 3 -2.12 1.80 -3.34
N ALA CA 4 -2.89 0.75 -3.06
CA ALA CA 4 -4.19 0.51 -3.69
C ALA CA 4 -5.27 1.45 -3.17
N ILE CA 5 -5.32 1.69 -1.85
CA ILE CA 5 -6.27 2.64 -1.25
C ILE CA 5 -5.98 4.07 -1.73
N VAL CA 6 -4.71 4.46 -1.84
CA VAL CA 6 -4.34 5.75 -2.40
C VAL CA 6 -4.68 5.85 -3.88
N ALA CA 7 -4.45 4.80 -4.68
CA ALA CA 7 -4.86 4.77 -6.08
C ALA CA 7 -6.38 4.95 -6.21
N LEU CA 8 -7.16 4.33 -5.34
CA LEU CA 8 -8.61 4.45 -5.34
C LEU CA 8 -9.10 5.84 -4.95
N ILE CA 9 -8.50 6.46 -3.92
CA ILE CA 9 -8.78 7.86 -3.56
C ILE CA 9 -8.53 8.79 -4.74
N LEU CA 10 -7.42 8.60 -5.46
CA LEU CA 10 -7.07 9.44 -6.59
C LEU CA 10 -7.93 9.15 -7.82
N VAL CA 11 -8.45 7.93 -8.00
CA VAL CA 11 -9.48 7.65 -9.01
C VAL CA 11 -10.75 8.42 -8.68
N ILE CA 12 -11.27 8.27 -7.45
CA ILE CA 12 -12.50 8.92 -7.03
C ILE CA 12 -12.36 10.46 -7.11
N ALA CA 13 -11.30 11.04 -6.55
CA ALA CA 13 -11.05 12.47 -6.62
C ALA CA 13 -10.86 12.97 -8.07
N GLY CA 14 -10.24 12.15 -8.93
CA GLY CA 14 -10.13 12.44 -10.36
C GLY CA 14 -11.49 12.54 -11.03
N VAL CA 15 -12.39 11.59 -10.78
CA VAL CA 15 -13.76 11.63 -11.28
C VAL CA 15 -14.46 12.91 -10.83
N ILE CA 16 -14.35 13.25 -9.55
CA ILE CA 16 -14.99 14.41 -8.94
C ILE CA 16 -14.52 15.71 -9.60
N ILE CA 17 -13.20 15.91 -9.71
CA ILE CA 17 -12.64 17.13 -10.26
C ILE CA 17 -12.84 17.21 -11.77
N ALA CA 18 -12.79 16.08 -12.49
CA ALA CA 18 -13.08 16.06 -13.92
C ALA CA 18 -14.55 16.44 -14.18
N ILE CA 19 -15.49 15.84 -13.46
CA ILE CA 19 -16.91 16.18 -13.59
C ILE CA 19 -17.17 17.63 -13.21
N ALA CA 20 -16.51 18.16 -12.16
CA ALA CA 20 -16.62 19.56 -11.80
C ALA CA 20 -16.19 20.50 -12.94
N VAL CA 21 -15.10 20.17 -13.64
CA VAL CA 21 -14.62 20.94 -14.79
C VAL CA 21 -15.54 20.77 -16.01
N VAL CA 22 -16.15 19.60 -16.21
CA VAL CA 22 -17.14 19.38 -17.27
C VAL CA 22 -18.42 20.18 -17.02
N LEU CA 23 -18.93 20.19 -15.78
CA LEU CA 23 -20.06 21.01 -15.39
C LEU CA 23 -19.76 22.50 -15.52
N PHE CA 24 -18.55 22.93 -15.19
CA PHE CA 24 -18.11 24.30 -15.44
C PHE CA 24 -18.14 24.65 -16.92
N ALA CA 25 -17.62 23.77 -17.79
CA ALA CA 25 -17.69 23.98 -19.24
C ALA CA 25 -19.13 24.13 -19.74
N PHE CA 26 -20.07 23.30 -19.27
CA PHE CA 26 -21.49 23.51 -19.58
C PHE CA 26 -22.04 24.83 -19.01
N GLY CA 27 -21.53 25.28 -17.86
CA GLY CA 27 -21.94 26.53 -17.22
C GLY CA 27 -21.45 27.79 -17.93
N LEU CA 28 -20.38 27.70 -18.75
CA LEU CA 28 -19.90 28.81 -19.56
C LEU CA 28 -20.83 29.13 -20.73
N ILE CA 29 -21.52 28.11 -21.27
CA ILE CA 29 -22.24 28.21 -22.53
C ILE CA 29 -23.19 29.40 -22.60
N PRO CA 30 -24.02 29.74 -21.59
CA PRO CA 30 -24.97 30.85 -21.70
C PRO CA 30 -24.30 32.21 -21.84
N GLY CA 31 -23.19 32.43 -21.12
CA GLY CA 31 -22.47 33.70 -21.12
C GLY CA 31 -21.73 33.97 -22.45
N ILE CA 32 -21.19 32.92 -23.08
CA ILE CA 32 -20.40 33.05 -24.30
C ILE CA 32 -21.26 33.05 -25.57
N SER CA 33 -22.54 32.65 -25.50
CA SER CA 33 -23.32 32.28 -26.67
C SER CA 33 -24.65 33.05 -26.87
N ASN CA 34 -24.79 34.24 -26.27
CA ASN CA 34 -25.96 35.07 -26.52
C ASN CA 34 -25.99 35.47 -28.00
N GLN CA 35 -27.05 35.05 -28.70
CA GLN CA 35 -27.27 35.33 -30.11
C GLN CA 35 -27.92 36.71 -30.29
N GLY CA 36 -27.88 37.25 -31.50
CA GLY CA 36 -28.54 38.51 -31.74
C GLY CA 36 -27.68 39.71 -31.33
N SER CA 37 -28.00 40.83 -31.94
CA SER CA 37 -27.06 41.92 -32.16
C SER CA 37 -27.81 43.21 -32.41
N ILE CA 38 -27.08 44.33 -32.38
CA ILE CA 38 -27.59 45.52 -33.02
C ILE CA 38 -27.42 45.39 -34.54
N GLN CA 39 -28.53 45.49 -35.26
CA GLN CA 39 -28.59 45.54 -36.72
C GLN CA 39 -28.86 46.98 -37.16
N VAL CA 40 -28.13 47.45 -38.19
CA VAL CA 40 -28.28 48.81 -38.68
C VAL CA 40 -28.99 48.77 -40.04
N LEU CA 41 -30.13 49.47 -40.14
CA LEU CA 41 -31.07 49.30 -41.25
C LEU CA 41 -31.05 50.52 -42.17
N GLY CA 42 -30.81 50.29 -43.47
CA GLY CA 42 -30.75 51.34 -44.48
C GLY CA 42 -29.57 52.31 -44.27
N SER CA 43 -29.64 53.47 -44.96
CA SER CA 43 -28.66 54.53 -44.77
C SER CA 43 -29.04 55.41 -43.57
N GLY CA 44 -28.03 55.93 -42.87
CA GLY CA 44 -28.21 57.03 -41.94
C GLY CA 44 -27.88 58.38 -42.59
N THR CA 45 -27.89 59.43 -41.78
CA THR CA 45 -27.53 60.78 -42.23
C THR CA 45 -26.57 61.44 -41.25
N ILE CA 46 -25.62 62.22 -41.76
CA ILE CA 46 -24.84 63.17 -40.98
C ILE CA 46 -25.37 64.57 -41.28
N THR CA 47 -25.60 65.40 -40.26
CA THR CA 47 -25.95 66.82 -40.44
C THR CA 47 -25.03 67.66 -39.56
N ASN CA 48 -24.60 68.82 -40.06
CA ASN CA 48 -23.87 69.82 -39.28
C ASN CA 48 -24.76 70.33 -38.13
N SER CA 49 -24.38 70.05 -36.86
CA SER CA 49 -25.04 70.62 -35.69
C SER CA 49 -24.34 71.90 -35.19
N THR CA 50 -23.10 72.16 -35.64
CA THR CA 50 -22.30 73.29 -35.17
C THR CA 50 -23.02 74.63 -35.37
N ALA CA 51 -22.96 75.50 -34.36
CA ALA CA 51 -23.63 76.80 -34.38
C ALA CA 51 -22.73 77.91 -33.82
N SER CA 52 -23.04 79.16 -34.20
CA SER CA 52 -22.53 80.40 -33.59
C SER CA 52 -21.00 80.50 -33.56
N GLY CA 53 -20.32 79.90 -34.55
CA GLY CA 53 -18.87 79.91 -34.65
C GLY CA 53 -18.15 79.19 -33.49
N SER CA 54 -18.78 78.15 -32.92
CA SER CA 54 -18.22 77.35 -31.83
C SER CA 54 -16.87 76.74 -32.19
N SER CA 55 -15.99 76.60 -31.19
CA SER CA 55 -14.61 76.12 -31.34
C SER CA 55 -14.52 74.65 -31.77
N ARG CA 56 -15.52 73.83 -31.40
CA ARG CA 56 -15.62 72.42 -31.75
C ARG CA 56 -16.79 72.18 -32.71
N THR CA 57 -16.52 71.51 -33.85
CA THR CA 57 -17.56 71.13 -34.79
C THR CA 57 -18.31 69.89 -34.28
N ILE CA 58 -19.65 69.95 -34.28
CA ILE CA 58 -20.52 68.87 -33.82
C ILE CA 58 -21.43 68.44 -34.98
N TYR CA 59 -21.65 67.15 -35.13
CA TYR CA 59 -22.51 66.59 -36.17
C TYR CA 59 -23.62 65.75 -35.54
N ASN CA 60 -24.84 65.99 -36.02
CA ASN CA 60 -25.92 65.03 -35.86
C ASN CA 60 -25.64 63.78 -36.66
N ILE CA 61 -25.88 62.63 -36.02
CA ILE CA 61 -25.98 61.39 -36.77
C ILE CA 61 -27.31 60.73 -36.44
N THR CA 62 -28.12 60.47 -37.47
CA THR CA 62 -29.39 59.77 -37.33
C THR CA 62 -29.33 58.48 -38.12
N ILE CA 63 -29.71 57.35 -37.51
CA ILE CA 63 -29.74 56.07 -38.21
C ILE CA 63 -30.81 55.14 -37.63
N THR CA 64 -31.41 54.30 -38.49
CA THR CA 64 -32.37 53.30 -38.02
C THR CA 64 -31.63 52.06 -37.53
N VAL CA 65 -31.99 51.63 -36.32
CA VAL CA 65 -31.26 50.59 -35.62
C VAL CA 65 -32.26 49.60 -35.01
N LYS CA 66 -31.95 48.30 -35.07
CA LYS CA 66 -32.81 47.24 -34.58
C LYS CA 66 -32.02 46.37 -33.61
N ASN CA 67 -32.43 46.34 -32.35
CA ASN CA 67 -31.81 45.47 -31.36
C ASN CA 67 -32.52 44.13 -31.38
N THR CA 68 -31.83 43.07 -31.84
CA THR CA 68 -32.38 41.72 -31.88
C THR CA 68 -32.01 40.89 -30.64
N GLY CA 69 -31.19 41.44 -29.73
CA GLY CA 69 -30.88 40.81 -28.46
C GLY CA 69 -31.97 41.01 -27.40
N THR CA 70 -31.71 40.51 -26.18
CA THR CA 70 -32.66 40.51 -25.07
C THR CA 70 -32.34 41.55 -24.00
N THR CA 71 -31.29 42.37 -24.22
CA THR CA 71 -30.85 43.41 -23.29
C THR CA 71 -30.70 44.76 -24.00
N SER CA 72 -30.90 45.86 -23.26
CA SER CA 72 -30.68 47.20 -23.78
C SER CA 72 -29.18 47.43 -24.03
N ILE CA 73 -28.83 47.99 -25.19
CA ILE CA 73 -27.45 48.12 -25.65
C ILE CA 73 -27.25 49.56 -26.14
N SER CA 74 -26.08 50.17 -25.92
CA SER CA 74 -25.84 51.56 -26.29
C SER CA 74 -24.70 51.70 -27.29
N VAL CA 75 -24.70 52.77 -28.09
CA VAL CA 75 -23.54 53.11 -28.91
C VAL CA 75 -22.40 53.58 -28.00
N THR CA 76 -21.15 53.34 -28.41
CA THR CA 76 -19.97 53.67 -27.60
C THR CA 76 -18.92 54.47 -28.38
N SER CA 77 -18.90 54.34 -29.71
CA SER CA 77 -18.01 55.05 -30.61
C SER CA 77 -18.56 54.97 -32.03
N ILE CA 78 -18.17 55.92 -32.88
CA ILE CA 78 -18.35 55.79 -34.32
C ILE CA 78 -17.05 56.19 -35.02
N ASN CA 79 -16.73 55.49 -36.11
CA ASN CA 79 -15.67 55.86 -37.01
C ASN CA 79 -16.31 56.16 -38.37
N ILE CA 80 -15.99 57.30 -39.00
CA ILE CA 80 -16.64 57.72 -40.25
C ILE CA 80 -15.54 58.07 -41.24
N ASN CA 81 -15.58 57.53 -42.47
CA ASN CA 81 -14.61 57.87 -43.50
C ASN CA 81 -13.17 57.67 -42.98
N GLY CA 82 -12.97 56.62 -42.18
CA GLY CA 82 -11.68 56.28 -41.56
C GLY CA 82 -11.36 57.00 -40.25
N GLN CA 83 -11.98 58.16 -39.99
CA GLN CA 83 -11.67 59.02 -38.86
C GLN CA 83 -12.48 58.63 -37.61
N PRO CA 84 -11.86 58.57 -36.40
CA PRO CA 84 -12.62 58.36 -35.17
C PRO CA 84 -13.38 59.61 -34.71
N PHE CA 85 -14.57 59.39 -34.16
CA PHE CA 85 -15.39 60.44 -33.55
C PHE CA 85 -15.79 60.04 -32.13
N ASN CA 86 -15.90 61.03 -31.24
CA ASN CA 86 -16.44 60.83 -29.90
C ASN CA 86 -17.92 61.16 -29.89
N ILE CA 87 -18.72 60.39 -29.13
CA ILE CA 87 -20.11 60.74 -28.87
C ILE CA 87 -20.15 61.94 -27.92
N ASN CA 88 -20.87 63.01 -28.30
CA ASN CA 88 -21.04 64.11 -27.35
C ASN CA 88 -22.24 63.80 -26.45
N GLY CA 89 -22.12 64.17 -25.16
CA GLY CA 89 -23.14 63.90 -24.17
C GLY CA 89 -23.37 62.40 -23.91
N THR CA 90 -24.54 62.06 -23.34
CA THR CA 90 -24.93 60.68 -23.09
C THR CA 90 -25.27 59.95 -24.39
N ALA CA 91 -24.64 58.79 -24.61
CA ALA CA 91 -24.90 57.96 -25.77
C ALA CA 91 -26.29 57.32 -25.72
N PRO CA 92 -27.02 57.17 -26.86
CA PRO CA 92 -28.34 56.54 -26.85
C PRO CA 92 -28.27 55.05 -26.56
N SER CA 93 -29.25 54.58 -25.79
CA SER CA 93 -29.45 53.18 -25.44
C SER CA 93 -30.69 52.64 -26.16
N ILE CA 94 -30.53 51.51 -26.86
CA ILE CA 94 -31.54 50.91 -27.72
C ILE CA 94 -32.18 49.74 -26.95
N PRO CA 95 -33.50 49.80 -26.62
CA PRO CA 95 -34.17 48.74 -25.86
C PRO CA 95 -34.16 47.39 -26.56
N ALA CA 96 -34.28 46.32 -25.79
CA ALA CA 96 -34.33 44.96 -26.30
C ALA CA 96 -35.47 44.77 -27.32
N GLY CA 97 -35.23 43.97 -28.36
CA GLY CA 97 -36.21 43.57 -29.36
C GLY CA 97 -36.86 44.69 -30.18
N ARG CA 98 -36.29 45.91 -30.17
CA ARG CA 98 -36.96 47.11 -30.69
C ARG CA 98 -36.23 47.70 -31.90
N THR CA 99 -37.00 48.26 -32.84
CA THR CA 99 -36.47 49.04 -33.96
C THR CA 99 -36.77 50.52 -33.73
N GLN CA 100 -35.73 51.38 -33.86
CA GLN CA 100 -35.85 52.81 -33.62
C GLN CA 100 -34.97 53.60 -34.58
N PRO CA 101 -35.36 54.82 -34.99
CA PRO CA 101 -34.37 55.80 -35.43
C PRO CA 101 -33.70 56.36 -34.17
N ILE CA 102 -32.40 56.08 -33.98
CA ILE CA 102 -31.61 56.80 -32.97
C ILE CA 102 -30.99 58.05 -33.59
N THR CA 103 -30.83 59.09 -32.78
CA THR CA 103 -30.02 60.26 -33.14
C THR CA 103 -29.04 60.56 -32.02
N PHE CA 104 -27.80 60.89 -32.37
CA PHE CA 104 -26.78 61.26 -31.42
C PHE CA 104 -25.81 62.28 -32.03
N GLU CA 105 -25.24 63.13 -31.18
CA GLU CA 105 -24.24 64.10 -31.62
C GLU CA 105 -22.83 63.55 -31.50
N VAL CA 106 -21.95 63.91 -32.45
CA VAL CA 106 -20.57 63.46 -32.43
C VAL CA 106 -19.62 64.61 -32.75
N THR CA 107 -18.38 64.53 -32.24
CA THR CA 107 -17.30 65.45 -32.61
C THR CA 107 -16.10 64.64 -33.10
N PRO CA 108 -15.32 65.11 -34.09
CA PRO CA 108 -14.09 64.44 -34.50
C PRO CA 108 -13.14 64.30 -33.31
N ALA CA 109 -12.52 63.13 -33.14
CA ALA CA 109 -11.61 62.89 -32.02
C ALA CA 109 -10.30 63.67 -32.19
N SER CA 110 -9.77 63.67 -33.42
CA SER CA 110 -8.59 64.42 -33.84
C SER CA 110 -8.68 64.75 -35.32
N GLY CA 111 -8.01 65.84 -35.76
CA GLY CA 111 -8.21 66.39 -37.10
C GLY CA 111 -9.62 66.98 -37.30
N LYS CA 112 -10.04 67.13 -38.56
CA LYS CA 112 -11.41 67.53 -38.90
C LYS CA 112 -11.85 66.92 -40.24
N PRO CA 113 -13.16 66.58 -40.41
CA PRO CA 113 -13.64 65.92 -41.62
C PRO CA 113 -13.86 66.91 -42.77
N ASN CA 114 -14.05 66.35 -43.96
CA ASN CA 114 -14.29 67.10 -45.19
C ASN CA 114 -15.54 66.54 -45.88
N PHE CA 115 -16.67 66.50 -45.16
CA PHE CA 115 -17.92 66.03 -45.73
C PHE CA 115 -18.41 66.97 -46.83
N SER CA 116 -18.86 66.38 -47.95
CA SER CA 116 -19.42 67.08 -49.10
C SER CA 116 -20.93 66.84 -49.13
N PRO CA 117 -21.80 67.89 -49.24
CA PRO CA 117 -23.24 67.70 -49.28
C PRO CA 117 -23.68 66.67 -50.32
N GLY CA 118 -24.49 65.72 -49.88
CA GLY CA 118 -25.01 64.63 -50.69
C GLY CA 118 -24.07 63.43 -50.85
N ALA CA 119 -22.80 63.53 -50.43
CA ALA CA 119 -21.88 62.41 -50.51
C ALA CA 119 -22.18 61.35 -49.44
N SER CA 120 -21.85 60.08 -49.75
CA SER CA 120 -22.08 58.95 -48.86
C SER CA 120 -20.76 58.43 -48.30
N TYR CA 121 -20.70 58.30 -46.97
CA TYR CA 121 -19.52 57.87 -46.23
C TYR CA 121 -19.79 56.54 -45.56
N THR CA 122 -18.86 55.60 -45.69
CA THR CA 122 -18.89 54.39 -44.88
C THR CA 122 -18.50 54.73 -43.45
N ALA CA 123 -19.26 54.19 -42.50
CA ALA CA 123 -19.05 54.41 -41.08
C ALA CA 123 -19.11 53.06 -40.36
N THR CA 124 -18.49 52.96 -39.18
CA THR CA 124 -18.67 51.81 -38.32
C THR CA 124 -19.15 52.29 -36.96
N ILE CA 125 -20.32 51.83 -36.51
CA ILE CA 125 -20.82 52.15 -35.17
C ILE CA 125 -20.41 50.99 -34.26
N TYR CA 126 -19.86 51.29 -33.08
CA TYR CA 126 -19.52 50.28 -32.10
C TYR CA 126 -20.46 50.35 -30.91
N PHE CA 127 -20.99 49.20 -30.50
CA PHE CA 127 -21.96 49.12 -29.41
C PHE CA 127 -21.32 48.57 -28.13
N SER CA 128 -22.04 48.66 -26.99
CA SER CA 128 -21.55 48.19 -25.70
C SER CA 128 -21.22 46.69 -25.66
N ASN CA 129 -21.76 45.92 -26.62
CA ASN CA 129 -21.39 44.54 -26.89
C ASN CA 129 -19.91 44.34 -27.29
N GLY CA 130 -19.22 45.40 -27.70
CA GLY CA 130 -17.96 45.29 -28.45
C GLY CA 130 -18.15 44.98 -29.94
N GLN CA 131 -19.32 44.43 -30.29
CA GLN CA 131 -19.79 44.29 -31.66
C GLN CA 131 -19.84 45.67 -32.36
N GLY CA 132 -19.40 45.71 -33.61
CA GLY CA 132 -19.58 46.88 -34.47
C GLY CA 132 -20.42 46.54 -35.71
N ALA CA 133 -21.03 47.56 -36.32
CA ALA CA 133 -21.78 47.40 -37.56
C ALA CA 133 -21.28 48.39 -38.61
N PRO CA 134 -20.92 47.94 -39.83
CA PRO CA 134 -20.69 48.87 -40.94
C PRO CA 134 -22.02 49.49 -41.36
N ALA CA 135 -21.97 50.77 -41.72
CA ALA CA 135 -23.13 51.57 -42.09
C ALA CA 135 -22.77 52.55 -43.21
N THR CA 136 -23.76 53.04 -43.94
CA THR CA 136 -23.56 54.15 -44.88
C THR CA 136 -24.31 55.36 -44.37
N LEU CA 137 -23.62 56.50 -44.26
CA LEU CA 137 -24.23 57.76 -43.86
C LEU CA 137 -24.16 58.73 -45.03
N ILE CA 138 -25.25 59.43 -45.34
CA ILE CA 138 -25.23 60.47 -46.36
C ILE CA 138 -25.18 61.83 -45.68
N TYR CA 139 -24.19 62.65 -46.00
CA TYR CA 139 -24.06 63.97 -45.40
C TYR CA 139 -25.09 64.94 -46.01
N GLN CA 140 -25.95 65.54 -45.18
CA GLN CA 140 -27.05 66.37 -45.65
C GLN CA 140 -26.69 67.85 -45.83
N GLY CA 141 -25.64 68.31 -45.14
CA GLY CA 141 -25.33 69.74 -45.00
C GLY CA 141 -25.52 70.20 -43.56
N LEU DA 1 -3.23 4.97 -11.86
CA LEU DA 1 -4.58 4.71 -12.44
C LEU DA 1 -5.27 6.05 -12.78
N SER DA 2 -5.29 7.00 -11.83
CA SER DA 2 -6.05 8.27 -11.88
C SER DA 2 -6.00 8.99 -13.24
N GLY DA 3 -4.78 9.22 -13.76
CA GLY DA 3 -4.54 9.97 -15.00
C GLY DA 3 -5.32 9.44 -16.21
N ALA DA 4 -5.44 8.12 -16.34
CA ALA DA 4 -6.12 7.47 -17.44
C ALA DA 4 -7.65 7.59 -17.34
N ILE DA 5 -8.21 7.43 -16.13
CA ILE DA 5 -9.64 7.60 -15.91
C ILE DA 5 -10.06 9.06 -16.15
N VAL DA 6 -9.24 10.03 -15.73
CA VAL DA 6 -9.48 11.44 -16.01
C VAL DA 6 -9.36 11.74 -17.50
N ALA DA 7 -8.36 11.18 -18.20
CA ALA DA 7 -8.24 11.32 -19.64
C ALA DA 7 -9.49 10.79 -20.36
N LEU DA 8 -10.03 9.65 -19.91
CA LEU DA 8 -11.22 9.06 -20.48
C LEU DA 8 -12.47 9.90 -20.23
N ILE DA 9 -12.67 10.43 -19.01
CA ILE DA 9 -13.76 11.37 -18.72
C ILE DA 9 -13.71 12.58 -19.65
N LEU DA 10 -12.52 13.15 -19.87
CA LEU DA 10 -12.37 14.31 -20.72
C LEU DA 10 -12.50 13.96 -22.21
N VAL DA 11 -12.18 12.74 -22.65
CA VAL DA 11 -12.53 12.28 -24.00
C VAL DA 11 -14.05 12.22 -24.15
N ILE DA 12 -14.75 11.53 -23.25
CA ILE DA 12 -16.20 11.37 -23.30
C ILE DA 12 -16.89 12.74 -23.23
N ALA DA 13 -16.55 13.59 -22.26
CA ALA DA 13 -17.11 14.94 -22.16
C ALA DA 13 -16.79 15.81 -23.37
N GLY DA 14 -15.61 15.66 -23.97
CA GLY DA 14 -15.24 16.33 -25.20
C GLY DA 14 -16.15 15.93 -26.37
N VAL DA 15 -16.41 14.63 -26.55
CA VAL DA 15 -17.36 14.13 -27.54
C VAL DA 15 -18.74 14.76 -27.33
N ILE DA 16 -19.23 14.75 -26.09
CA ILE DA 16 -20.54 15.27 -25.72
C ILE DA 16 -20.67 16.75 -26.06
N ILE DA 17 -19.73 17.58 -25.62
CA ILE DA 17 -19.79 19.03 -25.84
C ILE DA 17 -19.52 19.38 -27.30
N ALA DA 18 -18.65 18.65 -28.01
CA ALA DA 18 -18.44 18.87 -29.43
C ALA DA 18 -19.70 18.54 -30.23
N ILE DA 19 -20.34 17.40 -29.98
CA ILE DA 19 -21.59 17.03 -30.65
C ILE DA 19 -22.70 18.03 -30.32
N ALA DA 20 -22.80 18.50 -29.06
CA ALA DA 20 -23.76 19.54 -28.70
C ALA DA 20 -23.58 20.83 -29.52
N VAL DA 21 -22.34 21.27 -29.74
CA VAL DA 21 -22.04 22.43 -30.56
C VAL DA 21 -22.28 22.17 -32.05
N VAL DA 22 -22.07 20.95 -32.54
CA VAL DA 22 -22.39 20.57 -33.92
C VAL DA 22 -23.91 20.55 -34.15
N LEU DA 23 -24.69 19.99 -33.21
CA LEU DA 23 -26.14 20.02 -33.26
C LEU DA 23 -26.68 21.46 -33.18
N PHE DA 24 -26.07 22.31 -32.36
CA PHE DA 24 -26.40 23.74 -32.33
C PHE DA 24 -26.16 24.40 -33.69
N ALA DA 25 -25.01 24.13 -34.34
CA ALA DA 25 -24.74 24.66 -35.67
C ALA DA 25 -25.79 24.22 -36.69
N PHE DA 26 -26.22 22.95 -36.69
CA PHE DA 26 -27.35 22.53 -37.52
C PHE DA 26 -28.68 23.22 -37.15
N GLY DA 27 -28.88 23.54 -35.86
CA GLY DA 27 -30.06 24.21 -35.36
C GLY DA 27 -30.15 25.70 -35.74
N LEU DA 28 -29.02 26.35 -36.07
CA LEU DA 28 -29.00 27.72 -36.57
C LEU DA 28 -29.54 27.84 -37.99
N ILE DA 29 -29.36 26.81 -38.82
CA ILE DA 29 -29.59 26.87 -40.25
C ILE DA 29 -30.97 27.43 -40.62
N PRO DA 30 -32.11 27.05 -40.00
CA PRO DA 30 -33.43 27.55 -40.42
C PRO DA 30 -33.60 29.05 -40.20
N GLY DA 31 -33.06 29.57 -39.09
CA GLY DA 31 -33.19 30.98 -38.74
C GLY DA 31 -32.37 31.90 -39.64
N ILE DA 32 -31.17 31.46 -40.06
CA ILE DA 32 -30.25 32.27 -40.86
C ILE DA 32 -30.54 32.18 -42.36
N SER DA 33 -31.35 31.22 -42.83
CA SER DA 33 -31.40 30.83 -44.25
C SER DA 33 -32.80 30.90 -44.90
N ASN DA 34 -33.74 31.66 -44.34
CA ASN DA 34 -35.02 31.87 -44.99
C ASN DA 34 -34.83 32.58 -46.33
N GLN DA 35 -35.21 31.89 -47.41
CA GLN DA 35 -35.11 32.39 -48.78
C GLN DA 35 -36.31 33.27 -49.11
N GLY DA 36 -36.21 34.06 -50.18
CA GLY DA 36 -37.34 34.87 -50.59
C GLY DA 36 -37.44 36.16 -49.80
N SER DA 37 -38.12 37.12 -50.42
CA SER DA 37 -37.90 38.54 -50.19
C SER DA 37 -39.13 39.32 -50.63
N ILE DA 38 -39.17 40.60 -50.25
CA ILE DA 38 -40.02 41.53 -50.98
C ILE DA 38 -39.35 41.89 -52.32
N GLN DA 39 -40.07 41.63 -53.41
CA GLN DA 39 -39.69 42.02 -54.76
C GLN DA 39 -40.55 43.21 -55.19
N VAL DA 40 -39.93 44.22 -55.81
CA VAL DA 40 -40.64 45.42 -56.25
C VAL DA 40 -40.76 45.40 -57.78
N LEU DA 41 -42.00 45.46 -58.28
CA LEU DA 41 -42.30 45.16 -59.68
C LEU DA 41 -42.67 46.43 -60.45
N GLY DA 42 -41.96 46.68 -61.56
CA GLY DA 42 -42.17 47.87 -62.39
C GLY DA 42 -41.86 49.19 -61.68
N SER DA 43 -42.32 50.30 -62.26
CA SER DA 43 -42.20 51.61 -61.64
C SER DA 43 -43.34 51.85 -60.65
N GLY DA 44 -43.05 52.59 -59.57
CA GLY DA 44 -44.07 53.18 -58.72
C GLY DA 44 -44.34 54.64 -59.11
N THR DA 45 -45.17 55.31 -58.31
CA THR DA 45 -45.49 56.71 -58.51
C THR DA 45 -45.40 57.48 -57.19
N ILE DA 46 -44.92 58.73 -57.24
CA ILE DA 46 -45.07 59.69 -56.16
C ILE DA 46 -46.15 60.68 -56.57
N THR DA 47 -47.09 61.01 -55.67
CA THR DA 47 -48.08 62.06 -55.89
C THR DA 47 -48.10 62.98 -54.66
N ASN DA 48 -48.24 64.29 -54.89
CA ASN DA 48 -48.45 65.28 -53.82
C ASN DA 48 -49.76 64.98 -53.09
N SER DA 49 -49.70 64.59 -51.80
CA SER DA 49 -50.90 64.44 -50.96
C SER DA 49 -51.19 65.72 -50.14
N THR DA 50 -50.23 66.65 -50.05
CA THR DA 50 -50.36 67.86 -49.23
C THR DA 50 -51.59 68.67 -49.63
N ALA DA 51 -52.32 69.18 -48.62
CA ALA DA 51 -53.54 69.95 -48.84
C ALA DA 51 -53.63 71.16 -47.90
N SER DA 52 -54.44 72.16 -48.30
CA SER DA 52 -54.89 73.28 -47.47
C SER DA 52 -53.76 74.10 -46.83
N GLY DA 53 -52.60 74.18 -47.50
CA GLY DA 53 -51.44 74.92 -47.02
C GLY DA 53 -50.84 74.36 -45.71
N SER DA 54 -50.94 73.03 -45.51
CA SER DA 54 -50.40 72.35 -44.32
C SER DA 54 -48.89 72.58 -44.15
N SER DA 55 -48.43 72.63 -42.90
CA SER DA 55 -47.05 72.93 -42.52
C SER DA 55 -46.05 71.85 -42.96
N ARG DA 56 -46.49 70.59 -43.06
CA ARG DA 56 -45.70 69.45 -43.51
C ARG DA 56 -46.19 68.95 -44.86
N THR DA 57 -45.28 68.82 -45.84
CA THR DA 57 -45.59 68.24 -47.14
C THR DA 57 -45.66 66.71 -47.04
N ILE DA 58 -46.74 66.11 -47.56
CA ILE DA 58 -46.97 64.67 -47.56
C ILE DA 58 -47.09 64.18 -49.00
N TYR DA 59 -46.51 63.01 -49.30
CA TYR DA 59 -46.56 62.42 -50.62
C TYR DA 59 -47.17 61.01 -50.53
N ASN DA 60 -48.11 60.75 -51.45
CA ASN DA 60 -48.48 59.39 -51.78
C ASN DA 60 -47.33 58.68 -52.48
N ILE DA 61 -47.10 57.44 -52.06
CA ILE DA 61 -46.27 56.55 -52.85
C ILE DA 61 -47.04 55.27 -53.11
N THR DA 62 -47.22 54.94 -54.39
CA THR DA 62 -47.88 53.70 -54.81
C THR DA 62 -46.88 52.86 -55.59
N ILE DA 63 -46.76 51.57 -55.24
CA ILE DA 63 -45.87 50.67 -55.98
C ILE DA 63 -46.38 49.22 -55.92
N THR DA 64 -46.13 48.45 -57.00
CA THR DA 64 -46.47 47.03 -57.01
C THR DA 64 -45.37 46.23 -56.32
N VAL DA 65 -45.78 45.37 -55.40
CA VAL DA 65 -44.86 44.67 -54.51
C VAL DA 65 -45.29 43.20 -54.40
N LYS DA 66 -44.32 42.29 -54.43
CA LYS DA 66 -44.56 40.85 -54.38
C LYS DA 66 -43.77 40.25 -53.22
N ASN DA 67 -44.46 39.70 -52.23
CA ASN DA 67 -43.80 39.02 -51.13
C ASN DA 67 -43.61 37.55 -51.52
N THR DA 68 -42.35 37.12 -51.72
CA THR DA 68 -42.04 35.74 -52.04
C THR DA 68 -41.68 34.90 -50.82
N GLY DA 69 -41.61 35.51 -49.63
CA GLY DA 69 -41.41 34.80 -48.37
C GLY DA 69 -42.70 34.18 -47.83
N THR DA 70 -42.59 33.56 -46.64
CA THR DA 70 -43.66 32.81 -46.00
C THR DA 70 -44.31 33.56 -44.83
N THR DA 71 -43.88 34.80 -44.56
CA THR DA 71 -44.37 35.64 -43.47
C THR DA 71 -44.78 37.03 -43.98
N SER DA 72 -45.76 37.66 -43.32
CA SER DA 72 -46.15 39.03 -43.63
C SER DA 72 -45.04 39.99 -43.26
N ILE DA 73 -44.71 40.93 -44.15
CA ILE DA 73 -43.57 41.84 -44.03
C ILE DA 73 -44.05 43.26 -44.30
N SER DA 74 -43.52 44.28 -43.59
CA SER DA 74 -43.99 45.65 -43.76
C SER DA 74 -42.87 46.58 -44.22
N VAL DA 75 -43.21 47.69 -44.90
CA VAL DA 75 -42.24 48.76 -45.17
C VAL DA 75 -41.88 49.45 -43.85
N THR DA 76 -40.64 49.96 -43.75
CA THR DA 76 -40.16 50.59 -42.52
C THR DA 76 -39.53 51.97 -42.77
N SER DA 77 -39.04 52.21 -43.99
CA SER DA 77 -38.46 53.48 -44.42
C SER DA 77 -38.41 53.52 -45.93
N ILE DA 78 -38.36 54.72 -46.51
CA ILE DA 78 -37.99 54.90 -47.91
C ILE DA 78 -36.99 56.04 -48.02
N ASN DA 79 -36.02 55.89 -48.92
CA ASN DA 79 -35.12 56.95 -49.31
C ASN DA 79 -35.38 57.25 -50.78
N ILE DA 80 -35.55 58.52 -51.17
CA ILE DA 80 -35.90 58.88 -52.54
C ILE DA 80 -34.95 59.97 -53.01
N ASN DA 81 -34.32 59.81 -54.17
CA ASN DA 81 -33.42 60.84 -54.72
C ASN DA 81 -32.34 61.22 -53.68
N GLY DA 82 -31.86 60.24 -52.92
CA GLY DA 82 -30.85 60.40 -51.87
C GLY DA 82 -31.39 60.83 -50.49
N GLN DA 83 -32.59 61.43 -50.44
CA GLN DA 83 -33.15 62.01 -49.23
C GLN DA 83 -33.96 60.97 -48.43
N PRO DA 84 -33.81 60.90 -47.08
CA PRO DA 84 -34.65 60.03 -46.26
C PRO DA 84 -36.07 60.60 -46.08
N PHE DA 85 -37.06 59.69 -46.05
CA PHE DA 85 -38.45 60.01 -45.77
C PHE DA 85 -38.98 59.12 -44.64
N ASN DA 86 -39.87 59.66 -43.81
CA ASN DA 86 -40.58 58.89 -42.81
C ASN DA 86 -41.93 58.43 -43.37
N ILE DA 87 -42.36 57.21 -43.03
CA ILE DA 87 -43.73 56.76 -43.33
C ILE DA 87 -44.70 57.51 -42.41
N ASN DA 88 -45.73 58.15 -42.98
CA ASN DA 88 -46.75 58.74 -42.11
C ASN DA 88 -47.80 57.68 -41.78
N GLY DA 89 -48.29 57.70 -40.53
CA GLY DA 89 -49.24 56.71 -40.04
C GLY DA 89 -48.68 55.29 -39.98
N THR DA 90 -49.58 54.30 -39.95
CA THR DA 90 -49.22 52.89 -39.95
C THR DA 90 -48.69 52.46 -41.32
N ALA DA 91 -47.50 51.84 -41.32
CA ALA DA 91 -46.89 51.33 -42.55
C ALA DA 91 -47.65 50.11 -43.09
N PRO DA 92 -47.79 49.93 -44.43
CA PRO DA 92 -48.48 48.77 -44.99
C PRO DA 92 -47.69 47.48 -44.78
N SER DA 93 -48.45 46.41 -44.48
CA SER DA 93 -47.94 45.05 -44.32
C SER DA 93 -48.41 44.20 -45.51
N ILE DA 94 -47.45 43.51 -46.16
CA ILE DA 94 -47.65 42.73 -47.38
C ILE DA 94 -47.75 41.25 -47.00
N PRO DA 95 -48.91 40.59 -47.20
CA PRO DA 95 -49.09 39.18 -46.84
C PRO DA 95 -48.14 38.23 -47.57
N ALA DA 96 -47.88 37.07 -46.95
CA ALA DA 96 -47.02 36.04 -47.53
C ALA DA 96 -47.51 35.61 -48.92
N GLY DA 97 -46.56 35.33 -49.82
CA GLY DA 97 -46.81 34.77 -51.15
C GLY DA 97 -47.67 35.62 -52.10
N ARG DA 98 -47.91 36.91 -51.80
CA ARG DA 98 -48.92 37.72 -52.47
C ARG DA 98 -48.31 38.89 -53.24
N THR DA 99 -48.92 39.24 -54.39
CA THR DA 99 -48.59 40.44 -55.16
C THR DA 99 -49.70 41.47 -54.98
N GLN DA 100 -49.32 42.72 -54.64
CA GLN DA 100 -50.27 43.80 -54.38
C GLN DA 100 -49.71 45.14 -54.88
N PRO DA 101 -50.57 46.08 -55.32
CA PRO DA 101 -50.19 47.48 -55.27
C PRO DA 101 -50.36 47.95 -53.82
N ILE DA 102 -49.24 48.29 -53.15
CA ILE DA 102 -49.32 49.00 -51.88
C ILE DA 102 -49.33 50.51 -52.13
N THR DA 103 -50.01 51.26 -51.25
CA THR DA 103 -49.91 52.71 -51.20
C THR DA 103 -49.66 53.14 -49.76
N PHE DA 104 -48.76 54.10 -49.58
CA PHE DA 104 -48.45 54.66 -48.27
C PHE DA 104 -48.06 56.14 -48.39
N GLU DA 105 -48.33 56.91 -47.33
CA GLU DA 105 -47.96 58.31 -47.28
C GLU DA 105 -46.58 58.49 -46.65
N VAL DA 106 -45.81 59.47 -47.15
CA VAL DA 106 -44.48 59.75 -46.61
C VAL DA 106 -44.26 61.27 -46.47
N THR DA 107 -43.42 61.66 -45.51
CA THR DA 107 -42.95 63.04 -45.37
C THR DA 107 -41.43 63.06 -45.38
N PRO DA 108 -40.78 64.10 -45.96
CA PRO DA 108 -39.32 64.23 -45.88
C PRO DA 108 -38.88 64.27 -44.42
N ALA DA 109 -37.79 63.55 -44.09
CA ALA DA 109 -37.31 63.49 -42.71
C ALA DA 109 -36.64 64.81 -42.31
N SER DA 110 -35.85 65.39 -43.23
CA SER DA 110 -35.21 66.69 -43.09
C SER DA 110 -35.01 67.31 -44.48
N GLY DA 111 -34.95 68.66 -44.55
CA GLY DA 111 -35.00 69.37 -45.81
C GLY DA 111 -36.37 69.24 -46.52
N LYS DA 112 -36.40 69.49 -47.84
CA LYS DA 112 -37.58 69.26 -48.67
C LYS DA 112 -37.18 68.88 -50.10
N PRO DA 113 -37.96 68.02 -50.80
CA PRO DA 113 -37.61 67.55 -52.15
C PRO DA 113 -37.98 68.57 -53.22
N ASN DA 114 -37.46 68.32 -54.43
CA ASN DA 114 -37.69 69.15 -55.60
C ASN DA 114 -38.15 68.27 -56.76
N PHE DA 115 -39.22 67.50 -56.54
CA PHE DA 115 -39.77 66.65 -57.60
C PHE DA 115 -40.33 67.49 -58.75
N SER DA 116 -40.02 67.07 -59.98
CA SER DA 116 -40.49 67.68 -61.22
C SER DA 116 -41.54 66.77 -61.86
N PRO DA 117 -42.74 67.26 -62.24
CA PRO DA 117 -43.76 66.42 -62.86
C PRO DA 117 -43.23 65.62 -64.06
N GLY DA 118 -43.48 64.31 -64.02
CA GLY DA 118 -43.05 63.36 -65.04
C GLY DA 118 -41.61 62.86 -64.88
N ALA DA 119 -40.80 63.44 -63.98
CA ALA DA 119 -39.44 62.97 -63.76
C ALA DA 119 -39.42 61.66 -62.96
N SER DA 120 -38.40 60.84 -63.18
CA SER DA 120 -38.21 59.55 -62.53
C SER DA 120 -37.07 59.61 -61.52
N TYR DA 121 -37.36 59.17 -60.29
CA TYR DA 121 -36.43 59.19 -59.16
C TYR DA 121 -36.12 57.77 -58.73
N THR DA 122 -34.83 57.47 -58.53
CA THR DA 122 -34.44 56.23 -57.88
C THR DA 122 -34.77 56.32 -56.39
N ALA DA 123 -35.35 55.26 -55.86
CA ALA DA 123 -35.74 55.17 -54.46
C ALA DA 123 -35.26 53.83 -53.90
N THR DA 124 -35.09 53.74 -52.58
CA THR DA 124 -34.87 52.46 -51.94
C THR DA 124 -35.92 52.28 -50.84
N ILE DA 125 -36.73 51.21 -50.92
CA ILE DA 125 -37.69 50.89 -49.88
C ILE DA 125 -37.02 49.88 -48.96
N TYR DA 126 -37.11 50.08 -47.64
CA TYR DA 126 -36.58 49.14 -46.66
C TYR DA 126 -37.73 48.44 -45.93
N PHE DA 127 -37.64 47.11 -45.83
CA PHE DA 127 -38.68 46.30 -45.23
C PHE DA 127 -38.28 45.81 -43.83
N SER DA 128 -39.22 45.24 -43.07
CA SER DA 128 -38.98 44.75 -41.72
C SER DA 128 -37.92 43.64 -41.64
N ASN DA 129 -37.63 42.99 -42.77
CA ASN DA 129 -36.50 42.08 -42.97
C ASN DA 129 -35.12 42.74 -42.75
N GLY DA 130 -35.03 44.06 -42.80
CA GLY DA 130 -33.76 44.77 -42.98
C GLY DA 130 -33.28 44.81 -44.44
N GLN DA 131 -33.79 43.87 -45.26
CA GLN DA 131 -33.67 43.89 -46.72
C GLN DA 131 -34.26 45.20 -47.29
N GLY DA 132 -33.54 45.78 -48.26
CA GLY DA 132 -34.07 46.89 -49.05
C GLY DA 132 -34.15 46.53 -50.54
N ALA DA 133 -35.00 47.25 -51.28
CA ALA DA 133 -35.12 47.08 -52.72
C ALA DA 133 -34.95 48.43 -53.43
N PRO DA 134 -34.06 48.54 -54.44
CA PRO DA 134 -34.04 49.71 -55.31
C PRO DA 134 -35.30 49.70 -56.18
N ALA DA 135 -35.84 50.89 -56.42
CA ALA DA 135 -37.08 51.10 -57.17
C ALA DA 135 -36.99 52.39 -57.99
N THR DA 136 -37.81 52.51 -59.03
CA THR DA 136 -37.96 53.78 -59.74
C THR DA 136 -39.37 54.29 -59.51
N LEU DA 137 -39.48 55.55 -59.07
CA LEU DA 137 -40.76 56.21 -58.86
C LEU DA 137 -40.88 57.37 -59.84
N ILE DA 138 -42.03 57.50 -60.52
CA ILE DA 138 -42.27 58.65 -61.40
C ILE DA 138 -43.18 59.63 -60.67
N TYR DA 139 -42.75 60.88 -60.52
CA TYR DA 139 -43.55 61.89 -59.85
C TYR DA 139 -44.69 62.37 -60.75
N GLN DA 140 -45.95 62.24 -60.31
CA GLN DA 140 -47.13 62.52 -61.12
C GLN DA 140 -47.58 63.98 -61.06
N GLY DA 141 -47.23 64.70 -59.99
CA GLY DA 141 -47.80 66.00 -59.65
C GLY DA 141 -48.64 65.92 -58.39
#